data_8BUJ
#
_entry.id   8BUJ
#
_cell.length_a   249.353
_cell.length_b   249.353
_cell.length_c   218.417
_cell.angle_alpha   90.000
_cell.angle_beta   90.000
_cell.angle_gamma   120.000
#
_symmetry.space_group_name_H-M   'P 31 2 1'
#
loop_
_entity.id
_entity.type
_entity.pdbx_description
1 polymer 'DNA damage-binding protein 1'
2 polymer 'Cyclin-dependent kinase 12'
3 polymer Cyclin-K
4 non-polymer 'SULFATE ION'
5 non-polymer (2~{R})-2-[[6-(octylamino)-9-propan-2-yl-purin-2-yl]amino]butan-1-ol
#
loop_
_entity_poly.entity_id
_entity_poly.type
_entity_poly.pdbx_seq_one_letter_code
_entity_poly.pdbx_strand_id
1 'polypeptide(L)'
;GGGRMSYNYVVTAQKPTAVNGCVTGHFTSAEDLNLLIAKNTRLEIYVVTAEGLRPVKEVGMYGKIAVMELFRPKGESKDL
LFILTAKYNACILEYKQSGESIDIITRAHGNVQDRIGRPSETGIIGIIDPECRMIGLRLYDGLFKVIPLDRDNKELKAFN
IRLEELHVIDVKFLYGCQAPTICFVYQDPQGRHVKTYEVSLREKEFNKGPWKQENVEAEASMVIAVPEPFGGAIIIGQES
ITYHNGDKYLAIAPPIIKQSTIVCHNRVDPNGSRYLLGDMEGRLFMLLLEKEEQMDGTVTLKDLRVELLGETSIAECLTY
LDNGVVFVGSRLGDSQLVKLNVDSNEQGSYVVAMETFTNLGPIVDMCVVDLERQGQGQLVTCSGAFKEGSLRIIRNGIGG
NGNSGEIQKLHIRTVPLYESPRKICYQEVSQCFGVLSSRIEVQDTSGGTTALRPSASTQALSSSVSSSKLFSSSTAPHET
SFGEEVEVHNLLIIDQHTFEVLHAHQFLQNEYALSLVSCKLGKDPNTYFIVGTAMVYPEEAEPKQGRIVVFQYSDGKLQT
VAEKEVKGAVYSMVEFNGKLLASINSTVRLYEWTTEKELRTECNHYNNIMALYLKTKGDFILVGDLMRSVLLLAYKPMEG
NFEEIARDFNPNWMSAVEILDDDNFLGAENAFNLFVCQKDSAATTDEERQHLQEVGLFHLGEFVNVFCHGSLVMQNLGET
STPTQGSVLFGTVNGMIGLVTSLSESWYNLLLDMQNRLNKVIKSVGKIEHSFWRSFHTERKTEPATGFIDGDLIESFLDI
SRPKMQEVVANLQYDDGSGMKREATADDLIKVVEELTRIH
;
A,D,G
2 'polypeptide(L)'
;GGGRRQTESDWGKRCVDKFDIIGIIGEGTYGQVYKAKDKDTGELVALKKVRLDNEKEGFPITAIREIKILRQLIHRSVVN
MKEIVTDKQDALDFKKDKGAFYLVFEYMDHDLMGLLESGLVHFSEDHIKSFMKQLMEGLEYCHKKNFLHRDIKCSNILLN
NSGQIKLADFGLARLYNSEESRPY(TPO)NKVITLWYRPPELLLGEERYTPAIDVWSCGCILGELFTKKPIFQANLELAQ
LELISRLCGSPCPAVWPDVIRLPYFNTMKPKKQYRRRLREEFSFIPSAALDLLDHMLTLDPSKRCTAEQTLQSDFLKDVE
LSKMAPPDLPHWQDCHELWSKKRRRQRQ
;
B,E,H
3 'polypeptide(L)'
;GGGRMKENKENSSPSVTSANLDHTKPCWYWDKKDLAHTPSQLEGLDPATEARYRREGARFIFDVGTRLGLHYDTLATGII
YFHRFYMFHSFKQFPRYVTGACCLFLAGKVEETPKKCKDIIKTARSLLNDVQFGQFGDDPKEEVMVLERILLQTIKFDLQ
VEHPYQFLLKYAKQLKGDKNKIQKLVQMAWTFVNDSLCTTLSLQWEPEIIAVAVMYLAGRLCKFEIQEWTSKPMYRRWWE
QFVQDVPVDVLEDICHQILDLYSQGKQQMPH
;
C,F,I
#
# COMPACT_ATOMS: atom_id res chain seq x y z
N MET A 5 -0.64 50.59 34.73
CA MET A 5 -0.59 51.75 33.80
C MET A 5 -1.94 52.14 33.18
N SER A 6 -2.56 51.28 32.39
CA SER A 6 -3.75 51.66 31.63
C SER A 6 -4.88 52.19 32.52
N TYR A 7 -5.50 53.27 32.06
CA TYR A 7 -6.58 53.95 32.77
C TYR A 7 -7.83 53.94 31.90
N ASN A 8 -8.94 53.46 32.46
CA ASN A 8 -10.18 53.26 31.71
C ASN A 8 -11.38 53.75 32.51
N TYR A 9 -12.51 53.86 31.82
CA TYR A 9 -13.76 54.45 32.32
C TYR A 9 -14.90 53.52 31.92
N VAL A 10 -15.79 53.20 32.85
CA VAL A 10 -16.89 52.26 32.59
C VAL A 10 -18.19 52.88 33.06
N VAL A 11 -19.16 53.02 32.14
CA VAL A 11 -20.47 53.57 32.46
C VAL A 11 -21.56 52.60 32.02
N THR A 12 -22.72 52.75 32.66
CA THR A 12 -23.93 52.06 32.26
C THR A 12 -24.66 52.87 31.19
N ALA A 13 -25.00 52.22 30.08
CA ALA A 13 -25.87 52.84 29.09
C ALA A 13 -27.33 52.44 29.29
N GLN A 14 -27.58 51.19 29.68
CA GLN A 14 -28.92 50.73 30.01
C GLN A 14 -28.86 49.90 31.28
N LYS A 15 -29.69 50.23 32.26
CA LYS A 15 -29.64 49.55 33.54
C LYS A 15 -30.14 48.12 33.43
N PRO A 16 -29.81 47.29 34.41
CA PRO A 16 -30.32 45.91 34.41
C PRO A 16 -31.83 45.89 34.35
N THR A 17 -32.37 45.07 33.45
CA THR A 17 -33.80 44.95 33.24
C THR A 17 -34.40 43.64 33.73
N ALA A 18 -33.61 42.57 33.82
CA ALA A 18 -34.15 41.29 34.23
C ALA A 18 -34.64 41.37 35.66
N VAL A 19 -35.83 40.83 35.91
CA VAL A 19 -36.40 40.82 37.25
C VAL A 19 -35.80 39.65 38.01
N ASN A 20 -35.16 39.95 39.14
CA ASN A 20 -34.47 38.95 39.95
C ASN A 20 -35.24 38.59 41.22
N GLY A 21 -36.27 39.35 41.55
CA GLY A 21 -37.14 39.00 42.64
C GLY A 21 -38.17 40.10 42.82
N CYS A 22 -39.28 39.73 43.45
CA CYS A 22 -40.37 40.68 43.62
C CYS A 22 -41.24 40.29 44.81
N VAL A 23 -41.56 41.28 45.65
CA VAL A 23 -42.36 41.09 46.84
C VAL A 23 -43.41 42.19 46.90
N THR A 24 -44.44 41.94 47.71
CA THR A 24 -45.48 42.91 47.99
C THR A 24 -45.58 43.12 49.49
N GLY A 25 -46.15 44.27 49.86
CA GLY A 25 -46.31 44.59 51.27
C GLY A 25 -46.69 46.05 51.44
N HIS A 26 -46.43 46.54 52.64
CA HIS A 26 -46.84 47.89 53.05
C HIS A 26 -45.58 48.61 53.52
N PHE A 27 -44.74 48.99 52.56
CA PHE A 27 -43.42 49.50 52.85
C PHE A 27 -43.35 51.02 52.92
N THR A 28 -43.98 51.71 51.98
CA THR A 28 -43.90 53.17 51.94
C THR A 28 -44.79 53.81 53.00
N SER A 29 -45.95 53.20 53.25
CA SER A 29 -46.88 53.64 54.29
C SER A 29 -47.64 52.42 54.77
N ALA A 30 -48.06 52.44 56.04
CA ALA A 30 -48.84 51.32 56.55
C ALA A 30 -50.13 51.11 55.78
N GLU A 31 -50.51 52.05 54.94
CA GLU A 31 -51.76 52.06 54.20
C GLU A 31 -51.64 51.58 52.77
N ASP A 32 -50.62 52.01 52.04
CA ASP A 32 -50.47 51.65 50.64
C ASP A 32 -50.12 50.16 50.46
N LEU A 33 -50.48 49.65 49.28
CA LEU A 33 -50.01 48.34 48.83
C LEU A 33 -48.82 48.55 47.89
N ASN A 34 -47.67 48.04 48.28
CA ASN A 34 -46.45 48.24 47.53
C ASN A 34 -46.09 47.00 46.73
N LEU A 35 -45.37 47.22 45.63
CA LEU A 35 -44.70 46.17 44.89
C LEU A 35 -43.24 46.57 44.79
N LEU A 36 -42.36 45.79 45.39
CA LEU A 36 -40.92 46.01 45.30
C LEU A 36 -40.35 45.03 44.29
N ILE A 37 -39.74 45.55 43.24
CA ILE A 37 -39.13 44.77 42.18
C ILE A 37 -37.62 44.93 42.32
N ALA A 38 -36.90 43.82 42.31
CA ALA A 38 -35.45 43.84 42.40
C ALA A 38 -34.86 43.40 41.05
N LYS A 39 -34.17 44.32 40.39
CA LYS A 39 -33.26 43.99 39.31
C LYS A 39 -31.85 44.10 39.83
N ASN A 40 -30.90 43.46 39.15
CA ASN A 40 -29.55 43.34 39.71
C ASN A 40 -29.04 44.71 40.13
N THR A 41 -28.77 44.87 41.42
CA THR A 41 -28.25 46.08 42.05
C THR A 41 -29.27 47.21 42.09
N ARG A 42 -30.46 47.04 41.52
CA ARG A 42 -31.49 48.08 41.47
C ARG A 42 -32.74 47.64 42.19
N LEU A 43 -33.31 48.52 43.01
CA LEU A 43 -34.59 48.31 43.66
C LEU A 43 -35.60 49.32 43.15
N GLU A 44 -36.74 48.83 42.66
CA GLU A 44 -37.84 49.66 42.20
C GLU A 44 -39.00 49.53 43.17
N ILE A 45 -39.54 50.65 43.63
CA ILE A 45 -40.67 50.67 44.55
C ILE A 45 -41.87 51.22 43.79
N TYR A 46 -42.96 50.45 43.77
CA TYR A 46 -44.19 50.84 43.10
C TYR A 46 -45.32 50.84 44.13
N VAL A 47 -46.41 51.54 43.80
CA VAL A 47 -47.64 51.53 44.60
C VAL A 47 -48.75 50.99 43.72
N VAL A 48 -49.52 50.05 44.26
CA VAL A 48 -50.55 49.37 43.48
C VAL A 48 -51.80 50.24 43.40
N THR A 49 -52.26 50.48 42.18
CA THR A 49 -53.47 51.22 41.88
C THR A 49 -54.49 50.29 41.24
N ALA A 50 -55.62 50.85 40.84
CA ALA A 50 -56.62 50.05 40.12
C ALA A 50 -56.28 49.87 38.64
N GLU A 51 -55.37 50.67 38.08
CA GLU A 51 -55.01 50.53 36.67
C GLU A 51 -53.70 49.78 36.46
N GLY A 52 -52.78 49.92 37.40
CA GLY A 52 -51.44 49.37 37.25
C GLY A 52 -50.59 49.81 38.41
N LEU A 53 -49.34 50.17 38.13
CA LEU A 53 -48.38 50.53 39.17
C LEU A 53 -48.02 52.00 39.07
N ARG A 54 -48.01 52.67 40.23
CA ARG A 54 -47.50 54.03 40.28
C ARG A 54 -46.10 53.97 40.83
N PRO A 55 -45.06 54.26 40.05
CA PRO A 55 -43.70 54.28 40.62
C PRO A 55 -43.57 55.44 41.62
N VAL A 56 -42.72 55.23 42.62
CA VAL A 56 -42.55 56.22 43.69
C VAL A 56 -41.08 56.50 43.95
N LYS A 57 -40.24 55.48 43.83
CA LYS A 57 -38.83 55.64 44.19
C LYS A 57 -38.01 54.51 43.60
N GLU A 58 -36.78 54.84 43.18
CA GLU A 58 -35.81 53.84 42.76
C GLU A 58 -34.44 54.20 43.32
N VAL A 59 -33.78 53.23 43.93
CA VAL A 59 -32.43 53.42 44.48
C VAL A 59 -31.51 52.38 43.88
N GLY A 60 -30.22 52.70 43.85
CA GLY A 60 -29.18 51.75 43.56
C GLY A 60 -28.48 51.35 44.84
N MET A 61 -27.99 50.11 44.87
CA MET A 61 -27.22 49.59 46.00
C MET A 61 -25.87 49.09 45.51
N TYR A 62 -24.87 49.19 46.38
CA TYR A 62 -23.51 48.80 46.03
C TYR A 62 -23.35 47.31 46.34
N GLY A 63 -24.10 46.51 45.60
CA GLY A 63 -24.16 45.08 45.77
C GLY A 63 -25.25 44.45 44.92
N LYS A 64 -25.07 43.18 44.55
CA LYS A 64 -26.12 42.42 43.89
C LYS A 64 -27.15 42.00 44.93
N ILE A 65 -28.42 42.27 44.67
CA ILE A 65 -29.48 41.99 45.63
C ILE A 65 -29.76 40.48 45.60
N ALA A 66 -29.43 39.80 46.69
CA ALA A 66 -29.65 38.36 46.81
C ALA A 66 -30.93 38.02 47.56
N VAL A 67 -31.15 38.62 48.73
CA VAL A 67 -32.35 38.39 49.52
C VAL A 67 -33.12 39.70 49.59
N MET A 68 -34.43 39.60 49.43
CA MET A 68 -35.33 40.76 49.57
C MET A 68 -36.63 40.27 50.19
N GLU A 69 -36.93 40.75 51.39
CA GLU A 69 -38.12 40.30 52.11
C GLU A 69 -38.65 41.47 52.94
N LEU A 70 -39.97 41.58 53.00
CA LEU A 70 -40.63 42.61 53.79
C LEU A 70 -41.17 41.95 55.06
N PHE A 71 -40.91 42.59 56.20
CA PHE A 71 -41.32 42.10 57.51
C PHE A 71 -41.74 43.31 58.33
N ARG A 72 -42.65 43.09 59.27
CA ARG A 72 -43.15 44.17 60.10
C ARG A 72 -42.96 43.78 61.55
N PRO A 73 -41.93 44.30 62.22
CA PRO A 73 -41.73 43.94 63.63
C PRO A 73 -42.81 44.55 64.51
N LYS A 74 -43.08 43.88 65.63
CA LYS A 74 -44.05 44.40 66.59
C LYS A 74 -43.59 45.76 67.08
N GLY A 75 -44.49 46.73 67.04
CA GLY A 75 -44.18 48.09 67.42
C GLY A 75 -43.94 49.02 66.26
N GLU A 76 -43.78 48.47 65.06
CA GLU A 76 -43.59 49.26 63.85
C GLU A 76 -44.95 49.51 63.21
N SER A 77 -45.12 50.71 62.62
CA SER A 77 -46.35 51.02 61.93
C SER A 77 -46.44 50.38 60.56
N LYS A 78 -45.30 50.13 59.92
CA LYS A 78 -45.27 49.71 58.53
C LYS A 78 -44.13 48.73 58.34
N ASP A 79 -44.12 48.09 57.16
CA ASP A 79 -43.15 47.04 56.90
C ASP A 79 -41.75 47.63 56.76
N LEU A 80 -40.76 46.87 57.22
CA LEU A 80 -39.35 47.17 56.99
C LEU A 80 -38.82 46.23 55.91
N LEU A 81 -37.70 46.60 55.31
CA LEU A 81 -37.13 45.85 54.21
C LEU A 81 -35.78 45.29 54.61
N PHE A 82 -35.61 43.97 54.42
CA PHE A 82 -34.33 43.33 54.61
C PHE A 82 -33.73 43.02 53.25
N ILE A 83 -32.43 43.30 53.09
CA ILE A 83 -31.70 42.97 51.88
C ILE A 83 -30.32 42.46 52.29
N LEU A 84 -29.85 41.44 51.57
CA LEU A 84 -28.50 40.88 51.73
C LEU A 84 -27.87 40.88 50.35
N THR A 85 -26.65 41.39 50.24
CA THR A 85 -26.04 41.40 48.92
C THR A 85 -25.25 40.10 48.71
N ALA A 86 -24.87 39.85 47.46
CA ALA A 86 -24.15 38.63 47.13
C ALA A 86 -22.76 38.62 47.77
N LYS A 87 -22.23 39.77 48.15
CA LYS A 87 -21.01 39.85 48.94
C LYS A 87 -21.29 39.78 50.43
N TYR A 88 -22.53 39.44 50.79
CA TYR A 88 -22.96 39.20 52.17
C TYR A 88 -23.10 40.51 52.94
N ASN A 89 -23.41 41.60 52.25
CA ASN A 89 -23.75 42.85 52.92
C ASN A 89 -25.22 42.81 53.30
N ALA A 90 -25.51 42.83 54.59
CA ALA A 90 -26.87 42.80 55.09
C ALA A 90 -27.27 44.17 55.63
N CYS A 91 -28.57 44.45 55.60
CA CYS A 91 -29.09 45.70 56.12
C CYS A 91 -30.61 45.63 56.27
N ILE A 92 -31.13 46.47 57.15
CA ILE A 92 -32.57 46.69 57.29
C ILE A 92 -32.86 48.14 56.93
N LEU A 93 -33.87 48.34 56.09
CA LEU A 93 -34.14 49.64 55.48
C LEU A 93 -35.55 50.12 55.82
N GLU A 94 -35.70 51.44 55.90
CA GLU A 94 -36.99 52.06 56.13
C GLU A 94 -37.24 53.17 55.10
N TYR A 95 -38.48 53.23 54.61
CA TYR A 95 -38.94 54.32 53.75
C TYR A 95 -39.42 55.46 54.63
N LYS A 96 -38.93 56.67 54.34
CA LYS A 96 -39.35 57.86 55.07
C LYS A 96 -39.57 58.98 54.05
N GLN A 97 -40.69 59.66 54.17
CA GLN A 97 -41.08 60.70 53.23
C GLN A 97 -41.48 61.94 54.03
N SER A 98 -40.90 63.07 53.66
CA SER A 98 -41.17 64.35 54.30
C SER A 98 -41.68 65.26 53.19
N GLY A 99 -42.99 65.28 53.00
CA GLY A 99 -43.52 66.07 51.91
C GLY A 99 -43.02 65.52 50.58
N GLU A 100 -42.27 66.36 49.87
CA GLU A 100 -41.72 66.02 48.57
C GLU A 100 -40.40 65.24 48.67
N SER A 101 -39.80 65.17 49.84
CA SER A 101 -38.48 64.55 50.03
C SER A 101 -38.63 63.08 50.38
N ILE A 102 -38.20 62.19 49.48
CA ILE A 102 -38.23 60.75 49.71
C ILE A 102 -36.80 60.27 49.94
N ASP A 103 -36.56 59.58 51.06
CA ASP A 103 -35.26 58.99 51.33
C ASP A 103 -35.43 57.61 51.95
N ILE A 104 -34.35 56.83 51.91
CA ILE A 104 -34.31 55.47 52.44
C ILE A 104 -33.36 55.40 53.64
N ILE A 105 -33.89 54.93 54.77
CA ILE A 105 -33.15 54.91 56.03
C ILE A 105 -32.45 53.57 56.17
N THR A 106 -31.19 53.59 56.61
CA THR A 106 -30.46 52.37 56.94
C THR A 106 -30.60 52.19 58.46
N ARG A 107 -31.45 51.25 58.87
CA ARG A 107 -31.71 51.06 60.29
C ARG A 107 -30.67 50.17 60.96
N ALA A 108 -30.17 49.16 60.26
CA ALA A 108 -29.17 48.25 60.77
C ALA A 108 -28.37 47.74 59.59
N HIS A 109 -27.09 47.42 59.82
CA HIS A 109 -26.26 46.97 58.71
C HIS A 109 -25.02 46.25 59.22
N GLY A 110 -24.49 45.40 58.35
CA GLY A 110 -23.28 44.66 58.63
C GLY A 110 -23.05 43.61 57.56
N ASN A 111 -21.87 42.99 57.63
CA ASN A 111 -21.47 41.93 56.70
C ASN A 111 -21.44 40.61 57.45
N VAL A 112 -22.15 39.61 56.92
CA VAL A 112 -22.37 38.36 57.62
C VAL A 112 -21.48 37.23 57.07
N GLN A 113 -20.41 37.58 56.37
CA GLN A 113 -19.53 36.57 55.80
C GLN A 113 -18.78 35.82 56.90
N ASP A 114 -18.62 34.52 56.72
CA ASP A 114 -17.87 33.68 57.63
C ASP A 114 -16.47 33.44 57.10
N ARG A 115 -15.49 33.49 58.00
CA ARG A 115 -14.11 33.21 57.62
C ARG A 115 -14.00 31.84 56.95
N ILE A 116 -14.77 30.87 57.43
CA ILE A 116 -14.74 29.51 56.92
C ILE A 116 -16.15 29.04 56.61
N GLY A 117 -16.35 28.46 55.42
CA GLY A 117 -17.61 27.87 55.05
C GLY A 117 -17.64 27.45 53.60
N ARG A 118 -18.40 26.42 53.26
CA ARG A 118 -18.54 26.03 51.86
C ARG A 118 -19.82 26.61 51.30
N PRO A 119 -19.77 27.50 50.33
CA PRO A 119 -21.00 28.01 49.71
C PRO A 119 -21.88 26.88 49.19
N SER A 120 -23.19 27.00 49.45
CA SER A 120 -24.15 25.93 49.15
C SER A 120 -24.49 25.88 47.66
N GLU A 121 -24.93 24.69 47.22
CA GLU A 121 -25.26 24.49 45.80
C GLU A 121 -26.48 25.31 45.39
N THR A 122 -27.53 25.32 46.21
CA THR A 122 -28.77 26.01 45.88
C THR A 122 -28.76 27.49 46.26
N GLY A 123 -27.58 28.06 46.54
CA GLY A 123 -27.46 29.49 46.67
C GLY A 123 -27.96 30.03 48.00
N ILE A 124 -27.77 31.34 48.17
CA ILE A 124 -28.20 32.00 49.39
C ILE A 124 -29.72 31.92 49.51
N ILE A 125 -30.21 31.52 50.67
CA ILE A 125 -31.63 31.55 50.98
C ILE A 125 -31.83 32.42 52.22
N GLY A 126 -32.84 33.29 52.15
CA GLY A 126 -33.19 34.12 53.29
C GLY A 126 -34.69 34.07 53.58
N ILE A 127 -35.04 33.76 54.82
CA ILE A 127 -36.41 33.65 55.28
C ILE A 127 -36.51 34.36 56.62
N ILE A 128 -37.69 34.85 56.93
CA ILE A 128 -37.93 35.58 58.17
C ILE A 128 -39.11 34.95 58.89
N ASP A 129 -39.01 34.92 60.22
CA ASP A 129 -40.03 34.29 61.05
C ASP A 129 -41.38 34.96 60.87
N PRO A 130 -42.48 34.20 60.95
CA PRO A 130 -43.80 34.86 60.92
C PRO A 130 -43.99 35.84 62.06
N GLU A 131 -43.45 35.50 63.23
CA GLU A 131 -43.48 36.36 64.41
C GLU A 131 -42.37 37.39 64.38
N CYS A 132 -41.57 37.40 63.32
CA CYS A 132 -40.46 38.33 63.14
C CYS A 132 -39.51 38.31 64.32
N ARG A 133 -39.29 37.12 64.88
CA ARG A 133 -38.34 37.00 65.97
C ARG A 133 -36.91 36.90 65.46
N MET A 134 -36.72 36.37 64.26
CA MET A 134 -35.39 36.12 63.74
C MET A 134 -35.39 36.11 62.21
N ILE A 135 -34.19 36.29 61.65
CA ILE A 135 -33.92 36.15 60.22
C ILE A 135 -33.04 34.92 60.03
N GLY A 136 -33.47 34.02 59.15
CA GLY A 136 -32.69 32.84 58.82
C GLY A 136 -31.92 32.99 57.52
N LEU A 137 -30.65 32.58 57.53
CA LEU A 137 -29.80 32.62 56.35
C LEU A 137 -29.14 31.26 56.18
N ARG A 138 -29.23 30.69 54.99
CA ARG A 138 -28.48 29.49 54.62
C ARG A 138 -27.41 29.95 53.62
N LEU A 139 -26.22 30.22 54.14
CA LEU A 139 -25.10 30.65 53.31
C LEU A 139 -24.14 29.53 52.98
N TYR A 140 -23.90 28.61 53.91
CA TYR A 140 -22.89 27.59 53.75
C TYR A 140 -23.47 26.21 54.05
N ASP A 141 -22.94 25.21 53.33
CA ASP A 141 -23.28 23.83 53.62
C ASP A 141 -23.00 23.53 55.07
N GLY A 142 -23.94 22.82 55.70
CA GLY A 142 -23.76 22.40 57.08
C GLY A 142 -23.90 23.48 58.11
N LEU A 143 -24.39 24.67 57.73
CA LEU A 143 -24.55 25.75 58.68
C LEU A 143 -25.83 26.52 58.43
N PHE A 144 -26.44 26.98 59.53
CA PHE A 144 -27.64 27.81 59.50
C PHE A 144 -27.33 29.04 60.36
N LYS A 145 -27.41 30.22 59.76
CA LYS A 145 -27.08 31.47 60.45
C LYS A 145 -28.35 32.17 60.87
N VAL A 146 -28.36 32.66 62.11
CA VAL A 146 -29.52 33.29 62.71
C VAL A 146 -29.16 34.72 63.08
N ILE A 147 -29.90 35.68 62.53
CA ILE A 147 -29.86 37.06 62.99
C ILE A 147 -31.11 37.31 63.84
N PRO A 148 -30.99 37.41 65.15
CA PRO A 148 -32.17 37.74 65.96
C PRO A 148 -32.62 39.17 65.67
N LEU A 149 -33.94 39.33 65.49
CA LEU A 149 -34.50 40.65 65.20
C LEU A 149 -34.88 41.34 66.52
N ASP A 150 -33.85 41.66 67.31
CA ASP A 150 -33.98 42.44 68.53
C ASP A 150 -33.69 43.91 68.25
N ARG A 151 -34.29 44.79 69.06
CA ARG A 151 -34.13 46.22 68.88
C ARG A 151 -32.67 46.66 68.96
N ASP A 152 -31.86 45.97 69.76
CA ASP A 152 -30.50 46.41 70.00
C ASP A 152 -29.54 46.00 68.90
N ASN A 153 -29.93 45.04 68.06
CA ASN A 153 -29.03 44.48 67.06
C ASN A 153 -28.96 45.39 65.83
N LYS A 154 -28.40 46.58 66.05
CA LYS A 154 -28.28 47.53 64.96
C LYS A 154 -27.15 47.14 64.01
N GLU A 155 -26.23 46.29 64.45
CA GLU A 155 -25.15 45.78 63.62
C GLU A 155 -25.47 44.45 62.98
N LEU A 156 -26.62 43.86 63.28
CA LEU A 156 -27.03 42.57 62.74
C LEU A 156 -26.00 41.48 63.03
N LYS A 157 -25.58 41.37 64.30
CA LYS A 157 -24.72 40.27 64.72
C LYS A 157 -25.48 38.95 64.71
N ALA A 158 -24.76 37.85 64.44
CA ALA A 158 -25.41 36.57 64.25
C ALA A 158 -24.52 35.42 64.70
N PHE A 159 -25.15 34.24 64.87
CA PHE A 159 -24.49 33.00 65.26
C PHE A 159 -24.90 31.88 64.32
N ASN A 160 -24.06 30.84 64.26
CA ASN A 160 -24.32 29.67 63.44
C ASN A 160 -24.72 28.49 64.30
N ILE A 161 -25.71 27.73 63.82
CA ILE A 161 -26.12 26.46 64.43
C ILE A 161 -25.63 25.35 63.52
N ARG A 162 -24.90 24.38 64.08
CA ARG A 162 -24.47 23.25 63.28
C ARG A 162 -25.69 22.54 62.70
N LEU A 163 -25.62 22.24 61.41
CA LEU A 163 -26.70 21.58 60.69
C LEU A 163 -26.16 20.28 60.13
N GLU A 164 -26.75 19.16 60.56
CA GLU A 164 -26.27 17.86 60.13
C GLU A 164 -26.51 17.65 58.64
N GLU A 165 -27.67 18.04 58.15
CA GLU A 165 -28.05 17.83 56.76
C GLU A 165 -27.28 18.82 55.89
N LEU A 166 -26.25 18.33 55.20
CA LEU A 166 -25.31 19.20 54.51
C LEU A 166 -25.89 19.79 53.22
N HIS A 167 -26.63 18.98 52.47
CA HIS A 167 -27.13 19.38 51.15
C HIS A 167 -28.61 19.72 51.32
N VAL A 168 -28.90 21.01 51.52
CA VAL A 168 -30.25 21.49 51.71
C VAL A 168 -30.76 22.05 50.39
N ILE A 169 -31.99 21.73 50.05
CA ILE A 169 -32.58 22.19 48.79
C ILE A 169 -33.31 23.52 49.00
N ASP A 170 -34.25 23.57 49.93
CA ASP A 170 -34.96 24.80 50.23
C ASP A 170 -35.46 24.72 51.66
N VAL A 171 -35.65 25.89 52.26
CA VAL A 171 -36.08 26.01 53.64
C VAL A 171 -36.96 27.25 53.74
N LYS A 172 -37.98 27.15 54.58
CA LYS A 172 -38.92 28.22 54.86
C LYS A 172 -39.26 28.12 56.34
N PHE A 173 -39.57 29.27 56.95
CA PHE A 173 -40.15 29.25 58.28
C PHE A 173 -41.60 28.83 58.17
N LEU A 174 -42.03 27.95 59.05
CA LEU A 174 -43.39 27.43 59.01
C LEU A 174 -44.33 28.36 59.77
N TYR A 175 -45.56 28.46 59.30
CA TYR A 175 -46.59 29.24 59.98
C TYR A 175 -47.35 28.31 60.93
N GLY A 176 -48.00 28.93 61.91
CA GLY A 176 -48.83 28.17 62.84
C GLY A 176 -48.07 27.21 63.73
N CYS A 177 -46.94 27.63 64.28
CA CYS A 177 -46.11 26.80 65.15
C CYS A 177 -45.86 27.49 66.48
N GLN A 178 -45.80 26.67 67.55
CA GLN A 178 -45.65 27.21 68.89
C GLN A 178 -44.32 27.91 69.09
N ALA A 179 -43.24 27.33 68.60
CA ALA A 179 -41.91 27.88 68.61
C ALA A 179 -41.47 28.09 67.16
N PRO A 180 -40.49 28.96 66.93
CA PRO A 180 -39.99 29.14 65.56
C PRO A 180 -39.51 27.83 64.95
N THR A 181 -40.06 27.50 63.79
CA THR A 181 -39.81 26.22 63.13
C THR A 181 -39.41 26.40 61.68
N ILE A 182 -38.41 25.63 61.26
CA ILE A 182 -37.95 25.59 59.87
C ILE A 182 -38.37 24.26 59.26
N CYS A 183 -38.83 24.31 58.01
CA CYS A 183 -39.14 23.12 57.24
C CYS A 183 -38.21 23.15 56.03
N PHE A 184 -37.45 22.09 55.83
CA PHE A 184 -36.48 22.07 54.74
C PHE A 184 -36.46 20.70 54.09
N VAL A 185 -36.23 20.71 52.77
CA VAL A 185 -35.99 19.51 51.99
C VAL A 185 -34.48 19.38 51.84
N TYR A 186 -33.94 18.21 52.13
CA TYR A 186 -32.51 17.98 52.04
C TYR A 186 -32.25 16.74 51.21
N GLN A 187 -31.02 16.65 50.70
CA GLN A 187 -30.60 15.51 49.90
C GLN A 187 -29.42 14.82 50.57
N ASP A 188 -29.52 13.51 50.70
CA ASP A 188 -28.44 12.63 51.15
C ASP A 188 -28.48 11.47 50.17
N PRO A 189 -27.62 10.45 50.33
CA PRO A 189 -27.58 9.39 49.32
C PRO A 189 -28.86 8.58 49.19
N GLN A 190 -29.75 8.59 50.17
CA GLN A 190 -30.95 7.77 50.13
C GLN A 190 -32.11 8.46 49.41
N GLY A 191 -31.85 9.60 48.79
CA GLY A 191 -32.89 10.40 48.20
C GLY A 191 -33.07 11.71 48.93
N ARG A 192 -34.22 12.33 48.68
CA ARG A 192 -34.58 13.59 49.31
C ARG A 192 -35.63 13.37 50.37
N HIS A 193 -35.50 14.13 51.45
CA HIS A 193 -36.38 14.00 52.59
C HIS A 193 -36.79 15.38 53.04
N VAL A 194 -37.92 15.44 53.72
CA VAL A 194 -38.40 16.65 54.36
C VAL A 194 -38.23 16.45 55.86
N LYS A 195 -37.63 17.43 56.52
CA LYS A 195 -37.32 17.36 57.93
C LYS A 195 -37.62 18.73 58.54
N THR A 196 -37.99 18.75 59.82
CA THR A 196 -38.26 19.97 60.53
C THR A 196 -37.41 20.03 61.79
N TYR A 197 -36.99 21.24 62.14
CA TYR A 197 -36.30 21.53 63.39
C TYR A 197 -36.95 22.77 64.01
N GLU A 198 -36.76 22.95 65.31
CA GLU A 198 -37.15 24.17 66.02
C GLU A 198 -35.90 24.97 66.34
N VAL A 199 -35.97 26.29 66.19
CA VAL A 199 -34.82 27.17 66.37
C VAL A 199 -34.96 27.88 67.71
N SER A 200 -33.94 27.78 68.55
CA SER A 200 -33.95 28.36 69.89
C SER A 200 -32.96 29.51 70.03
N LEU A 201 -33.48 30.73 70.22
CA LEU A 201 -32.61 31.88 70.44
C LEU A 201 -31.95 31.84 71.82
N ARG A 202 -32.62 31.26 72.82
CA ARG A 202 -32.05 31.20 74.17
C ARG A 202 -30.92 30.19 74.23
N GLU A 203 -31.15 28.98 73.69
CA GLU A 203 -30.12 27.94 73.68
C GLU A 203 -29.17 28.07 72.50
N LYS A 204 -29.57 28.78 71.44
CA LYS A 204 -28.73 28.93 70.25
C LYS A 204 -28.39 27.55 69.66
N GLU A 205 -29.42 26.75 69.45
CA GLU A 205 -29.27 25.45 68.80
C GLU A 205 -30.63 24.98 68.30
N PHE A 206 -30.63 23.88 67.56
CA PHE A 206 -31.86 23.24 67.14
C PHE A 206 -32.38 22.31 68.23
N ASN A 207 -33.70 22.18 68.32
CA ASN A 207 -34.37 21.16 69.11
C ASN A 207 -35.23 20.33 68.16
N LYS A 208 -35.63 19.14 68.62
CA LYS A 208 -36.40 18.24 67.77
C LYS A 208 -37.63 19.00 67.25
N GLY A 209 -37.91 18.86 65.95
CA GLY A 209 -38.93 19.62 65.28
C GLY A 209 -40.33 19.06 65.50
N PRO A 210 -41.35 19.85 65.16
CA PRO A 210 -42.72 19.47 65.51
C PRO A 210 -43.24 18.21 64.83
N TRP A 211 -42.90 17.94 63.56
CA TRP A 211 -43.51 16.79 62.93
C TRP A 211 -42.51 15.96 62.14
N LYS A 212 -42.96 14.73 61.86
CA LYS A 212 -42.11 13.65 61.38
C LYS A 212 -41.47 13.95 60.05
N GLN A 213 -40.29 13.39 59.86
CA GLN A 213 -39.63 13.43 58.56
C GLN A 213 -40.31 12.45 57.62
N GLU A 214 -40.16 12.69 56.33
CA GLU A 214 -40.58 11.76 55.31
C GLU A 214 -39.58 11.80 54.16
N ASN A 215 -39.59 10.74 53.35
CA ASN A 215 -38.81 10.70 52.12
C ASN A 215 -39.68 11.21 50.97
N VAL A 216 -39.19 12.23 50.26
CA VAL A 216 -40.00 12.93 49.27
C VAL A 216 -39.48 12.63 47.86
N GLU A 217 -40.13 13.22 46.86
CA GLU A 217 -39.73 13.05 45.46
C GLU A 217 -38.27 13.38 45.29
N ALA A 218 -37.62 12.67 44.37
CA ALA A 218 -36.19 12.83 44.17
C ALA A 218 -35.84 14.25 43.72
N GLU A 219 -36.70 14.88 42.93
CA GLU A 219 -36.47 16.24 42.42
C GLU A 219 -37.33 17.28 43.12
N ALA A 220 -37.62 17.08 44.41
CA ALA A 220 -38.35 18.07 45.20
C ALA A 220 -37.59 19.39 45.23
N SER A 221 -38.26 20.47 44.78
CA SER A 221 -37.58 21.74 44.50
C SER A 221 -37.90 22.87 45.46
N MET A 222 -39.16 23.08 45.84
CA MET A 222 -39.55 24.27 46.56
C MET A 222 -40.39 23.93 47.77
N VAL A 223 -40.32 24.81 48.78
CA VAL A 223 -41.07 24.66 50.02
C VAL A 223 -42.00 25.86 50.12
N ILE A 224 -43.28 25.58 50.35
CA ILE A 224 -44.32 26.60 50.52
C ILE A 224 -44.80 26.55 51.96
N ALA A 225 -44.74 27.68 52.65
CA ALA A 225 -45.29 27.78 54.00
C ALA A 225 -46.76 28.16 53.92
N VAL A 226 -47.63 27.29 54.41
CA VAL A 226 -49.07 27.48 54.35
C VAL A 226 -49.50 28.11 55.67
N PRO A 227 -50.21 29.23 55.65
CA PRO A 227 -50.65 29.84 56.91
C PRO A 227 -51.88 29.13 57.49
N GLU A 228 -52.13 29.41 58.77
CA GLU A 228 -53.37 28.95 59.38
C GLU A 228 -54.54 29.49 58.56
N PRO A 229 -55.66 28.77 58.48
CA PRO A 229 -56.04 27.61 59.30
C PRO A 229 -55.31 26.30 59.05
N PHE A 230 -54.61 26.18 57.93
CA PHE A 230 -54.04 24.90 57.55
C PHE A 230 -52.76 24.57 58.33
N GLY A 231 -51.77 25.45 58.28
CA GLY A 231 -50.45 25.17 58.81
C GLY A 231 -49.70 24.14 57.97
N GLY A 232 -48.46 23.86 58.33
CA GLY A 232 -47.66 22.89 57.59
C GLY A 232 -47.07 23.48 56.32
N ALA A 233 -46.71 22.59 55.40
CA ALA A 233 -45.99 22.98 54.19
C ALA A 233 -46.45 22.15 52.99
N ILE A 234 -46.26 22.73 51.81
CA ILE A 234 -46.49 22.06 50.53
C ILE A 234 -45.14 21.94 49.83
N ILE A 235 -44.89 20.79 49.20
CA ILE A 235 -43.62 20.48 48.55
C ILE A 235 -43.87 20.29 47.06
N ILE A 236 -43.26 21.15 46.24
CA ILE A 236 -43.43 21.13 44.79
C ILE A 236 -42.28 20.35 44.16
N GLY A 237 -42.60 19.47 43.21
CA GLY A 237 -41.57 18.74 42.50
C GLY A 237 -41.64 18.89 41.00
N GLN A 238 -41.14 17.87 40.27
CA GLN A 238 -41.32 17.76 38.83
C GLN A 238 -42.62 17.06 38.48
N GLU A 239 -42.99 16.03 39.25
CA GLU A 239 -44.20 15.27 38.98
C GLU A 239 -45.28 15.39 40.03
N SER A 240 -44.95 15.71 41.28
CA SER A 240 -45.96 15.66 42.33
C SER A 240 -45.91 16.87 43.24
N ILE A 241 -47.07 17.19 43.81
CA ILE A 241 -47.23 18.20 44.85
C ILE A 241 -47.76 17.48 46.08
N THR A 242 -47.10 17.68 47.21
CA THR A 242 -47.44 17.00 48.45
C THR A 242 -47.56 18.03 49.55
N TYR A 243 -48.50 17.79 50.47
CA TYR A 243 -48.71 18.61 51.65
C TYR A 243 -48.52 17.76 52.89
N HIS A 244 -47.68 18.25 53.82
CA HIS A 244 -47.42 17.53 55.07
C HIS A 244 -47.70 18.47 56.24
N ASN A 245 -48.42 17.98 57.25
CA ASN A 245 -48.63 18.70 58.50
C ASN A 245 -48.90 17.64 59.57
N GLY A 246 -47.94 17.44 60.45
CA GLY A 246 -48.02 16.40 61.47
C GLY A 246 -48.12 15.03 60.82
N ASP A 247 -49.22 14.31 61.09
CA ASP A 247 -49.44 12.99 60.51
C ASP A 247 -50.28 13.06 59.23
N LYS A 248 -50.77 14.23 58.85
CA LYS A 248 -51.55 14.38 57.63
C LYS A 248 -50.63 14.33 56.42
N TYR A 249 -51.08 13.65 55.36
CA TYR A 249 -50.29 13.55 54.14
C TYR A 249 -51.21 13.48 52.93
N LEU A 250 -51.00 14.39 51.98
CA LEU A 250 -51.70 14.37 50.70
C LEU A 250 -50.68 14.41 49.57
N ALA A 251 -51.11 13.91 48.40
CA ALA A 251 -50.27 13.95 47.21
C ALA A 251 -51.16 13.97 45.97
N ILE A 252 -51.01 15.00 45.15
CA ILE A 252 -51.66 15.09 43.84
C ILE A 252 -50.55 15.05 42.80
N ALA A 253 -50.74 14.25 41.74
CA ALA A 253 -49.75 14.08 40.69
C ALA A 253 -50.40 14.22 39.32
N PRO A 254 -50.88 15.40 38.99
CA PRO A 254 -51.57 15.58 37.71
C PRO A 254 -50.57 15.55 36.58
N PRO A 255 -50.88 14.85 35.48
CA PRO A 255 -49.89 14.71 34.40
C PRO A 255 -49.47 16.03 33.76
N ILE A 256 -50.21 17.11 33.98
CA ILE A 256 -49.95 18.33 33.21
C ILE A 256 -48.64 18.98 33.64
N ILE A 257 -48.32 18.91 34.93
CA ILE A 257 -47.11 19.58 35.40
C ILE A 257 -45.84 18.81 35.04
N LYS A 258 -45.94 17.50 34.79
CA LYS A 258 -44.76 16.73 34.40
C LYS A 258 -44.11 17.29 33.14
N GLN A 259 -44.91 17.90 32.26
CA GLN A 259 -44.39 18.39 31.00
C GLN A 259 -43.34 19.49 31.17
N SER A 260 -43.48 20.32 32.20
CA SER A 260 -42.57 21.45 32.37
C SER A 260 -42.31 21.71 33.85
N THR A 261 -41.04 21.91 34.18
CA THR A 261 -40.62 22.11 35.56
C THR A 261 -41.23 23.38 36.14
N ILE A 262 -41.72 23.28 37.39
CA ILE A 262 -42.28 24.43 38.09
C ILE A 262 -41.18 25.13 38.87
N VAL A 263 -41.10 26.45 38.71
CA VAL A 263 -39.98 27.20 39.24
C VAL A 263 -40.36 28.30 40.24
N CYS A 264 -41.59 28.81 40.23
CA CYS A 264 -41.95 29.90 41.12
C CYS A 264 -43.31 29.64 41.74
N HIS A 265 -43.52 30.24 42.92
CA HIS A 265 -44.77 30.12 43.66
C HIS A 265 -45.08 31.44 44.34
N ASN A 266 -46.37 31.66 44.60
CA ASN A 266 -46.80 32.83 45.34
C ASN A 266 -48.19 32.57 45.89
N ARG A 267 -48.46 33.07 47.09
CA ARG A 267 -49.77 32.90 47.73
C ARG A 267 -50.76 33.93 47.23
N VAL A 268 -51.97 33.48 46.89
CA VAL A 268 -53.03 34.38 46.43
C VAL A 268 -53.90 34.79 47.61
N ASP A 269 -54.60 33.81 48.20
CA ASP A 269 -55.49 34.07 49.33
C ASP A 269 -54.69 34.04 50.62
N PRO A 270 -54.67 35.12 51.40
CA PRO A 270 -53.85 35.12 52.63
C PRO A 270 -54.09 33.92 53.53
N ASN A 271 -55.26 33.29 53.46
CA ASN A 271 -55.54 32.11 54.27
C ASN A 271 -54.95 30.83 53.71
N GLY A 272 -54.30 30.88 52.55
CA GLY A 272 -53.64 29.72 51.98
C GLY A 272 -54.51 28.87 51.09
N SER A 273 -55.75 29.28 50.82
CA SER A 273 -56.65 28.46 50.02
C SER A 273 -56.16 28.34 48.58
N ARG A 274 -55.51 29.38 48.05
CA ARG A 274 -55.10 29.39 46.65
C ARG A 274 -53.67 29.89 46.51
N TYR A 275 -52.90 29.22 45.64
CA TYR A 275 -51.53 29.59 45.31
C TYR A 275 -51.35 29.61 43.80
N LEU A 276 -50.41 30.43 43.33
CA LEU A 276 -50.01 30.45 41.93
C LEU A 276 -48.73 29.66 41.74
N LEU A 277 -48.63 28.96 40.61
CA LEU A 277 -47.45 28.21 40.20
C LEU A 277 -47.14 28.51 38.75
N GLY A 278 -45.86 28.64 38.44
CA GLY A 278 -45.42 28.81 37.07
C GLY A 278 -44.34 27.83 36.72
N ASP A 279 -44.23 27.51 35.43
CA ASP A 279 -43.27 26.51 34.96
C ASP A 279 -42.43 27.11 33.84
N MET A 280 -41.37 26.38 33.47
CA MET A 280 -40.36 26.94 32.58
C MET A 280 -40.90 27.23 31.19
N GLU A 281 -41.93 26.49 30.76
CA GLU A 281 -42.53 26.78 29.46
C GLU A 281 -43.52 27.93 29.55
N GLY A 282 -43.58 28.61 30.69
CA GLY A 282 -44.39 29.79 30.84
C GLY A 282 -45.83 29.57 31.26
N ARG A 283 -46.24 28.33 31.51
CA ARG A 283 -47.62 28.11 31.88
C ARG A 283 -47.85 28.53 33.32
N LEU A 284 -49.04 29.06 33.58
CA LEU A 284 -49.42 29.57 34.90
C LEU A 284 -50.56 28.71 35.42
N PHE A 285 -50.39 28.14 36.60
CA PHE A 285 -51.36 27.25 37.22
C PHE A 285 -51.95 27.87 38.48
N MET A 286 -53.10 27.35 38.89
CA MET A 286 -53.69 27.67 40.18
C MET A 286 -53.70 26.40 41.04
N LEU A 287 -53.11 26.48 42.22
CA LEU A 287 -53.12 25.39 43.19
C LEU A 287 -54.17 25.70 44.25
N LEU A 288 -55.14 24.81 44.40
CA LEU A 288 -56.30 25.03 45.24
C LEU A 288 -56.24 24.12 46.46
N LEU A 289 -56.45 24.69 47.65
CA LEU A 289 -56.54 23.91 48.87
C LEU A 289 -58.02 23.80 49.25
N GLU A 290 -58.56 22.60 49.07
CA GLU A 290 -59.96 22.32 49.32
C GLU A 290 -60.16 22.05 50.81
N LYS A 291 -60.94 22.89 51.47
CA LYS A 291 -61.12 22.80 52.91
C LYS A 291 -62.25 21.85 53.30
N GLU A 292 -62.14 21.28 54.48
CA GLU A 292 -63.26 20.58 55.11
C GLU A 292 -63.29 20.88 56.60
N GLU A 293 -64.34 21.54 57.05
CA GLU A 293 -64.53 21.88 58.47
C GLU A 293 -65.14 20.71 59.24
N GLN A 294 -64.53 20.38 60.39
CA GLN A 294 -64.99 19.30 61.25
C GLN A 294 -65.91 19.80 62.36
N MET A 295 -66.56 18.84 63.05
CA MET A 295 -67.44 19.22 64.17
C MET A 295 -66.67 19.94 65.28
N ASP A 296 -65.35 19.76 65.36
CA ASP A 296 -64.61 20.48 66.38
C ASP A 296 -64.58 21.98 66.12
N GLY A 297 -65.19 22.44 65.05
CA GLY A 297 -64.91 23.79 64.58
C GLY A 297 -63.54 23.94 63.99
N THR A 298 -62.84 22.83 63.75
CA THR A 298 -61.49 22.85 63.22
C THR A 298 -61.55 22.68 61.72
N VAL A 299 -60.49 23.14 61.04
CA VAL A 299 -60.44 23.15 59.59
C VAL A 299 -59.27 22.27 59.20
N THR A 300 -59.51 21.37 58.26
CA THR A 300 -58.48 20.48 57.76
C THR A 300 -58.42 20.60 56.24
N LEU A 301 -57.29 20.16 55.69
CA LEU A 301 -57.11 20.16 54.24
C LEU A 301 -57.73 18.88 53.71
N LYS A 302 -58.67 19.01 52.77
CA LYS A 302 -59.38 17.85 52.24
C LYS A 302 -58.66 17.28 51.02
N ASP A 303 -58.28 18.14 50.08
CA ASP A 303 -57.65 17.65 48.86
C ASP A 303 -56.95 18.83 48.21
N LEU A 304 -56.07 18.51 47.26
CA LEU A 304 -55.40 19.51 46.44
C LEU A 304 -55.83 19.33 44.99
N ARG A 305 -55.93 20.43 44.28
CA ARG A 305 -56.32 20.46 42.87
C ARG A 305 -55.40 21.42 42.15
N VAL A 306 -55.14 21.13 40.88
CA VAL A 306 -54.33 22.00 40.04
C VAL A 306 -55.14 22.33 38.80
N GLU A 307 -55.23 23.62 38.47
CA GLU A 307 -56.00 24.09 37.33
C GLU A 307 -55.11 25.01 36.50
N LEU A 308 -55.05 24.76 35.18
CA LEU A 308 -54.28 25.59 34.27
C LEU A 308 -55.06 26.86 33.95
N LEU A 309 -54.41 28.01 34.12
CA LEU A 309 -55.01 29.31 33.85
C LEU A 309 -54.71 29.85 32.46
N GLY A 310 -53.48 29.69 31.98
CA GLY A 310 -53.09 30.23 30.70
C GLY A 310 -51.59 30.20 30.54
N GLU A 311 -51.06 31.17 29.80
CA GLU A 311 -49.64 31.25 29.55
C GLU A 311 -49.17 32.65 29.90
N THR A 312 -48.05 32.73 30.60
CA THR A 312 -47.38 33.98 30.90
C THR A 312 -45.95 33.91 30.36
N SER A 313 -45.22 35.01 30.48
CA SER A 313 -43.80 34.97 30.20
C SER A 313 -43.11 34.07 31.21
N ILE A 314 -42.03 33.41 30.76
CA ILE A 314 -41.27 32.53 31.63
C ILE A 314 -40.91 33.35 32.87
N ALA A 315 -41.44 32.98 34.03
CA ALA A 315 -41.39 33.84 35.20
C ALA A 315 -40.34 33.36 36.19
N GLU A 316 -39.42 34.26 36.57
CA GLU A 316 -38.56 34.01 37.71
C GLU A 316 -39.28 34.24 39.03
N CYS A 317 -40.14 35.25 39.10
CA CYS A 317 -40.91 35.48 40.31
C CYS A 317 -42.32 35.85 39.90
N LEU A 318 -43.29 35.39 40.68
CA LEU A 318 -44.66 35.86 40.56
C LEU A 318 -45.01 36.62 41.83
N THR A 319 -45.94 37.55 41.70
CA THR A 319 -46.54 38.17 42.88
C THR A 319 -47.93 38.64 42.51
N TYR A 320 -48.93 38.13 43.24
CA TYR A 320 -50.30 38.58 43.08
C TYR A 320 -50.45 39.92 43.78
N LEU A 321 -51.12 40.87 43.12
CA LEU A 321 -51.29 42.19 43.70
C LEU A 321 -52.67 42.37 44.33
N ASP A 322 -53.68 42.60 43.50
CA ASP A 322 -55.04 42.77 44.01
C ASP A 322 -56.02 42.50 42.88
N ASN A 323 -57.25 42.19 43.26
CA ASN A 323 -58.34 41.99 42.28
C ASN A 323 -57.90 40.82 41.41
N GLY A 324 -57.81 40.97 40.09
CA GLY A 324 -57.32 39.94 39.22
C GLY A 324 -55.92 40.16 38.69
N VAL A 325 -55.16 41.12 39.21
CA VAL A 325 -53.89 41.52 38.63
C VAL A 325 -52.73 40.80 39.28
N VAL A 326 -51.85 40.27 38.45
CA VAL A 326 -50.65 39.55 38.86
C VAL A 326 -49.47 40.21 38.17
N PHE A 327 -48.38 40.41 38.90
CA PHE A 327 -47.14 40.86 38.30
C PHE A 327 -46.25 39.65 38.00
N VAL A 328 -45.79 39.55 36.76
CA VAL A 328 -44.96 38.44 36.30
C VAL A 328 -43.55 38.96 36.13
N GLY A 329 -42.67 38.58 37.04
CA GLY A 329 -41.28 38.97 36.95
C GLY A 329 -40.45 37.96 36.19
N SER A 330 -39.93 38.35 35.03
CA SER A 330 -39.23 37.43 34.14
C SER A 330 -37.77 37.80 34.05
N ARG A 331 -36.90 36.80 34.15
CA ARG A 331 -35.48 37.03 33.95
C ARG A 331 -35.06 36.75 32.52
N LEU A 332 -35.84 35.96 31.79
CA LEU A 332 -35.50 35.57 30.42
C LEU A 332 -36.26 36.35 29.37
N GLY A 333 -37.42 36.89 29.70
CA GLY A 333 -38.20 37.65 28.75
C GLY A 333 -38.89 38.84 29.40
N ASP A 334 -39.78 39.50 28.68
CA ASP A 334 -40.42 40.69 29.20
C ASP A 334 -41.28 40.38 30.42
N SER A 335 -41.21 41.25 31.42
CA SER A 335 -42.09 41.19 32.57
C SER A 335 -43.45 41.75 32.20
N GLN A 336 -44.45 41.45 33.04
CA GLN A 336 -45.81 41.77 32.68
C GLN A 336 -46.70 42.08 33.86
N LEU A 337 -47.79 42.77 33.56
CA LEU A 337 -49.02 42.74 34.32
C LEU A 337 -50.04 41.96 33.52
N VAL A 338 -50.67 40.96 34.15
CA VAL A 338 -51.69 40.15 33.50
C VAL A 338 -52.90 40.12 34.43
N LYS A 339 -54.09 40.06 33.86
CA LYS A 339 -55.31 39.97 34.65
C LYS A 339 -55.88 38.56 34.54
N LEU A 340 -56.21 37.99 35.69
CA LEU A 340 -56.84 36.67 35.77
C LEU A 340 -58.35 36.86 35.82
N ASN A 341 -59.05 36.27 34.87
CA ASN A 341 -60.50 36.40 34.79
C ASN A 341 -61.16 35.14 35.36
N VAL A 342 -62.35 35.32 35.90
CA VAL A 342 -63.13 34.18 36.39
C VAL A 342 -63.63 33.35 35.21
N ASP A 343 -64.00 34.01 34.13
CA ASP A 343 -64.46 33.34 32.93
C ASP A 343 -63.31 33.26 31.93
N SER A 344 -63.18 32.10 31.31
CA SER A 344 -62.20 31.92 30.25
C SER A 344 -62.67 32.63 28.99
N ASN A 345 -61.71 32.98 28.14
CA ASN A 345 -62.06 33.56 26.85
C ASN A 345 -62.39 32.43 25.89
N GLU A 346 -62.65 32.76 24.62
CA GLU A 346 -63.09 31.74 23.68
C GLU A 346 -62.02 30.71 23.37
N GLN A 347 -60.76 30.98 23.71
CA GLN A 347 -59.69 30.03 23.51
C GLN A 347 -59.48 29.13 24.71
N GLY A 348 -60.24 29.35 25.79
CA GLY A 348 -60.10 28.59 27.02
C GLY A 348 -59.22 29.21 28.07
N SER A 349 -58.66 30.38 27.81
CA SER A 349 -57.70 30.98 28.73
C SER A 349 -58.39 31.92 29.71
N TYR A 350 -57.84 31.97 30.93
CA TYR A 350 -58.27 32.91 31.95
C TYR A 350 -57.30 34.07 32.12
N VAL A 351 -56.24 34.12 31.32
CA VAL A 351 -55.17 35.11 31.49
C VAL A 351 -55.17 36.02 30.27
N VAL A 352 -55.15 37.33 30.52
CA VAL A 352 -55.11 38.34 29.47
C VAL A 352 -54.06 39.37 29.88
N ALA A 353 -53.11 39.63 28.98
CA ALA A 353 -52.01 40.54 29.27
C ALA A 353 -52.52 41.98 29.37
N MET A 354 -52.02 42.70 30.39
CA MET A 354 -52.32 44.11 30.53
C MET A 354 -51.21 44.99 29.99
N GLU A 355 -50.04 44.93 30.64
CA GLU A 355 -48.91 45.74 30.26
C GLU A 355 -47.70 44.84 30.01
N THR A 356 -46.73 45.38 29.29
CA THR A 356 -45.49 44.66 29.00
C THR A 356 -44.32 45.57 29.30
N PHE A 357 -43.47 45.14 30.23
CA PHE A 357 -42.29 45.89 30.66
C PHE A 357 -41.08 45.31 29.94
N THR A 358 -40.39 46.15 29.17
CA THR A 358 -39.28 45.68 28.36
C THR A 358 -38.19 45.02 29.22
N ASN A 359 -37.73 43.85 28.77
CA ASN A 359 -36.57 43.19 29.34
C ASN A 359 -35.66 42.75 28.20
N LEU A 360 -34.46 43.33 28.12
CA LEU A 360 -33.51 42.87 27.12
C LEU A 360 -33.03 41.45 27.38
N GLY A 361 -33.50 40.80 28.45
CA GLY A 361 -33.20 39.41 28.69
C GLY A 361 -31.73 39.14 28.62
N PRO A 362 -31.34 37.86 28.57
CA PRO A 362 -29.94 37.53 28.32
C PRO A 362 -29.52 38.00 26.94
N ILE A 363 -28.43 38.75 26.87
CA ILE A 363 -27.88 39.21 25.60
C ILE A 363 -26.77 38.23 25.23
N VAL A 364 -27.12 37.23 24.40
CA VAL A 364 -26.16 36.19 24.07
C VAL A 364 -25.09 36.74 23.13
N ASP A 365 -25.48 37.63 22.21
CA ASP A 365 -24.55 38.24 21.27
C ASP A 365 -25.19 39.52 20.76
N MET A 366 -24.39 40.33 20.08
CA MET A 366 -24.92 41.58 19.54
C MET A 366 -23.92 42.18 18.57
N CYS A 367 -24.41 43.06 17.70
CA CYS A 367 -23.58 43.79 16.76
C CYS A 367 -24.12 45.20 16.59
N VAL A 368 -23.22 46.12 16.21
CA VAL A 368 -23.57 47.50 15.95
C VAL A 368 -23.54 47.70 14.44
N VAL A 369 -24.61 48.28 13.91
CA VAL A 369 -24.77 48.44 12.46
C VAL A 369 -25.53 49.73 12.21
N ASP A 370 -25.07 50.51 11.22
CA ASP A 370 -25.71 51.77 10.85
C ASP A 370 -26.74 51.49 9.75
N LEU A 371 -27.94 51.10 10.21
CA LEU A 371 -28.99 50.66 9.29
C LEU A 371 -29.44 51.78 8.36
N GLU A 372 -29.46 53.02 8.85
CA GLU A 372 -30.02 54.15 8.12
C GLU A 372 -28.97 55.08 7.51
N ARG A 373 -27.69 54.74 7.58
CA ARG A 373 -26.58 55.55 7.03
C ARG A 373 -26.41 56.87 7.76
N GLN A 374 -26.93 56.97 8.99
CA GLN A 374 -26.89 58.19 9.78
C GLN A 374 -25.56 58.46 10.46
N GLY A 375 -24.71 57.46 10.62
CA GLY A 375 -23.54 57.59 11.44
C GLY A 375 -23.82 57.44 12.92
N GLN A 376 -25.09 57.37 13.30
CA GLN A 376 -25.45 57.23 14.71
C GLN A 376 -25.11 55.84 15.23
N GLY A 377 -25.41 54.81 14.44
CA GLY A 377 -25.24 53.44 14.84
C GLY A 377 -26.41 52.96 15.67
N GLN A 378 -26.84 51.72 15.41
CA GLN A 378 -27.92 51.07 16.11
C GLN A 378 -27.38 49.74 16.62
N LEU A 379 -27.91 49.29 17.75
CA LEU A 379 -27.44 48.07 18.40
C LEU A 379 -28.48 46.98 18.21
N VAL A 380 -28.07 45.89 17.57
CA VAL A 380 -28.93 44.73 17.36
C VAL A 380 -28.44 43.63 18.30
N THR A 381 -29.32 43.19 19.19
CA THR A 381 -28.96 42.21 20.21
C THR A 381 -29.65 40.88 19.94
N CYS A 382 -28.99 39.81 20.37
CA CYS A 382 -29.64 38.52 20.56
C CYS A 382 -30.11 38.48 22.01
N SER A 383 -31.41 38.62 22.22
CA SER A 383 -31.97 38.78 23.56
C SER A 383 -33.05 37.73 23.82
N GLY A 384 -33.13 37.30 25.07
CA GLY A 384 -34.13 36.35 25.48
C GLY A 384 -33.73 34.91 25.22
N ALA A 385 -34.57 34.00 25.71
CA ALA A 385 -34.35 32.57 25.56
C ALA A 385 -35.68 31.86 25.33
N PHE A 386 -35.60 30.70 24.64
CA PHE A 386 -36.79 29.88 24.42
C PHE A 386 -37.86 30.75 23.76
N LYS A 387 -39.11 30.66 24.22
CA LYS A 387 -40.19 31.38 23.57
C LYS A 387 -40.06 32.89 23.69
N GLU A 388 -39.33 33.38 24.69
CA GLU A 388 -39.12 34.80 24.85
C GLU A 388 -38.01 35.33 23.96
N GLY A 389 -37.35 34.45 23.22
CA GLY A 389 -36.27 34.88 22.36
C GLY A 389 -36.70 35.94 21.37
N SER A 390 -35.78 36.84 21.04
CA SER A 390 -36.08 38.01 20.23
C SER A 390 -34.79 38.68 19.80
N LEU A 391 -34.88 39.47 18.75
CA LEU A 391 -33.91 40.50 18.42
C LEU A 391 -34.40 41.86 18.91
N ARG A 392 -33.46 42.72 19.28
CA ARG A 392 -33.79 44.06 19.73
C ARG A 392 -32.96 45.09 18.96
N ILE A 393 -33.63 46.08 18.39
CA ILE A 393 -32.96 47.17 17.68
C ILE A 393 -32.96 48.39 18.60
N ILE A 394 -31.76 48.90 18.92
CA ILE A 394 -31.56 49.91 19.96
C ILE A 394 -30.81 51.11 19.42
N ARG A 395 -31.40 52.31 19.59
CA ARG A 395 -30.82 53.57 19.16
C ARG A 395 -31.13 54.68 20.16
N ASN A 396 -30.21 55.64 20.27
CA ASN A 396 -30.42 56.82 21.10
C ASN A 396 -31.40 57.80 20.47
N GLY A 397 -32.28 58.35 21.30
CA GLY A 397 -33.28 59.31 20.85
C GLY A 397 -34.06 59.93 21.98
N GLN A 408 -34.82 62.28 26.32
CA GLN A 408 -33.62 61.47 26.51
C GLN A 408 -33.98 60.06 26.99
N LYS A 409 -34.08 59.13 26.05
CA LYS A 409 -34.34 57.73 26.36
C LYS A 409 -33.83 56.92 25.18
N LEU A 410 -33.80 55.60 25.35
CA LEU A 410 -33.45 54.70 24.26
C LEU A 410 -34.73 54.22 23.58
N HIS A 411 -34.72 54.26 22.25
CA HIS A 411 -35.82 53.71 21.46
C HIS A 411 -35.50 52.29 21.07
N ILE A 412 -36.42 51.37 21.35
CA ILE A 412 -36.16 49.93 21.20
C ILE A 412 -37.28 49.28 20.43
N ARG A 413 -36.94 48.68 19.29
CA ARG A 413 -37.85 47.84 18.53
C ARG A 413 -37.59 46.37 18.85
N THR A 414 -38.66 45.59 18.97
CA THR A 414 -38.58 44.19 19.33
C THR A 414 -39.04 43.31 18.18
N VAL A 415 -38.29 42.24 17.92
CA VAL A 415 -38.57 41.31 16.83
C VAL A 415 -38.69 39.91 17.44
N PRO A 416 -39.91 39.44 17.74
CA PRO A 416 -40.03 38.13 18.41
C PRO A 416 -39.57 36.97 17.53
N LEU A 417 -38.91 36.00 18.15
CA LEU A 417 -38.43 34.80 17.49
C LEU A 417 -39.01 33.50 18.04
N TYR A 418 -39.37 33.45 19.32
CA TYR A 418 -39.94 32.27 19.95
C TYR A 418 -38.99 31.07 19.91
N GLU A 419 -37.70 31.34 19.73
CA GLU A 419 -36.65 30.33 19.88
C GLU A 419 -35.38 31.06 20.32
N SER A 420 -34.43 30.32 20.86
CA SER A 420 -33.25 30.93 21.47
C SER A 420 -32.30 31.46 20.41
N PRO A 421 -32.00 32.76 20.39
CA PRO A 421 -30.94 33.25 19.49
C PRO A 421 -29.57 33.12 20.14
N ARG A 422 -28.59 32.76 19.31
CA ARG A 422 -27.26 32.41 19.79
C ARG A 422 -26.17 33.37 19.32
N LYS A 423 -26.14 33.70 18.02
CA LYS A 423 -25.15 34.60 17.48
C LYS A 423 -25.79 35.45 16.38
N ILE A 424 -25.27 36.66 16.20
CA ILE A 424 -25.74 37.55 15.15
C ILE A 424 -24.55 38.23 14.48
N CYS A 425 -24.67 38.47 13.18
CA CYS A 425 -23.66 39.16 12.40
C CYS A 425 -24.35 39.80 11.20
N TYR A 426 -23.91 40.99 10.81
CA TYR A 426 -24.52 41.74 9.73
C TYR A 426 -23.74 41.59 8.43
N GLN A 427 -24.46 41.41 7.33
CA GLN A 427 -23.91 41.27 5.98
C GLN A 427 -24.53 42.38 5.15
N GLU A 428 -23.79 43.47 4.92
CA GLU A 428 -24.38 44.61 4.23
C GLU A 428 -24.72 44.27 2.79
N VAL A 429 -23.87 43.50 2.12
CA VAL A 429 -24.08 43.18 0.71
C VAL A 429 -25.46 42.58 0.47
N SER A 430 -26.03 41.92 1.46
CA SER A 430 -27.32 41.27 1.32
C SER A 430 -28.46 42.03 2.00
N GLN A 431 -28.19 43.21 2.54
CA GLN A 431 -29.21 44.00 3.22
C GLN A 431 -29.97 43.14 4.22
N CYS A 432 -29.25 42.31 4.97
CA CYS A 432 -29.89 41.39 5.90
C CYS A 432 -28.88 40.98 6.97
N PHE A 433 -29.41 40.38 8.03
CA PHE A 433 -28.64 39.79 9.11
C PHE A 433 -28.64 38.27 9.01
N GLY A 434 -27.57 37.65 9.48
CA GLY A 434 -27.56 36.23 9.80
C GLY A 434 -27.65 36.03 11.29
N VAL A 435 -28.51 35.09 11.71
CA VAL A 435 -28.70 34.81 13.14
C VAL A 435 -28.73 33.30 13.38
N LEU A 436 -27.89 32.83 14.31
CA LEU A 436 -27.97 31.46 14.77
C LEU A 436 -29.01 31.32 15.87
N SER A 437 -29.76 30.21 15.83
CA SER A 437 -30.86 30.00 16.76
C SER A 437 -31.01 28.51 17.03
N SER A 438 -31.60 28.21 18.18
CA SER A 438 -31.91 26.85 18.56
C SER A 438 -33.31 26.81 19.15
N ARG A 439 -34.07 25.79 18.79
CA ARG A 439 -35.42 25.60 19.29
C ARG A 439 -35.53 24.22 19.91
N ILE A 440 -36.46 24.08 20.85
CA ILE A 440 -36.64 22.84 21.58
C ILE A 440 -37.73 22.02 20.90
N GLU A 441 -37.38 20.80 20.51
CA GLU A 441 -38.36 19.79 20.10
C GLU A 441 -38.28 18.64 21.10
N VAL A 442 -39.30 17.79 21.10
CA VAL A 442 -39.40 16.70 22.05
C VAL A 442 -39.57 15.40 21.28
N GLN A 443 -38.87 14.36 21.73
CA GLN A 443 -39.00 13.06 21.08
C GLN A 443 -40.46 12.63 21.14
N ASP A 444 -41.05 12.33 19.98
CA ASP A 444 -42.47 11.99 19.90
C ASP A 444 -42.62 10.55 19.46
N THR A 445 -43.87 10.10 19.41
CA THR A 445 -44.15 8.68 19.14
C THR A 445 -43.78 8.28 17.73
N SER A 446 -43.47 9.21 16.84
CA SER A 446 -43.06 8.86 15.49
C SER A 446 -41.60 8.42 15.42
N GLY A 447 -40.84 8.54 16.50
CA GLY A 447 -39.41 8.35 16.47
C GLY A 447 -38.65 9.63 16.15
N GLY A 448 -39.29 10.56 15.46
CA GLY A 448 -38.75 11.88 15.22
C GLY A 448 -39.07 12.79 16.39
N THR A 449 -39.16 14.08 16.12
CA THR A 449 -39.43 15.04 17.18
C THR A 449 -40.51 16.02 16.73
N THR A 450 -41.10 16.69 17.71
CA THR A 450 -42.18 17.64 17.50
C THR A 450 -41.88 18.88 18.33
N ALA A 451 -41.99 20.04 17.69
CA ALA A 451 -41.74 21.30 18.36
C ALA A 451 -42.93 21.71 19.20
N LEU A 452 -42.64 22.27 20.38
CA LEU A 452 -43.71 22.68 21.30
C LEU A 452 -44.53 23.82 20.73
N ARG A 453 -43.96 24.59 19.81
CA ARG A 453 -44.61 25.76 19.24
C ARG A 453 -43.86 26.14 17.96
N PRO A 454 -44.53 26.82 17.03
CA PRO A 454 -43.82 27.34 15.85
C PRO A 454 -42.92 28.50 16.25
N SER A 455 -41.86 28.70 15.47
CA SER A 455 -40.88 29.74 15.76
C SER A 455 -40.18 30.16 14.48
N ALA A 456 -39.20 31.06 14.63
CA ALA A 456 -38.59 31.72 13.48
C ALA A 456 -38.05 30.71 12.47
N SER A 457 -37.38 29.66 12.96
CA SER A 457 -36.75 28.71 12.04
C SER A 457 -37.77 27.85 11.29
N THR A 458 -39.03 27.87 11.72
CA THR A 458 -40.09 27.13 11.05
C THR A 458 -41.01 28.03 10.23
N GLN A 459 -41.02 29.33 10.51
CA GLN A 459 -41.82 30.30 9.78
C GLN A 459 -41.01 31.07 8.74
N ALA A 460 -39.86 30.54 8.34
CA ALA A 460 -39.05 31.18 7.31
C ALA A 460 -39.75 31.09 5.96
N LEU A 461 -39.51 32.08 5.10
CA LEU A 461 -40.12 32.07 3.77
C LEU A 461 -39.66 30.85 2.98
N SER A 462 -38.36 30.73 2.75
CA SER A 462 -37.74 29.56 2.16
C SER A 462 -36.91 28.86 3.23
N SER A 463 -36.68 27.56 3.04
CA SER A 463 -35.98 26.79 4.05
C SER A 463 -35.12 25.72 3.40
N SER A 464 -34.14 25.24 4.18
CA SER A 464 -33.21 24.23 3.70
C SER A 464 -32.67 23.46 4.90
N VAL A 465 -32.10 22.28 4.63
CA VAL A 465 -31.54 21.41 5.65
C VAL A 465 -30.23 20.85 5.14
N SER A 466 -29.19 20.87 5.99
CA SER A 466 -27.92 20.30 5.59
C SER A 466 -28.09 18.83 5.24
N SER A 467 -27.52 18.42 4.12
CA SER A 467 -27.47 17.02 3.70
C SER A 467 -26.06 16.46 3.81
N SER A 468 -25.22 17.07 4.64
CA SER A 468 -23.82 16.69 4.71
C SER A 468 -23.67 15.23 5.06
N LYS A 469 -22.76 14.56 4.36
CA LYS A 469 -22.49 13.15 4.61
C LYS A 469 -21.25 12.94 5.46
N LEU A 470 -20.66 14.03 5.98
CA LEU A 470 -19.38 13.92 6.65
C LEU A 470 -19.45 12.99 7.86
N PHE A 471 -20.43 13.19 8.73
CA PHE A 471 -20.61 12.39 9.94
C PHE A 471 -21.56 11.23 9.76
N SER A 472 -22.08 11.00 8.55
CA SER A 472 -22.92 9.84 8.33
C SER A 472 -22.28 8.53 8.77
N SER A 473 -20.95 8.48 8.86
CA SER A 473 -20.23 7.28 9.27
C SER A 473 -20.13 7.16 10.79
N SER A 474 -21.28 6.96 11.42
CA SER A 474 -21.37 6.76 12.87
C SER A 474 -21.47 5.26 13.15
N THR A 475 -20.38 4.67 13.63
CA THR A 475 -20.41 3.26 14.02
C THR A 475 -21.30 3.06 15.25
N ALA A 476 -21.19 3.96 16.24
CA ALA A 476 -22.00 3.88 17.44
C ALA A 476 -23.27 4.71 17.33
N PRO A 477 -24.46 4.12 17.46
CA PRO A 477 -25.71 4.89 17.50
C PRO A 477 -25.99 5.42 18.92
N HIS A 478 -27.07 6.20 19.03
CA HIS A 478 -27.47 6.85 20.27
C HIS A 478 -28.98 6.69 20.48
N GLU A 479 -29.35 6.13 21.63
CA GLU A 479 -30.75 5.85 21.95
C GLU A 479 -31.55 7.06 22.42
N THR A 480 -32.83 7.05 22.07
CA THR A 480 -33.77 8.13 22.34
C THR A 480 -34.96 7.60 23.14
N SER A 481 -35.40 8.37 24.12
CA SER A 481 -36.58 8.01 24.92
C SER A 481 -37.66 9.06 24.67
N PHE A 482 -38.91 8.61 24.60
CA PHE A 482 -40.02 9.52 24.36
C PHE A 482 -40.08 10.56 25.47
N GLY A 483 -40.20 11.83 25.08
CA GLY A 483 -40.33 12.92 26.03
C GLY A 483 -39.06 13.71 26.28
N GLU A 484 -37.90 13.21 25.87
CA GLU A 484 -36.66 13.94 26.06
C GLU A 484 -36.60 15.14 25.12
N GLU A 485 -35.96 16.21 25.60
CA GLU A 485 -35.79 17.42 24.80
C GLU A 485 -34.54 17.32 23.93
N VAL A 486 -34.58 18.03 22.80
CA VAL A 486 -33.42 18.19 21.93
C VAL A 486 -33.38 19.62 21.42
N GLU A 487 -32.17 20.11 21.16
CA GLU A 487 -31.99 21.41 20.51
C GLU A 487 -31.88 21.18 19.01
N VAL A 488 -32.55 22.02 18.23
CA VAL A 488 -32.44 22.01 16.79
C VAL A 488 -31.91 23.38 16.39
N HIS A 489 -30.74 23.40 15.78
CA HIS A 489 -30.06 24.65 15.48
C HIS A 489 -30.26 25.05 14.03
N ASN A 490 -30.35 26.36 13.80
CA ASN A 490 -30.65 26.89 12.48
C ASN A 490 -29.83 28.13 12.23
N LEU A 491 -29.60 28.42 10.95
CA LEU A 491 -29.11 29.71 10.50
C LEU A 491 -30.27 30.47 9.87
N LEU A 492 -30.59 31.63 10.45
CA LEU A 492 -31.67 32.47 9.96
C LEU A 492 -31.13 33.63 9.13
N ILE A 493 -31.78 33.91 8.01
CA ILE A 493 -31.50 35.07 7.20
C ILE A 493 -32.67 36.04 7.39
N ILE A 494 -32.36 37.26 7.86
CA ILE A 494 -33.38 38.20 8.34
C ILE A 494 -33.13 39.56 7.70
N ASP A 495 -34.15 40.09 7.02
CA ASP A 495 -34.05 41.37 6.32
C ASP A 495 -33.83 42.52 7.31
N GLN A 496 -32.95 43.46 6.92
CA GLN A 496 -32.52 44.52 7.81
C GLN A 496 -33.51 45.67 7.94
N HIS A 497 -34.55 45.70 7.11
CA HIS A 497 -35.58 46.73 7.17
C HIS A 497 -36.88 46.21 7.75
N THR A 498 -37.31 45.03 7.30
CA THR A 498 -38.52 44.40 7.78
C THR A 498 -38.28 43.38 8.89
N PHE A 499 -37.09 42.82 8.98
CA PHE A 499 -36.81 41.75 9.94
C PHE A 499 -37.73 40.56 9.70
N GLU A 500 -38.10 40.37 8.44
CA GLU A 500 -38.72 39.15 7.99
C GLU A 500 -37.68 38.05 7.93
N VAL A 501 -38.06 36.85 8.38
CA VAL A 501 -37.16 35.70 8.26
C VAL A 501 -37.23 35.25 6.81
N LEU A 502 -36.21 35.58 6.04
CA LEU A 502 -36.21 35.26 4.62
C LEU A 502 -35.85 33.80 4.38
N HIS A 503 -34.98 33.25 5.22
CA HIS A 503 -34.52 31.88 5.03
C HIS A 503 -34.09 31.29 6.36
N ALA A 504 -34.31 29.98 6.48
CA ALA A 504 -33.92 29.21 7.65
C ALA A 504 -33.23 27.94 7.20
N HIS A 505 -31.96 27.79 7.58
CA HIS A 505 -31.20 26.58 7.29
C HIS A 505 -31.12 25.77 8.59
N GLN A 506 -31.56 24.52 8.54
CA GLN A 506 -31.49 23.64 9.70
C GLN A 506 -30.24 22.78 9.60
N PHE A 507 -29.50 22.69 10.70
CA PHE A 507 -28.25 21.95 10.71
C PHE A 507 -28.51 20.48 11.02
N LEU A 508 -27.45 19.69 11.03
CA LEU A 508 -27.58 18.26 11.21
C LEU A 508 -28.16 17.94 12.59
N GLN A 509 -28.73 16.75 12.70
CA GLN A 509 -29.20 16.25 13.99
C GLN A 509 -28.04 16.17 14.96
N ASN A 510 -28.22 16.76 16.15
CA ASN A 510 -27.22 16.82 17.20
C ASN A 510 -26.07 17.77 16.86
N GLU A 511 -26.25 18.63 15.87
CA GLU A 511 -25.24 19.61 15.49
C GLU A 511 -25.62 20.95 16.12
N TYR A 512 -24.69 21.54 16.88
CA TYR A 512 -24.90 22.84 17.48
C TYR A 512 -24.14 23.90 16.69
N ALA A 513 -24.80 25.01 16.42
CA ALA A 513 -24.15 26.16 15.79
C ALA A 513 -23.57 27.06 16.88
N LEU A 514 -22.26 27.28 16.85
CA LEU A 514 -21.57 27.98 17.91
C LEU A 514 -20.97 29.31 17.48
N SER A 515 -20.66 29.50 16.20
CA SER A 515 -19.94 30.69 15.76
C SER A 515 -20.41 31.07 14.37
N LEU A 516 -20.40 32.37 14.10
CA LEU A 516 -20.93 32.91 12.85
C LEU A 516 -20.17 34.15 12.42
N VAL A 517 -19.80 34.21 11.14
CA VAL A 517 -19.14 35.39 10.57
C VAL A 517 -19.70 35.64 9.18
N SER A 518 -19.58 36.90 8.74
CA SER A 518 -19.91 37.31 7.38
C SER A 518 -18.71 38.05 6.81
N CYS A 519 -18.17 37.55 5.70
CA CYS A 519 -16.94 38.12 5.16
C CYS A 519 -16.68 37.59 3.76
N LYS A 520 -15.73 38.25 3.08
CA LYS A 520 -15.10 37.76 1.87
C LYS A 520 -13.76 37.12 2.23
N LEU A 521 -13.33 36.15 1.43
CA LEU A 521 -12.06 35.48 1.67
C LEU A 521 -11.19 35.47 0.43
N GLY A 522 -9.87 35.51 0.66
CA GLY A 522 -8.91 35.38 -0.42
C GLY A 522 -9.15 36.33 -1.56
N LYS A 523 -9.06 35.79 -2.78
CA LYS A 523 -9.38 36.51 -4.00
C LYS A 523 -10.82 36.27 -4.43
N ASP A 524 -11.63 35.71 -3.54
CA ASP A 524 -13.03 35.41 -3.83
C ASP A 524 -13.89 36.64 -3.60
N PRO A 525 -14.55 37.17 -4.64
CA PRO A 525 -15.35 38.39 -4.45
C PRO A 525 -16.67 38.17 -3.73
N ASN A 526 -17.16 36.94 -3.63
CA ASN A 526 -18.46 36.68 -3.03
C ASN A 526 -18.41 36.89 -1.52
N THR A 527 -19.51 37.42 -0.97
CA THR A 527 -19.64 37.62 0.46
C THR A 527 -20.42 36.43 1.04
N TYR A 528 -19.82 35.74 2.00
CA TYR A 528 -20.39 34.49 2.50
C TYR A 528 -20.83 34.63 3.97
N PHE A 529 -21.76 33.76 4.35
CA PHE A 529 -22.03 33.43 5.75
C PHE A 529 -21.26 32.17 6.08
N ILE A 530 -20.45 32.21 7.14
CA ILE A 530 -19.67 31.05 7.57
C ILE A 530 -20.03 30.70 9.00
N VAL A 531 -20.31 29.42 9.23
CA VAL A 531 -20.78 28.91 10.52
C VAL A 531 -19.86 27.82 11.02
N GLY A 532 -19.54 27.87 12.31
CA GLY A 532 -18.79 26.81 12.98
C GLY A 532 -19.70 26.04 13.93
N THR A 533 -19.59 24.71 13.87
CA THR A 533 -20.51 23.82 14.56
C THR A 533 -19.75 22.79 15.38
N ALA A 534 -20.52 22.02 16.16
CA ALA A 534 -19.97 20.95 16.97
C ALA A 534 -20.99 19.84 17.06
N MET A 535 -20.53 18.59 16.94
CA MET A 535 -21.40 17.43 17.11
C MET A 535 -21.47 17.12 18.60
N VAL A 536 -22.64 17.34 19.18
CA VAL A 536 -22.85 17.27 20.62
C VAL A 536 -23.64 16.00 20.89
N TYR A 537 -23.01 15.04 21.54
CA TYR A 537 -23.68 13.84 21.99
C TYR A 537 -23.63 13.79 23.52
N PRO A 538 -24.74 13.44 24.18
CA PRO A 538 -24.75 13.47 25.65
C PRO A 538 -23.59 12.73 26.28
N GLU A 539 -23.07 11.71 25.59
CA GLU A 539 -22.02 10.88 26.16
C GLU A 539 -20.70 11.64 26.27
N GLU A 540 -20.45 12.57 25.35
CA GLU A 540 -19.16 13.24 25.26
C GLU A 540 -19.08 14.43 26.21
N ALA A 541 -18.12 14.39 27.12
CA ALA A 541 -17.86 15.55 27.96
C ALA A 541 -17.39 16.73 27.12
N GLU A 542 -16.54 16.49 26.12
CA GLU A 542 -16.03 17.50 25.21
C GLU A 542 -16.28 17.05 23.77
N PRO A 543 -16.90 17.88 22.92
CA PRO A 543 -17.20 17.46 21.55
C PRO A 543 -15.95 17.09 20.78
N LYS A 544 -16.09 16.08 19.90
CA LYS A 544 -14.95 15.58 19.12
C LYS A 544 -15.18 15.62 17.61
N GLN A 545 -16.29 16.18 17.15
CA GLN A 545 -16.56 16.33 15.73
C GLN A 545 -17.12 17.74 15.50
N GLY A 546 -16.89 18.28 14.31
CA GLY A 546 -17.45 19.57 14.00
C GLY A 546 -17.25 19.94 12.56
N ARG A 547 -17.90 21.02 12.15
CA ARG A 547 -17.87 21.50 10.78
C ARG A 547 -17.63 22.99 10.75
N ILE A 548 -16.93 23.44 9.71
CA ILE A 548 -16.97 24.82 9.25
C ILE A 548 -17.71 24.78 7.92
N VAL A 549 -18.79 25.54 7.82
CA VAL A 549 -19.64 25.51 6.63
C VAL A 549 -19.65 26.90 6.01
N VAL A 550 -19.47 26.94 4.70
CA VAL A 550 -19.50 28.19 3.94
C VAL A 550 -20.82 28.21 3.18
N PHE A 551 -21.64 29.21 3.47
CA PHE A 551 -22.91 29.42 2.81
C PHE A 551 -22.82 30.68 1.97
N GLN A 552 -23.67 30.74 0.93
CA GLN A 552 -23.87 32.00 0.24
C GLN A 552 -25.36 32.29 0.18
N TYR A 553 -25.75 33.47 0.65
CA TYR A 553 -27.12 33.93 0.50
C TYR A 553 -27.22 34.67 -0.81
N SER A 554 -28.02 34.14 -1.73
CA SER A 554 -28.18 34.75 -3.04
C SER A 554 -29.59 34.51 -3.54
N ASP A 555 -30.25 35.60 -3.95
CA ASP A 555 -31.57 35.51 -4.59
C ASP A 555 -32.56 34.73 -3.74
N GLY A 556 -32.59 35.03 -2.44
CA GLY A 556 -33.57 34.44 -1.56
C GLY A 556 -33.27 33.03 -1.11
N LYS A 557 -32.16 32.45 -1.56
CA LYS A 557 -31.80 31.09 -1.22
C LYS A 557 -30.39 31.02 -0.66
N LEU A 558 -30.22 30.21 0.38
CA LEU A 558 -28.91 29.91 0.94
C LEU A 558 -28.33 28.69 0.23
N GLN A 559 -27.08 28.80 -0.23
CA GLN A 559 -26.41 27.75 -0.98
C GLN A 559 -25.24 27.23 -0.16
N THR A 560 -25.13 25.90 -0.01
CA THR A 560 -23.97 25.33 0.67
C THR A 560 -22.77 25.34 -0.29
N VAL A 561 -21.73 26.09 0.07
CA VAL A 561 -20.60 26.31 -0.84
C VAL A 561 -19.48 25.32 -0.63
N ALA A 562 -19.14 25.05 0.62
CA ALA A 562 -18.02 24.18 0.95
C ALA A 562 -18.13 23.84 2.42
N GLU A 563 -17.56 22.71 2.78
CA GLU A 563 -17.57 22.29 4.17
C GLU A 563 -16.22 21.70 4.52
N LYS A 564 -15.71 22.07 5.67
CA LYS A 564 -14.43 21.59 6.18
C LYS A 564 -14.70 20.86 7.49
N GLU A 565 -14.29 19.60 7.56
CA GLU A 565 -14.48 18.82 8.78
C GLU A 565 -13.36 19.14 9.76
N VAL A 566 -13.72 19.22 11.04
CA VAL A 566 -12.75 19.44 12.09
C VAL A 566 -12.99 18.43 13.21
N LYS A 567 -11.98 18.27 14.06
CA LYS A 567 -12.00 17.27 15.13
C LYS A 567 -12.30 17.92 16.48
N GLY A 568 -13.39 18.68 16.56
CA GLY A 568 -13.76 19.37 17.77
C GLY A 568 -14.87 20.37 17.51
N ALA A 569 -15.07 21.24 18.50
CA ALA A 569 -16.10 22.26 18.45
C ALA A 569 -15.50 23.58 17.96
N VAL A 570 -16.15 24.23 17.01
CA VAL A 570 -15.66 25.52 16.48
C VAL A 570 -16.30 26.60 17.34
N TYR A 571 -15.66 26.87 18.49
CA TYR A 571 -16.27 27.77 19.46
C TYR A 571 -16.28 29.22 18.97
N SER A 572 -15.30 29.63 18.17
CA SER A 572 -15.19 31.03 17.75
C SER A 572 -14.44 31.12 16.43
N MET A 573 -14.88 32.06 15.58
CA MET A 573 -14.24 32.33 14.30
C MET A 573 -14.16 33.84 14.08
N VAL A 574 -13.25 34.26 13.20
CA VAL A 574 -13.13 35.68 12.88
C VAL A 574 -12.34 35.86 11.59
N GLU A 575 -12.70 36.89 10.82
CA GLU A 575 -11.99 37.21 9.60
C GLU A 575 -10.64 37.84 9.93
N PHE A 576 -9.61 37.40 9.21
CA PHE A 576 -8.23 37.79 9.51
C PHE A 576 -7.49 38.05 8.20
N ASN A 577 -7.61 39.28 7.71
CA ASN A 577 -6.86 39.70 6.54
C ASN A 577 -7.03 38.70 5.40
N GLY A 578 -8.29 38.46 5.05
CA GLY A 578 -8.63 37.56 3.97
C GLY A 578 -8.53 36.07 4.29
N LYS A 579 -8.08 35.71 5.48
CA LYS A 579 -7.99 34.32 5.91
C LYS A 579 -8.98 34.09 7.05
N LEU A 580 -9.34 32.83 7.25
CA LEU A 580 -10.32 32.46 8.27
C LEU A 580 -9.62 31.91 9.51
N LEU A 581 -9.78 32.62 10.62
CA LEU A 581 -9.22 32.22 11.91
C LEU A 581 -10.32 31.58 12.74
N ALA A 582 -10.09 30.33 13.14
CA ALA A 582 -11.08 29.55 13.87
C ALA A 582 -10.41 28.83 15.03
N SER A 583 -11.16 28.63 16.11
CA SER A 583 -10.68 27.94 17.30
C SER A 583 -11.44 26.63 17.43
N ILE A 584 -10.72 25.51 17.45
CA ILE A 584 -11.32 24.18 17.57
C ILE A 584 -10.78 23.57 18.86
N ASN A 585 -11.63 23.52 19.90
CA ASN A 585 -11.21 23.02 21.20
C ASN A 585 -9.97 23.77 21.68
N SER A 586 -8.86 23.05 21.87
CA SER A 586 -7.61 23.69 22.30
C SER A 586 -6.91 24.43 21.17
N THR A 587 -7.14 24.01 19.93
CA THR A 587 -6.39 24.54 18.79
C THR A 587 -6.93 25.89 18.31
N VAL A 588 -6.03 26.75 17.84
CA VAL A 588 -6.36 27.97 17.13
C VAL A 588 -5.76 27.84 15.73
N ARG A 589 -6.61 27.85 14.71
CA ARG A 589 -6.20 27.53 13.35
C ARG A 589 -6.46 28.69 12.40
N LEU A 590 -5.55 28.83 11.42
CA LEU A 590 -5.70 29.79 10.32
C LEU A 590 -5.85 29.02 9.01
N TYR A 591 -6.95 29.26 8.32
CA TYR A 591 -7.25 28.63 7.03
C TYR A 591 -7.10 29.66 5.91
N GLU A 592 -6.66 29.20 4.74
CA GLU A 592 -6.69 30.02 3.53
C GLU A 592 -7.82 29.54 2.62
N TRP A 593 -8.37 30.47 1.84
CA TRP A 593 -9.48 30.20 0.93
C TRP A 593 -8.89 30.10 -0.48
N THR A 594 -8.88 28.89 -1.02
CA THR A 594 -8.19 28.65 -2.29
C THR A 594 -9.00 29.19 -3.46
N THR A 595 -8.38 29.16 -4.63
CA THR A 595 -9.11 29.45 -5.86
C THR A 595 -10.11 28.33 -6.20
N GLU A 596 -10.02 27.18 -5.54
CA GLU A 596 -11.01 26.12 -5.69
C GLU A 596 -12.14 26.20 -4.65
N LYS A 597 -12.28 27.32 -3.96
CA LYS A 597 -13.38 27.51 -3.01
C LYS A 597 -13.45 26.37 -2.00
N GLU A 598 -12.32 26.12 -1.35
CA GLU A 598 -12.21 25.15 -0.27
C GLU A 598 -11.25 25.72 0.78
N LEU A 599 -11.46 25.35 2.04
CA LEU A 599 -10.60 25.85 3.11
C LEU A 599 -9.34 25.01 3.21
N ARG A 600 -8.20 25.69 3.31
CA ARG A 600 -6.90 25.02 3.41
C ARG A 600 -6.20 25.55 4.64
N THR A 601 -5.72 24.63 5.49
CA THR A 601 -5.03 25.02 6.71
C THR A 601 -3.67 25.61 6.38
N GLU A 602 -3.34 26.72 7.03
CA GLU A 602 -2.01 27.30 6.93
C GLU A 602 -1.17 27.01 8.18
N CYS A 603 -1.70 27.28 9.37
CA CYS A 603 -0.92 27.13 10.59
C CYS A 603 -1.81 26.98 11.82
N ASN A 604 -1.23 26.46 12.91
CA ASN A 604 -2.00 26.13 14.10
C ASN A 604 -1.28 26.57 15.36
N HIS A 605 -2.04 26.74 16.45
CA HIS A 605 -1.50 26.93 17.80
C HIS A 605 -2.22 25.97 18.73
N TYR A 606 -1.48 25.19 19.52
CA TYR A 606 -2.07 24.12 20.29
C TYR A 606 -2.01 24.36 21.81
N ASN A 607 -1.36 25.42 22.27
CA ASN A 607 -1.13 25.63 23.71
C ASN A 607 -2.32 26.34 24.34
N ASN A 608 -3.46 25.62 24.38
CA ASN A 608 -4.65 26.11 25.06
C ASN A 608 -5.39 24.94 25.69
N ILE A 609 -6.26 25.26 26.65
CA ILE A 609 -7.16 24.28 27.25
C ILE A 609 -8.48 24.21 26.48
N MET A 610 -9.10 25.36 26.30
CA MET A 610 -10.27 25.48 25.44
C MET A 610 -10.28 26.91 24.92
N ALA A 611 -10.23 27.06 23.59
CA ALA A 611 -10.09 28.38 22.97
C ALA A 611 -11.51 28.92 22.76
N LEU A 612 -12.05 29.57 23.79
CA LEU A 612 -13.46 29.92 23.76
C LEU A 612 -13.72 31.22 23.00
N TYR A 613 -12.82 32.19 23.06
CA TYR A 613 -13.06 33.51 22.48
C TYR A 613 -11.86 33.97 21.66
N LEU A 614 -12.13 34.62 20.53
CA LEU A 614 -11.09 35.14 19.65
C LEU A 614 -11.43 36.57 19.22
N LYS A 615 -10.40 37.41 19.14
CA LYS A 615 -10.48 38.77 18.62
C LYS A 615 -9.16 39.09 17.91
N THR A 616 -9.23 39.97 16.91
CA THR A 616 -8.04 40.32 16.16
C THR A 616 -7.92 41.83 15.96
N LYS A 617 -6.70 42.24 15.60
CA LYS A 617 -6.39 43.61 15.18
C LYS A 617 -5.08 43.55 14.40
N GLY A 618 -5.14 43.86 13.11
CA GLY A 618 -3.93 43.72 12.30
C GLY A 618 -3.52 42.27 12.24
N ASP A 619 -2.25 41.98 12.54
CA ASP A 619 -1.74 40.62 12.57
C ASP A 619 -1.71 40.02 13.98
N PHE A 620 -2.30 40.69 14.97
CA PHE A 620 -2.33 40.21 16.35
C PHE A 620 -3.68 39.56 16.67
N ILE A 621 -3.65 38.52 17.50
CA ILE A 621 -4.83 37.74 17.88
C ILE A 621 -4.88 37.61 19.41
N LEU A 622 -6.04 37.87 20.00
CA LEU A 622 -6.27 37.69 21.43
C LEU A 622 -7.14 36.45 21.65
N VAL A 623 -6.64 35.50 22.42
CA VAL A 623 -7.30 34.23 22.65
C VAL A 623 -7.82 34.23 24.07
N GLY A 624 -9.15 34.00 24.23
CA GLY A 624 -9.75 33.87 25.52
C GLY A 624 -9.97 32.41 25.84
N ASP A 625 -9.39 31.96 26.94
CA ASP A 625 -9.38 30.55 27.30
C ASP A 625 -10.32 30.28 28.46
N LEU A 626 -10.71 29.01 28.58
CA LEU A 626 -11.67 28.62 29.60
C LEU A 626 -11.16 28.88 31.01
N MET A 627 -9.91 28.50 31.29
CA MET A 627 -9.37 28.67 32.63
C MET A 627 -8.01 29.36 32.68
N ARG A 628 -7.44 29.78 31.56
CA ARG A 628 -6.09 30.30 31.52
C ARG A 628 -6.08 31.76 31.05
N SER A 629 -7.14 32.49 31.36
CA SER A 629 -7.24 33.96 31.17
C SER A 629 -7.01 34.26 29.70
N VAL A 630 -6.14 35.20 29.34
CA VAL A 630 -6.03 35.69 27.97
C VAL A 630 -4.61 35.46 27.44
N LEU A 631 -4.52 35.32 26.11
CA LEU A 631 -3.27 35.08 25.39
C LEU A 631 -3.14 36.06 24.25
N LEU A 632 -1.92 36.51 23.95
CA LEU A 632 -1.65 37.37 22.80
C LEU A 632 -0.85 36.55 21.79
N LEU A 633 -1.49 36.17 20.69
CA LEU A 633 -0.87 35.48 19.57
C LEU A 633 -0.55 36.49 18.48
N ALA A 634 0.44 36.19 17.65
CA ALA A 634 0.76 37.01 16.49
C ALA A 634 1.03 36.16 15.26
N TYR A 635 0.46 36.57 14.13
CA TYR A 635 0.74 35.94 12.84
C TYR A 635 1.99 36.58 12.23
N LYS A 636 2.97 35.74 11.88
CA LYS A 636 4.22 36.19 11.30
C LYS A 636 4.26 35.88 9.82
N PRO A 637 3.87 36.81 8.96
CA PRO A 637 3.71 36.49 7.54
C PRO A 637 4.97 36.00 6.87
N MET A 638 6.13 36.41 7.36
CA MET A 638 7.38 36.00 6.73
C MET A 638 7.54 34.49 6.78
N GLU A 639 6.95 33.85 7.80
CA GLU A 639 7.16 32.44 8.07
C GLU A 639 5.94 31.58 7.85
N GLY A 640 4.74 32.16 7.94
CA GLY A 640 3.52 31.40 7.76
C GLY A 640 3.12 30.55 8.95
N ASN A 641 3.07 31.15 10.13
CA ASN A 641 2.74 30.43 11.36
C ASN A 641 2.42 31.44 12.47
N PHE A 642 2.17 30.93 13.67
CA PHE A 642 1.87 31.77 14.82
C PHE A 642 3.08 31.92 15.76
N GLU A 643 3.00 32.96 16.59
CA GLU A 643 3.99 33.23 17.64
C GLU A 643 3.25 33.64 18.91
N GLU A 644 3.78 33.25 20.06
CA GLU A 644 3.22 33.63 21.35
C GLU A 644 3.87 34.94 21.83
N ILE A 645 3.09 36.03 21.88
CA ILE A 645 3.67 37.29 22.33
C ILE A 645 3.68 37.34 23.86
N ALA A 646 2.55 37.05 24.49
CA ALA A 646 2.46 37.12 25.95
C ALA A 646 1.18 36.43 26.42
N ARG A 647 1.22 36.00 27.68
CA ARG A 647 0.11 35.32 28.33
C ARG A 647 -0.19 35.99 29.66
N ASP A 648 -1.43 35.85 30.12
CA ASP A 648 -1.80 36.23 31.49
C ASP A 648 -1.73 34.98 32.34
N PHE A 649 -0.64 34.82 33.09
CA PHE A 649 -0.50 33.60 33.86
C PHE A 649 -1.41 33.56 35.09
N ASN A 650 -2.04 34.69 35.45
CA ASN A 650 -3.01 34.68 36.53
C ASN A 650 -4.28 34.03 36.01
N PRO A 651 -4.69 32.87 36.54
CA PRO A 651 -5.79 32.12 35.90
C PRO A 651 -7.18 32.70 36.17
N ASN A 652 -7.95 32.89 35.10
CA ASN A 652 -9.34 33.33 35.24
C ASN A 652 -10.23 32.62 34.21
N TRP A 653 -11.50 32.44 34.60
CA TRP A 653 -12.53 31.84 33.75
C TRP A 653 -13.21 32.93 32.91
N MET A 654 -12.93 32.92 31.60
CA MET A 654 -13.36 34.00 30.73
C MET A 654 -14.81 33.82 30.28
N SER A 655 -15.53 34.94 30.18
CA SER A 655 -16.86 34.99 29.58
C SER A 655 -16.89 35.73 28.25
N ALA A 656 -15.97 36.67 28.06
CA ALA A 656 -15.84 37.44 26.82
C ALA A 656 -14.53 38.21 26.90
N VAL A 657 -13.96 38.53 25.73
CA VAL A 657 -12.73 39.30 25.66
C VAL A 657 -12.87 40.36 24.58
N GLU A 658 -12.01 41.37 24.67
CA GLU A 658 -11.95 42.42 23.67
C GLU A 658 -10.59 43.09 23.69
N ILE A 659 -10.20 43.62 22.53
CA ILE A 659 -8.96 44.36 22.36
C ILE A 659 -9.28 45.85 22.45
N LEU A 660 -8.56 46.56 23.32
CA LEU A 660 -8.72 48.01 23.45
C LEU A 660 -7.79 48.79 22.52
N ASP A 661 -6.50 48.45 22.52
CA ASP A 661 -5.53 49.03 21.60
C ASP A 661 -4.35 48.06 21.52
N ASP A 662 -3.32 48.45 20.76
CA ASP A 662 -2.26 47.50 20.46
C ASP A 662 -1.56 46.95 21.69
N ASP A 663 -1.74 47.57 22.86
CA ASP A 663 -1.08 47.12 24.08
C ASP A 663 -2.02 46.70 25.20
N ASN A 664 -3.25 47.21 25.24
CA ASN A 664 -4.18 46.93 26.33
C ASN A 664 -5.26 45.95 25.86
N PHE A 665 -5.65 45.04 26.76
CA PHE A 665 -6.64 44.01 26.45
C PHE A 665 -7.65 43.88 27.57
N LEU A 666 -8.93 43.75 27.20
CA LEU A 666 -10.03 43.74 28.14
C LEU A 666 -10.64 42.35 28.25
N GLY A 667 -10.98 41.96 29.48
CA GLY A 667 -11.55 40.65 29.73
C GLY A 667 -12.66 40.72 30.75
N ALA A 668 -13.51 39.69 30.73
CA ALA A 668 -14.64 39.58 31.64
C ALA A 668 -14.62 38.20 32.27
N GLU A 669 -14.80 38.16 33.59
CA GLU A 669 -14.69 36.93 34.36
C GLU A 669 -16.08 36.37 34.66
N ASN A 670 -16.11 35.06 34.91
CA ASN A 670 -17.36 34.42 35.31
C ASN A 670 -17.77 34.77 36.73
N ALA A 671 -16.93 35.50 37.46
CA ALA A 671 -17.24 36.00 38.78
C ALA A 671 -17.85 37.40 38.75
N PHE A 672 -18.24 37.88 37.57
CA PHE A 672 -18.81 39.22 37.38
C PHE A 672 -17.74 40.31 37.54
N ASN A 673 -16.52 40.02 37.09
CA ASN A 673 -15.40 40.94 37.18
C ASN A 673 -14.82 41.27 35.81
N LEU A 674 -14.32 42.50 35.69
CA LEU A 674 -13.64 43.00 34.51
C LEU A 674 -12.17 43.26 34.81
N PHE A 675 -11.29 42.95 33.86
CA PHE A 675 -9.87 43.22 34.01
C PHE A 675 -9.23 43.62 32.68
N VAL A 676 -8.10 44.36 32.80
CA VAL A 676 -7.32 44.84 31.66
C VAL A 676 -5.88 44.36 31.83
N CYS A 677 -5.34 43.77 30.76
CA CYS A 677 -3.96 43.31 30.72
C CYS A 677 -3.18 44.08 29.65
N GLN A 678 -1.89 44.30 29.90
CA GLN A 678 -1.06 45.05 28.98
C GLN A 678 0.28 44.33 28.75
N LYS A 679 0.93 44.65 27.63
CA LYS A 679 2.29 44.20 27.40
C LYS A 679 3.21 44.95 28.35
N ASP A 680 4.16 44.23 28.95
CA ASP A 680 4.92 44.83 30.04
C ASP A 680 5.72 46.04 29.56
N SER A 681 6.05 46.09 28.28
CA SER A 681 6.73 47.25 27.68
C SER A 681 7.96 47.64 28.50
N ALA A 682 8.62 46.64 29.06
CA ALA A 682 9.88 46.79 29.80
C ALA A 682 10.77 45.68 29.24
N ALA A 683 11.19 45.89 28.00
CA ALA A 683 11.80 44.83 27.18
C ALA A 683 13.30 44.71 27.41
N THR A 684 13.65 44.02 28.51
CA THR A 684 15.02 43.65 28.81
C THR A 684 15.24 42.16 28.60
N THR A 685 14.37 41.35 29.23
CA THR A 685 14.41 39.90 29.21
C THR A 685 13.14 39.36 28.58
N ASP A 686 13.27 38.26 27.81
CA ASP A 686 12.09 37.65 27.21
C ASP A 686 11.03 37.32 28.26
N GLU A 687 11.47 37.03 29.47
CA GLU A 687 10.56 36.69 30.55
C GLU A 687 9.63 37.85 30.89
N GLU A 688 10.12 39.08 30.82
CA GLU A 688 9.25 40.22 31.07
C GLU A 688 8.30 40.47 29.89
N ARG A 689 8.81 40.33 28.65
CA ARG A 689 7.99 40.62 27.48
C ARG A 689 6.80 39.68 27.37
N GLN A 690 6.96 38.43 27.80
CA GLN A 690 5.94 37.41 27.69
C GLN A 690 4.96 37.39 28.85
N HIS A 691 5.00 38.40 29.72
CA HIS A 691 4.07 38.51 30.84
C HIS A 691 3.10 39.64 30.55
N LEU A 692 1.83 39.31 30.39
CA LEU A 692 0.78 40.32 30.36
C LEU A 692 0.46 40.63 31.82
N GLN A 693 0.60 41.90 32.22
CA GLN A 693 0.40 42.28 33.61
C GLN A 693 -0.99 42.87 33.78
N GLU A 694 -1.74 42.37 34.77
CA GLU A 694 -3.11 42.82 34.98
C GLU A 694 -3.10 44.20 35.64
N VAL A 695 -3.08 45.24 34.80
CA VAL A 695 -3.03 46.61 35.29
C VAL A 695 -4.41 47.12 35.70
N GLY A 696 -5.49 46.48 35.25
CA GLY A 696 -6.83 46.90 35.59
C GLY A 696 -7.67 45.83 36.26
N LEU A 697 -8.34 46.18 37.37
CA LEU A 697 -9.24 45.26 38.06
C LEU A 697 -10.52 46.00 38.45
N PHE A 698 -11.66 45.36 38.25
CA PHE A 698 -12.94 46.03 38.50
C PHE A 698 -14.06 45.01 38.64
N HIS A 699 -14.79 45.07 39.76
CA HIS A 699 -15.97 44.22 39.95
C HIS A 699 -17.16 44.89 39.28
N LEU A 700 -17.63 44.31 38.17
CA LEU A 700 -18.74 44.91 37.44
C LEU A 700 -20.09 44.61 38.10
N GLY A 701 -20.29 43.37 38.53
CA GLY A 701 -21.57 42.94 39.05
C GLY A 701 -22.52 42.33 38.03
N GLU A 702 -22.14 42.31 36.76
CA GLU A 702 -22.92 41.73 35.69
C GLU A 702 -22.09 40.66 34.99
N PHE A 703 -22.77 39.79 34.24
CA PHE A 703 -22.12 38.72 33.49
C PHE A 703 -22.03 39.13 32.04
N VAL A 704 -20.81 39.35 31.55
CA VAL A 704 -20.59 39.91 30.22
C VAL A 704 -20.47 38.79 29.21
N ASN A 705 -21.41 38.71 28.27
CA ASN A 705 -21.32 37.71 27.22
C ASN A 705 -20.58 38.18 25.98
N VAL A 706 -20.70 39.47 25.65
CA VAL A 706 -20.22 39.97 24.37
C VAL A 706 -19.65 41.37 24.54
N PHE A 707 -18.45 41.58 24.00
CA PHE A 707 -17.86 42.89 23.81
C PHE A 707 -17.98 43.25 22.33
N CYS A 708 -18.18 44.53 22.04
CA CYS A 708 -18.45 44.96 20.68
C CYS A 708 -18.05 46.41 20.53
N HIS A 709 -17.14 46.69 19.59
CA HIS A 709 -16.73 48.07 19.34
C HIS A 709 -17.87 48.85 18.69
N GLY A 710 -18.10 50.06 19.19
CA GLY A 710 -19.10 50.94 18.60
C GLY A 710 -19.70 51.86 19.63
N SER A 711 -20.48 52.83 19.14
CA SER A 711 -21.21 53.77 19.96
C SER A 711 -22.57 54.08 19.32
N LEU A 712 -23.58 54.24 20.16
CA LEU A 712 -24.92 54.58 19.71
C LEU A 712 -25.13 56.09 19.57
N VAL A 713 -24.16 56.91 19.99
CA VAL A 713 -24.28 58.36 19.93
C VAL A 713 -24.06 58.87 18.51
N MET A 714 -24.66 60.02 18.20
CA MET A 714 -24.45 60.66 16.92
C MET A 714 -23.06 61.31 16.89
N GLN A 715 -22.05 60.58 16.43
CA GLN A 715 -20.70 61.09 16.40
C GLN A 715 -20.20 61.47 15.00
N ASN A 716 -21.05 61.39 13.98
CA ASN A 716 -20.65 61.78 12.62
C ASN A 716 -20.70 63.30 12.50
N LEU A 717 -19.58 63.95 12.86
CA LEU A 717 -19.44 65.42 12.80
C LEU A 717 -20.10 66.16 13.96
N GLY A 718 -21.02 65.50 14.65
CA GLY A 718 -21.55 66.03 15.90
C GLY A 718 -20.74 65.71 17.13
N GLU A 719 -19.57 65.10 16.97
CA GLU A 719 -18.79 64.58 18.09
C GLU A 719 -18.22 65.70 18.95
N THR A 720 -17.83 66.83 18.35
CA THR A 720 -17.17 67.95 19.05
C THR A 720 -15.92 67.35 19.71
N SER A 721 -15.87 67.24 21.03
CA SER A 721 -14.71 66.60 21.65
C SER A 721 -15.04 66.08 23.04
N THR A 722 -14.52 64.90 23.34
CA THR A 722 -14.67 64.24 24.63
C THR A 722 -13.31 63.85 25.20
N PRO A 723 -13.14 63.91 26.52
CA PRO A 723 -11.87 63.44 27.11
C PRO A 723 -11.65 61.95 26.91
N THR A 724 -12.72 61.17 26.90
CA THR A 724 -12.63 59.72 26.74
C THR A 724 -12.27 59.38 25.31
N GLN A 725 -11.48 58.32 25.13
CA GLN A 725 -11.07 57.90 23.79
C GLN A 725 -11.34 56.41 23.61
N GLY A 726 -12.02 56.08 22.51
CA GLY A 726 -12.43 54.72 22.22
C GLY A 726 -13.84 54.46 22.70
N SER A 727 -14.40 53.34 22.24
CA SER A 727 -15.77 52.98 22.62
C SER A 727 -16.00 51.49 22.45
N VAL A 728 -16.19 50.79 23.58
CA VAL A 728 -16.55 49.38 23.60
C VAL A 728 -17.87 49.26 24.34
N LEU A 729 -18.86 48.66 23.67
CA LEU A 729 -20.13 48.29 24.29
C LEU A 729 -20.08 46.83 24.72
N PHE A 730 -20.84 46.49 25.75
CA PHE A 730 -20.92 45.10 26.17
C PHE A 730 -22.31 44.76 26.69
N GLY A 731 -22.72 43.51 26.45
CA GLY A 731 -24.01 43.00 26.90
C GLY A 731 -23.85 41.96 27.99
N THR A 732 -24.87 41.85 28.85
CA THR A 732 -24.81 40.98 30.01
C THR A 732 -26.07 40.12 30.10
N VAL A 733 -26.08 39.22 31.09
CA VAL A 733 -27.18 38.28 31.23
C VAL A 733 -28.43 38.97 31.74
N ASN A 734 -28.27 39.97 32.62
CA ASN A 734 -29.41 40.64 33.20
C ASN A 734 -29.96 41.75 32.31
N GLY A 735 -29.51 41.83 31.06
CA GLY A 735 -29.96 42.84 30.12
C GLY A 735 -29.19 44.13 30.16
N MET A 736 -28.37 44.35 31.19
CA MET A 736 -27.55 45.54 31.31
C MET A 736 -26.62 45.68 30.11
N ILE A 737 -26.54 46.90 29.56
CA ILE A 737 -25.58 47.26 28.54
C ILE A 737 -24.66 48.35 29.10
N GLY A 738 -23.35 48.17 28.95
CA GLY A 738 -22.37 49.11 29.44
C GLY A 738 -21.43 49.57 28.34
N LEU A 739 -20.51 50.47 28.73
CA LEU A 739 -19.55 51.06 27.81
C LEU A 739 -18.24 51.27 28.55
N VAL A 740 -17.15 50.86 27.91
CA VAL A 740 -15.79 51.02 28.43
C VAL A 740 -15.05 51.96 27.50
N THR A 741 -14.25 52.86 28.08
CA THR A 741 -13.44 53.79 27.29
C THR A 741 -12.18 54.14 28.06
N SER A 742 -11.17 54.63 27.34
CA SER A 742 -9.88 54.93 27.92
C SER A 742 -9.73 56.42 28.26
N LEU A 743 -8.81 56.68 29.20
CA LEU A 743 -8.52 58.03 29.67
C LEU A 743 -7.03 58.30 29.59
N SER A 744 -6.67 59.58 29.59
CA SER A 744 -5.28 59.97 29.80
C SER A 744 -4.95 59.90 31.29
N GLU A 745 -3.65 59.72 31.60
CA GLU A 745 -3.28 59.64 33.01
C GLU A 745 -3.82 60.83 33.78
N SER A 746 -3.77 62.02 33.18
CA SER A 746 -4.30 63.22 33.82
C SER A 746 -5.78 63.11 34.14
N TRP A 747 -6.58 62.63 33.19
CA TRP A 747 -8.02 62.61 33.39
C TRP A 747 -8.42 61.56 34.42
N TYR A 748 -7.76 60.40 34.39
CA TYR A 748 -8.00 59.38 35.40
C TYR A 748 -7.79 59.93 36.79
N ASN A 749 -6.62 60.52 37.04
CA ASN A 749 -6.30 61.00 38.39
C ASN A 749 -7.36 61.98 38.87
N LEU A 750 -7.76 62.92 38.01
CA LEU A 750 -8.83 63.84 38.37
C LEU A 750 -10.09 63.09 38.75
N LEU A 751 -10.55 62.19 37.87
CA LEU A 751 -11.80 61.49 38.14
C LEU A 751 -11.68 60.56 39.34
N LEU A 752 -10.52 59.91 39.48
CA LEU A 752 -10.31 59.03 40.64
C LEU A 752 -10.32 59.83 41.94
N ASP A 753 -9.54 60.92 42.00
CA ASP A 753 -9.52 61.76 43.19
C ASP A 753 -10.93 62.23 43.53
N MET A 754 -11.73 62.52 42.51
CA MET A 754 -13.10 62.95 42.74
C MET A 754 -13.96 61.82 43.30
N GLN A 755 -13.72 60.58 42.85
CA GLN A 755 -14.48 59.46 43.39
C GLN A 755 -14.31 59.36 44.90
N ASN A 756 -13.06 59.38 45.37
CA ASN A 756 -12.81 59.30 46.81
C ASN A 756 -13.50 60.43 47.55
N ARG A 757 -13.62 61.60 46.93
CA ARG A 757 -14.36 62.69 47.54
C ARG A 757 -15.87 62.41 47.53
N LEU A 758 -16.38 61.89 46.42
CA LEU A 758 -17.80 61.60 46.34
C LEU A 758 -18.22 60.49 47.31
N ASN A 759 -17.36 59.48 47.50
CA ASN A 759 -17.73 58.38 48.38
C ASN A 759 -17.90 58.84 49.82
N LYS A 760 -17.12 59.84 50.25
CA LYS A 760 -17.30 60.37 51.59
C LYS A 760 -18.59 61.19 51.71
N VAL A 761 -19.04 61.80 50.60
CA VAL A 761 -20.19 62.69 50.63
C VAL A 761 -21.49 61.94 50.42
N ILE A 762 -21.50 60.96 49.52
CA ILE A 762 -22.73 60.32 49.11
C ILE A 762 -23.08 59.23 50.12
N LYS A 763 -24.34 59.18 50.51
CA LYS A 763 -24.84 58.20 51.47
C LYS A 763 -25.31 56.96 50.74
N SER A 764 -24.71 55.82 51.07
CA SER A 764 -25.04 54.57 50.40
C SER A 764 -26.20 53.88 51.09
N VAL A 765 -27.06 53.25 50.29
CA VAL A 765 -28.14 52.45 50.86
C VAL A 765 -27.53 51.22 51.54
N GLY A 766 -27.93 50.98 52.77
CA GLY A 766 -27.33 49.91 53.55
C GLY A 766 -25.95 50.23 54.08
N LYS A 767 -25.46 51.45 53.88
CA LYS A 767 -24.14 51.85 54.34
C LYS A 767 -23.08 50.87 53.85
N ILE A 768 -23.16 50.55 52.55
CA ILE A 768 -22.18 49.66 51.90
C ILE A 768 -21.06 50.54 51.36
N GLU A 769 -19.83 50.24 51.76
CA GLU A 769 -18.69 50.99 51.24
C GLU A 769 -18.56 50.77 49.74
N HIS A 770 -18.50 51.88 48.99
CA HIS A 770 -18.36 51.79 47.54
C HIS A 770 -17.07 51.07 47.17
N SER A 771 -15.98 51.38 47.88
CA SER A 771 -14.71 50.71 47.61
C SER A 771 -14.83 49.21 47.77
N PHE A 772 -15.60 48.76 48.78
CA PHE A 772 -15.82 47.32 48.95
C PHE A 772 -16.56 46.73 47.76
N TRP A 773 -17.63 47.42 47.34
CA TRP A 773 -18.48 46.92 46.27
C TRP A 773 -17.69 46.66 44.99
N ARG A 774 -16.87 47.62 44.58
CA ARG A 774 -16.13 47.49 43.33
C ARG A 774 -14.85 46.68 43.45
N SER A 775 -14.53 46.16 44.63
CA SER A 775 -13.33 45.36 44.77
C SER A 775 -13.48 44.07 43.97
N PHE A 776 -12.45 43.72 43.20
CA PHE A 776 -12.40 42.44 42.51
C PHE A 776 -12.73 41.33 43.50
N HIS A 777 -13.57 40.39 43.09
CA HIS A 777 -14.05 39.41 44.07
C HIS A 777 -14.38 38.07 43.43
N THR A 778 -13.65 37.05 43.87
CA THR A 778 -13.98 35.65 43.67
C THR A 778 -14.10 34.96 45.04
N GLU A 779 -14.54 33.70 45.05
CA GLU A 779 -14.59 32.98 46.31
C GLU A 779 -13.23 32.93 46.99
N ARG A 780 -12.15 33.07 46.21
CA ARG A 780 -10.79 32.88 46.69
C ARG A 780 -10.01 34.17 46.86
N LYS A 781 -10.35 35.23 46.12
CA LYS A 781 -9.65 36.49 46.20
C LYS A 781 -10.57 37.68 46.36
N THR A 782 -10.05 38.74 46.98
CA THR A 782 -10.68 40.06 46.98
C THR A 782 -9.56 41.09 46.88
N GLU A 783 -9.52 41.82 45.77
CA GLU A 783 -8.53 42.86 45.54
C GLU A 783 -9.21 44.22 45.42
N PRO A 784 -8.51 45.30 45.79
CA PRO A 784 -9.06 46.63 45.53
C PRO A 784 -9.05 46.91 44.03
N ALA A 785 -10.06 47.62 43.58
CA ALA A 785 -10.15 47.95 42.16
C ALA A 785 -9.00 48.86 41.74
N THR A 786 -8.59 48.73 40.47
CA THR A 786 -7.53 49.57 39.95
C THR A 786 -7.69 49.76 38.45
N GLY A 787 -7.34 50.96 37.99
CA GLY A 787 -7.34 51.28 36.57
C GLY A 787 -8.70 51.56 35.97
N PHE A 788 -9.74 51.71 36.79
CA PHE A 788 -11.11 51.87 36.32
C PHE A 788 -11.77 52.98 37.11
N ILE A 789 -12.54 53.82 36.41
CA ILE A 789 -13.34 54.87 37.01
C ILE A 789 -14.80 54.42 36.96
N ASP A 790 -15.47 54.38 38.12
CA ASP A 790 -16.88 54.03 38.13
C ASP A 790 -17.68 55.23 37.60
N GLY A 791 -17.87 55.27 36.27
CA GLY A 791 -18.53 56.43 35.68
C GLY A 791 -19.92 56.66 36.22
N ASP A 792 -20.58 55.60 36.70
CA ASP A 792 -21.90 55.77 37.31
C ASP A 792 -21.81 56.50 38.64
N LEU A 793 -20.67 56.40 39.33
CA LEU A 793 -20.45 57.22 40.50
C LEU A 793 -20.15 58.66 40.08
N ILE A 794 -19.30 58.83 39.07
CA ILE A 794 -18.98 60.16 38.56
C ILE A 794 -20.24 60.85 38.06
N GLU A 795 -21.10 60.13 37.35
CA GLU A 795 -22.32 60.74 36.81
C GLU A 795 -23.35 61.02 37.88
N SER A 796 -23.14 60.59 39.13
CA SER A 796 -24.03 60.94 40.23
C SER A 796 -23.67 62.28 40.87
N PHE A 797 -22.50 62.84 40.55
CA PHE A 797 -22.16 64.18 41.03
C PHE A 797 -23.19 65.21 40.62
N LEU A 798 -23.79 65.04 39.44
CA LEU A 798 -24.78 66.00 38.96
C LEU A 798 -26.10 65.93 39.72
N ASP A 799 -26.32 64.87 40.52
CA ASP A 799 -27.57 64.66 41.21
C ASP A 799 -27.51 64.99 42.69
N ILE A 800 -26.34 65.37 43.22
CA ILE A 800 -26.21 65.65 44.65
C ILE A 800 -26.49 67.12 44.89
N SER A 801 -27.01 67.44 46.09
CA SER A 801 -27.43 68.80 46.38
C SER A 801 -26.24 69.75 46.33
N ARG A 802 -26.54 71.04 46.07
CA ARG A 802 -25.47 72.02 45.96
C ARG A 802 -24.52 72.01 47.14
N PRO A 803 -24.99 71.98 48.40
CA PRO A 803 -24.04 71.93 49.52
C PRO A 803 -23.02 70.82 49.39
N LYS A 804 -23.45 69.68 48.86
CA LYS A 804 -22.58 68.52 48.76
C LYS A 804 -21.60 68.66 47.60
N MET A 805 -22.02 69.30 46.51
CA MET A 805 -21.13 69.54 45.39
C MET A 805 -19.92 70.38 45.80
N GLN A 806 -20.17 71.49 46.50
CA GLN A 806 -19.07 72.37 46.90
C GLN A 806 -18.19 71.69 47.95
N GLU A 807 -18.78 70.87 48.82
CA GLU A 807 -17.98 70.08 49.75
C GLU A 807 -17.04 69.15 48.99
N VAL A 808 -17.49 68.64 47.85
CA VAL A 808 -16.67 67.71 47.07
C VAL A 808 -15.48 68.43 46.45
N VAL A 809 -15.69 69.64 45.96
CA VAL A 809 -14.63 70.33 45.20
C VAL A 809 -13.64 71.06 46.09
N ALA A 810 -13.88 71.11 47.39
CA ALA A 810 -12.98 71.80 48.30
C ALA A 810 -11.58 71.19 48.20
N ASN A 811 -10.59 72.05 47.96
CA ASN A 811 -9.19 71.65 47.94
C ASN A 811 -8.87 70.69 46.79
N LEU A 812 -9.60 70.77 45.68
CA LEU A 812 -9.40 69.87 44.55
C LEU A 812 -8.54 70.59 43.52
N GLN A 813 -7.44 69.95 43.13
CA GLN A 813 -6.45 70.50 42.21
C GLN A 813 -6.31 69.62 40.97
N TYR A 814 -6.06 70.26 39.83
CA TYR A 814 -5.89 69.57 38.55
C TYR A 814 -4.39 69.39 38.29
N ASP A 815 -4.05 68.50 37.34
CA ASP A 815 -2.63 68.23 37.06
C ASP A 815 -2.38 67.88 35.60
N ASP A 816 -1.15 68.19 35.15
CA ASP A 816 -0.74 67.99 33.76
C ASP A 816 -1.66 68.69 32.75
N GLY A 817 -1.92 69.97 33.01
CA GLY A 817 -2.81 70.70 32.15
C GLY A 817 -2.19 71.97 31.64
N SER A 818 -3.00 72.87 31.07
CA SER A 818 -2.51 74.19 30.70
C SER A 818 -1.88 74.85 31.92
N GLY A 819 -2.58 74.80 33.04
CA GLY A 819 -2.03 75.21 34.33
C GLY A 819 -1.75 73.94 35.13
N MET A 820 -0.56 73.89 35.73
CA MET A 820 -0.16 72.65 36.40
C MET A 820 -1.04 72.39 37.62
N LYS A 821 -1.15 73.35 38.54
CA LYS A 821 -2.12 73.25 39.63
C LYS A 821 -3.22 74.29 39.45
N ARG A 822 -4.47 73.82 39.42
CA ARG A 822 -5.64 74.63 39.12
C ARG A 822 -6.79 74.16 40.00
N GLU A 823 -7.28 75.05 40.88
CA GLU A 823 -8.37 74.70 41.77
C GLU A 823 -9.69 74.48 41.03
N ALA A 824 -10.49 73.52 41.51
CA ALA A 824 -11.79 73.22 40.94
C ALA A 824 -12.91 73.88 41.73
N THR A 825 -13.92 74.38 41.02
CA THR A 825 -15.16 74.89 41.61
C THR A 825 -16.29 73.90 41.32
N ALA A 826 -17.41 74.07 42.04
CA ALA A 826 -18.57 73.20 41.80
C ALA A 826 -19.09 73.32 40.36
N ASP A 827 -19.04 74.53 39.79
CA ASP A 827 -19.51 74.71 38.41
C ASP A 827 -18.53 74.15 37.39
N ASP A 828 -17.25 74.06 37.74
CA ASP A 828 -16.29 73.48 36.81
C ASP A 828 -16.57 71.98 36.60
N LEU A 829 -16.85 71.26 37.70
CA LEU A 829 -17.06 69.82 37.58
C LEU A 829 -18.40 69.49 36.93
N ILE A 830 -19.42 70.33 37.14
CA ILE A 830 -20.70 70.09 36.47
C ILE A 830 -20.50 70.11 34.96
N LYS A 831 -19.60 70.96 34.48
CA LYS A 831 -19.32 71.00 33.05
C LYS A 831 -18.60 69.73 32.58
N VAL A 832 -17.62 69.27 33.35
CA VAL A 832 -16.85 68.10 32.94
C VAL A 832 -17.73 66.86 32.92
N VAL A 833 -18.53 66.67 33.98
CA VAL A 833 -19.35 65.48 34.08
C VAL A 833 -20.39 65.47 32.95
N GLU A 834 -20.99 66.63 32.67
CA GLU A 834 -21.99 66.68 31.61
C GLU A 834 -21.42 66.30 30.25
N GLU A 835 -20.15 66.63 29.99
CA GLU A 835 -19.51 66.15 28.76
C GLU A 835 -19.34 64.63 28.81
N LEU A 836 -19.10 64.07 30.01
CA LEU A 836 -18.93 62.63 30.14
C LEU A 836 -20.25 61.88 29.99
N THR A 837 -21.38 62.55 30.23
CA THR A 837 -22.67 61.92 30.01
C THR A 837 -23.05 61.88 28.53
N ARG A 838 -22.28 62.56 27.67
CA ARG A 838 -22.57 62.62 26.24
C ARG A 838 -21.91 61.50 25.45
N ILE A 839 -21.20 60.59 26.10
CA ILE A 839 -20.67 59.41 25.42
C ILE A 839 -21.72 58.32 25.33
N HIS A 840 -22.89 58.53 25.91
CA HIS A 840 -23.97 57.56 25.83
C HIS A 840 -25.30 58.32 25.96
N THR B 7 23.91 6.33 25.54
CA THR B 7 22.88 5.65 26.31
C THR B 7 21.88 6.67 26.85
N GLU B 8 20.84 6.15 27.51
CA GLU B 8 19.80 7.01 28.08
C GLU B 8 20.32 7.88 29.22
N SER B 9 21.49 7.56 29.77
CA SER B 9 22.00 8.20 30.97
C SER B 9 22.90 9.38 30.68
N ASP B 10 23.29 9.57 29.41
CA ASP B 10 24.26 10.59 29.01
C ASP B 10 23.51 11.91 28.82
N TRP B 11 23.21 12.56 29.94
CA TRP B 11 22.43 13.79 29.94
C TRP B 11 23.28 14.99 29.55
N GLY B 12 22.59 16.06 29.15
CA GLY B 12 23.20 17.32 28.83
C GLY B 12 23.73 17.46 27.42
N LYS B 13 23.72 16.40 26.64
CA LYS B 13 24.22 16.43 25.26
C LYS B 13 23.11 16.55 24.23
N ARG B 14 22.02 15.80 24.38
CA ARG B 14 20.96 15.82 23.39
C ARG B 14 20.44 17.25 23.23
N CYS B 15 20.11 17.64 22.00
CA CYS B 15 19.72 19.01 21.74
C CYS B 15 18.21 19.20 21.87
N VAL B 16 17.81 20.42 22.23
CA VAL B 16 16.40 20.77 22.30
C VAL B 16 15.75 20.80 20.93
N ASP B 17 16.54 20.62 19.86
CA ASP B 17 15.96 20.45 18.53
C ASP B 17 14.95 19.31 18.53
N LYS B 18 15.17 18.33 19.39
CA LYS B 18 14.35 17.12 19.44
C LYS B 18 12.97 17.36 19.99
N PHE B 19 12.64 18.59 20.38
CA PHE B 19 11.32 18.94 20.87
C PHE B 19 10.76 20.06 20.03
N ASP B 20 9.50 19.90 19.61
CA ASP B 20 8.73 20.98 19.02
C ASP B 20 8.07 21.75 20.16
N ILE B 21 8.42 23.02 20.30
CA ILE B 21 7.92 23.83 21.40
C ILE B 21 6.48 24.25 21.09
N ILE B 22 5.59 24.03 22.05
CA ILE B 22 4.18 24.36 21.86
C ILE B 22 3.86 25.75 22.41
N GLY B 23 4.42 26.10 23.56
CA GLY B 23 4.18 27.40 24.14
C GLY B 23 4.76 27.48 25.53
N ILE B 24 4.54 28.63 26.16
CA ILE B 24 5.06 28.91 27.50
C ILE B 24 3.95 28.62 28.50
N ILE B 25 4.20 27.67 29.41
CA ILE B 25 3.19 27.28 30.40
C ILE B 25 3.37 28.00 31.73
N GLY B 26 4.50 28.63 32.00
CA GLY B 26 4.64 29.34 33.24
C GLY B 26 5.97 30.07 33.36
N GLU B 27 5.98 31.03 34.28
CA GLU B 27 7.19 31.73 34.67
C GLU B 27 7.79 30.93 35.84
N GLY B 28 8.99 30.39 35.66
CA GLY B 28 9.62 29.61 36.68
C GLY B 28 10.50 30.48 37.57
N THR B 29 11.24 29.81 38.45
CA THR B 29 12.16 30.53 39.31
C THR B 29 13.44 30.88 38.57
N TYR B 30 14.00 29.90 37.86
CA TYR B 30 15.28 30.03 37.20
C TYR B 30 15.14 30.17 35.69
N GLY B 31 13.92 30.12 35.17
CA GLY B 31 13.67 30.29 33.76
C GLY B 31 12.24 29.96 33.43
N GLN B 32 11.87 30.30 32.19
CA GLN B 32 10.51 30.02 31.74
C GLN B 32 10.29 28.52 31.57
N VAL B 33 9.05 28.10 31.77
CA VAL B 33 8.64 26.71 31.61
C VAL B 33 7.80 26.59 30.34
N TYR B 34 8.14 25.62 29.49
CA TYR B 34 7.50 25.46 28.20
C TYR B 34 6.87 24.07 28.07
N LYS B 35 5.79 24.00 27.30
CA LYS B 35 5.16 22.76 26.89
C LYS B 35 5.70 22.40 25.52
N ALA B 36 6.03 21.13 25.32
CA ALA B 36 6.66 20.72 24.06
C ALA B 36 6.29 19.28 23.75
N LYS B 37 6.52 18.91 22.49
CA LYS B 37 6.26 17.56 22.00
C LYS B 37 7.57 16.98 21.51
N ASP B 38 7.87 15.75 21.94
CA ASP B 38 9.05 15.05 21.46
C ASP B 38 8.85 14.66 20.01
N LYS B 39 9.80 15.05 19.15
CA LYS B 39 9.64 14.82 17.72
C LYS B 39 9.63 13.34 17.37
N ASP B 40 10.40 12.52 18.10
CA ASP B 40 10.56 11.12 17.74
C ASP B 40 9.40 10.28 18.26
N THR B 41 9.03 10.45 19.52
CA THR B 41 8.00 9.65 20.16
C THR B 41 6.61 10.27 20.10
N GLY B 42 6.51 11.58 20.02
CA GLY B 42 5.23 12.26 20.14
C GLY B 42 4.82 12.56 21.56
N GLU B 43 5.64 12.18 22.54
CA GLU B 43 5.29 12.44 23.93
C GLU B 43 5.26 13.93 24.19
N LEU B 44 4.31 14.36 25.02
CA LEU B 44 4.29 15.72 25.50
C LEU B 44 5.16 15.82 26.73
N VAL B 45 5.99 16.85 26.78
CA VAL B 45 6.93 17.05 27.88
C VAL B 45 6.78 18.50 28.32
N ALA B 46 7.37 18.79 29.47
CA ALA B 46 7.50 20.16 29.95
C ALA B 46 8.98 20.45 30.13
N LEU B 47 9.40 21.63 29.68
CA LEU B 47 10.81 22.01 29.69
C LEU B 47 10.98 23.20 30.62
N LYS B 48 11.71 23.00 31.72
CA LYS B 48 12.13 24.10 32.59
C LYS B 48 13.47 24.62 32.06
N LYS B 49 13.48 25.84 31.56
CA LYS B 49 14.70 26.43 30.99
C LYS B 49 15.60 26.93 32.11
N VAL B 50 16.87 26.56 32.06
CA VAL B 50 17.87 27.00 33.04
C VAL B 50 18.80 27.97 32.34
N ARG B 51 18.82 29.21 32.80
CA ARG B 51 19.66 30.25 32.22
C ARG B 51 20.82 30.49 33.17
N LEU B 52 22.04 30.23 32.69
CA LEU B 52 23.25 30.63 33.38
C LEU B 52 23.94 31.79 32.66
N ASP B 53 23.26 32.44 31.71
CA ASP B 53 23.87 33.58 31.05
C ASP B 53 24.13 34.71 32.04
N ASN B 54 23.35 34.80 33.12
CA ASN B 54 23.65 35.78 34.16
C ASN B 54 24.99 35.48 34.82
N GLU B 55 25.25 34.21 35.14
CA GLU B 55 26.53 33.77 35.70
C GLU B 55 26.92 34.54 36.95
N LYS B 56 25.97 35.17 37.64
CA LYS B 56 26.31 35.78 38.93
C LYS B 56 26.93 34.74 39.85
N GLU B 57 26.31 33.56 39.94
CA GLU B 57 26.87 32.41 40.64
C GLU B 57 26.79 31.16 39.77
N GLY B 58 26.71 31.32 38.45
CA GLY B 58 26.69 30.18 37.56
C GLY B 58 25.37 29.46 37.55
N PHE B 59 25.45 28.15 37.35
CA PHE B 59 24.25 27.31 37.33
C PHE B 59 23.48 27.50 38.63
N PRO B 60 22.18 27.82 38.57
CA PRO B 60 21.44 28.08 39.81
C PRO B 60 21.40 26.87 40.72
N ILE B 61 21.46 27.13 42.03
CA ILE B 61 21.35 26.04 42.99
C ILE B 61 19.93 25.49 43.01
N THR B 62 18.92 26.36 42.85
CA THR B 62 17.54 25.89 42.81
C THR B 62 17.38 24.74 41.81
N ALA B 63 17.98 24.89 40.62
CA ALA B 63 17.93 23.82 39.63
C ALA B 63 18.81 22.64 40.06
N ILE B 64 19.98 22.93 40.63
CA ILE B 64 20.86 21.87 41.10
C ILE B 64 20.15 20.98 42.11
N ARG B 65 19.35 21.58 42.99
CA ARG B 65 18.60 20.78 43.95
C ARG B 65 17.60 19.87 43.27
N GLU B 66 16.91 20.39 42.25
CA GLU B 66 15.86 19.62 41.59
C GLU B 66 16.43 18.46 40.79
N ILE B 67 17.63 18.63 40.24
CA ILE B 67 18.30 17.57 39.51
C ILE B 67 18.85 16.52 40.47
N LYS B 68 19.51 16.97 41.53
CA LYS B 68 20.11 16.06 42.51
C LYS B 68 19.05 15.18 43.15
N ILE B 69 17.87 15.73 43.44
CA ILE B 69 16.86 15.01 44.20
C ILE B 69 15.96 14.18 43.31
N LEU B 70 15.51 14.72 42.18
CA LEU B 70 14.53 14.03 41.35
C LEU B 70 15.14 12.89 40.53
N ARG B 71 16.47 12.80 40.45
CA ARG B 71 17.09 11.58 39.94
C ARG B 71 17.20 10.50 41.01
N GLN B 72 16.96 10.84 42.28
CA GLN B 72 16.91 9.84 43.35
C GLN B 72 15.50 9.38 43.67
N LEU B 73 14.50 10.24 43.46
CA LEU B 73 13.14 9.98 43.92
C LEU B 73 12.31 9.40 42.79
N ILE B 74 11.79 8.19 43.03
CA ILE B 74 10.96 7.48 42.07
C ILE B 74 9.69 7.06 42.79
N HIS B 75 8.58 7.75 42.50
CA HIS B 75 7.28 7.42 43.09
C HIS B 75 6.20 7.91 42.15
N ARG B 76 5.05 7.23 42.18
CA ARG B 76 3.97 7.61 41.27
C ARG B 76 3.52 9.05 41.50
N SER B 77 3.68 9.55 42.72
CA SER B 77 3.20 10.87 43.08
C SER B 77 4.32 11.90 43.10
N VAL B 78 5.49 11.56 42.55
CA VAL B 78 6.59 12.49 42.44
C VAL B 78 6.88 12.73 40.97
N VAL B 79 6.91 14.01 40.56
CA VAL B 79 7.16 14.35 39.18
C VAL B 79 8.48 13.75 38.73
N ASN B 80 8.54 13.33 37.48
CA ASN B 80 9.70 12.64 36.93
C ASN B 80 10.47 13.58 36.02
N MET B 81 11.78 13.68 36.26
CA MET B 81 12.68 14.40 35.35
C MET B 81 13.21 13.41 34.33
N LYS B 82 12.86 13.61 33.05
CA LYS B 82 13.20 12.59 32.06
C LYS B 82 14.64 12.74 31.55
N GLU B 83 15.09 13.95 31.26
CA GLU B 83 16.47 14.15 30.80
C GLU B 83 16.78 15.64 30.84
N ILE B 84 18.01 15.99 30.47
CA ILE B 84 18.45 17.37 30.36
C ILE B 84 19.04 17.55 28.97
N VAL B 85 18.56 18.57 28.26
CA VAL B 85 18.97 18.84 26.88
C VAL B 85 19.47 20.27 26.82
N THR B 86 20.16 20.59 25.75
CA THR B 86 20.85 21.86 25.62
C THR B 86 20.52 22.55 24.31
N ASP B 87 20.71 23.87 24.32
CA ASP B 87 20.69 24.67 23.11
C ASP B 87 21.83 24.25 22.20
N LYS B 88 21.69 24.53 20.91
CA LYS B 88 22.81 24.25 20.02
C LYS B 88 24.04 24.95 20.61
N GLN B 89 25.06 24.18 20.96
CA GLN B 89 26.23 24.75 21.60
C GLN B 89 27.12 25.42 20.56
N ASP B 90 27.89 26.41 20.99
CA ASP B 90 28.76 27.09 20.05
C ASP B 90 29.77 26.08 19.54
N ALA B 91 30.06 26.12 18.25
CA ALA B 91 30.94 25.12 17.67
C ALA B 91 32.38 25.38 18.08
N LEU B 92 33.04 24.33 18.58
CA LEU B 92 34.44 24.35 19.01
C LEU B 92 34.85 25.39 20.05
N ASP B 93 33.92 26.21 20.55
CA ASP B 93 34.22 27.11 21.67
C ASP B 93 33.52 26.63 22.93
N PHE B 94 34.28 26.54 24.05
CA PHE B 94 33.64 26.19 25.32
C PHE B 94 33.38 27.42 26.20
N LYS B 95 33.94 28.59 25.83
CA LYS B 95 33.74 29.84 26.56
C LYS B 95 32.65 30.77 26.00
N LYS B 96 32.52 30.90 24.68
CA LYS B 96 31.50 31.80 24.14
C LYS B 96 30.12 31.20 24.24
N ASP B 97 30.03 29.93 24.62
CA ASP B 97 28.75 29.26 24.72
C ASP B 97 27.98 29.82 25.92
N LYS B 98 26.89 30.51 25.63
CA LYS B 98 25.95 30.98 26.64
C LYS B 98 24.63 30.25 26.54
N GLY B 99 24.58 29.20 25.73
CA GLY B 99 23.33 28.50 25.54
C GLY B 99 22.85 27.91 26.85
N ALA B 100 21.55 27.69 26.92
CA ALA B 100 20.93 27.29 28.16
C ALA B 100 20.71 25.77 28.16
N PHE B 101 20.35 25.26 29.33
CA PHE B 101 19.99 23.87 29.52
C PHE B 101 18.50 23.82 29.81
N TYR B 102 17.89 22.67 29.53
CA TYR B 102 16.46 22.48 29.71
C TYR B 102 16.24 21.19 30.49
N LEU B 103 15.45 21.27 31.56
CA LEU B 103 15.09 20.11 32.35
C LEU B 103 13.78 19.53 31.82
N VAL B 104 13.84 18.31 31.28
CA VAL B 104 12.70 17.72 30.61
C VAL B 104 11.88 16.95 31.64
N PHE B 105 10.62 17.34 31.81
CA PHE B 105 9.69 16.67 32.68
C PHE B 105 8.51 16.16 31.86
N GLU B 106 7.80 15.20 32.42
CA GLU B 106 6.49 14.83 31.93
C GLU B 106 5.57 16.04 31.99
N TYR B 107 4.71 16.19 30.99
CA TYR B 107 3.74 17.28 30.97
C TYR B 107 2.51 16.87 31.76
N MET B 108 2.12 17.70 32.74
CA MET B 108 0.90 17.49 33.52
C MET B 108 -0.19 18.40 33.01
N ASP B 109 -1.42 17.88 32.95
CA ASP B 109 -2.51 18.61 32.29
C ASP B 109 -2.80 19.93 33.01
N HIS B 110 -2.96 19.87 34.33
CA HIS B 110 -3.35 21.05 35.09
C HIS B 110 -2.53 21.14 36.37
N ASP B 111 -2.50 22.34 36.93
CA ASP B 111 -2.00 22.58 38.28
C ASP B 111 -3.18 22.93 39.18
N LEU B 112 -3.07 22.56 40.45
CA LEU B 112 -4.22 22.66 41.34
C LEU B 112 -4.68 24.11 41.50
N MET B 113 -3.74 25.04 41.64
CA MET B 113 -4.12 26.44 41.75
C MET B 113 -5.03 26.85 40.60
N GLY B 114 -4.63 26.49 39.37
CA GLY B 114 -5.45 26.79 38.22
C GLY B 114 -6.84 26.20 38.30
N LEU B 115 -6.93 24.95 38.74
CA LEU B 115 -8.23 24.27 38.77
C LEU B 115 -9.19 24.96 39.73
N LEU B 116 -8.68 25.41 40.87
CA LEU B 116 -9.56 26.06 41.84
C LEU B 116 -9.76 27.54 41.56
N GLU B 117 -8.69 28.31 41.38
CA GLU B 117 -8.85 29.75 41.23
C GLU B 117 -9.89 30.03 40.15
N SER B 118 -9.73 29.40 39.00
CA SER B 118 -10.66 29.50 37.89
C SER B 118 -11.51 28.24 37.79
N GLY B 119 -12.79 28.44 37.50
CA GLY B 119 -13.74 27.36 37.37
C GLY B 119 -14.11 26.60 38.62
N LEU B 120 -15.35 26.12 38.62
CA LEU B 120 -15.88 25.39 39.76
C LEU B 120 -15.55 23.93 39.50
N VAL B 121 -14.49 23.45 40.11
CA VAL B 121 -14.16 22.04 40.04
C VAL B 121 -14.85 21.46 41.27
N HIS B 122 -15.61 20.40 41.09
CA HIS B 122 -16.33 19.83 42.20
C HIS B 122 -15.45 18.75 42.81
N PHE B 123 -15.37 18.76 44.14
CA PHE B 123 -14.58 17.80 44.88
C PHE B 123 -15.50 17.11 45.87
N SER B 124 -15.84 15.86 45.59
CA SER B 124 -16.60 15.06 46.54
C SER B 124 -15.66 14.49 47.58
N GLU B 125 -16.23 13.85 48.60
CA GLU B 125 -15.39 13.22 49.60
C GLU B 125 -14.40 12.25 48.95
N ASP B 126 -14.89 11.39 48.05
CA ASP B 126 -14.05 10.38 47.43
C ASP B 126 -12.95 11.00 46.56
N HIS B 127 -13.25 12.12 45.89
CA HIS B 127 -12.22 12.80 45.11
C HIS B 127 -11.11 13.32 46.01
N ILE B 128 -11.48 13.83 47.19
CA ILE B 128 -10.49 14.32 48.12
C ILE B 128 -9.68 13.17 48.71
N LYS B 129 -10.33 12.04 48.99
CA LYS B 129 -9.60 10.88 49.49
C LYS B 129 -8.52 10.45 48.51
N SER B 130 -8.88 10.29 47.24
CA SER B 130 -7.92 9.84 46.24
C SER B 130 -6.80 10.86 46.07
N PHE B 131 -7.13 12.15 46.18
CA PHE B 131 -6.14 13.21 46.06
C PHE B 131 -5.18 13.21 47.24
N MET B 132 -5.72 13.30 48.46
CA MET B 132 -4.85 13.36 49.64
C MET B 132 -4.01 12.09 49.78
N LYS B 133 -4.60 10.93 49.48
CA LYS B 133 -3.83 9.71 49.60
C LYS B 133 -2.61 9.70 48.70
N GLN B 134 -2.75 10.17 47.46
CA GLN B 134 -1.60 10.24 46.57
C GLN B 134 -0.58 11.27 47.07
N LEU B 135 -1.05 12.46 47.41
CA LEU B 135 -0.13 13.49 47.90
C LEU B 135 0.66 13.01 49.11
N MET B 136 -0.04 12.55 50.14
CA MET B 136 0.62 12.17 51.38
C MET B 136 1.50 10.95 51.19
N GLU B 137 1.09 10.02 50.33
CA GLU B 137 1.94 8.88 50.04
C GLU B 137 3.26 9.32 49.41
N GLY B 138 3.21 10.26 48.47
CA GLY B 138 4.44 10.80 47.93
C GLY B 138 5.28 11.47 48.99
N LEU B 139 4.64 12.28 49.84
CA LEU B 139 5.39 12.97 50.89
C LEU B 139 6.06 11.94 51.81
N GLU B 140 5.37 10.84 52.08
CA GLU B 140 5.96 9.79 52.89
C GLU B 140 7.17 9.17 52.20
N TYR B 141 7.08 8.96 50.89
CA TYR B 141 8.26 8.46 50.18
C TYR B 141 9.43 9.41 50.35
N CYS B 142 9.18 10.70 50.15
CA CYS B 142 10.24 11.69 50.30
C CYS B 142 10.72 11.76 51.74
N HIS B 143 9.80 11.74 52.70
CA HIS B 143 10.19 11.83 54.09
C HIS B 143 10.98 10.60 54.54
N LYS B 144 10.60 9.40 54.05
CA LYS B 144 11.39 8.21 54.38
C LYS B 144 12.79 8.33 53.82
N LYS B 145 12.93 9.01 52.67
CA LYS B 145 14.23 9.30 52.07
C LYS B 145 14.89 10.55 52.68
N ASN B 146 14.28 11.14 53.72
CA ASN B 146 14.87 12.24 54.48
C ASN B 146 15.08 13.50 53.63
N PHE B 147 14.06 13.86 52.86
CA PHE B 147 14.04 15.09 52.08
C PHE B 147 12.85 15.95 52.52
N LEU B 148 13.04 17.27 52.56
CA LEU B 148 11.95 18.18 52.91
C LEU B 148 11.61 19.07 51.72
N HIS B 149 10.34 19.05 51.30
CA HIS B 149 9.94 19.82 50.12
C HIS B 149 10.12 21.32 50.37
N ARG B 150 9.53 21.82 51.45
CA ARG B 150 9.72 23.16 51.98
C ARG B 150 9.01 24.24 51.18
N ASP B 151 8.34 23.90 50.07
CA ASP B 151 7.52 24.86 49.35
C ASP B 151 6.26 24.18 48.82
N ILE B 152 5.41 23.72 49.72
CA ILE B 152 4.17 23.06 49.35
C ILE B 152 3.10 24.15 49.21
N LYS B 153 2.66 24.38 47.98
CA LYS B 153 1.60 25.32 47.65
C LYS B 153 0.60 24.57 46.75
N CYS B 154 -0.55 25.20 46.49
CA CYS B 154 -1.49 24.57 45.58
C CYS B 154 -0.95 24.52 44.16
N SER B 155 -0.18 25.54 43.77
CA SER B 155 0.36 25.58 42.42
C SER B 155 1.37 24.48 42.17
N ASN B 156 2.05 23.99 43.21
CA ASN B 156 3.04 22.94 43.02
C ASN B 156 2.45 21.53 43.03
N ILE B 157 1.14 21.39 43.18
CA ILE B 157 0.50 20.08 43.10
C ILE B 157 -0.11 19.95 41.71
N LEU B 158 0.41 19.02 40.93
CA LEU B 158 0.01 18.81 39.55
C LEU B 158 -0.93 17.62 39.44
N LEU B 159 -1.85 17.71 38.49
CA LEU B 159 -2.92 16.72 38.36
C LEU B 159 -3.16 16.44 36.89
N ASN B 160 -3.05 15.17 36.51
CA ASN B 160 -3.44 14.77 35.17
C ASN B 160 -4.93 14.46 35.19
N ASN B 161 -5.56 14.50 34.01
CA ASN B 161 -7.00 14.26 33.99
C ASN B 161 -7.32 12.86 34.46
N SER B 162 -6.33 11.95 34.36
CA SER B 162 -6.44 10.58 34.83
C SER B 162 -6.59 10.48 36.33
N GLY B 163 -6.53 11.60 37.06
CA GLY B 163 -6.65 11.59 38.50
C GLY B 163 -5.33 11.41 39.22
N GLN B 164 -4.26 11.12 38.49
CA GLN B 164 -2.96 10.96 39.09
C GLN B 164 -2.45 12.31 39.59
N ILE B 165 -1.91 12.31 40.79
CA ILE B 165 -1.36 13.51 41.41
C ILE B 165 0.16 13.35 41.45
N LYS B 166 0.87 14.44 41.20
CA LYS B 166 2.32 14.41 41.30
C LYS B 166 2.80 15.73 41.89
N LEU B 167 3.75 15.65 42.82
CA LEU B 167 4.39 16.83 43.40
C LEU B 167 5.53 17.28 42.49
N ALA B 168 5.80 18.58 42.49
CA ALA B 168 6.52 19.14 41.35
C ALA B 168 7.75 20.02 41.59
N ASP B 169 7.61 21.12 42.33
CA ASP B 169 8.68 22.12 42.40
C ASP B 169 9.57 21.90 43.63
N PHE B 170 10.59 21.05 43.46
CA PHE B 170 11.60 20.75 44.46
C PHE B 170 12.76 21.74 44.47
N GLY B 171 12.54 23.00 44.09
CA GLY B 171 13.63 23.95 44.07
C GLY B 171 14.22 24.30 45.42
N LEU B 172 13.43 24.17 46.50
CA LEU B 172 13.86 24.58 47.82
C LEU B 172 14.10 23.39 48.74
N ALA B 173 14.20 22.18 48.18
CA ALA B 173 14.31 20.97 48.96
C ALA B 173 15.74 20.68 49.42
N ARG B 174 15.85 20.16 50.64
CA ARG B 174 17.13 19.86 51.28
C ARG B 174 16.98 18.66 52.21
N LEU B 175 18.10 17.96 52.44
CA LEU B 175 18.09 16.80 53.32
C LEU B 175 17.90 17.23 54.77
N TYR B 176 17.28 16.35 55.55
CA TYR B 176 17.00 16.59 56.96
C TYR B 176 17.68 15.50 57.78
N ASN B 177 18.50 15.90 58.76
CA ASN B 177 19.13 14.95 59.65
C ASN B 177 18.53 15.12 61.05
N SER B 178 17.93 14.06 61.56
CA SER B 178 17.39 14.06 62.91
C SER B 178 18.50 13.99 63.95
N GLU B 179 19.58 13.28 63.64
CA GLU B 179 20.73 13.21 64.52
C GLU B 179 21.43 14.56 64.65
N GLU B 180 21.72 15.22 63.54
CA GLU B 180 22.50 16.46 63.54
C GLU B 180 21.58 17.62 63.17
N SER B 181 21.08 18.35 64.17
CA SER B 181 20.30 19.56 63.91
C SER B 181 21.18 20.57 63.18
N ARG B 182 20.65 21.14 62.08
CA ARG B 182 21.39 22.06 61.24
C ARG B 182 20.72 23.42 61.14
N PRO B 183 21.51 24.49 60.97
CA PRO B 183 20.89 25.81 60.72
C PRO B 183 20.27 25.86 59.33
N TYR B 184 19.01 26.28 59.27
CA TYR B 184 18.30 26.39 57.99
C TYR B 184 17.82 27.81 57.66
N ASN B 186 15.00 30.44 57.40
CA ASN B 186 13.68 30.58 58.01
C ASN B 186 12.47 30.72 57.10
N LYS B 187 12.51 31.69 56.18
CA LYS B 187 11.39 31.93 55.27
C LYS B 187 11.44 30.94 54.10
N VAL B 188 10.71 29.83 54.22
CA VAL B 188 10.78 28.77 53.21
C VAL B 188 9.44 28.54 52.49
N ILE B 189 8.32 28.36 53.24
CA ILE B 189 7.03 28.11 52.58
C ILE B 189 6.31 29.45 52.34
N THR B 190 5.43 29.49 51.33
CA THR B 190 4.67 30.70 51.08
C THR B 190 3.75 30.99 52.26
N LEU B 191 3.51 32.29 52.51
CA LEU B 191 2.88 32.66 53.77
C LEU B 191 1.53 31.98 53.96
N TRP B 192 0.74 31.83 52.89
CA TRP B 192 -0.56 31.20 53.02
C TRP B 192 -0.47 29.76 53.54
N TYR B 193 0.58 29.04 53.17
CA TYR B 193 0.75 27.64 53.53
C TYR B 193 1.89 27.42 54.51
N ARG B 194 2.36 28.49 55.20
CA ARG B 194 3.51 28.41 56.10
C ARG B 194 3.09 27.91 57.48
N PRO B 195 3.93 27.11 58.14
CA PRO B 195 3.59 26.59 59.49
C PRO B 195 3.86 27.63 60.57
N PRO B 196 3.30 27.44 61.77
CA PRO B 196 3.54 28.44 62.83
C PRO B 196 4.99 28.51 63.29
N GLU B 197 5.68 27.38 63.40
CA GLU B 197 7.06 27.43 63.91
C GLU B 197 7.94 28.30 63.01
N LEU B 198 7.66 28.33 61.71
CA LEU B 198 8.42 29.15 60.79
C LEU B 198 7.93 30.59 60.74
N LEU B 199 6.71 30.85 61.22
CA LEU B 199 6.33 32.23 61.47
C LEU B 199 7.07 32.76 62.69
N LEU B 200 7.37 31.89 63.64
CA LEU B 200 8.16 32.27 64.80
C LEU B 200 9.65 32.02 64.58
N GLY B 201 10.06 31.53 63.41
CA GLY B 201 11.47 31.51 63.09
C GLY B 201 12.24 30.33 63.64
N GLU B 202 11.64 29.14 63.68
CA GLU B 202 12.35 27.98 64.23
C GLU B 202 13.77 27.90 63.66
N GLU B 203 13.88 27.82 62.35
CA GLU B 203 15.18 27.88 61.68
C GLU B 203 15.82 26.49 61.71
N ARG B 204 15.38 25.63 62.64
CA ARG B 204 15.78 24.22 62.63
C ARG B 204 14.49 23.43 62.46
N TYR B 205 13.97 23.38 61.25
CA TYR B 205 12.61 22.88 61.08
C TYR B 205 12.65 21.39 60.81
N THR B 206 11.57 20.73 61.18
CA THR B 206 11.32 19.31 61.05
C THR B 206 10.51 19.01 59.81
N PRO B 207 10.46 17.75 59.37
CA PRO B 207 9.57 17.40 58.25
C PRO B 207 8.12 17.77 58.50
N ALA B 208 7.74 18.08 59.73
CA ALA B 208 6.37 18.42 60.03
C ALA B 208 5.90 19.69 59.32
N ILE B 209 6.83 20.53 58.84
CA ILE B 209 6.42 21.74 58.13
C ILE B 209 5.59 21.38 56.90
N ASP B 210 6.00 20.34 56.17
CA ASP B 210 5.27 19.95 54.98
C ASP B 210 3.88 19.48 55.35
N VAL B 211 3.75 18.79 56.48
CA VAL B 211 2.45 18.25 56.87
C VAL B 211 1.47 19.39 57.09
N TRP B 212 1.91 20.47 57.71
CA TRP B 212 1.03 21.61 57.95
C TRP B 212 0.47 22.15 56.65
N SER B 213 1.33 22.30 55.64
CA SER B 213 0.89 22.79 54.35
C SER B 213 -0.18 21.87 53.75
N CYS B 214 0.06 20.58 53.76
CA CYS B 214 -0.89 19.64 53.19
C CYS B 214 -2.22 19.68 53.92
N GLY B 215 -2.19 19.97 55.22
CA GLY B 215 -3.43 20.17 55.95
C GLY B 215 -4.18 21.40 55.49
N CYS B 216 -3.46 22.52 55.31
CA CYS B 216 -4.09 23.73 54.80
C CYS B 216 -4.76 23.45 53.46
N ILE B 217 -4.16 22.56 52.66
CA ILE B 217 -4.79 22.12 51.43
C ILE B 217 -6.00 21.26 51.72
N LEU B 218 -5.87 20.33 52.69
CA LEU B 218 -7.00 19.46 53.01
C LEU B 218 -8.23 20.31 53.35
N GLY B 219 -8.05 21.31 54.20
CA GLY B 219 -9.15 22.21 54.49
C GLY B 219 -9.61 22.97 53.25
N GLU B 220 -8.66 23.46 52.45
CA GLU B 220 -9.01 24.22 51.25
C GLU B 220 -9.86 23.41 50.28
N LEU B 221 -9.62 22.11 50.18
CA LEU B 221 -10.40 21.30 49.25
C LEU B 221 -11.86 21.17 49.65
N PHE B 222 -12.17 21.34 50.94
CA PHE B 222 -13.53 21.23 51.41
C PHE B 222 -14.31 22.54 51.34
N THR B 223 -13.61 23.67 51.20
CA THR B 223 -14.26 24.97 51.04
C THR B 223 -14.03 25.60 49.68
N LYS B 224 -13.02 25.18 48.92
CA LYS B 224 -12.58 25.79 47.67
C LYS B 224 -11.93 27.14 47.90
N LYS B 225 -11.61 27.47 49.16
CA LYS B 225 -10.97 28.71 49.54
C LYS B 225 -9.82 28.40 50.50
N PRO B 226 -8.63 28.98 50.31
CA PRO B 226 -7.55 28.76 51.28
C PRO B 226 -7.99 29.16 52.69
N ILE B 227 -7.37 28.54 53.68
CA ILE B 227 -7.80 28.72 55.06
C ILE B 227 -7.20 29.96 55.69
N PHE B 228 -5.90 30.16 55.54
CA PHE B 228 -5.19 31.25 56.20
C PHE B 228 -4.67 32.16 55.10
N GLN B 229 -5.49 33.13 54.71
CA GLN B 229 -5.12 34.12 53.71
C GLN B 229 -4.73 35.39 54.45
N ALA B 230 -3.43 35.68 54.46
CA ALA B 230 -2.90 36.87 55.09
C ALA B 230 -1.71 37.32 54.25
N ASN B 231 -1.40 38.61 54.32
CA ASN B 231 -0.33 39.17 53.52
C ASN B 231 0.92 39.47 54.34
N LEU B 232 0.86 39.32 55.66
CA LEU B 232 1.98 39.62 56.54
C LEU B 232 2.18 38.46 57.52
N GLU B 233 3.42 38.29 57.98
CA GLU B 233 3.71 37.16 58.84
C GLU B 233 2.87 37.18 60.11
N LEU B 234 2.68 38.36 60.70
CA LEU B 234 1.90 38.45 61.93
C LEU B 234 0.44 38.11 61.67
N ALA B 235 -0.14 38.69 60.62
CA ALA B 235 -1.56 38.46 60.33
C ALA B 235 -1.88 37.00 60.12
N GLN B 236 -0.96 36.25 59.53
CA GLN B 236 -1.15 34.82 59.37
C GLN B 236 -1.26 34.15 60.74
N LEU B 237 -0.35 34.51 61.64
CA LEU B 237 -0.36 33.93 62.98
C LEU B 237 -1.66 34.26 63.73
N GLU B 238 -2.25 35.44 63.46
CA GLU B 238 -3.53 35.79 64.05
C GLU B 238 -4.63 34.89 63.49
N LEU B 239 -4.67 34.73 62.17
CA LEU B 239 -5.69 33.87 61.57
C LEU B 239 -5.53 32.43 62.03
N ILE B 240 -4.30 31.91 61.97
CA ILE B 240 -4.05 30.57 62.50
C ILE B 240 -4.51 30.50 63.95
N SER B 241 -4.25 31.55 64.73
CA SER B 241 -4.62 31.53 66.14
C SER B 241 -6.13 31.56 66.33
N ARG B 242 -6.84 32.34 65.50
CA ARG B 242 -8.30 32.36 65.64
C ARG B 242 -8.91 30.98 65.47
N LEU B 243 -8.21 30.09 64.76
CA LEU B 243 -8.73 28.76 64.47
C LEU B 243 -8.12 27.67 65.35
N CYS B 244 -6.78 27.62 65.40
CA CYS B 244 -6.08 26.52 66.07
C CYS B 244 -5.78 26.81 67.53
N GLY B 245 -5.96 28.03 67.99
CA GLY B 245 -5.53 28.42 69.31
C GLY B 245 -4.18 29.12 69.27
N SER B 246 -3.98 30.02 70.23
CA SER B 246 -2.73 30.76 70.27
C SER B 246 -1.60 29.88 70.75
N PRO B 247 -0.41 30.02 70.16
CA PRO B 247 0.76 29.31 70.69
C PRO B 247 1.01 29.69 72.15
N CYS B 248 1.11 28.67 73.01
CA CYS B 248 1.40 28.87 74.42
C CYS B 248 1.98 27.58 74.96
N PRO B 249 2.82 27.65 76.00
CA PRO B 249 3.45 26.44 76.53
C PRO B 249 2.44 25.36 76.89
N ALA B 250 1.19 25.76 77.15
CA ALA B 250 0.16 24.79 77.51
C ALA B 250 0.02 23.71 76.45
N VAL B 251 0.18 24.06 75.18
CA VAL B 251 0.00 23.13 74.08
C VAL B 251 1.28 22.89 73.28
N TRP B 252 2.34 23.65 73.55
CA TRP B 252 3.54 23.64 72.72
C TRP B 252 4.71 23.97 73.64
N PRO B 253 5.11 23.02 74.49
CA PRO B 253 6.03 23.34 75.59
C PRO B 253 7.25 24.15 75.15
N ASP B 254 7.72 23.93 73.94
CA ASP B 254 8.96 24.52 73.43
C ASP B 254 8.73 25.82 72.66
N VAL B 255 7.52 26.40 72.72
CA VAL B 255 7.27 27.63 71.99
C VAL B 255 8.12 28.76 72.57
N ILE B 256 8.45 28.68 73.86
CA ILE B 256 9.23 29.72 74.51
C ILE B 256 10.66 29.77 73.98
N ARG B 257 11.14 28.69 73.36
CA ARG B 257 12.47 28.70 72.79
C ARG B 257 12.56 29.40 71.44
N LEU B 258 11.43 29.77 70.85
CA LEU B 258 11.48 30.28 69.49
C LEU B 258 11.78 31.77 69.49
N PRO B 259 12.60 32.23 68.54
CA PRO B 259 13.00 33.64 68.57
C PRO B 259 11.86 34.63 68.81
N TYR B 260 10.76 34.50 68.09
CA TYR B 260 9.73 35.54 68.07
C TYR B 260 8.52 35.25 68.96
N PHE B 261 8.59 34.28 69.87
CA PHE B 261 7.40 33.93 70.65
C PHE B 261 6.87 35.13 71.44
N ASN B 262 7.75 35.80 72.18
CA ASN B 262 7.34 36.98 72.94
C ASN B 262 7.03 38.15 72.02
N THR B 263 7.69 38.24 70.87
CA THR B 263 7.46 39.35 69.95
C THR B 263 6.09 39.29 69.31
N MET B 264 5.76 38.17 68.66
CA MET B 264 4.56 38.07 67.82
C MET B 264 3.37 37.48 68.60
N LYS B 265 2.89 38.24 69.58
CA LYS B 265 1.69 37.78 70.29
C LYS B 265 0.42 38.09 69.50
N PRO B 266 -0.54 37.16 69.46
CA PRO B 266 -1.84 37.45 68.84
C PRO B 266 -2.71 38.32 69.74
N LYS B 267 -3.77 38.87 69.13
CA LYS B 267 -4.65 39.78 69.86
C LYS B 267 -5.09 39.20 71.19
N LYS B 268 -5.46 37.92 71.21
CA LYS B 268 -5.92 37.26 72.42
C LYS B 268 -5.17 35.94 72.57
N GLN B 269 -5.42 35.25 73.67
CA GLN B 269 -5.03 33.85 73.83
C GLN B 269 -6.27 33.06 73.44
N TYR B 270 -6.42 32.81 72.14
CA TYR B 270 -7.62 32.20 71.60
C TYR B 270 -7.68 30.72 71.97
N ARG B 271 -8.91 30.22 72.12
CA ARG B 271 -9.17 28.79 72.24
C ARG B 271 -9.31 28.16 70.86
N ARG B 272 -8.99 26.88 70.77
CA ARG B 272 -9.09 26.17 69.50
C ARG B 272 -10.54 25.94 69.12
N ARG B 273 -10.88 26.33 67.88
CA ARG B 273 -12.23 26.19 67.34
C ARG B 273 -12.26 25.32 66.08
N LEU B 274 -11.13 24.66 65.75
CA LEU B 274 -11.02 24.02 64.45
C LEU B 274 -12.21 23.12 64.17
N ARG B 275 -12.60 22.30 65.15
CA ARG B 275 -13.74 21.40 64.96
C ARG B 275 -15.06 22.14 64.79
N GLU B 276 -15.20 23.31 65.40
CA GLU B 276 -16.45 24.05 65.28
C GLU B 276 -16.57 24.73 63.91
N GLU B 277 -15.55 25.50 63.51
CA GLU B 277 -15.63 26.20 62.24
C GLU B 277 -15.53 25.25 61.05
N PHE B 278 -15.17 23.97 61.27
CA PHE B 278 -15.20 22.96 60.23
C PHE B 278 -16.20 21.85 60.51
N SER B 279 -17.28 22.15 61.22
CA SER B 279 -18.23 21.09 61.58
C SER B 279 -18.91 20.49 60.36
N PHE B 280 -18.84 21.14 59.20
CA PHE B 280 -19.46 20.61 57.99
C PHE B 280 -18.62 19.55 57.29
N ILE B 281 -17.44 19.23 57.81
CA ILE B 281 -16.54 18.25 57.20
C ILE B 281 -16.81 16.84 57.72
N PRO B 282 -16.60 15.79 56.92
CA PRO B 282 -16.79 14.42 57.43
C PRO B 282 -15.91 14.12 58.63
N SER B 283 -16.40 13.21 59.48
CA SER B 283 -15.71 12.93 60.74
C SER B 283 -14.29 12.43 60.50
N ALA B 284 -14.13 11.47 59.58
CA ALA B 284 -12.80 10.95 59.30
C ALA B 284 -11.88 12.06 58.83
N ALA B 285 -12.40 13.00 58.05
CA ALA B 285 -11.55 14.08 57.55
C ALA B 285 -11.22 15.08 58.64
N LEU B 286 -12.21 15.48 59.45
CA LEU B 286 -11.96 16.49 60.47
C LEU B 286 -10.86 16.04 61.43
N ASP B 287 -10.86 14.77 61.81
CA ASP B 287 -9.80 14.26 62.66
C ASP B 287 -8.43 14.37 61.98
N LEU B 288 -8.39 14.13 60.67
CA LEU B 288 -7.13 14.30 59.95
C LEU B 288 -6.70 15.77 59.96
N LEU B 289 -7.63 16.68 59.66
CA LEU B 289 -7.31 18.09 59.66
C LEU B 289 -6.81 18.53 61.03
N ASP B 290 -7.53 18.14 62.09
CA ASP B 290 -7.14 18.54 63.45
C ASP B 290 -5.73 18.07 63.79
N HIS B 291 -5.35 16.88 63.34
CA HIS B 291 -4.04 16.36 63.67
C HIS B 291 -2.95 17.03 62.83
N MET B 292 -3.23 17.26 61.54
CA MET B 292 -2.25 17.90 60.67
C MET B 292 -2.02 19.36 61.07
N LEU B 293 -3.07 20.05 61.50
CA LEU B 293 -2.96 21.45 61.89
C LEU B 293 -2.73 21.60 63.39
N THR B 294 -1.89 20.73 63.94
CA THR B 294 -1.46 20.83 65.34
C THR B 294 -0.32 21.83 65.48
N LEU B 295 -0.40 22.68 66.50
CA LEU B 295 0.55 23.78 66.63
C LEU B 295 1.97 23.25 66.86
N ASP B 296 2.13 22.31 67.78
CA ASP B 296 3.45 21.82 68.16
C ASP B 296 3.93 20.82 67.12
N PRO B 297 5.00 21.11 66.39
CA PRO B 297 5.43 20.18 65.33
C PRO B 297 5.80 18.80 65.83
N SER B 298 6.14 18.66 67.11
CA SER B 298 6.46 17.36 67.67
C SER B 298 5.21 16.58 68.06
N LYS B 299 4.06 17.23 68.14
CA LYS B 299 2.78 16.56 68.33
C LYS B 299 1.99 16.45 67.03
N ARG B 300 2.42 17.17 65.99
CA ARG B 300 1.81 17.07 64.68
C ARG B 300 2.15 15.73 64.03
N CYS B 301 1.12 15.06 63.51
CA CYS B 301 1.28 13.75 62.92
C CYS B 301 2.28 13.75 61.76
N THR B 302 2.78 12.57 61.43
CA THR B 302 3.67 12.37 60.29
C THR B 302 2.86 11.95 59.07
N ALA B 303 3.51 11.95 57.91
CA ALA B 303 2.83 11.49 56.70
C ALA B 303 2.37 10.05 56.84
N GLU B 304 3.23 9.18 57.40
CA GLU B 304 2.85 7.79 57.55
C GLU B 304 1.59 7.65 58.38
N GLN B 305 1.48 8.43 59.45
CA GLN B 305 0.31 8.34 60.32
C GLN B 305 -0.94 8.78 59.59
N THR B 306 -0.82 9.73 58.67
CA THR B 306 -1.99 10.16 57.89
C THR B 306 -2.49 9.04 56.98
N LEU B 307 -1.57 8.27 56.38
CA LEU B 307 -1.99 7.17 55.55
C LEU B 307 -2.60 6.04 56.37
N GLN B 308 -2.32 6.01 57.67
CA GLN B 308 -2.92 5.06 58.61
C GLN B 308 -4.00 5.75 59.43
N SER B 309 -4.88 6.48 58.73
CA SER B 309 -6.01 7.18 59.31
C SER B 309 -7.30 6.59 58.75
N ASP B 310 -8.38 6.70 59.55
CA ASP B 310 -9.68 6.22 59.10
C ASP B 310 -10.05 6.81 57.74
N PHE B 311 -9.54 8.01 57.45
CA PHE B 311 -9.91 8.70 56.22
C PHE B 311 -9.19 8.12 55.00
N LEU B 312 -7.89 7.84 55.12
CA LEU B 312 -7.09 7.38 53.99
C LEU B 312 -6.72 5.91 54.04
N LYS B 313 -6.83 5.28 55.21
CA LYS B 313 -6.36 3.91 55.38
C LYS B 313 -6.94 2.97 54.34
N ASP B 314 -8.26 3.03 54.15
CA ASP B 314 -8.97 2.06 53.32
C ASP B 314 -9.20 2.53 51.90
N VAL B 315 -8.66 3.69 51.53
CA VAL B 315 -8.84 4.17 50.16
C VAL B 315 -8.06 3.28 49.22
N GLU B 316 -8.73 2.72 48.22
CA GLU B 316 -8.06 1.85 47.27
C GLU B 316 -7.50 2.73 46.17
N LEU B 317 -6.17 2.73 46.01
CA LEU B 317 -5.56 3.58 45.00
C LEU B 317 -5.89 3.15 43.57
N SER B 318 -6.24 1.89 43.37
CA SER B 318 -6.56 1.45 42.01
C SER B 318 -7.74 2.23 41.44
N LYS B 319 -8.77 2.47 42.24
CA LYS B 319 -9.91 3.29 41.82
C LYS B 319 -9.51 4.76 41.87
N MET B 320 -8.99 5.26 40.75
CA MET B 320 -8.42 6.61 40.72
C MET B 320 -9.44 7.67 41.16
N ALA B 321 -10.69 7.54 40.73
CA ALA B 321 -11.70 8.55 41.03
C ALA B 321 -11.19 9.92 40.64
N PRO B 322 -11.34 10.31 39.38
CA PRO B 322 -10.87 11.62 38.94
C PRO B 322 -11.73 12.74 39.50
N PRO B 323 -11.19 13.95 39.64
CA PRO B 323 -12.02 15.10 40.03
C PRO B 323 -12.99 15.47 38.92
N ASP B 324 -14.14 16.03 39.32
CA ASP B 324 -15.17 16.38 38.35
C ASP B 324 -14.77 17.61 37.55
N LEU B 325 -14.68 17.45 36.22
CA LEU B 325 -14.33 18.54 35.33
C LEU B 325 -15.50 18.86 34.43
N PRO B 326 -15.97 20.11 34.39
CA PRO B 326 -17.21 20.41 33.62
C PRO B 326 -17.12 20.19 32.11
N HIS B 327 -16.12 20.77 31.46
CA HIS B 327 -15.90 20.73 30.00
C HIS B 327 -17.09 21.32 29.26
N TRP B 328 -17.66 20.63 28.26
CA TRP B 328 -18.65 21.24 27.36
C TRP B 328 -19.74 22.01 28.09
N GLN B 329 -20.26 21.48 29.21
CA GLN B 329 -21.39 22.14 29.84
C GLN B 329 -21.04 23.54 30.32
N ASP B 330 -19.83 23.75 30.81
CA ASP B 330 -19.47 25.03 31.38
C ASP B 330 -19.32 26.12 30.32
N CYS B 331 -19.08 25.76 29.06
CA CYS B 331 -18.78 26.76 28.05
C CYS B 331 -19.87 27.82 27.96
N HIS B 332 -21.13 27.39 27.90
CA HIS B 332 -22.27 28.30 27.93
C HIS B 332 -23.21 27.99 29.09
N GLU B 333 -23.34 28.95 30.00
CA GLU B 333 -24.15 28.76 31.20
C GLU B 333 -25.60 28.41 30.86
N THR C 24 19.23 4.53 32.42
CA THR C 24 18.82 5.17 33.67
C THR C 24 19.98 5.98 34.27
N LYS C 25 20.93 5.29 34.91
CA LYS C 25 22.09 5.94 35.53
C LYS C 25 23.40 5.50 34.89
N PRO C 26 24.39 6.39 34.86
CA PRO C 26 25.66 6.08 34.17
C PRO C 26 26.58 5.20 35.00
N CYS C 27 27.48 4.52 34.30
CA CYS C 27 28.46 3.64 34.94
C CYS C 27 29.73 4.43 35.16
N TRP C 28 30.15 4.54 36.42
CA TRP C 28 31.29 5.39 36.76
C TRP C 28 32.53 4.61 37.19
N TYR C 29 32.64 3.35 36.79
CA TYR C 29 33.75 2.54 37.26
C TYR C 29 34.45 1.87 36.09
N TRP C 30 35.77 1.98 36.08
CA TRP C 30 36.64 1.42 35.06
C TRP C 30 37.57 0.40 35.72
N ASP C 31 38.23 -0.40 34.88
CA ASP C 31 39.25 -1.35 35.34
C ASP C 31 40.62 -0.69 35.35
N LYS C 32 41.46 -1.11 36.31
CA LYS C 32 42.82 -0.58 36.40
C LYS C 32 43.48 -0.56 35.05
N LYS C 33 43.28 -1.64 34.27
CA LYS C 33 43.87 -1.72 32.94
C LYS C 33 43.38 -0.61 32.03
N ASP C 34 42.16 -0.13 32.23
CA ASP C 34 41.61 0.88 31.32
C ASP C 34 42.26 2.24 31.51
N LEU C 35 42.90 2.48 32.65
CA LEU C 35 43.47 3.79 32.93
C LEU C 35 44.67 4.12 32.06
N ALA C 36 45.28 3.11 31.41
CA ALA C 36 46.37 3.37 30.48
C ALA C 36 45.89 3.96 29.17
N HIS C 37 44.59 4.23 29.07
CA HIS C 37 43.97 4.80 27.87
C HIS C 37 43.13 6.02 28.21
N THR C 38 43.50 6.75 29.24
CA THR C 38 42.88 8.05 29.44
C THR C 38 43.36 8.99 28.34
N PRO C 39 42.57 10.01 27.99
CA PRO C 39 43.07 11.02 27.03
C PRO C 39 44.46 11.54 27.37
N SER C 40 44.72 11.77 28.66
CA SER C 40 46.02 12.26 29.09
C SER C 40 47.11 11.30 28.63
N GLN C 41 46.91 10.00 28.85
CA GLN C 41 47.91 9.03 28.42
C GLN C 41 48.14 9.09 26.92
N LEU C 42 47.07 9.16 26.13
CA LEU C 42 47.18 9.08 24.68
C LEU C 42 47.72 10.35 24.05
N GLU C 43 47.80 11.45 24.78
CA GLU C 43 48.47 12.64 24.30
C GLU C 43 49.94 12.69 24.72
N GLY C 44 50.49 11.57 25.17
CA GLY C 44 51.90 11.46 25.48
C GLY C 44 52.26 11.63 26.93
N LEU C 45 51.27 11.82 27.79
CA LEU C 45 51.52 11.86 29.23
C LEU C 45 51.75 10.45 29.74
N ASP C 46 52.77 10.27 30.57
CA ASP C 46 53.08 8.95 31.07
C ASP C 46 52.28 8.66 32.32
N PRO C 47 52.21 7.38 32.72
CA PRO C 47 51.36 7.04 33.87
C PRO C 47 51.75 7.75 35.16
N ALA C 48 53.06 7.84 35.44
CA ALA C 48 53.50 8.49 36.67
C ALA C 48 53.02 9.94 36.72
N THR C 49 53.12 10.65 35.60
CA THR C 49 52.76 12.06 35.59
C THR C 49 51.26 12.26 35.80
N GLU C 50 50.42 11.45 35.15
CA GLU C 50 48.99 11.59 35.38
C GLU C 50 48.64 11.29 36.84
N ALA C 51 49.28 10.26 37.41
CA ALA C 51 49.08 9.98 38.84
C ALA C 51 49.50 11.17 39.68
N ARG C 52 50.65 11.76 39.37
CA ARG C 52 51.10 12.96 40.08
C ARG C 52 50.09 14.09 39.89
N TYR C 53 49.68 14.32 38.64
CA TYR C 53 48.72 15.39 38.40
C TYR C 53 47.43 15.18 39.18
N ARG C 54 46.96 13.93 39.24
CA ARG C 54 45.74 13.66 39.99
C ARG C 54 45.96 13.91 41.48
N ARG C 55 47.10 13.46 42.00
CA ARG C 55 47.43 13.72 43.40
C ARG C 55 47.44 15.20 43.71
N GLU C 56 48.09 15.99 42.85
CA GLU C 56 48.19 17.43 43.09
C GLU C 56 46.85 18.11 42.95
N GLY C 57 46.08 17.74 41.92
CA GLY C 57 44.76 18.30 41.75
C GLY C 57 43.84 17.97 42.92
N ALA C 58 43.90 16.71 43.38
CA ALA C 58 43.12 16.32 44.55
C ALA C 58 43.57 17.09 45.79
N ARG C 59 44.89 17.09 46.07
CA ARG C 59 45.38 17.81 47.25
C ARG C 59 45.05 19.29 47.19
N PHE C 60 45.05 19.88 45.99
CA PHE C 60 44.61 21.26 45.82
C PHE C 60 43.16 21.44 46.26
N ILE C 61 42.25 20.63 45.73
CA ILE C 61 40.84 20.72 46.12
C ILE C 61 40.71 20.53 47.62
N PHE C 62 41.38 19.52 48.16
CA PHE C 62 41.31 19.25 49.59
C PHE C 62 41.77 20.43 50.41
N ASP C 63 42.92 20.99 50.06
CA ASP C 63 43.51 22.06 50.86
C ASP C 63 42.70 23.34 50.75
N VAL C 64 42.27 23.71 49.54
CA VAL C 64 41.48 24.92 49.36
C VAL C 64 40.21 24.86 50.19
N GLY C 65 39.44 23.79 50.03
CA GLY C 65 38.18 23.68 50.73
C GLY C 65 38.34 23.61 52.23
N THR C 66 39.45 23.03 52.69
CA THR C 66 39.73 23.01 54.13
C THR C 66 39.99 24.42 54.65
N ARG C 67 40.73 25.24 53.89
CA ARG C 67 40.96 26.63 54.32
C ARG C 67 39.65 27.39 54.39
N LEU C 68 38.69 27.06 53.51
CA LEU C 68 37.39 27.71 53.50
C LEU C 68 36.43 27.11 54.53
N GLY C 69 36.84 26.06 55.23
CA GLY C 69 36.00 25.47 56.25
C GLY C 69 34.96 24.50 55.75
N LEU C 70 35.24 23.79 54.66
CA LEU C 70 34.21 22.98 54.03
C LEU C 70 34.10 21.60 54.65
N HIS C 71 32.85 21.11 54.70
CA HIS C 71 32.54 19.77 55.15
C HIS C 71 33.32 18.73 54.35
N TYR C 72 33.58 17.58 54.97
CA TYR C 72 34.42 16.59 54.31
C TYR C 72 33.75 16.00 53.08
N ASP C 73 32.43 15.84 53.11
CA ASP C 73 31.72 15.36 51.92
C ASP C 73 31.89 16.32 50.76
N THR C 74 31.88 17.63 51.04
CA THR C 74 32.03 18.61 49.97
C THR C 74 33.40 18.48 49.30
N LEU C 75 34.45 18.29 50.10
CA LEU C 75 35.78 18.11 49.54
C LEU C 75 35.81 16.88 48.65
N ALA C 76 35.30 15.75 49.16
CA ALA C 76 35.35 14.50 48.40
C ALA C 76 34.57 14.61 47.10
N THR C 77 33.36 15.18 47.18
CA THR C 77 32.53 15.30 45.98
C THR C 77 33.27 16.06 44.87
N GLY C 78 33.91 17.16 45.22
CA GLY C 78 34.73 17.86 44.24
C GLY C 78 35.81 16.96 43.67
N ILE C 79 36.46 16.19 44.54
CA ILE C 79 37.53 15.31 44.10
C ILE C 79 37.00 14.22 43.18
N ILE C 80 35.81 13.70 43.46
CA ILE C 80 35.25 12.63 42.64
C ILE C 80 34.89 13.17 41.25
N TYR C 81 34.32 14.37 41.20
CA TYR C 81 34.11 15.04 39.92
C TYR C 81 35.42 15.18 39.17
N PHE C 82 36.45 15.64 39.87
CA PHE C 82 37.76 15.88 39.27
C PHE C 82 38.34 14.60 38.70
N HIS C 83 38.37 13.53 39.50
CA HIS C 83 38.88 12.25 39.04
C HIS C 83 38.09 11.74 37.84
N ARG C 84 36.77 11.89 37.85
CA ARG C 84 35.97 11.47 36.71
C ARG C 84 36.26 12.35 35.50
N PHE C 85 36.42 13.66 35.71
CA PHE C 85 36.64 14.59 34.61
C PHE C 85 37.78 14.12 33.72
N TYR C 86 38.91 13.76 34.31
CA TYR C 86 40.10 13.40 33.54
C TYR C 86 40.09 11.94 33.10
N MET C 87 38.93 11.27 33.17
CA MET C 87 38.67 10.10 32.37
C MET C 87 38.13 10.47 30.98
N PHE C 88 37.66 11.72 30.81
CA PHE C 88 37.11 12.16 29.54
C PHE C 88 37.90 13.28 28.87
N HIS C 89 38.91 13.84 29.53
CA HIS C 89 39.69 14.93 28.97
C HIS C 89 41.16 14.74 29.29
N SER C 90 42.01 15.49 28.58
CA SER C 90 43.45 15.41 28.77
C SER C 90 43.91 16.53 29.70
N PHE C 91 44.85 16.19 30.58
CA PHE C 91 45.44 17.21 31.44
C PHE C 91 46.16 18.29 30.65
N LYS C 92 46.57 18.00 29.40
CA LYS C 92 47.32 18.99 28.63
C LYS C 92 46.44 20.11 28.08
N GLN C 93 45.13 19.88 27.93
CA GLN C 93 44.21 20.88 27.40
C GLN C 93 43.34 21.53 28.46
N PHE C 94 43.27 20.96 29.66
CA PHE C 94 42.52 21.54 30.77
C PHE C 94 43.42 21.67 31.97
N PRO C 95 43.93 22.87 32.25
CA PRO C 95 44.81 23.06 33.41
C PRO C 95 44.16 22.56 34.69
N ARG C 96 44.91 21.77 35.46
CA ARG C 96 44.28 20.96 36.51
C ARG C 96 43.74 21.83 37.63
N TYR C 97 44.47 22.87 38.02
CA TYR C 97 44.05 23.66 39.17
C TYR C 97 42.81 24.49 38.86
N VAL C 98 42.60 24.85 37.59
CA VAL C 98 41.32 25.44 37.21
C VAL C 98 40.19 24.42 37.37
N THR C 99 40.39 23.23 36.80
CA THR C 99 39.41 22.16 36.93
C THR C 99 39.09 21.88 38.40
N GLY C 100 40.11 21.69 39.22
CA GLY C 100 39.87 21.42 40.63
C GLY C 100 39.01 22.49 41.28
N ALA C 101 39.38 23.76 41.09
CA ALA C 101 38.60 24.86 41.65
C ALA C 101 37.16 24.81 41.20
N CYS C 102 36.95 24.56 39.90
CA CYS C 102 35.60 24.44 39.36
C CYS C 102 34.85 23.27 40.01
N CYS C 103 35.51 22.11 40.13
CA CYS C 103 34.87 20.98 40.80
C CYS C 103 34.39 21.38 42.20
N LEU C 104 35.27 22.02 42.98
CA LEU C 104 34.92 22.41 44.33
C LEU C 104 33.75 23.40 44.33
N PHE C 105 33.75 24.35 43.39
CA PHE C 105 32.67 25.31 43.31
C PHE C 105 31.32 24.61 43.21
N LEU C 106 31.15 23.78 42.17
CA LEU C 106 29.91 23.05 42.01
C LEU C 106 29.66 22.12 43.19
N ALA C 107 30.70 21.43 43.65
CA ALA C 107 30.56 20.54 44.79
C ALA C 107 29.92 21.26 45.96
N GLY C 108 30.30 22.52 46.17
CA GLY C 108 29.68 23.31 47.21
C GLY C 108 28.19 23.49 47.00
N LYS C 109 27.77 23.78 45.77
CA LYS C 109 26.35 23.95 45.50
C LYS C 109 25.60 22.62 45.58
N VAL C 110 26.23 21.54 45.14
CA VAL C 110 25.56 20.24 45.20
C VAL C 110 25.34 19.82 46.65
N GLU C 111 26.38 19.91 47.48
CA GLU C 111 26.33 19.43 48.86
C GLU C 111 25.82 20.48 49.84
N GLU C 112 25.28 21.60 49.35
CA GLU C 112 24.68 22.65 50.18
C GLU C 112 25.67 23.22 51.20
N THR C 113 26.92 23.39 50.78
CA THR C 113 27.93 24.12 51.55
C THR C 113 28.55 25.16 50.61
N PRO C 114 27.72 26.05 50.07
CA PRO C 114 28.14 26.85 48.91
C PRO C 114 29.19 27.90 49.27
N LYS C 115 29.97 28.28 48.25
CA LYS C 115 30.93 29.37 48.36
C LYS C 115 30.88 30.21 47.11
N LYS C 116 31.21 31.49 47.25
CA LYS C 116 31.28 32.37 46.09
C LYS C 116 32.54 32.05 45.30
N CYS C 117 32.42 32.09 43.98
CA CYS C 117 33.58 31.78 43.15
C CYS C 117 34.76 32.67 43.50
N LYS C 118 34.51 33.95 43.76
CA LYS C 118 35.59 34.87 44.09
C LYS C 118 36.34 34.43 45.35
N ASP C 119 35.65 33.81 46.30
CA ASP C 119 36.31 33.37 47.52
C ASP C 119 37.23 32.17 47.27
N ILE C 120 36.83 31.27 46.37
CA ILE C 120 37.69 30.14 46.03
C ILE C 120 38.97 30.63 45.35
N ILE C 121 38.84 31.58 44.43
CA ILE C 121 40.01 32.12 43.74
C ILE C 121 40.96 32.73 44.76
N LYS C 122 40.42 33.55 45.68
CA LYS C 122 41.24 34.16 46.71
C LYS C 122 42.07 33.12 47.43
N THR C 123 41.42 32.03 47.87
CA THR C 123 42.14 31.00 48.59
C THR C 123 43.11 30.26 47.68
N ALA C 124 42.71 30.02 46.43
CA ALA C 124 43.61 29.36 45.50
C ALA C 124 44.87 30.18 45.28
N ARG C 125 44.73 31.51 45.21
CA ARG C 125 45.89 32.37 45.03
C ARG C 125 46.80 32.35 46.25
N SER C 126 46.20 32.29 47.45
CA SER C 126 47.01 32.22 48.66
C SER C 126 47.90 30.99 48.66
N LEU C 127 47.39 29.87 48.13
CA LEU C 127 48.08 28.60 48.26
C LEU C 127 48.95 28.26 47.06
N LEU C 128 48.67 28.83 45.88
CA LEU C 128 49.46 28.56 44.69
C LEU C 128 50.56 29.61 44.51
N ASN C 129 51.69 29.17 43.99
CA ASN C 129 52.76 30.12 43.68
C ASN C 129 52.36 30.87 42.42
N ASP C 130 53.27 31.70 41.89
CA ASP C 130 52.92 32.51 40.73
C ASP C 130 52.81 31.67 39.47
N VAL C 131 53.70 30.68 39.30
CA VAL C 131 53.64 29.83 38.11
C VAL C 131 52.32 29.07 38.08
N GLN C 132 51.99 28.43 39.20
CA GLN C 132 50.79 27.60 39.26
C GLN C 132 49.54 28.44 39.03
N PHE C 133 49.46 29.59 39.68
CA PHE C 133 48.31 30.44 39.47
C PHE C 133 48.25 30.96 38.05
N GLY C 134 49.33 30.80 37.27
CA GLY C 134 49.27 31.17 35.87
C GLY C 134 48.22 30.41 35.09
N GLN C 135 47.90 29.18 35.52
CA GLN C 135 46.88 28.41 34.82
C GLN C 135 45.55 29.13 34.75
N PHE C 136 45.23 29.96 35.74
CA PHE C 136 43.97 30.69 35.75
C PHE C 136 43.94 31.83 34.76
N GLY C 137 45.04 32.08 34.06
CA GLY C 137 45.04 33.07 33.02
C GLY C 137 44.79 34.46 33.57
N ASP C 138 44.30 35.33 32.68
CA ASP C 138 44.18 36.74 33.01
C ASP C 138 42.99 37.02 33.90
N ASP C 139 41.93 36.21 33.80
CA ASP C 139 40.71 36.37 34.58
C ASP C 139 40.44 35.05 35.27
N PRO C 140 40.93 34.88 36.51
CA PRO C 140 40.70 33.59 37.21
C PRO C 140 39.23 33.23 37.38
N LYS C 141 38.41 34.15 37.88
CA LYS C 141 36.99 33.83 38.07
C LYS C 141 36.35 33.36 36.77
N GLU C 142 36.67 34.04 35.66
CA GLU C 142 36.06 33.67 34.38
C GLU C 142 36.50 32.28 33.92
N GLU C 143 37.80 32.00 33.95
CA GLU C 143 38.27 30.69 33.49
C GLU C 143 37.56 29.56 34.23
N VAL C 144 37.15 29.81 35.48
CA VAL C 144 36.49 28.79 36.29
C VAL C 144 34.99 28.72 35.97
N MET C 145 34.30 29.87 36.02
CA MET C 145 32.84 29.85 35.82
C MET C 145 32.48 29.26 34.45
N VAL C 146 33.32 29.52 33.45
CA VAL C 146 33.07 29.02 32.09
C VAL C 146 33.16 27.50 32.04
N LEU C 147 34.04 26.92 32.85
CA LEU C 147 34.25 25.48 32.82
C LEU C 147 33.07 24.73 33.42
N GLU C 148 32.25 25.40 34.24
CA GLU C 148 31.10 24.75 34.86
C GLU C 148 30.23 24.08 33.80
N ARG C 149 30.03 24.74 32.66
CA ARG C 149 29.24 24.14 31.58
C ARG C 149 29.82 22.78 31.18
N ILE C 150 31.13 22.73 30.97
CA ILE C 150 31.76 21.50 30.52
C ILE C 150 31.67 20.42 31.60
N LEU C 151 31.98 20.78 32.85
CA LEU C 151 31.95 19.79 33.92
C LEU C 151 30.59 19.13 34.04
N LEU C 152 29.52 19.93 34.02
CA LEU C 152 28.18 19.39 34.19
C LEU C 152 27.83 18.39 33.11
N GLN C 153 28.16 18.69 31.86
CA GLN C 153 27.92 17.73 30.79
C GLN C 153 28.81 16.51 30.97
N THR C 154 30.05 16.72 31.41
CA THR C 154 31.00 15.62 31.54
C THR C 154 30.55 14.61 32.58
N ILE C 155 30.10 15.09 33.74
CA ILE C 155 29.63 14.20 34.80
C ILE C 155 28.20 13.75 34.50
N LYS C 156 27.70 14.08 33.31
CA LYS C 156 26.40 13.59 32.85
C LYS C 156 25.29 13.97 33.84
N PHE C 157 25.51 15.05 34.58
CA PHE C 157 24.56 15.57 35.56
C PHE C 157 24.25 14.58 36.68
N ASP C 158 25.16 13.64 36.95
CA ASP C 158 25.02 12.71 38.06
C ASP C 158 25.65 13.39 39.28
N LEU C 159 24.90 14.34 39.86
CA LEU C 159 25.43 15.17 40.93
C LEU C 159 25.55 14.40 42.25
N GLN C 160 24.65 13.47 42.51
CA GLN C 160 24.65 12.72 43.75
C GLN C 160 25.86 11.80 43.81
N VAL C 161 26.60 11.86 44.90
CA VAL C 161 27.77 11.00 45.08
C VAL C 161 27.80 10.52 46.52
N GLU C 162 28.09 9.24 46.70
CA GLU C 162 28.26 8.62 48.00
C GLU C 162 29.75 8.43 48.24
N HIS C 163 30.16 8.51 49.50
CA HIS C 163 31.57 8.49 49.84
C HIS C 163 31.84 7.44 50.90
N PRO C 164 33.08 6.90 50.96
CA PRO C 164 33.38 5.84 51.94
C PRO C 164 33.08 6.23 53.37
N TYR C 165 33.07 7.54 53.67
CA TYR C 165 32.91 7.97 55.06
C TYR C 165 31.64 7.40 55.67
N GLN C 166 30.50 7.56 54.98
CA GLN C 166 29.25 7.14 55.58
C GLN C 166 29.22 5.65 55.86
N PHE C 167 29.83 4.84 55.00
CA PHE C 167 29.83 3.39 55.21
C PHE C 167 30.79 2.99 56.31
N LEU C 168 31.91 3.70 56.44
CA LEU C 168 32.79 3.47 57.58
C LEU C 168 32.03 3.61 58.89
N LEU C 169 31.18 4.64 59.01
CA LEU C 169 30.44 4.86 60.24
C LEU C 169 29.25 3.91 60.38
N LYS C 170 28.48 3.71 59.31
CA LYS C 170 27.35 2.79 59.39
C LYS C 170 27.82 1.41 59.83
N TYR C 171 28.97 0.95 59.31
CA TYR C 171 29.46 -0.37 59.64
C TYR C 171 30.11 -0.40 61.03
N ALA C 172 30.86 0.65 61.38
CA ALA C 172 31.48 0.69 62.71
C ALA C 172 30.42 0.69 63.80
N LYS C 173 29.29 1.35 63.56
CA LYS C 173 28.24 1.41 64.58
C LYS C 173 27.76 0.03 64.96
N GLN C 174 27.85 -0.94 64.05
CA GLN C 174 27.44 -2.31 64.32
C GLN C 174 28.54 -3.14 64.95
N LEU C 175 29.70 -2.53 65.23
CA LEU C 175 30.75 -3.21 65.97
C LEU C 175 30.57 -2.92 67.45
N LYS C 176 30.65 -3.97 68.26
CA LYS C 176 30.52 -3.85 69.71
C LYS C 176 31.69 -4.56 70.36
N GLY C 177 32.33 -3.87 71.29
CA GLY C 177 33.52 -4.37 71.95
C GLY C 177 34.21 -3.21 72.66
N ASP C 178 35.53 -3.36 72.81
CA ASP C 178 36.38 -2.32 73.38
C ASP C 178 36.18 -0.98 72.68
N LYS C 179 35.63 0.01 73.39
CA LYS C 179 35.33 1.30 72.76
C LYS C 179 36.59 1.90 72.14
N ASN C 180 37.73 1.78 72.83
CA ASN C 180 38.95 2.45 72.42
C ASN C 180 39.60 1.78 71.23
N LYS C 181 39.53 0.45 71.16
CA LYS C 181 40.10 -0.26 70.01
C LYS C 181 39.31 0.04 68.75
N ILE C 182 37.99 0.13 68.86
CA ILE C 182 37.16 0.44 67.68
C ILE C 182 37.37 1.88 67.22
N GLN C 183 37.51 2.82 68.17
CA GLN C 183 37.74 4.20 67.76
C GLN C 183 39.11 4.36 67.11
N LYS C 184 40.12 3.62 67.58
CA LYS C 184 41.41 3.64 66.90
C LYS C 184 41.28 3.07 65.49
N LEU C 185 40.50 2.00 65.33
CA LEU C 185 40.27 1.46 64.00
C LEU C 185 39.58 2.49 63.11
N VAL C 186 38.60 3.20 63.64
CA VAL C 186 37.86 4.15 62.83
C VAL C 186 38.75 5.31 62.38
N GLN C 187 39.51 5.90 63.30
CA GLN C 187 40.35 7.03 62.91
C GLN C 187 41.42 6.60 61.92
N MET C 188 42.03 5.44 62.13
CA MET C 188 43.04 4.99 61.18
C MET C 188 42.43 4.76 59.81
N ALA C 189 41.24 4.15 59.76
CA ALA C 189 40.57 3.94 58.49
C ALA C 189 40.15 5.28 57.87
N TRP C 190 39.63 6.20 58.68
CA TRP C 190 39.25 7.51 58.18
C TRP C 190 40.41 8.19 57.48
N THR C 191 41.60 8.14 58.08
CA THR C 191 42.79 8.70 57.44
C THR C 191 43.06 8.00 56.11
N PHE C 192 42.88 6.68 56.07
CA PHE C 192 43.11 5.97 54.81
C PHE C 192 42.11 6.41 53.74
N VAL C 193 40.88 6.74 54.14
CA VAL C 193 39.91 7.26 53.18
C VAL C 193 40.39 8.59 52.60
N ASN C 194 40.81 9.51 53.47
CA ASN C 194 41.28 10.81 52.99
C ASN C 194 42.43 10.66 52.00
N ASP C 195 43.29 9.66 52.21
CA ASP C 195 44.44 9.46 51.36
C ASP C 195 44.08 8.81 50.04
N SER C 196 43.02 8.00 50.03
CA SER C 196 42.58 7.33 48.81
C SER C 196 41.95 8.30 47.82
N LEU C 197 41.52 9.48 48.27
CA LEU C 197 40.97 10.45 47.34
C LEU C 197 42.01 10.91 46.33
N CYS C 198 43.29 10.88 46.73
CA CYS C 198 44.35 11.20 45.80
C CYS C 198 44.58 10.11 44.76
N THR C 199 44.06 8.91 44.99
CA THR C 199 44.28 7.80 44.10
C THR C 199 43.08 7.64 43.18
N THR C 200 43.25 6.78 42.18
CA THR C 200 42.19 6.52 41.22
C THR C 200 41.20 5.47 41.70
N LEU C 201 41.35 5.02 42.95
CA LEU C 201 40.43 4.02 43.49
C LEU C 201 38.98 4.49 43.44
N SER C 202 38.76 5.80 43.61
CA SER C 202 37.41 6.35 43.47
C SER C 202 36.78 5.95 42.14
N LEU C 203 37.61 5.67 41.14
CA LEU C 203 37.14 5.33 39.81
C LEU C 203 37.09 3.82 39.57
N GLN C 204 37.63 3.01 40.48
CA GLN C 204 37.67 1.56 40.28
C GLN C 204 36.66 0.77 41.11
N TRP C 205 36.32 1.23 42.31
CA TRP C 205 35.52 0.43 43.23
C TRP C 205 34.48 1.32 43.90
N GLU C 206 33.29 0.77 44.10
CA GLU C 206 32.23 1.49 44.78
C GLU C 206 32.69 1.92 46.17
N PRO C 207 32.12 3.01 46.72
CA PRO C 207 32.57 3.47 48.04
C PRO C 207 32.35 2.45 49.15
N GLU C 208 31.27 1.67 49.09
CA GLU C 208 31.06 0.66 50.12
C GLU C 208 32.28 -0.24 50.27
N ILE C 209 32.86 -0.66 49.14
CA ILE C 209 34.02 -1.54 49.19
C ILE C 209 35.20 -0.81 49.83
N ILE C 210 35.38 0.46 49.48
CA ILE C 210 36.47 1.25 50.05
C ILE C 210 36.37 1.26 51.57
N ALA C 211 35.18 1.56 52.10
CA ALA C 211 35.00 1.58 53.54
C ALA C 211 35.42 0.27 54.17
N VAL C 212 35.03 -0.85 53.57
CA VAL C 212 35.42 -2.16 54.08
C VAL C 212 36.93 -2.33 53.95
N ALA C 213 37.49 -1.99 52.79
CA ALA C 213 38.93 -2.18 52.59
C ALA C 213 39.74 -1.45 53.64
N VAL C 214 39.37 -0.19 53.93
CA VAL C 214 40.12 0.57 54.91
C VAL C 214 39.95 -0.04 56.30
N MET C 215 38.77 -0.58 56.61
CA MET C 215 38.62 -1.32 57.86
C MET C 215 39.54 -2.53 57.90
N TYR C 216 39.63 -3.25 56.77
CA TYR C 216 40.48 -4.43 56.66
C TYR C 216 41.95 -4.09 56.87
N LEU C 217 42.38 -2.95 56.33
CA LEU C 217 43.77 -2.54 56.47
C LEU C 217 44.06 -2.02 57.87
N ALA C 218 43.19 -1.18 58.43
CA ALA C 218 43.40 -0.69 59.78
C ALA C 218 43.48 -1.85 60.77
N GLY C 219 42.59 -2.84 60.63
CA GLY C 219 42.62 -4.00 61.51
C GLY C 219 43.90 -4.80 61.38
N ARG C 220 44.35 -5.04 60.15
CA ARG C 220 45.57 -5.80 59.94
C ARG C 220 46.78 -5.09 60.54
N LEU C 221 46.79 -3.75 60.46
CA LEU C 221 47.90 -2.99 61.03
C LEU C 221 47.78 -2.87 62.55
N CYS C 222 46.57 -2.88 63.09
CA CYS C 222 46.37 -2.86 64.53
C CYS C 222 46.34 -4.24 65.16
N LYS C 223 46.52 -5.31 64.38
CA LYS C 223 46.47 -6.68 64.87
C LYS C 223 45.17 -6.97 65.62
N PHE C 224 44.08 -6.34 65.18
CA PHE C 224 42.73 -6.62 65.67
C PHE C 224 42.05 -7.69 64.81
N GLU C 225 41.18 -8.47 65.42
CA GLU C 225 40.36 -9.45 64.71
C GLU C 225 38.91 -8.97 64.74
N ILE C 226 38.51 -8.30 63.66
CA ILE C 226 37.22 -7.59 63.64
C ILE C 226 36.03 -8.53 63.79
N GLN C 227 36.13 -9.77 63.31
CA GLN C 227 34.97 -10.65 63.39
C GLN C 227 34.44 -10.71 64.80
N GLU C 228 35.34 -10.62 65.80
CA GLU C 228 34.92 -10.73 67.19
C GLU C 228 33.91 -9.66 67.57
N TRP C 229 33.99 -8.49 66.96
CA TRP C 229 33.07 -7.40 67.27
C TRP C 229 31.78 -7.46 66.47
N THR C 230 31.65 -8.41 65.53
CA THR C 230 30.44 -8.50 64.72
C THR C 230 29.36 -9.31 65.43
N SER C 231 28.14 -9.29 64.87
CA SER C 231 27.08 -10.17 65.36
C SER C 231 27.36 -11.64 65.01
N LYS C 232 28.31 -11.91 64.12
CA LYS C 232 28.69 -13.26 63.73
C LYS C 232 30.16 -13.44 64.06
N PRO C 233 30.49 -13.70 65.35
CA PRO C 233 31.89 -13.69 65.77
C PRO C 233 32.72 -14.84 65.22
N MET C 234 32.08 -15.89 64.69
CA MET C 234 32.79 -17.03 64.12
C MET C 234 32.76 -16.98 62.60
N TYR C 235 32.31 -15.86 62.04
CA TYR C 235 32.29 -15.60 60.60
C TYR C 235 33.57 -14.83 60.29
N ARG C 236 34.61 -15.57 59.87
CA ARG C 236 35.93 -14.97 59.75
C ARG C 236 35.99 -13.93 58.64
N ARG C 237 35.19 -14.08 57.59
CA ARG C 237 35.04 -13.05 56.56
C ARG C 237 33.99 -12.08 57.06
N TRP C 238 34.40 -11.24 58.01
CA TRP C 238 33.46 -10.38 58.71
C TRP C 238 32.74 -9.43 57.75
N TRP C 239 33.42 -8.98 56.70
CA TRP C 239 32.86 -7.95 55.85
C TRP C 239 31.66 -8.40 55.04
N GLU C 240 31.53 -9.70 54.78
CA GLU C 240 30.49 -10.15 53.84
C GLU C 240 29.09 -9.80 54.31
N GLN C 241 28.89 -9.64 55.61
CA GLN C 241 27.60 -9.19 56.14
C GLN C 241 27.34 -7.71 55.87
N PHE C 242 28.36 -6.95 55.49
CA PHE C 242 28.19 -5.54 55.13
C PHE C 242 28.13 -5.35 53.63
N VAL C 243 29.08 -5.95 52.91
CA VAL C 243 29.22 -5.81 51.47
C VAL C 243 29.26 -7.20 50.89
N GLN C 244 28.24 -7.55 50.11
CA GLN C 244 28.15 -8.88 49.54
C GLN C 244 29.01 -8.97 48.29
N ASP C 245 29.57 -10.16 48.06
CA ASP C 245 30.31 -10.47 46.83
C ASP C 245 31.63 -9.72 46.71
N VAL C 246 32.37 -9.59 47.80
CA VAL C 246 33.68 -8.94 47.70
C VAL C 246 34.75 -9.99 48.01
N PRO C 247 35.57 -10.38 47.04
CA PRO C 247 36.69 -11.27 47.34
C PRO C 247 37.80 -10.50 48.03
N VAL C 248 38.61 -11.23 48.80
CA VAL C 248 39.70 -10.60 49.51
C VAL C 248 40.66 -9.96 48.52
N ASP C 249 40.80 -10.57 47.34
CA ASP C 249 41.68 -10.03 46.31
C ASP C 249 41.40 -8.55 46.08
N VAL C 250 40.11 -8.19 45.96
CA VAL C 250 39.75 -6.80 45.75
C VAL C 250 40.21 -5.96 46.94
N LEU C 251 39.90 -6.42 48.15
CA LEU C 251 40.34 -5.70 49.34
C LEU C 251 41.85 -5.61 49.41
N GLU C 252 42.55 -6.68 49.03
CA GLU C 252 44.01 -6.65 49.06
C GLU C 252 44.55 -5.69 48.03
N ASP C 253 43.99 -5.70 46.82
CA ASP C 253 44.43 -4.75 45.80
C ASP C 253 44.25 -3.33 46.28
N ILE C 254 43.12 -3.03 46.91
CA ILE C 254 42.88 -1.68 47.41
C ILE C 254 43.91 -1.35 48.48
N CYS C 255 44.11 -2.26 49.43
CA CYS C 255 45.09 -2.04 50.49
C CYS C 255 46.47 -1.76 49.90
N HIS C 256 46.89 -2.55 48.92
CA HIS C 256 48.20 -2.36 48.32
C HIS C 256 48.34 -0.97 47.75
N GLN C 257 47.31 -0.48 47.06
CA GLN C 257 47.40 0.84 46.43
C GLN C 257 47.47 1.95 47.47
N ILE C 258 46.76 1.81 48.59
CA ILE C 258 46.81 2.86 49.60
C ILE C 258 48.20 2.91 50.24
N LEU C 259 48.72 1.76 50.67
CA LEU C 259 50.04 1.74 51.29
C LEU C 259 51.15 2.12 50.30
N ASP C 260 50.93 1.92 48.99
CA ASP C 260 51.94 2.33 48.03
C ASP C 260 52.20 3.84 48.12
N LEU C 261 51.14 4.62 48.34
CA LEU C 261 51.30 6.06 48.46
C LEU C 261 52.15 6.40 49.68
N TYR C 262 51.98 5.64 50.77
CA TYR C 262 52.75 5.90 51.99
C TYR C 262 54.22 5.53 51.83
N SER C 263 54.52 4.37 51.24
CA SER C 263 55.92 3.93 51.19
C SER C 263 56.76 4.80 50.25
N GLN C 264 56.21 5.18 49.09
CA GLN C 264 57.00 6.00 48.18
C GLN C 264 57.35 7.34 48.82
N GLY C 265 56.40 7.98 49.48
CA GLY C 265 56.70 9.22 50.16
C GLY C 265 57.52 8.94 51.42
N LYS C 266 57.77 10.01 52.17
CA LYS C 266 58.46 9.85 53.44
C LYS C 266 57.46 9.45 54.53
N GLN C 267 56.21 9.85 54.37
CA GLN C 267 55.17 9.57 55.35
C GLN C 267 55.00 8.08 55.60
N GLN C 268 54.57 7.74 56.81
CA GLN C 268 54.42 6.35 57.24
C GLN C 268 52.99 6.12 57.73
N MET C 269 52.65 4.85 57.98
CA MET C 269 51.30 4.49 58.40
C MET C 269 50.97 5.22 59.71
N PRO C 270 49.73 5.70 59.88
CA PRO C 270 49.47 6.57 61.05
C PRO C 270 49.67 5.91 62.40
N HIS C 271 49.16 4.69 62.58
CA HIS C 271 49.23 3.96 63.85
C HIS C 271 49.32 4.86 65.07
N MET D 5 55.11 -1.86 -32.11
CA MET D 5 55.49 -0.57 -32.80
C MET D 5 55.78 0.55 -31.79
N SER D 6 55.75 0.23 -30.49
CA SER D 6 56.00 1.22 -29.44
C SER D 6 57.44 1.15 -28.92
N TYR D 7 58.09 2.31 -28.83
CA TYR D 7 59.46 2.42 -28.36
C TYR D 7 59.55 3.48 -27.27
N ASN D 8 60.15 3.12 -26.13
CA ASN D 8 60.17 4.03 -24.99
C ASN D 8 61.55 4.07 -24.33
N TYR D 9 61.74 5.09 -23.50
CA TYR D 9 63.02 5.42 -22.86
C TYR D 9 62.71 5.71 -21.39
N VAL D 10 63.48 5.13 -20.49
CA VAL D 10 63.23 5.26 -19.05
C VAL D 10 64.51 5.70 -18.36
N VAL D 11 64.45 6.86 -17.69
CA VAL D 11 65.58 7.41 -16.96
C VAL D 11 65.17 7.67 -15.52
N THR D 12 66.18 7.70 -14.65
CA THR D 12 66.01 8.14 -13.27
C THR D 12 66.22 9.66 -13.18
N ALA D 13 65.25 10.36 -12.59
CA ALA D 13 65.40 11.78 -12.29
C ALA D 13 65.88 12.04 -10.87
N GLN D 14 65.40 11.27 -9.90
CA GLN D 14 65.87 11.34 -8.52
C GLN D 14 66.11 9.92 -8.05
N LYS D 15 67.31 9.65 -7.57
CA LYS D 15 67.66 8.29 -7.18
C LYS D 15 66.87 7.89 -5.93
N PRO D 16 66.80 6.60 -5.64
CA PRO D 16 66.11 6.15 -4.43
C PRO D 16 66.69 6.82 -3.19
N THR D 17 65.80 7.30 -2.32
CA THR D 17 66.20 7.97 -1.10
C THR D 17 65.92 7.16 0.15
N ALA D 18 64.96 6.22 0.11
CA ALA D 18 64.59 5.44 1.27
C ALA D 18 65.70 4.48 1.67
N VAL D 19 65.96 4.41 2.97
CA VAL D 19 66.95 3.50 3.53
C VAL D 19 66.32 2.13 3.74
N ASN D 20 66.90 1.10 3.14
CA ASN D 20 66.40 -0.26 3.23
C ASN D 20 67.25 -1.15 4.13
N GLY D 21 68.45 -0.70 4.49
CA GLY D 21 69.28 -1.40 5.44
C GLY D 21 70.61 -0.69 5.54
N CYS D 22 71.29 -0.93 6.67
CA CYS D 22 72.56 -0.26 6.92
C CYS D 22 73.39 -1.08 7.89
N VAL D 23 74.70 -1.15 7.62
CA VAL D 23 75.65 -1.91 8.43
C VAL D 23 76.86 -1.04 8.74
N THR D 24 77.62 -1.48 9.74
CA THR D 24 78.90 -0.87 10.08
C THR D 24 80.00 -1.92 10.05
N GLY D 25 81.23 -1.46 9.85
CA GLY D 25 82.35 -2.37 9.82
C GLY D 25 83.60 -1.69 9.29
N HIS D 26 84.54 -2.51 8.81
CA HIS D 26 85.86 -2.04 8.38
C HIS D 26 86.13 -2.53 6.95
N PHE D 27 85.47 -1.89 5.99
CA PHE D 27 85.41 -2.36 4.61
C PHE D 27 86.47 -1.72 3.72
N THR D 28 86.63 -0.39 3.81
CA THR D 28 87.57 0.29 2.94
C THR D 28 89.01 0.13 3.41
N SER D 29 89.23 0.12 4.72
CA SER D 29 90.53 -0.08 5.32
C SER D 29 90.30 -0.70 6.69
N ALA D 30 91.24 -1.52 7.15
CA ALA D 30 91.10 -2.07 8.49
C ALA D 30 91.09 -0.97 9.54
N GLU D 31 91.45 0.26 9.17
CA GLU D 31 91.52 1.38 10.09
C GLU D 31 90.24 2.20 10.09
N ASP D 32 89.68 2.43 8.91
CA ASP D 32 88.47 3.25 8.81
C ASP D 32 87.29 2.53 9.46
N LEU D 33 86.39 3.32 10.04
CA LEU D 33 85.09 2.82 10.48
C LEU D 33 84.07 3.21 9.43
N ASN D 34 83.46 2.22 8.79
CA ASN D 34 82.59 2.46 7.66
C ASN D 34 81.12 2.36 8.06
N LEU D 35 80.29 3.10 7.34
CA LEU D 35 78.84 2.95 7.36
C LEU D 35 78.39 2.76 5.93
N LEU D 36 77.83 1.59 5.63
CA LEU D 36 77.27 1.32 4.31
C LEU D 36 75.75 1.42 4.39
N ILE D 37 75.17 2.32 3.59
CA ILE D 37 73.74 2.54 3.55
C ILE D 37 73.23 1.99 2.22
N ALA D 38 72.16 1.19 2.27
CA ALA D 38 71.60 0.58 1.08
C ALA D 38 70.24 1.20 0.75
N LYS D 39 70.16 1.80 -0.43
CA LYS D 39 68.93 2.15 -1.13
C LYS D 39 68.66 1.10 -2.18
N ASN D 40 67.44 1.10 -2.70
CA ASN D 40 66.95 -0.05 -3.46
C ASN D 40 67.97 -0.59 -4.44
N THR D 41 68.49 0.27 -5.31
CA THR D 41 69.52 -0.13 -6.27
C THR D 41 70.85 0.56 -6.04
N ARG D 42 70.97 1.41 -5.03
CA ARG D 42 72.18 2.19 -4.78
C ARG D 42 72.82 1.79 -3.45
N LEU D 43 74.14 1.61 -3.46
CA LEU D 43 74.93 1.38 -2.27
C LEU D 43 75.81 2.59 -2.01
N GLU D 44 75.72 3.14 -0.80
CA GLU D 44 76.48 4.31 -0.38
C GLU D 44 77.46 3.90 0.70
N ILE D 45 78.73 4.26 0.53
CA ILE D 45 79.79 3.95 1.47
C ILE D 45 80.27 5.26 2.10
N TYR D 46 80.26 5.31 3.43
CA TYR D 46 80.69 6.48 4.18
C TYR D 46 81.79 6.10 5.17
N VAL D 47 82.53 7.11 5.65
CA VAL D 47 83.50 6.92 6.72
C VAL D 47 83.12 7.81 7.90
N VAL D 48 83.19 7.24 9.10
CA VAL D 48 82.74 7.91 10.31
C VAL D 48 83.80 8.89 10.80
N THR D 49 83.39 10.13 11.03
CA THR D 49 84.22 11.15 11.64
C THR D 49 83.55 11.58 12.95
N ALA D 50 84.17 12.53 13.65
CA ALA D 50 83.52 13.13 14.80
C ALA D 50 82.48 14.17 14.40
N GLU D 51 82.43 14.52 13.11
CA GLU D 51 81.59 15.57 12.58
C GLU D 51 80.29 15.06 11.98
N GLY D 52 80.36 13.92 11.30
CA GLY D 52 79.25 13.38 10.55
C GLY D 52 79.77 12.24 9.70
N LEU D 53 79.31 12.15 8.47
CA LEU D 53 79.70 11.09 7.56
C LEU D 53 80.50 11.68 6.41
N ARG D 54 81.63 11.05 6.09
CA ARG D 54 82.41 11.45 4.93
C ARG D 54 82.17 10.49 3.78
N PRO D 55 81.55 10.93 2.69
CA PRO D 55 81.32 10.02 1.56
C PRO D 55 82.63 9.63 0.89
N VAL D 56 82.65 8.44 0.30
CA VAL D 56 83.87 7.96 -0.34
C VAL D 56 83.58 7.41 -1.73
N LYS D 57 82.45 6.72 -1.90
CA LYS D 57 82.13 6.07 -3.17
C LYS D 57 80.66 5.69 -3.19
N GLU D 58 80.04 5.80 -4.36
CA GLU D 58 78.68 5.32 -4.56
C GLU D 58 78.60 4.54 -5.87
N VAL D 59 78.01 3.36 -5.83
CA VAL D 59 77.84 2.52 -7.01
C VAL D 59 76.37 2.15 -7.16
N GLY D 60 75.99 1.88 -8.41
CA GLY D 60 74.71 1.28 -8.71
C GLY D 60 74.88 -0.19 -9.04
N MET D 61 73.86 -0.98 -8.72
CA MET D 61 73.84 -2.40 -9.01
C MET D 61 72.62 -2.77 -9.84
N TYR D 62 72.80 -3.81 -10.66
CA TYR D 62 71.72 -4.31 -11.53
C TYR D 62 70.89 -5.33 -10.76
N GLY D 63 70.23 -4.83 -9.70
CA GLY D 63 69.48 -5.67 -8.80
C GLY D 63 69.00 -4.94 -7.57
N LYS D 64 67.91 -5.42 -6.98
CA LYS D 64 67.43 -4.91 -5.70
C LYS D 64 68.21 -5.55 -4.57
N ILE D 65 68.74 -4.73 -3.66
CA ILE D 65 69.56 -5.24 -2.57
C ILE D 65 68.64 -5.86 -1.51
N ALA D 66 68.74 -7.17 -1.33
CA ALA D 66 67.97 -7.88 -0.31
C ALA D 66 68.77 -8.11 0.96
N VAL D 67 69.99 -8.63 0.83
CA VAL D 67 70.87 -8.89 1.96
C VAL D 67 72.13 -8.06 1.82
N MET D 68 72.60 -7.47 2.92
CA MET D 68 73.85 -6.74 2.95
C MET D 68 74.51 -6.93 4.30
N GLU D 69 75.69 -7.54 4.32
CA GLU D 69 76.37 -7.84 5.58
C GLU D 69 77.88 -7.77 5.40
N LEU D 70 78.57 -7.29 6.43
CA LEU D 70 80.03 -7.21 6.43
C LEU D 70 80.58 -8.35 7.25
N PHE D 71 81.57 -9.06 6.70
CA PHE D 71 82.19 -10.18 7.39
C PHE D 71 83.67 -10.17 7.03
N ARG D 72 84.50 -10.75 7.90
CA ARG D 72 85.93 -10.80 7.69
C ARG D 72 86.45 -12.22 7.91
N PRO D 73 86.65 -12.97 6.83
CA PRO D 73 87.07 -14.37 6.99
C PRO D 73 88.52 -14.47 7.45
N LYS D 74 88.83 -15.63 8.04
CA LYS D 74 90.18 -15.89 8.53
C LYS D 74 91.17 -15.68 7.39
N GLY D 75 92.16 -14.82 7.63
CA GLY D 75 93.16 -14.49 6.63
C GLY D 75 93.03 -13.16 5.92
N GLU D 76 91.92 -12.45 6.05
CA GLU D 76 91.73 -11.18 5.36
C GLU D 76 92.23 -9.97 6.14
N SER D 77 92.68 -8.95 5.38
CA SER D 77 93.17 -7.71 5.96
C SER D 77 92.07 -6.83 6.50
N LYS D 78 90.89 -6.86 5.88
CA LYS D 78 89.80 -5.96 6.19
C LYS D 78 88.50 -6.65 5.84
N ASP D 79 87.38 -6.03 6.21
CA ASP D 79 86.09 -6.66 6.02
C ASP D 79 85.74 -6.75 4.53
N LEU D 80 85.08 -7.84 4.16
CA LEU D 80 84.47 -8.00 2.85
C LEU D 80 82.96 -7.82 2.98
N LEU D 81 82.30 -7.58 1.84
CA LEU D 81 80.88 -7.28 1.79
C LEU D 81 80.12 -8.36 1.03
N PHE D 82 79.06 -8.88 1.63
CA PHE D 82 78.16 -9.81 0.96
C PHE D 82 76.85 -9.12 0.61
N ILE D 83 76.35 -9.36 -0.61
CA ILE D 83 75.07 -8.82 -1.06
C ILE D 83 74.33 -9.87 -1.88
N LEU D 84 73.01 -9.93 -1.66
CA LEU D 84 72.09 -10.79 -2.41
C LEU D 84 70.92 -9.97 -2.91
N THR D 85 70.60 -10.08 -4.19
CA THR D 85 69.50 -9.30 -4.75
C THR D 85 68.17 -10.07 -4.74
N ALA D 86 67.09 -9.33 -4.99
CA ALA D 86 65.75 -9.92 -5.00
C ALA D 86 65.56 -10.89 -6.16
N LYS D 87 66.37 -10.80 -7.21
CA LYS D 87 66.38 -11.81 -8.25
C LYS D 87 67.37 -12.93 -7.93
N TYR D 88 67.89 -12.95 -6.70
CA TYR D 88 68.74 -14.03 -6.21
C TYR D 88 70.15 -13.95 -6.79
N ASN D 89 70.63 -12.75 -7.12
CA ASN D 89 72.01 -12.54 -7.51
C ASN D 89 72.86 -12.34 -6.26
N ALA D 90 73.81 -13.27 -6.03
CA ALA D 90 74.71 -13.21 -4.90
C ALA D 90 76.10 -12.80 -5.37
N CYS D 91 76.85 -12.15 -4.47
CA CYS D 91 78.22 -11.76 -4.78
C CYS D 91 78.92 -11.36 -3.50
N ILE D 92 80.24 -11.47 -3.51
CA ILE D 92 81.11 -10.97 -2.45
C ILE D 92 81.99 -9.89 -3.05
N LEU D 93 82.09 -8.76 -2.35
CA LEU D 93 82.74 -7.56 -2.88
C LEU D 93 83.89 -7.14 -1.99
N GLU D 94 84.90 -6.54 -2.63
CA GLU D 94 86.06 -5.98 -1.93
C GLU D 94 86.27 -4.54 -2.37
N TYR D 95 86.60 -3.68 -1.42
CA TYR D 95 87.01 -2.31 -1.72
C TYR D 95 88.51 -2.30 -2.00
N LYS D 96 88.89 -1.71 -3.14
CA LYS D 96 90.29 -1.60 -3.50
C LYS D 96 90.55 -0.22 -4.07
N GLN D 97 91.57 0.45 -3.53
CA GLN D 97 91.89 1.81 -3.95
C GLN D 97 93.39 1.96 -4.14
N SER D 98 93.77 2.51 -5.29
CA SER D 98 95.17 2.78 -5.62
C SER D 98 95.27 4.26 -5.97
N GLY D 99 95.66 5.08 -4.99
CA GLY D 99 95.65 6.51 -5.18
C GLY D 99 94.21 6.99 -5.31
N GLU D 100 93.90 7.66 -6.41
CA GLU D 100 92.54 8.15 -6.63
C GLU D 100 91.64 7.14 -7.34
N SER D 101 92.18 6.04 -7.83
CA SER D 101 91.38 5.10 -8.62
C SER D 101 90.66 4.17 -7.65
N ILE D 102 89.34 4.31 -7.57
CA ILE D 102 88.51 3.47 -6.70
C ILE D 102 87.74 2.50 -7.56
N ASP D 103 87.82 1.22 -7.22
CA ASP D 103 87.05 0.18 -7.88
C ASP D 103 86.47 -0.72 -6.81
N ILE D 104 85.38 -1.39 -7.15
CA ILE D 104 84.75 -2.39 -6.29
C ILE D 104 84.90 -3.73 -7.01
N ILE D 105 85.59 -4.67 -6.39
CA ILE D 105 85.98 -5.92 -7.03
C ILE D 105 84.98 -7.02 -6.69
N THR D 106 84.66 -7.83 -7.69
CA THR D 106 83.77 -8.99 -7.50
C THR D 106 84.63 -10.21 -7.19
N ARG D 107 84.64 -10.62 -5.92
CA ARG D 107 85.46 -11.75 -5.50
C ARG D 107 84.76 -13.08 -5.74
N ALA D 108 83.44 -13.11 -5.61
CA ALA D 108 82.64 -14.31 -5.86
C ALA D 108 81.27 -13.86 -6.32
N HIS D 109 80.63 -14.64 -7.19
CA HIS D 109 79.31 -14.27 -7.68
C HIS D 109 78.60 -15.45 -8.31
N GLY D 110 77.27 -15.37 -8.30
CA GLY D 110 76.42 -16.40 -8.87
C GLY D 110 74.98 -16.14 -8.49
N ASN D 111 74.10 -16.94 -9.08
CA ASN D 111 72.67 -16.86 -8.80
C ASN D 111 72.26 -18.07 -7.97
N VAL D 112 71.62 -17.82 -6.83
CA VAL D 112 71.35 -18.85 -5.85
C VAL D 112 69.89 -19.31 -5.88
N GLN D 113 69.17 -19.02 -6.97
CA GLN D 113 67.77 -19.41 -7.07
C GLN D 113 67.65 -20.93 -7.22
N ASP D 114 66.64 -21.49 -6.56
CA ASP D 114 66.34 -22.92 -6.66
C ASP D 114 65.24 -23.14 -7.68
N ARG D 115 65.37 -24.23 -8.47
CA ARG D 115 64.32 -24.51 -9.45
C ARG D 115 62.95 -24.62 -8.79
N ILE D 116 62.89 -25.23 -7.61
CA ILE D 116 61.64 -25.49 -6.91
C ILE D 116 61.76 -25.01 -5.47
N GLY D 117 60.80 -24.22 -5.04
CA GLY D 117 60.75 -23.72 -3.67
C GLY D 117 59.65 -22.69 -3.50
N ARG D 118 59.10 -22.57 -2.29
CA ARG D 118 58.08 -21.56 -2.02
C ARG D 118 58.75 -20.37 -1.35
N PRO D 119 58.79 -19.19 -1.98
CA PRO D 119 59.34 -18.02 -1.31
C PRO D 119 58.68 -17.81 0.05
N SER D 120 59.49 -17.54 1.06
CA SER D 120 58.98 -17.51 2.43
C SER D 120 58.14 -16.24 2.66
N GLU D 121 57.25 -16.34 3.64
CA GLU D 121 56.34 -15.24 3.93
C GLU D 121 57.11 -14.02 4.42
N THR D 122 58.07 -14.22 5.33
CA THR D 122 58.81 -13.12 5.92
C THR D 122 60.03 -12.71 5.10
N GLY D 123 60.10 -13.11 3.83
CA GLY D 123 61.10 -12.57 2.92
C GLY D 123 62.48 -13.18 3.10
N ILE D 124 63.38 -12.76 2.19
CA ILE D 124 64.74 -13.27 2.23
C ILE D 124 65.41 -12.87 3.53
N ILE D 125 66.07 -13.83 4.17
CA ILE D 125 66.92 -13.58 5.32
C ILE D 125 68.32 -14.08 5.00
N GLY D 126 69.33 -13.28 5.35
CA GLY D 126 70.71 -13.66 5.15
C GLY D 126 71.56 -13.48 6.41
N ILE D 127 72.30 -14.51 6.79
CA ILE D 127 73.12 -14.48 8.00
C ILE D 127 74.46 -15.14 7.72
N ILE D 128 75.48 -14.76 8.48
CA ILE D 128 76.82 -15.29 8.33
C ILE D 128 77.32 -15.79 9.69
N ASP D 129 78.08 -16.89 9.66
CA ASP D 129 78.63 -17.49 10.88
C ASP D 129 79.53 -16.48 11.59
N PRO D 130 79.57 -16.48 12.93
CA PRO D 130 80.52 -15.58 13.60
C PRO D 130 81.95 -15.86 13.22
N GLU D 131 82.29 -17.13 13.05
CA GLU D 131 83.62 -17.52 12.59
C GLU D 131 83.75 -17.46 11.07
N CYS D 132 82.74 -16.92 10.38
CA CYS D 132 82.79 -16.71 8.94
C CYS D 132 83.10 -18.00 8.19
N ARG D 133 82.51 -19.09 8.65
CA ARG D 133 82.64 -20.36 7.97
C ARG D 133 81.65 -20.50 6.82
N MET D 134 80.49 -19.88 6.91
CA MET D 134 79.44 -20.11 5.93
C MET D 134 78.51 -18.92 5.89
N ILE D 135 77.72 -18.85 4.82
CA ILE D 135 76.64 -17.88 4.67
C ILE D 135 75.33 -18.65 4.72
N GLY D 136 74.43 -18.25 5.59
CA GLY D 136 73.11 -18.86 5.68
C GLY D 136 72.08 -18.02 4.95
N LEU D 137 71.23 -18.69 4.16
CA LEU D 137 70.18 -18.02 3.41
C LEU D 137 68.85 -18.73 3.65
N ARG D 138 67.82 -17.96 3.99
CA ARG D 138 66.44 -18.46 4.06
C ARG D 138 65.70 -17.85 2.88
N LEU D 139 65.64 -18.60 1.79
CA LEU D 139 64.96 -18.15 0.58
C LEU D 139 63.57 -18.74 0.43
N TYR D 140 63.38 -19.99 0.83
CA TYR D 140 62.14 -20.71 0.61
C TYR D 140 61.69 -21.39 1.90
N ASP D 141 60.36 -21.47 2.05
CA ASP D 141 59.80 -22.21 3.18
C ASP D 141 60.33 -23.63 3.16
N GLY D 142 60.70 -24.13 4.33
CA GLY D 142 61.13 -25.51 4.46
C GLY D 142 62.50 -25.82 3.92
N LEU D 143 63.28 -24.80 3.57
CA LEU D 143 64.63 -25.02 3.06
C LEU D 143 65.58 -23.97 3.61
N PHE D 144 66.80 -24.40 3.91
CA PHE D 144 67.89 -23.55 4.39
C PHE D 144 69.07 -23.77 3.47
N LYS D 145 69.55 -22.70 2.84
CA LYS D 145 70.64 -22.78 1.87
C LYS D 145 71.94 -22.33 2.54
N VAL D 146 73.01 -23.09 2.30
CA VAL D 146 74.30 -22.83 2.92
C VAL D 146 75.32 -22.58 1.82
N ILE D 147 75.96 -21.42 1.85
CA ILE D 147 77.13 -21.13 1.02
C ILE D 147 78.35 -21.23 1.91
N PRO D 148 79.19 -22.26 1.78
CA PRO D 148 80.40 -22.33 2.61
C PRO D 148 81.39 -21.24 2.23
N LEU D 149 81.99 -20.61 3.24
CA LEU D 149 82.97 -19.55 3.00
C LEU D 149 84.35 -20.18 2.83
N ASP D 150 84.48 -20.87 1.71
CA ASP D 150 85.73 -21.46 1.25
C ASP D 150 86.48 -20.46 0.38
N ARG D 151 87.81 -20.57 0.41
CA ARG D 151 88.63 -19.64 -0.38
C ARG D 151 88.34 -19.81 -1.86
N ASP D 152 88.08 -21.06 -2.28
CA ASP D 152 87.89 -21.40 -3.68
C ASP D 152 86.45 -21.26 -4.16
N ASN D 153 85.48 -21.07 -3.26
CA ASN D 153 84.07 -21.06 -3.63
C ASN D 153 83.76 -19.73 -4.31
N LYS D 154 84.39 -19.55 -5.47
CA LYS D 154 84.25 -18.33 -6.26
C LYS D 154 82.92 -18.27 -7.01
N GLU D 155 82.26 -19.40 -7.19
CA GLU D 155 80.93 -19.42 -7.80
C GLU D 155 79.81 -19.37 -6.77
N LEU D 156 80.14 -19.34 -5.48
CA LEU D 156 79.13 -19.30 -4.42
C LEU D 156 78.17 -20.48 -4.56
N LYS D 157 78.74 -21.67 -4.73
CA LYS D 157 77.96 -22.89 -4.78
C LYS D 157 77.33 -23.16 -3.41
N ALA D 158 76.16 -23.79 -3.41
CA ALA D 158 75.43 -23.99 -2.17
C ALA D 158 74.63 -25.29 -2.22
N PHE D 159 74.27 -25.77 -1.03
CA PHE D 159 73.44 -26.95 -0.83
C PHE D 159 72.31 -26.57 0.12
N ASN D 160 71.22 -27.33 0.05
CA ASN D 160 70.05 -27.07 0.91
C ASN D 160 69.95 -28.13 2.01
N ILE D 161 69.59 -27.69 3.21
CA ILE D 161 69.26 -28.56 4.33
C ILE D 161 67.75 -28.53 4.51
N ARG D 162 67.11 -29.70 4.48
CA ARG D 162 65.67 -29.74 4.68
C ARG D 162 65.33 -29.25 6.09
N LEU D 163 64.30 -28.42 6.19
CA LEU D 163 63.88 -27.81 7.45
C LEU D 163 62.43 -28.16 7.74
N GLU D 164 62.20 -28.78 8.90
CA GLU D 164 60.83 -29.18 9.25
C GLU D 164 59.93 -27.98 9.49
N GLU D 165 60.44 -26.97 10.20
CA GLU D 165 59.62 -25.80 10.54
C GLU D 165 59.45 -24.98 9.26
N LEU D 166 58.27 -25.11 8.65
CA LEU D 166 58.09 -24.52 7.31
C LEU D 166 58.01 -23.00 7.40
N HIS D 167 57.32 -22.50 8.41
CA HIS D 167 57.05 -21.07 8.57
C HIS D 167 57.99 -20.51 9.63
N VAL D 168 59.11 -19.93 9.19
CA VAL D 168 60.08 -19.33 10.08
C VAL D 168 59.87 -17.84 10.12
N ILE D 169 59.92 -17.26 11.31
CA ILE D 169 59.75 -15.83 11.49
C ILE D 169 61.07 -15.09 11.35
N ASP D 170 62.10 -15.52 12.09
CA ASP D 170 63.42 -14.92 12.00
C ASP D 170 64.47 -15.93 12.44
N VAL D 171 65.71 -15.72 11.99
CA VAL D 171 66.80 -16.62 12.31
C VAL D 171 68.11 -15.84 12.38
N LYS D 172 69.00 -16.28 13.29
CA LYS D 172 70.34 -15.71 13.43
C LYS D 172 71.32 -16.82 13.81
N PHE D 173 72.57 -16.66 13.40
CA PHE D 173 73.66 -17.50 13.90
C PHE D 173 74.03 -17.08 15.32
N LEU D 174 74.25 -18.07 16.19
CA LEU D 174 74.56 -17.78 17.59
C LEU D 174 76.05 -17.65 17.87
N TYR D 175 76.36 -16.83 18.89
CA TYR D 175 77.71 -16.65 19.38
C TYR D 175 78.02 -17.63 20.50
N GLY D 176 79.31 -17.84 20.75
CA GLY D 176 79.75 -18.66 21.85
C GLY D 176 79.33 -20.12 21.74
N CYS D 177 79.36 -20.67 20.53
CA CYS D 177 79.02 -22.05 20.29
C CYS D 177 80.18 -22.71 19.56
N GLN D 178 80.51 -23.94 19.95
CA GLN D 178 81.65 -24.61 19.34
C GLN D 178 81.37 -24.97 17.88
N ALA D 179 80.14 -25.36 17.59
CA ALA D 179 79.72 -25.68 16.23
C ALA D 179 78.78 -24.58 15.75
N PRO D 180 78.67 -24.40 14.43
CA PRO D 180 77.73 -23.40 13.92
C PRO D 180 76.31 -23.70 14.39
N THR D 181 75.70 -22.70 15.02
CA THR D 181 74.38 -22.87 15.63
C THR D 181 73.47 -21.78 15.10
N ILE D 182 72.26 -22.17 14.71
CA ILE D 182 71.24 -21.23 14.28
C ILE D 182 70.14 -21.22 15.33
N CYS D 183 69.63 -20.04 15.64
CA CYS D 183 68.50 -19.86 16.54
C CYS D 183 67.40 -19.15 15.76
N PHE D 184 66.21 -19.73 15.75
CA PHE D 184 65.11 -19.18 14.96
C PHE D 184 63.80 -19.29 15.73
N VAL D 185 62.93 -18.30 15.50
CA VAL D 185 61.56 -18.31 15.96
C VAL D 185 60.70 -18.81 14.80
N TYR D 186 59.87 -19.80 15.07
CA TYR D 186 59.04 -20.40 14.05
C TYR D 186 57.60 -20.41 14.52
N GLN D 187 56.69 -20.51 13.56
CA GLN D 187 55.27 -20.55 13.84
C GLN D 187 54.72 -21.86 13.31
N ASP D 188 53.99 -22.56 14.15
CA ASP D 188 53.28 -23.77 13.78
C ASP D 188 51.88 -23.57 14.38
N PRO D 189 50.97 -24.52 14.25
CA PRO D 189 49.63 -24.31 14.81
C PRO D 189 49.61 -24.15 16.31
N GLN D 190 50.67 -24.53 17.02
CA GLN D 190 50.71 -24.50 18.47
C GLN D 190 51.18 -23.17 19.04
N GLY D 191 51.34 -22.15 18.21
CA GLY D 191 51.90 -20.89 18.62
C GLY D 191 53.27 -20.66 18.02
N ARG D 192 53.99 -19.72 18.59
CA ARG D 192 55.36 -19.46 18.15
C ARG D 192 56.33 -20.00 19.19
N HIS D 193 57.39 -20.61 18.70
CA HIS D 193 58.39 -21.27 19.53
C HIS D 193 59.76 -20.87 18.99
N VAL D 194 60.75 -20.90 19.86
CA VAL D 194 62.14 -20.64 19.51
C VAL D 194 62.91 -21.95 19.64
N LYS D 195 63.71 -22.27 18.61
CA LYS D 195 64.39 -23.55 18.51
C LYS D 195 65.80 -23.33 17.99
N THR D 196 66.68 -24.28 18.29
CA THR D 196 68.05 -24.23 17.81
C THR D 196 68.40 -25.47 17.00
N TYR D 197 69.26 -25.29 16.00
CA TYR D 197 69.87 -26.39 15.27
C TYR D 197 71.36 -26.11 15.15
N GLU D 198 72.15 -27.15 14.91
CA GLU D 198 73.56 -27.02 14.57
C GLU D 198 73.77 -27.39 13.12
N VAL D 199 74.63 -26.63 12.43
CA VAL D 199 74.90 -26.82 11.01
C VAL D 199 76.28 -27.46 10.88
N SER D 200 76.35 -28.59 10.17
CA SER D 200 77.60 -29.28 9.93
C SER D 200 77.89 -29.16 8.44
N LEU D 201 78.94 -28.40 8.09
CA LEU D 201 79.32 -28.26 6.68
C LEU D 201 79.83 -29.56 6.10
N ARG D 202 80.42 -30.42 6.94
CA ARG D 202 80.97 -31.68 6.46
C ARG D 202 79.88 -32.65 6.07
N GLU D 203 78.88 -32.81 6.92
CA GLU D 203 77.78 -33.72 6.64
C GLU D 203 76.71 -33.09 5.75
N LYS D 204 76.68 -31.77 5.65
CA LYS D 204 75.64 -31.07 4.89
C LYS D 204 74.26 -31.36 5.46
N GLU D 205 74.12 -31.17 6.78
CA GLU D 205 72.81 -31.35 7.42
C GLU D 205 72.81 -30.74 8.81
N PHE D 206 71.61 -30.72 9.42
CA PHE D 206 71.45 -30.26 10.78
C PHE D 206 71.74 -31.39 11.79
N ASN D 207 72.26 -30.99 12.94
CA ASN D 207 72.35 -31.83 14.12
C ASN D 207 71.60 -31.18 15.28
N LYS D 208 71.34 -31.98 16.32
CA LYS D 208 70.61 -31.50 17.47
C LYS D 208 71.19 -30.21 18.03
N GLY D 209 70.31 -29.26 18.38
CA GLY D 209 70.74 -27.95 18.79
C GLY D 209 71.14 -27.88 20.25
N PRO D 210 71.91 -26.83 20.60
CA PRO D 210 72.45 -26.77 21.97
C PRO D 210 71.41 -26.63 23.07
N TRP D 211 70.29 -25.93 22.86
CA TRP D 211 69.36 -25.77 23.96
C TRP D 211 67.90 -25.95 23.53
N LYS D 212 67.08 -26.28 24.53
CA LYS D 212 65.72 -26.71 24.27
C LYS D 212 64.88 -25.59 23.66
N GLN D 213 63.88 -25.97 22.89
CA GLN D 213 62.89 -25.00 22.42
C GLN D 213 62.01 -24.61 23.60
N GLU D 214 61.35 -23.47 23.47
CA GLU D 214 60.37 -23.02 24.44
C GLU D 214 59.20 -22.45 23.68
N ASN D 215 58.07 -22.27 24.36
CA ASN D 215 56.92 -21.59 23.79
C ASN D 215 57.08 -20.09 24.05
N VAL D 216 57.15 -19.29 22.98
CA VAL D 216 57.40 -17.87 23.13
C VAL D 216 56.17 -17.05 22.78
N GLU D 217 56.28 -15.72 22.93
CA GLU D 217 55.17 -14.84 22.65
C GLU D 217 54.63 -15.07 21.26
N ALA D 218 53.31 -14.95 21.12
CA ALA D 218 52.68 -15.20 19.83
C ALA D 218 53.14 -14.22 18.76
N GLU D 219 53.44 -12.99 19.15
CA GLU D 219 53.88 -11.96 18.21
C GLU D 219 55.39 -11.75 18.26
N ALA D 220 56.14 -12.76 18.67
CA ALA D 220 57.59 -12.68 18.66
C ALA D 220 58.09 -12.46 17.23
N SER D 221 58.80 -11.35 17.02
CA SER D 221 59.15 -10.93 15.66
C SER D 221 60.63 -11.03 15.34
N MET D 222 61.54 -10.73 16.28
CA MET D 222 62.95 -10.60 15.95
C MET D 222 63.82 -11.41 16.90
N VAL D 223 64.96 -11.88 16.37
CA VAL D 223 65.95 -12.66 17.10
C VAL D 223 67.25 -11.88 17.13
N ILE D 224 67.82 -11.74 18.33
CA ILE D 224 69.10 -11.07 18.53
C ILE D 224 70.12 -12.10 19.01
N ALA D 225 71.22 -12.25 18.29
CA ALA D 225 72.32 -13.11 18.73
C ALA D 225 73.24 -12.28 19.62
N VAL D 226 73.35 -12.67 20.89
CA VAL D 226 74.12 -11.92 21.87
C VAL D 226 75.54 -12.47 21.95
N PRO D 227 76.56 -11.63 21.84
CA PRO D 227 77.94 -12.13 21.87
C PRO D 227 78.39 -12.47 23.29
N GLU D 228 79.51 -13.21 23.35
CA GLU D 228 80.15 -13.48 24.62
C GLU D 228 80.45 -12.15 25.30
N PRO D 229 80.37 -12.09 26.63
CA PRO D 229 80.23 -13.17 27.62
C PRO D 229 78.87 -13.84 27.76
N PHE D 230 77.82 -13.24 27.21
CA PHE D 230 76.48 -13.75 27.46
C PHE D 230 76.16 -15.01 26.66
N GLY D 231 76.32 -14.95 25.34
CA GLY D 231 75.88 -16.04 24.50
C GLY D 231 74.36 -16.09 24.53
N GLY D 232 73.80 -17.01 23.75
CA GLY D 232 72.36 -17.14 23.73
C GLY D 232 71.73 -16.06 22.87
N ALA D 233 70.43 -15.84 23.09
CA ALA D 233 69.66 -14.95 22.23
C ALA D 233 68.60 -14.18 23.01
N ILE D 234 68.17 -13.06 22.43
CA ILE D 234 67.06 -12.27 22.92
C ILE D 234 65.95 -12.29 21.88
N ILE D 235 64.71 -12.36 22.32
CA ILE D 235 63.56 -12.44 21.43
C ILE D 235 62.68 -11.21 21.67
N ILE D 236 62.50 -10.39 20.63
CA ILE D 236 61.68 -9.18 20.72
C ILE D 236 60.27 -9.53 20.26
N GLY D 237 59.27 -9.10 21.02
CA GLY D 237 57.90 -9.34 20.65
C GLY D 237 57.07 -8.08 20.52
N GLN D 238 55.77 -8.22 20.76
CA GLN D 238 54.88 -7.06 20.84
C GLN D 238 54.80 -6.54 22.28
N GLU D 239 54.75 -7.46 23.25
CA GLU D 239 54.59 -7.12 24.66
C GLU D 239 55.79 -7.45 25.53
N SER D 240 56.62 -8.40 25.15
CA SER D 240 57.67 -8.89 26.04
C SER D 240 58.99 -9.10 25.31
N ILE D 241 60.07 -8.96 26.06
CA ILE D 241 61.42 -9.23 25.62
C ILE D 241 61.96 -10.38 26.46
N THR D 242 62.49 -11.41 25.81
CA THR D 242 62.92 -12.61 26.51
C THR D 242 64.36 -12.94 26.14
N TYR D 243 65.10 -13.51 27.10
CA TYR D 243 66.45 -13.99 26.88
C TYR D 243 66.45 -15.49 27.09
N HIS D 244 67.00 -16.23 26.12
CA HIS D 244 67.06 -17.68 26.19
C HIS D 244 68.52 -18.10 26.00
N ASN D 245 69.02 -18.96 26.89
CA ASN D 245 70.33 -19.56 26.71
C ASN D 245 70.40 -20.83 27.56
N GLY D 246 70.22 -21.97 26.93
CA GLY D 246 70.30 -23.21 27.68
C GLY D 246 69.36 -23.24 28.86
N ASP D 247 69.93 -23.22 30.05
CA ASP D 247 69.15 -23.26 31.28
C ASP D 247 68.70 -21.90 31.76
N LYS D 248 69.28 -20.82 31.25
CA LYS D 248 68.88 -19.49 31.69
C LYS D 248 67.64 -19.04 30.92
N TYR D 249 66.72 -18.41 31.65
CA TYR D 249 65.51 -17.86 31.05
C TYR D 249 65.14 -16.59 31.80
N LEU D 250 65.04 -15.49 31.08
CA LEU D 250 64.57 -14.22 31.61
C LEU D 250 63.45 -13.71 30.72
N ALA D 251 62.57 -12.90 31.29
CA ALA D 251 61.50 -12.28 30.51
C ALA D 251 61.10 -10.97 31.19
N ILE D 252 61.25 -9.86 30.47
CA ILE D 252 60.79 -8.55 30.93
C ILE D 252 59.68 -8.10 30.01
N ALA D 253 58.61 -7.57 30.61
CA ALA D 253 57.41 -7.15 29.86
C ALA D 253 56.98 -5.78 30.34
N PRO D 254 57.79 -4.75 30.06
CA PRO D 254 57.46 -3.40 30.52
C PRO D 254 56.27 -2.84 29.76
N PRO D 255 55.36 -2.15 30.44
CA PRO D 255 54.13 -1.70 29.76
C PRO D 255 54.39 -0.77 28.59
N ILE D 256 55.59 -0.21 28.48
CA ILE D 256 55.83 0.90 27.56
C ILE D 256 55.86 0.42 26.11
N ILE D 257 56.45 -0.75 25.86
CA ILE D 257 56.64 -1.21 24.50
C ILE D 257 55.36 -1.71 23.86
N LYS D 258 54.38 -2.12 24.65
CA LYS D 258 53.11 -2.57 24.10
C LYS D 258 52.43 -1.48 23.29
N GLN D 259 52.69 -0.22 23.62
CA GLN D 259 52.00 0.88 22.94
C GLN D 259 52.28 0.90 21.44
N SER D 260 53.50 0.54 21.04
CA SER D 260 53.87 0.58 19.63
C SER D 260 54.83 -0.55 19.33
N THR D 261 54.60 -1.22 18.20
CA THR D 261 55.40 -2.37 17.83
C THR D 261 56.86 -2.00 17.66
N ILE D 262 57.75 -2.84 18.20
CA ILE D 262 59.19 -2.66 18.01
C ILE D 262 59.59 -3.40 16.74
N VAL D 263 60.32 -2.71 15.87
CA VAL D 263 60.59 -3.20 14.54
C VAL D 263 62.07 -3.36 14.23
N CYS D 264 62.98 -2.65 14.89
CA CYS D 264 64.40 -2.76 14.58
C CYS D 264 65.22 -2.75 15.85
N HIS D 265 66.44 -3.27 15.72
CA HIS D 265 67.42 -3.33 16.82
C HIS D 265 68.83 -3.15 16.27
N ASN D 266 69.75 -2.80 17.18
CA ASN D 266 71.17 -2.77 16.84
C ASN D 266 72.01 -2.90 18.09
N ARG D 267 73.15 -3.57 17.96
CA ARG D 267 74.08 -3.76 19.07
C ARG D 267 74.94 -2.50 19.21
N VAL D 268 75.02 -1.99 20.43
CA VAL D 268 75.79 -0.80 20.73
C VAL D 268 77.17 -1.22 21.22
N ASP D 269 77.19 -1.89 22.37
CA ASP D 269 78.43 -2.32 23.01
C ASP D 269 78.84 -3.69 22.48
N PRO D 270 80.05 -3.83 21.93
CA PRO D 270 80.43 -5.13 21.38
C PRO D 270 80.22 -6.33 22.30
N ASN D 271 80.28 -6.16 23.62
CA ASN D 271 80.07 -7.31 24.50
C ASN D 271 78.60 -7.61 24.75
N GLY D 272 77.68 -6.82 24.20
CA GLY D 272 76.26 -7.10 24.33
C GLY D 272 75.56 -6.47 25.51
N SER D 273 76.23 -5.58 26.26
CA SER D 273 75.62 -5.01 27.45
C SER D 273 74.44 -4.11 27.11
N ARG D 274 74.50 -3.38 25.99
CA ARG D 274 73.47 -2.43 25.62
C ARG D 274 73.07 -2.58 24.16
N TYR D 275 71.77 -2.48 23.89
CA TYR D 275 71.21 -2.52 22.56
C TYR D 275 70.25 -1.36 22.37
N LEU D 276 70.08 -0.95 21.11
CA LEU D 276 69.08 0.06 20.75
C LEU D 276 67.84 -0.61 20.17
N LEU D 277 66.67 -0.04 20.45
CA LEU D 277 65.41 -0.52 19.89
C LEU D 277 64.60 0.65 19.38
N GLY D 278 63.94 0.45 18.24
CA GLY D 278 63.03 1.44 17.70
C GLY D 278 61.70 0.80 17.36
N ASP D 279 60.65 1.62 17.42
CA ASP D 279 59.28 1.15 17.21
C ASP D 279 58.57 2.04 16.19
N MET D 280 57.35 1.62 15.83
CA MET D 280 56.64 2.25 14.73
C MET D 280 56.26 3.70 15.01
N GLU D 281 56.11 4.08 16.29
CA GLU D 281 55.82 5.48 16.61
C GLU D 281 57.10 6.32 16.66
N GLY D 282 58.24 5.76 16.26
CA GLY D 282 59.48 6.49 16.18
C GLY D 282 60.28 6.53 17.46
N ARG D 283 59.81 5.86 18.51
CA ARG D 283 60.46 5.95 19.81
C ARG D 283 61.74 5.13 19.81
N LEU D 284 62.73 5.63 20.53
CA LEU D 284 64.05 5.02 20.61
C LEU D 284 64.31 4.55 22.04
N PHE D 285 64.62 3.27 22.19
CA PHE D 285 64.86 2.67 23.48
C PHE D 285 66.28 2.19 23.61
N MET D 286 66.71 2.01 24.86
CA MET D 286 67.96 1.36 25.21
C MET D 286 67.63 0.08 25.97
N LEU D 287 68.14 -1.05 25.47
CA LEU D 287 67.98 -2.34 26.13
C LEU D 287 69.27 -2.66 26.87
N LEU D 288 69.17 -2.86 28.17
CA LEU D 288 70.31 -3.03 29.06
C LEU D 288 70.35 -4.46 29.56
N LEU D 289 71.51 -5.10 29.44
CA LEU D 289 71.73 -6.44 29.98
C LEU D 289 72.58 -6.34 31.23
N GLU D 290 71.95 -6.55 32.39
CA GLU D 290 72.66 -6.41 33.66
C GLU D 290 73.42 -7.71 33.94
N LYS D 291 74.74 -7.59 34.02
CA LYS D 291 75.61 -8.75 34.22
C LYS D 291 75.70 -9.10 35.70
N GLU D 292 75.98 -10.36 35.97
CA GLU D 292 76.32 -10.83 37.31
C GLU D 292 77.53 -11.74 37.19
N GLU D 293 78.65 -11.34 37.79
CA GLU D 293 79.83 -12.18 37.78
C GLU D 293 79.65 -13.24 38.86
N GLN D 294 79.90 -14.50 38.50
CA GLN D 294 79.81 -15.58 39.47
C GLN D 294 81.14 -15.71 40.20
N MET D 295 81.11 -16.44 41.31
CA MET D 295 82.36 -16.70 42.03
C MET D 295 83.33 -17.45 41.13
N ASP D 296 82.82 -18.07 40.05
CA ASP D 296 83.61 -18.81 39.10
C ASP D 296 84.52 -17.92 38.26
N GLY D 297 84.41 -16.60 38.39
CA GLY D 297 84.97 -15.70 37.41
C GLY D 297 84.24 -15.68 36.09
N THR D 298 83.10 -16.36 36.00
CA THR D 298 82.28 -16.41 34.79
C THR D 298 81.14 -15.43 34.98
N VAL D 299 80.54 -15.02 33.85
CA VAL D 299 79.53 -13.97 33.86
C VAL D 299 78.22 -14.55 33.33
N THR D 300 77.13 -14.27 34.04
CA THR D 300 75.80 -14.65 33.63
C THR D 300 74.91 -13.42 33.60
N LEU D 301 73.79 -13.53 32.89
CA LEU D 301 72.84 -12.43 32.79
C LEU D 301 71.93 -12.42 34.00
N LYS D 302 71.88 -11.28 34.69
CA LYS D 302 71.07 -11.17 35.90
C LYS D 302 69.68 -10.63 35.58
N ASP D 303 69.60 -9.58 34.77
CA ASP D 303 68.31 -8.94 34.53
C ASP D 303 68.36 -8.13 33.24
N LEU D 304 67.17 -7.79 32.76
CA LEU D 304 67.00 -6.94 31.59
C LEU D 304 66.29 -5.66 32.01
N ARG D 305 66.65 -4.56 31.36
CA ARG D 305 66.04 -3.25 31.61
C ARG D 305 65.85 -2.54 30.28
N VAL D 306 64.82 -1.71 30.20
CA VAL D 306 64.54 -0.89 29.03
C VAL D 306 64.42 0.55 29.46
N GLU D 307 65.10 1.45 28.73
CA GLU D 307 65.07 2.88 29.03
C GLU D 307 64.69 3.63 27.76
N LEU D 308 63.72 4.54 27.88
CA LEU D 308 63.33 5.38 26.77
C LEU D 308 64.36 6.50 26.61
N LEU D 309 64.91 6.63 25.40
CA LEU D 309 65.88 7.68 25.12
C LEU D 309 65.24 8.92 24.51
N GLY D 310 64.28 8.74 23.62
CA GLY D 310 63.65 9.88 22.98
C GLY D 310 62.88 9.45 21.74
N GLU D 311 62.84 10.36 20.78
CA GLU D 311 62.13 10.18 19.53
C GLU D 311 63.04 10.39 18.35
N THR D 312 62.94 9.48 17.38
CA THR D 312 63.64 9.60 16.10
C THR D 312 62.61 9.48 14.99
N SER D 313 63.09 9.61 13.74
CA SER D 313 62.25 9.25 12.61
C SER D 313 61.96 7.75 12.66
N ILE D 314 60.77 7.38 12.20
CA ILE D 314 60.39 5.97 12.14
C ILE D 314 61.49 5.20 11.44
N ALA D 315 62.10 4.24 12.14
CA ALA D 315 63.34 3.63 11.71
C ALA D 315 63.09 2.28 11.05
N GLU D 316 63.60 2.12 9.83
CA GLU D 316 63.66 0.78 9.24
C GLU D 316 64.82 -0.01 9.86
N CYS D 317 65.95 0.67 10.08
CA CYS D 317 67.12 0.07 10.71
C CYS D 317 67.87 1.14 11.49
N LEU D 318 68.45 0.72 12.60
CA LEU D 318 69.35 1.56 13.39
C LEU D 318 70.77 1.03 13.27
N THR D 319 71.75 1.91 13.48
CA THR D 319 73.13 1.48 13.64
C THR D 319 73.88 2.47 14.51
N TYR D 320 74.46 2.00 15.60
CA TYR D 320 75.30 2.84 16.44
C TYR D 320 76.64 3.01 15.74
N LEU D 321 77.14 4.24 15.69
CA LEU D 321 78.43 4.50 15.07
C LEU D 321 79.49 4.62 16.16
N ASP D 322 79.56 5.77 16.83
CA ASP D 322 80.54 5.92 17.90
C ASP D 322 80.31 7.24 18.60
N ASN D 323 80.78 7.30 19.85
CA ASN D 323 80.78 8.54 20.64
C ASN D 323 79.37 9.10 20.80
N GLY D 324 78.38 8.21 20.89
CA GLY D 324 77.02 8.59 21.14
C GLY D 324 76.23 8.96 19.89
N VAL D 325 76.79 8.75 18.70
CA VAL D 325 76.15 9.13 17.45
C VAL D 325 75.52 7.89 16.84
N VAL D 326 74.26 8.01 16.40
CA VAL D 326 73.51 6.90 15.80
C VAL D 326 72.94 7.34 14.46
N PHE D 327 73.02 6.44 13.47
CA PHE D 327 72.35 6.66 12.19
C PHE D 327 70.96 6.03 12.20
N VAL D 328 69.96 6.82 11.86
CA VAL D 328 68.57 6.38 11.80
C VAL D 328 68.21 6.22 10.33
N GLY D 329 68.12 4.97 9.88
CA GLY D 329 67.77 4.73 8.50
C GLY D 329 66.28 4.55 8.34
N SER D 330 65.62 5.49 7.66
CA SER D 330 64.17 5.54 7.57
C SER D 330 63.71 5.31 6.15
N ARG D 331 62.69 4.47 6.00
CA ARG D 331 62.01 4.26 4.73
C ARG D 331 60.72 5.05 4.58
N LEU D 332 60.15 5.54 5.68
CA LEU D 332 58.93 6.33 5.62
C LEU D 332 59.17 7.83 5.76
N GLY D 333 60.26 8.24 6.39
CA GLY D 333 60.55 9.64 6.58
C GLY D 333 62.02 9.97 6.46
N ASP D 334 62.41 11.18 6.86
CA ASP D 334 63.80 11.59 6.72
C ASP D 334 64.71 10.72 7.59
N SER D 335 65.86 10.34 7.05
CA SER D 335 66.90 9.68 7.82
C SER D 335 67.67 10.72 8.63
N GLN D 336 68.45 10.25 9.58
CA GLN D 336 69.05 11.17 10.54
C GLN D 336 70.40 10.70 11.04
N LEU D 337 71.18 11.69 11.52
CA LEU D 337 72.24 11.48 12.51
C LEU D 337 71.76 12.07 13.83
N VAL D 338 71.87 11.32 14.91
CA VAL D 338 71.45 11.79 16.21
C VAL D 338 72.52 11.54 17.27
N LYS D 339 72.55 12.42 18.26
CA LYS D 339 73.47 12.34 19.39
C LYS D 339 72.74 11.84 20.62
N LEU D 340 73.30 10.82 21.26
CA LEU D 340 72.79 10.31 22.53
C LEU D 340 73.62 10.90 23.65
N ASN D 341 72.94 11.62 24.56
CA ASN D 341 73.61 12.29 25.68
C ASN D 341 73.38 11.49 26.95
N VAL D 342 74.35 11.60 27.87
CA VAL D 342 74.22 10.91 29.16
C VAL D 342 73.16 11.58 30.02
N ASP D 343 73.07 12.90 29.96
CA ASP D 343 72.06 13.66 30.70
C ASP D 343 70.92 14.01 29.76
N SER D 344 69.70 13.92 30.28
CA SER D 344 68.52 14.32 29.52
C SER D 344 68.45 15.84 29.43
N ASN D 345 67.75 16.33 28.40
CA ASN D 345 67.57 17.76 28.25
C ASN D 345 66.34 18.20 29.06
N GLU D 346 65.92 19.45 28.89
CA GLU D 346 64.85 19.99 29.70
C GLU D 346 63.52 19.28 29.47
N GLN D 347 63.39 18.55 28.36
CA GLN D 347 62.17 17.85 28.01
C GLN D 347 62.14 16.39 28.47
N GLY D 348 63.23 15.91 29.06
CA GLY D 348 63.35 14.53 29.45
C GLY D 348 64.00 13.65 28.42
N SER D 349 64.45 14.21 27.30
CA SER D 349 65.01 13.45 26.21
C SER D 349 66.52 13.36 26.31
N TYR D 350 67.06 12.22 25.87
CA TYR D 350 68.50 12.00 25.75
C TYR D 350 68.98 12.08 24.32
N VAL D 351 68.11 12.42 23.38
CA VAL D 351 68.39 12.36 21.95
C VAL D 351 68.34 13.76 21.36
N VAL D 352 69.36 14.11 20.58
CA VAL D 352 69.41 15.40 19.88
C VAL D 352 69.79 15.14 18.43
N ALA D 353 68.97 15.66 17.51
CA ALA D 353 69.23 15.47 16.10
C ALA D 353 70.46 16.25 15.68
N MET D 354 71.32 15.62 14.90
CA MET D 354 72.48 16.29 14.31
C MET D 354 72.18 16.72 12.88
N GLU D 355 71.96 15.75 11.99
CA GLU D 355 71.71 16.04 10.58
C GLU D 355 70.43 15.38 10.13
N THR D 356 69.90 15.85 9.00
CA THR D 356 68.70 15.30 8.40
C THR D 356 68.98 15.06 6.90
N PHE D 357 68.81 13.81 6.48
CA PHE D 357 69.00 13.39 5.10
C PHE D 357 67.66 13.32 4.40
N THR D 358 67.49 14.09 3.34
CA THR D 358 66.21 14.13 2.65
C THR D 358 65.80 12.72 2.23
N ASN D 359 64.57 12.35 2.57
CA ASN D 359 63.97 11.12 2.08
C ASN D 359 62.57 11.47 1.55
N LEU D 360 62.40 11.34 0.24
CA LEU D 360 61.08 11.55 -0.34
C LEU D 360 60.08 10.48 0.07
N GLY D 361 60.53 9.46 0.80
CA GLY D 361 59.64 8.49 1.39
C GLY D 361 58.68 7.90 0.37
N PRO D 362 57.64 7.23 0.86
CA PRO D 362 56.57 6.78 -0.05
C PRO D 362 55.89 7.97 -0.71
N ILE D 363 55.84 7.95 -2.03
CA ILE D 363 55.16 8.98 -2.82
C ILE D 363 53.79 8.41 -3.16
N VAL D 364 52.79 8.73 -2.33
CA VAL D 364 51.46 8.18 -2.54
C VAL D 364 50.82 8.81 -3.77
N ASP D 365 51.05 10.10 -3.99
CA ASP D 365 50.49 10.83 -5.12
C ASP D 365 51.38 12.05 -5.35
N MET D 366 51.17 12.72 -6.48
CA MET D 366 51.95 13.89 -6.81
C MET D 366 51.31 14.64 -7.97
N CYS D 367 51.63 15.93 -8.08
CA CYS D 367 51.15 16.76 -9.17
C CYS D 367 52.24 17.72 -9.63
N VAL D 368 52.16 18.12 -10.89
CA VAL D 368 53.12 19.04 -11.50
C VAL D 368 52.42 20.37 -11.73
N VAL D 369 53.05 21.46 -11.31
CA VAL D 369 52.46 22.79 -11.41
C VAL D 369 53.58 23.80 -11.66
N ASP D 370 53.35 24.72 -12.60
CA ASP D 370 54.31 25.79 -12.86
C ASP D 370 53.97 26.94 -11.92
N LEU D 371 54.43 26.83 -10.67
CA LEU D 371 54.10 27.84 -9.68
C LEU D 371 54.68 29.19 -10.07
N GLU D 372 55.80 29.19 -10.78
CA GLU D 372 56.45 30.43 -11.17
C GLU D 372 55.87 30.92 -12.50
N ARG D 373 54.94 30.17 -13.07
CA ARG D 373 54.25 30.41 -14.34
C ARG D 373 55.19 30.41 -15.54
N GLN D 374 56.46 30.08 -15.34
CA GLN D 374 57.40 29.95 -16.45
C GLN D 374 57.27 28.54 -17.01
N GLY D 375 57.99 28.25 -18.09
CA GLY D 375 57.84 26.92 -18.64
C GLY D 375 58.40 25.82 -17.75
N GLN D 376 59.21 26.19 -16.75
CA GLN D 376 59.71 25.26 -15.76
C GLN D 376 58.62 24.88 -14.77
N GLY D 377 58.53 23.58 -14.50
CA GLY D 377 57.49 23.02 -13.65
C GLY D 377 58.08 22.48 -12.36
N GLN D 378 57.27 22.49 -11.30
CA GLN D 378 57.68 21.96 -10.01
C GLN D 378 56.76 20.82 -9.61
N LEU D 379 57.30 19.85 -8.89
CA LEU D 379 56.60 18.64 -8.51
C LEU D 379 56.33 18.66 -7.01
N VAL D 380 55.05 18.62 -6.64
CA VAL D 380 54.61 18.57 -5.25
C VAL D 380 54.10 17.16 -4.97
N THR D 381 54.70 16.49 -3.99
CA THR D 381 54.38 15.11 -3.68
C THR D 381 53.66 15.00 -2.34
N CYS D 382 52.82 13.96 -2.22
CA CYS D 382 52.37 13.47 -0.92
C CYS D 382 53.37 12.41 -0.49
N SER D 383 54.22 12.75 0.49
CA SER D 383 55.34 11.90 0.86
C SER D 383 55.30 11.54 2.34
N GLY D 384 55.74 10.33 2.63
CA GLY D 384 55.83 9.86 4.00
C GLY D 384 54.51 9.28 4.51
N ALA D 385 54.58 8.75 5.73
CA ALA D 385 53.43 8.17 6.40
C ALA D 385 53.51 8.52 7.88
N PHE D 386 52.34 8.57 8.51
CA PHE D 386 52.21 8.80 9.96
C PHE D 386 52.89 10.14 10.28
N LYS D 387 53.67 10.20 11.36
CA LYS D 387 54.22 11.49 11.79
C LYS D 387 55.20 12.08 10.79
N GLU D 388 55.74 11.25 9.88
CA GLU D 388 56.66 11.73 8.86
C GLU D 388 55.93 12.34 7.67
N GLY D 389 54.60 12.30 7.66
CA GLY D 389 53.84 12.77 6.51
C GLY D 389 54.20 14.19 6.15
N SER D 390 54.16 14.49 4.85
CA SER D 390 54.65 15.76 4.37
C SER D 390 54.27 15.94 2.91
N LEU D 391 54.29 17.19 2.48
CA LEU D 391 54.38 17.54 1.07
C LEU D 391 55.83 17.89 0.77
N ARG D 392 56.25 17.59 -0.46
CA ARG D 392 57.59 17.93 -0.92
C ARG D 392 57.46 18.69 -2.23
N ILE D 393 58.04 19.89 -2.27
CA ILE D 393 58.08 20.68 -3.50
C ILE D 393 59.47 20.54 -4.08
N ILE D 394 59.52 20.01 -5.29
CA ILE D 394 60.77 19.63 -5.94
C ILE D 394 60.83 20.41 -7.24
N ARG D 395 61.93 21.13 -7.43
CA ARG D 395 62.09 21.96 -8.60
C ARG D 395 63.46 21.65 -9.18
N ASN D 396 63.56 21.63 -10.50
CA ASN D 396 64.87 21.49 -11.10
C ASN D 396 65.59 22.82 -10.92
N GLY D 397 66.83 22.77 -10.46
CA GLY D 397 67.55 23.99 -10.16
C GLY D 397 68.41 24.46 -11.30
N ILE D 398 69.00 25.64 -11.12
CA ILE D 398 69.83 26.26 -12.14
C ILE D 398 71.08 26.83 -11.50
N GLN D 408 74.75 20.36 -10.23
CA GLN D 408 73.39 20.04 -10.65
C GLN D 408 72.73 19.18 -9.57
N LYS D 409 71.59 19.64 -9.08
CA LYS D 409 70.82 18.96 -8.04
C LYS D 409 69.37 19.42 -8.17
N LEU D 410 68.48 18.73 -7.46
CA LEU D 410 67.10 19.14 -7.29
C LEU D 410 66.99 19.91 -5.98
N HIS D 411 66.33 21.06 -6.00
CA HIS D 411 66.07 21.80 -4.77
C HIS D 411 64.74 21.31 -4.21
N ILE D 412 64.74 20.91 -2.95
CA ILE D 412 63.60 20.25 -2.34
C ILE D 412 63.18 21.04 -1.12
N ARG D 413 61.97 21.59 -1.16
CA ARG D 413 61.36 22.24 -0.03
C ARG D 413 60.43 21.25 0.65
N THR D 414 60.44 21.22 1.97
CA THR D 414 59.70 20.22 2.74
C THR D 414 58.61 20.89 3.57
N VAL D 415 57.42 20.30 3.54
CA VAL D 415 56.27 20.82 4.26
C VAL D 415 55.70 19.75 5.17
N PRO D 416 56.07 19.72 6.44
CA PRO D 416 55.56 18.65 7.32
C PRO D 416 54.08 18.77 7.59
N LEU D 417 53.43 17.60 7.67
CA LEU D 417 52.01 17.49 7.98
C LEU D 417 51.74 16.73 9.27
N TYR D 418 52.66 15.86 9.69
CA TYR D 418 52.55 15.05 10.91
C TYR D 418 51.33 14.13 10.89
N GLU D 419 50.82 13.87 9.69
CA GLU D 419 49.78 12.86 9.48
C GLU D 419 49.95 12.33 8.06
N SER D 420 49.33 11.21 7.78
CA SER D 420 49.56 10.52 6.51
C SER D 420 48.90 11.28 5.37
N PRO D 421 49.66 11.76 4.37
CA PRO D 421 49.03 12.32 3.17
C PRO D 421 48.74 11.21 2.17
N ARG D 422 47.58 11.29 1.51
CA ARG D 422 47.18 10.20 0.63
C ARG D 422 47.03 10.62 -0.83
N LYS D 423 46.36 11.74 -1.10
CA LYS D 423 46.21 12.23 -2.47
C LYS D 423 46.30 13.74 -2.45
N ILE D 424 46.74 14.30 -3.57
CA ILE D 424 46.91 15.74 -3.71
C ILE D 424 46.31 16.19 -5.03
N CYS D 425 45.81 17.42 -5.03
CA CYS D 425 45.17 17.99 -6.20
C CYS D 425 45.38 19.50 -6.15
N TYR D 426 45.67 20.06 -7.31
CA TYR D 426 45.91 21.50 -7.45
C TYR D 426 44.69 22.18 -8.04
N GLN D 427 44.29 23.30 -7.43
CA GLN D 427 43.15 24.10 -7.87
C GLN D 427 43.69 25.50 -8.10
N GLU D 428 43.92 25.86 -9.37
CA GLU D 428 44.52 27.15 -9.67
C GLU D 428 43.61 28.29 -9.23
N VAL D 429 42.29 28.16 -9.45
CA VAL D 429 41.37 29.24 -9.17
C VAL D 429 41.49 29.75 -7.75
N SER D 430 41.85 28.89 -6.81
CA SER D 430 41.97 29.27 -5.41
C SER D 430 43.42 29.38 -4.97
N GLN D 431 44.36 29.29 -5.90
CA GLN D 431 45.78 29.39 -5.60
C GLN D 431 46.13 28.47 -4.43
N CYS D 432 45.64 27.23 -4.50
CA CYS D 432 45.83 26.31 -3.40
C CYS D 432 45.75 24.87 -3.89
N PHE D 433 46.21 23.96 -3.02
CA PHE D 433 46.10 22.53 -3.23
C PHE D 433 45.02 21.97 -2.31
N GLY D 434 44.37 20.90 -2.76
CA GLY D 434 43.60 20.04 -1.90
C GLY D 434 44.41 18.78 -1.61
N VAL D 435 44.42 18.37 -0.35
CA VAL D 435 45.16 17.18 0.05
C VAL D 435 44.28 16.32 0.96
N LEU D 436 44.12 15.06 0.58
CA LEU D 436 43.48 14.07 1.44
C LEU D 436 44.53 13.52 2.39
N SER D 437 44.16 13.38 3.66
CA SER D 437 45.11 12.93 4.68
C SER D 437 44.36 12.14 5.74
N SER D 438 45.11 11.30 6.44
CA SER D 438 44.55 10.51 7.54
C SER D 438 45.52 10.50 8.71
N ARG D 439 44.97 10.59 9.90
CA ARG D 439 45.73 10.54 11.14
C ARG D 439 45.18 9.42 12.01
N ILE D 440 46.04 8.88 12.87
CA ILE D 440 45.67 7.78 13.75
C ILE D 440 45.21 8.35 15.09
N GLU D 441 44.00 8.01 15.49
CA GLU D 441 43.54 8.24 16.85
C GLU D 441 43.33 6.87 17.50
N VAL D 442 43.23 6.87 18.83
CA VAL D 442 43.14 5.63 19.60
C VAL D 442 41.93 5.68 20.51
N GLN D 443 41.23 4.54 20.59
CA GLN D 443 40.08 4.42 21.47
C GLN D 443 40.48 4.69 22.92
N ASP D 444 39.81 5.65 23.54
CA ASP D 444 40.13 6.06 24.90
C ASP D 444 38.95 5.79 25.84
N THR D 445 39.18 6.13 27.11
CA THR D 445 38.21 5.85 28.17
C THR D 445 36.96 6.71 28.08
N SER D 446 36.94 7.75 27.25
CA SER D 446 35.74 8.55 27.08
C SER D 446 34.72 7.90 26.15
N GLY D 447 35.07 6.77 25.54
CA GLY D 447 34.30 6.17 24.47
C GLY D 447 34.66 6.66 23.09
N GLY D 448 35.21 7.86 22.98
CA GLY D 448 35.71 8.39 21.73
C GLY D 448 37.14 7.98 21.48
N THR D 449 37.85 8.82 20.72
CA THR D 449 39.24 8.59 20.39
C THR D 449 40.05 9.85 20.62
N THR D 450 41.36 9.68 20.69
CA THR D 450 42.30 10.74 21.00
C THR D 450 43.47 10.66 20.02
N ALA D 451 43.87 11.81 19.49
CA ALA D 451 44.99 11.85 18.57
C ALA D 451 46.29 11.69 19.35
N LEU D 452 47.18 10.84 18.83
CA LEU D 452 48.44 10.59 19.54
C LEU D 452 49.31 11.84 19.58
N ARG D 453 49.10 12.76 18.65
CA ARG D 453 49.91 13.97 18.53
C ARG D 453 49.14 14.97 17.68
N PRO D 454 49.43 16.26 17.83
CA PRO D 454 48.82 17.25 16.93
C PRO D 454 49.39 17.12 15.53
N SER D 455 48.58 17.48 14.54
CA SER D 455 48.99 17.39 13.14
C SER D 455 48.16 18.36 12.32
N ALA D 456 48.39 18.34 11.00
CA ALA D 456 47.85 19.38 10.13
C ALA D 456 46.34 19.52 10.26
N SER D 457 45.61 18.41 10.30
CA SER D 457 44.15 18.46 10.32
C SER D 457 43.59 18.89 11.66
N THR D 458 44.42 18.93 12.71
CA THR D 458 43.97 19.36 14.03
C THR D 458 44.44 20.76 14.39
N GLN D 459 45.51 21.22 13.75
CA GLN D 459 46.06 22.55 13.95
C GLN D 459 45.63 23.50 12.85
N ALA D 460 44.62 23.12 12.08
CA ALA D 460 44.17 23.94 10.98
C ALA D 460 43.50 25.22 11.51
N LEU D 461 43.66 26.29 10.74
CA LEU D 461 43.10 27.59 11.11
C LEU D 461 41.57 27.54 11.16
N SER D 462 40.95 27.13 10.07
CA SER D 462 39.51 26.87 10.02
C SER D 462 39.28 25.37 9.93
N SER D 463 38.15 24.91 10.46
CA SER D 463 37.89 23.47 10.47
C SER D 463 36.40 23.20 10.39
N SER D 464 36.07 21.99 9.96
CA SER D 464 34.68 21.57 9.81
C SER D 464 34.62 20.04 9.83
N VAL D 465 33.41 19.52 10.04
CA VAL D 465 33.17 18.08 10.08
C VAL D 465 31.90 17.78 9.29
N SER D 466 31.95 16.76 8.44
CA SER D 466 30.76 16.41 7.66
C SER D 466 29.62 16.08 8.60
N SER D 467 28.43 16.61 8.28
CA SER D 467 27.21 16.33 9.00
C SER D 467 26.28 15.43 8.20
N SER D 468 26.83 14.72 7.21
CA SER D 468 26.01 13.92 6.32
C SER D 468 25.29 12.83 7.12
N LYS D 469 24.00 12.69 6.87
CA LYS D 469 23.18 11.67 7.50
C LYS D 469 22.90 10.51 6.54
N LEU D 470 23.52 10.52 5.36
CA LEU D 470 23.16 9.55 4.33
C LEU D 470 23.22 8.13 4.86
N PHE D 471 24.27 7.81 5.61
CA PHE D 471 24.38 6.49 6.20
C PHE D 471 23.68 6.40 7.54
N SER D 472 23.25 7.53 8.08
CA SER D 472 22.41 7.62 9.27
C SER D 472 22.72 6.52 10.28
N SER D 473 21.69 5.88 10.82
CA SER D 473 21.86 4.75 11.71
C SER D 473 21.64 3.43 10.97
N SER D 474 21.90 3.42 9.67
CA SER D 474 21.61 2.22 8.88
C SER D 474 22.57 1.10 9.21
N THR D 475 23.84 1.42 9.41
CA THR D 475 24.84 0.43 9.77
C THR D 475 24.89 0.23 11.28
N ALA D 476 24.58 -0.99 11.72
CA ALA D 476 24.66 -1.37 13.12
C ALA D 476 26.03 -0.99 13.68
N PRO D 477 26.11 -0.37 14.87
CA PRO D 477 27.41 0.06 15.37
C PRO D 477 28.24 -1.12 15.82
N HIS D 478 29.51 -1.10 15.46
CA HIS D 478 30.44 -2.18 15.77
C HIS D 478 31.07 -1.95 17.14
N GLU D 479 31.63 -3.03 17.67
CA GLU D 479 32.18 -2.99 19.01
C GLU D 479 33.51 -2.27 19.00
N THR D 480 33.75 -1.45 20.02
CA THR D 480 35.00 -0.70 20.13
C THR D 480 35.66 -1.07 21.45
N SER D 481 36.95 -1.37 21.38
CA SER D 481 37.75 -1.75 22.54
C SER D 481 38.80 -0.67 22.78
N PHE D 482 39.06 -0.36 24.04
CA PHE D 482 40.01 0.68 24.36
C PHE D 482 41.39 0.28 23.83
N GLY D 483 42.06 1.22 23.17
CA GLY D 483 43.39 1.00 22.67
C GLY D 483 43.49 0.67 21.19
N GLU D 484 42.38 0.34 20.54
CA GLU D 484 42.42 0.06 19.12
C GLU D 484 42.66 1.35 18.33
N GLU D 485 43.40 1.21 17.22
CA GLU D 485 43.66 2.34 16.35
C GLU D 485 42.54 2.50 15.33
N VAL D 486 42.27 3.74 14.94
CA VAL D 486 41.33 4.05 13.87
C VAL D 486 41.90 5.19 13.05
N GLU D 487 41.58 5.21 11.77
CA GLU D 487 42.00 6.27 10.87
C GLU D 487 40.93 7.35 10.79
N VAL D 488 41.36 8.61 10.81
CA VAL D 488 40.48 9.76 10.65
C VAL D 488 40.95 10.52 9.43
N HIS D 489 40.07 10.64 8.43
CA HIS D 489 40.43 11.22 7.15
C HIS D 489 39.94 12.66 7.05
N ASN D 490 40.71 13.47 6.35
CA ASN D 490 40.44 14.90 6.23
C ASN D 490 40.74 15.36 4.82
N LEU D 491 40.06 16.41 4.41
CA LEU D 491 40.41 17.18 3.22
C LEU D 491 41.12 18.44 3.69
N LEU D 492 42.38 18.60 3.28
CA LEU D 492 43.15 19.79 3.64
C LEU D 492 43.20 20.76 2.47
N ILE D 493 42.99 22.04 2.76
CA ILE D 493 43.14 23.12 1.80
C ILE D 493 44.40 23.89 2.19
N ILE D 494 45.33 24.00 1.24
CA ILE D 494 46.70 24.43 1.53
C ILE D 494 47.12 25.52 0.55
N ASP D 495 47.60 26.64 1.08
CA ASP D 495 48.05 27.75 0.23
C ASP D 495 49.24 27.31 -0.61
N GLN D 496 49.23 27.66 -1.91
CA GLN D 496 50.22 27.15 -2.84
C GLN D 496 51.58 27.82 -2.70
N HIS D 497 51.71 28.84 -1.85
CA HIS D 497 52.95 29.58 -1.64
C HIS D 497 53.50 29.51 -0.23
N THR D 498 52.65 29.67 0.75
CA THR D 498 53.05 29.57 2.14
C THR D 498 52.87 28.15 2.66
N PHE D 499 51.96 27.39 2.05
CA PHE D 499 51.61 26.05 2.50
C PHE D 499 51.10 26.09 3.94
N GLU D 500 50.41 27.18 4.28
CA GLU D 500 49.61 27.21 5.49
C GLU D 500 48.35 26.39 5.28
N VAL D 501 47.96 25.62 6.29
CA VAL D 501 46.72 24.85 6.24
C VAL D 501 45.57 25.82 6.49
N LEU D 502 44.83 26.16 5.43
CA LEU D 502 43.79 27.16 5.51
C LEU D 502 42.49 26.60 6.07
N HIS D 503 42.20 25.34 5.78
CA HIS D 503 40.97 24.70 6.24
C HIS D 503 41.21 23.21 6.30
N ALA D 504 40.56 22.56 7.26
CA ALA D 504 40.62 21.11 7.42
C ALA D 504 39.20 20.60 7.61
N HIS D 505 38.75 19.79 6.65
CA HIS D 505 37.44 19.15 6.72
C HIS D 505 37.63 17.70 7.12
N GLN D 506 37.00 17.31 8.22
CA GLN D 506 37.07 15.94 8.71
C GLN D 506 35.85 15.18 8.23
N PHE D 507 36.08 13.99 7.69
CA PHE D 507 34.99 13.20 7.14
C PHE D 507 34.33 12.38 8.25
N LEU D 508 33.30 11.62 7.85
CA LEU D 508 32.53 10.86 8.80
C LEU D 508 33.38 9.83 9.51
N GLN D 509 32.89 9.39 10.67
CA GLN D 509 33.53 8.31 11.39
C GLN D 509 33.61 7.06 10.53
N ASN D 510 34.81 6.50 10.41
CA ASN D 510 35.08 5.30 9.63
C ASN D 510 34.96 5.53 8.13
N GLU D 511 34.98 6.79 7.69
CA GLU D 511 34.92 7.11 6.28
C GLU D 511 36.34 7.39 5.78
N TYR D 512 36.76 6.68 4.74
CA TYR D 512 38.07 6.87 4.14
C TYR D 512 37.93 7.72 2.88
N ALA D 513 38.82 8.72 2.75
CA ALA D 513 38.90 9.52 1.54
C ALA D 513 39.89 8.86 0.60
N LEU D 514 39.42 8.50 -0.59
CA LEU D 514 40.23 7.72 -1.52
C LEU D 514 40.60 8.47 -2.79
N SER D 515 39.79 9.43 -3.21
CA SER D 515 39.98 10.06 -4.50
C SER D 515 39.61 11.53 -4.40
N LEU D 516 40.31 12.35 -5.18
CA LEU D 516 40.15 13.79 -5.13
C LEU D 516 40.39 14.36 -6.52
N VAL D 517 39.53 15.30 -6.92
CA VAL D 517 39.69 16.01 -8.17
C VAL D 517 39.37 17.48 -7.94
N SER D 518 39.91 18.32 -8.81
CA SER D 518 39.59 19.74 -8.88
C SER D 518 39.19 20.05 -10.31
N CYS D 519 37.98 20.58 -10.51
CA CYS D 519 37.50 20.79 -11.87
C CYS D 519 36.22 21.63 -11.88
N LYS D 520 35.87 22.10 -13.07
CA LYS D 520 34.57 22.66 -13.39
C LYS D 520 33.73 21.56 -14.04
N LEU D 521 32.42 21.58 -13.81
CA LEU D 521 31.53 20.58 -14.39
C LEU D 521 30.32 21.21 -15.06
N GLY D 522 29.82 20.51 -16.07
CA GLY D 522 28.59 20.93 -16.72
C GLY D 522 28.68 22.36 -17.19
N LYS D 523 27.62 23.11 -16.93
CA LYS D 523 27.59 24.54 -17.22
C LYS D 523 27.85 25.39 -15.98
N ASP D 524 28.36 24.79 -14.90
CA ASP D 524 28.67 25.51 -13.68
C ASP D 524 30.07 26.11 -13.76
N PRO D 525 30.22 27.45 -13.71
CA PRO D 525 31.57 28.03 -13.78
C PRO D 525 32.37 27.86 -12.50
N ASN D 526 31.74 27.49 -11.39
CA ASN D 526 32.45 27.35 -10.13
C ASN D 526 33.37 26.13 -10.17
N THR D 527 34.56 26.29 -9.62
CA THR D 527 35.55 25.21 -9.54
C THR D 527 35.51 24.56 -8.17
N TYR D 528 35.33 23.24 -8.15
CA TYR D 528 35.08 22.50 -6.92
C TYR D 528 36.22 21.56 -6.58
N PHE D 529 36.31 21.22 -5.29
CA PHE D 529 37.02 20.05 -4.82
C PHE D 529 36.00 18.94 -4.65
N ILE D 530 36.24 17.81 -5.30
CA ILE D 530 35.36 16.65 -5.23
C ILE D 530 36.16 15.48 -4.68
N VAL D 531 35.60 14.80 -3.69
CA VAL D 531 36.28 13.72 -2.99
C VAL D 531 35.41 12.47 -3.09
N GLY D 532 36.04 11.34 -3.38
CA GLY D 532 35.39 10.05 -3.38
C GLY D 532 35.81 9.25 -2.16
N THR D 533 34.83 8.65 -1.49
CA THR D 533 35.05 8.06 -0.19
C THR D 533 34.54 6.62 -0.14
N ALA D 534 34.84 5.97 0.98
CA ALA D 534 34.39 4.60 1.22
C ALA D 534 34.16 4.43 2.72
N MET D 535 33.07 3.74 3.07
CA MET D 535 32.78 3.40 4.45
C MET D 535 33.47 2.09 4.78
N VAL D 536 34.44 2.15 5.68
CA VAL D 536 35.31 1.04 6.00
C VAL D 536 34.89 0.50 7.36
N TYR D 537 34.32 -0.69 7.37
CA TYR D 537 34.04 -1.40 8.60
C TYR D 537 34.89 -2.67 8.61
N PRO D 538 35.54 -2.98 9.73
CA PRO D 538 36.50 -4.11 9.72
C PRO D 538 35.94 -5.42 9.20
N GLU D 539 34.63 -5.64 9.35
CA GLU D 539 34.05 -6.93 9.02
C GLU D 539 33.94 -7.16 7.51
N GLU D 540 33.67 -6.10 6.75
CA GLU D 540 33.37 -6.22 5.33
C GLU D 540 34.69 -6.25 4.57
N ALA D 541 34.96 -7.36 3.87
CA ALA D 541 36.17 -7.42 3.06
C ALA D 541 36.16 -6.34 1.98
N GLU D 542 35.00 -6.05 1.41
CA GLU D 542 34.85 -5.03 0.39
C GLU D 542 33.82 -4.02 0.87
N PRO D 543 34.15 -2.72 0.87
CA PRO D 543 33.16 -1.73 1.33
C PRO D 543 31.90 -1.80 0.51
N LYS D 544 30.77 -1.54 1.17
CA LYS D 544 29.48 -1.58 0.49
C LYS D 544 28.78 -0.24 0.54
N GLN D 545 29.42 0.80 1.08
CA GLN D 545 28.85 2.12 1.12
C GLN D 545 29.91 3.18 0.81
N GLY D 546 29.47 4.31 0.27
CA GLY D 546 30.40 5.38 -0.01
C GLY D 546 29.71 6.64 -0.45
N ARG D 547 30.51 7.70 -0.57
CA ARG D 547 30.03 9.01 -0.96
C ARG D 547 30.95 9.63 -2.00
N ILE D 548 30.35 10.45 -2.87
CA ILE D 548 31.06 11.46 -3.64
C ILE D 548 30.59 12.81 -3.11
N VAL D 549 31.53 13.63 -2.67
CA VAL D 549 31.23 14.90 -2.01
C VAL D 549 31.83 16.03 -2.85
N VAL D 550 31.04 17.07 -3.07
CA VAL D 550 31.49 18.26 -3.79
C VAL D 550 31.66 19.40 -2.80
N PHE D 551 32.85 19.96 -2.75
CA PHE D 551 33.16 21.11 -1.91
C PHE D 551 33.43 22.31 -2.80
N GLN D 552 33.22 23.50 -2.24
CA GLN D 552 33.71 24.72 -2.86
C GLN D 552 34.50 25.51 -1.83
N TYR D 553 35.76 25.80 -2.15
CA TYR D 553 36.55 26.70 -1.32
C TYR D 553 36.43 28.11 -1.89
N SER D 554 35.82 29.00 -1.13
CA SER D 554 35.61 30.37 -1.59
C SER D 554 35.58 31.31 -0.40
N ASP D 555 36.27 32.44 -0.52
CA ASP D 555 36.31 33.45 0.53
C ASP D 555 36.79 32.83 1.84
N GLY D 556 37.76 31.93 1.73
CA GLY D 556 38.37 31.35 2.90
C GLY D 556 37.58 30.26 3.59
N LYS D 557 36.40 29.90 3.10
CA LYS D 557 35.56 28.92 3.76
C LYS D 557 35.20 27.80 2.80
N LEU D 558 35.29 26.56 3.29
CA LEU D 558 34.85 25.41 2.52
C LEU D 558 33.37 25.18 2.74
N GLN D 559 32.62 25.09 1.64
CA GLN D 559 31.19 24.88 1.66
C GLN D 559 30.90 23.52 1.02
N THR D 560 30.12 22.70 1.72
CA THR D 560 29.69 21.44 1.16
C THR D 560 28.62 21.71 0.12
N VAL D 561 28.89 21.40 -1.14
CA VAL D 561 27.97 21.79 -2.19
C VAL D 561 26.96 20.70 -2.47
N ALA D 562 27.38 19.44 -2.49
CA ALA D 562 26.46 18.37 -2.81
C ALA D 562 27.09 17.04 -2.41
N GLU D 563 26.23 16.06 -2.19
CA GLU D 563 26.67 14.71 -1.84
C GLU D 563 25.82 13.71 -2.58
N LYS D 564 26.49 12.73 -3.18
CA LYS D 564 25.88 11.65 -3.94
C LYS D 564 26.27 10.35 -3.27
N GLU D 565 25.28 9.53 -2.93
CA GLU D 565 25.54 8.25 -2.30
C GLU D 565 25.83 7.19 -3.35
N VAL D 566 26.80 6.33 -3.06
CA VAL D 566 27.11 5.19 -3.92
C VAL D 566 27.24 3.97 -3.03
N LYS D 567 27.20 2.80 -3.66
CA LYS D 567 27.18 1.51 -2.97
C LYS D 567 28.54 0.84 -3.02
N GLY D 568 29.60 1.56 -2.63
CA GLY D 568 30.93 1.00 -2.69
C GLY D 568 31.99 2.06 -2.49
N ALA D 569 33.23 1.68 -2.79
CA ALA D 569 34.38 2.55 -2.60
C ALA D 569 34.71 3.29 -3.88
N VAL D 570 34.87 4.61 -3.78
CA VAL D 570 35.18 5.45 -4.95
C VAL D 570 36.69 5.52 -5.06
N TYR D 571 37.26 4.50 -5.70
CA TYR D 571 38.71 4.38 -5.74
C TYR D 571 39.36 5.44 -6.61
N SER D 572 38.67 5.92 -7.64
CA SER D 572 39.28 6.86 -8.57
C SER D 572 38.23 7.73 -9.24
N MET D 573 38.58 8.99 -9.48
CA MET D 573 37.72 9.92 -10.20
C MET D 573 38.59 10.73 -11.16
N VAL D 574 37.97 11.28 -12.20
CA VAL D 574 38.68 12.13 -13.14
C VAL D 574 37.68 12.96 -13.93
N GLU D 575 38.08 14.18 -14.27
CA GLU D 575 37.24 15.04 -15.11
C GLU D 575 37.25 14.51 -16.53
N PHE D 576 36.07 14.42 -17.13
CA PHE D 576 35.87 13.78 -18.43
C PHE D 576 34.94 14.67 -19.25
N ASN D 577 35.51 15.66 -19.93
CA ASN D 577 34.76 16.51 -20.83
C ASN D 577 33.53 17.07 -20.13
N GLY D 578 33.79 17.75 -19.02
CA GLY D 578 32.73 18.38 -18.25
C GLY D 578 31.89 17.43 -17.42
N LYS D 579 32.14 16.13 -17.50
CA LYS D 579 31.42 15.15 -16.71
C LYS D 579 32.40 14.49 -15.75
N LEU D 580 31.85 13.91 -14.68
CA LEU D 580 32.65 13.31 -13.62
C LEU D 580 32.69 11.80 -13.85
N LEU D 581 33.89 11.28 -14.07
CA LEU D 581 34.11 9.86 -14.26
C LEU D 581 34.64 9.29 -12.96
N ALA D 582 33.90 8.33 -12.38
CA ALA D 582 34.22 7.78 -11.08
C ALA D 582 34.09 6.26 -11.14
N SER D 583 34.92 5.58 -10.36
CA SER D 583 34.93 4.12 -10.30
C SER D 583 34.50 3.69 -8.90
N ILE D 584 33.45 2.89 -8.81
CA ILE D 584 32.89 2.40 -7.55
C ILE D 584 32.98 0.87 -7.58
N ASN D 585 33.95 0.31 -6.84
CA ASN D 585 34.19 -1.14 -6.84
C ASN D 585 34.36 -1.63 -8.27
N SER D 586 33.50 -2.55 -8.73
CA SER D 586 33.60 -3.04 -10.10
C SER D 586 33.06 -2.06 -11.14
N THR D 587 32.15 -1.17 -10.75
CA THR D 587 31.47 -0.29 -11.70
C THR D 587 32.32 0.93 -12.07
N VAL D 588 32.19 1.36 -13.32
CA VAL D 588 32.73 2.64 -13.80
C VAL D 588 31.56 3.47 -14.31
N ARG D 589 31.31 4.62 -13.66
CA ARG D 589 30.15 5.43 -13.94
C ARG D 589 30.54 6.80 -14.48
N LEU D 590 29.69 7.35 -15.34
CA LEU D 590 29.82 8.72 -15.82
C LEU D 590 28.64 9.51 -15.26
N TYR D 591 28.94 10.55 -14.50
CA TYR D 591 27.93 11.40 -13.89
C TYR D 591 27.86 12.74 -14.63
N GLU D 592 26.65 13.29 -14.71
CA GLU D 592 26.45 14.63 -15.24
C GLU D 592 26.12 15.56 -14.08
N TRP D 593 26.47 16.83 -14.26
CA TRP D 593 26.27 17.87 -13.25
C TRP D 593 25.05 18.68 -13.66
N THR D 594 23.96 18.54 -12.91
CA THR D 594 22.71 19.15 -13.31
C THR D 594 22.75 20.66 -13.04
N THR D 595 21.75 21.37 -13.56
CA THR D 595 21.58 22.77 -13.22
C THR D 595 21.09 22.97 -11.79
N GLU D 596 20.67 21.89 -11.12
CA GLU D 596 20.35 21.93 -9.69
C GLU D 596 21.54 21.56 -8.81
N LYS D 597 22.74 21.56 -9.36
CA LYS D 597 23.98 21.30 -8.62
C LYS D 597 23.91 19.96 -7.87
N GLU D 598 23.56 18.89 -8.59
CA GLU D 598 23.62 17.53 -8.04
C GLU D 598 24.01 16.57 -9.16
N LEU D 599 24.65 15.47 -8.79
CA LEU D 599 25.16 14.51 -9.75
C LEU D 599 24.08 13.52 -10.19
N ARG D 600 24.03 13.28 -11.50
CA ARG D 600 23.07 12.35 -12.10
C ARG D 600 23.82 11.35 -12.95
N THR D 601 23.51 10.07 -12.75
CA THR D 601 24.17 9.01 -13.52
C THR D 601 23.68 9.05 -14.97
N GLU D 602 24.62 8.95 -15.91
CA GLU D 602 24.29 8.87 -17.33
C GLU D 602 24.37 7.44 -17.85
N CYS D 603 25.49 6.76 -17.60
CA CYS D 603 25.69 5.42 -18.14
C CYS D 603 26.72 4.72 -17.28
N ASN D 604 26.72 3.39 -17.38
CA ASN D 604 27.59 2.57 -16.54
C ASN D 604 28.30 1.51 -17.36
N HIS D 605 29.44 1.08 -16.83
CA HIS D 605 30.20 -0.05 -17.31
C HIS D 605 30.52 -0.94 -16.12
N TYR D 606 30.22 -2.23 -16.23
CA TYR D 606 30.30 -3.13 -15.09
C TYR D 606 31.37 -4.21 -15.20
N ASN D 607 32.06 -4.34 -16.33
CA ASN D 607 32.92 -5.50 -16.54
C ASN D 607 34.30 -5.28 -15.92
N ASN D 608 34.32 -5.31 -14.59
CA ASN D 608 35.59 -5.25 -13.88
C ASN D 608 35.54 -6.07 -12.60
N ILE D 609 36.73 -6.37 -12.08
CA ILE D 609 36.85 -6.94 -10.74
C ILE D 609 37.00 -5.85 -9.69
N MET D 610 37.92 -4.94 -9.91
CA MET D 610 38.04 -3.73 -9.08
C MET D 610 38.69 -2.62 -9.91
N ALA D 611 37.98 -1.51 -10.06
CA ALA D 611 38.41 -0.42 -10.92
C ALA D 611 39.22 0.56 -10.09
N LEU D 612 40.52 0.28 -9.98
CA LEU D 612 41.36 1.04 -9.06
C LEU D 612 41.85 2.35 -9.66
N TYR D 613 42.12 2.38 -10.96
CA TYR D 613 42.76 3.54 -11.58
C TYR D 613 42.04 3.96 -12.84
N LEU D 614 41.99 5.27 -13.07
CA LEU D 614 41.36 5.84 -14.25
C LEU D 614 42.24 6.93 -14.84
N LYS D 615 42.27 7.00 -16.17
CA LYS D 615 42.91 8.08 -16.90
C LYS D 615 42.07 8.34 -18.15
N THR D 616 42.11 9.55 -18.68
CA THR D 616 41.34 9.87 -19.87
C THR D 616 42.15 10.64 -20.90
N LYS D 617 41.64 10.63 -22.13
CA LYS D 617 42.13 11.45 -23.24
C LYS D 617 40.99 11.51 -24.25
N GLY D 618 40.42 12.70 -24.45
CA GLY D 618 39.27 12.80 -25.33
C GLY D 618 38.10 12.02 -24.78
N ASP D 619 37.49 11.18 -25.61
CA ASP D 619 36.38 10.33 -25.19
C ASP D 619 36.81 8.90 -24.85
N PHE D 620 38.11 8.66 -24.75
CA PHE D 620 38.65 7.34 -24.40
C PHE D 620 38.97 7.27 -22.92
N ILE D 621 38.76 6.10 -22.31
CA ILE D 621 39.03 5.90 -20.89
C ILE D 621 39.88 4.66 -20.73
N LEU D 622 40.95 4.76 -19.93
CA LEU D 622 41.80 3.62 -19.59
C LEU D 622 41.53 3.25 -18.14
N VAL D 623 41.11 2.01 -17.92
CA VAL D 623 40.73 1.53 -16.59
C VAL D 623 41.77 0.54 -16.09
N GLY D 624 42.32 0.79 -14.90
CA GLY D 624 43.27 -0.09 -14.29
C GLY D 624 42.61 -0.95 -13.21
N ASP D 625 42.73 -2.25 -13.37
CA ASP D 625 42.05 -3.21 -12.52
C ASP D 625 43.07 -3.94 -11.63
N LEU D 626 42.55 -4.50 -10.51
CA LEU D 626 43.42 -5.23 -9.59
C LEU D 626 44.04 -6.43 -10.30
N MET D 627 43.23 -7.17 -11.05
CA MET D 627 43.63 -8.28 -11.91
C MET D 627 42.91 -8.08 -13.24
N ARG D 628 43.44 -8.71 -14.28
CA ARG D 628 42.98 -8.51 -15.65
C ARG D 628 43.45 -7.16 -16.22
N SER D 629 44.52 -6.62 -15.61
CA SER D 629 45.33 -5.53 -16.15
C SER D 629 44.53 -4.31 -16.58
N VAL D 630 44.66 -3.89 -17.84
CA VAL D 630 44.17 -2.59 -18.30
C VAL D 630 43.10 -2.80 -19.38
N LEU D 631 42.15 -1.86 -19.43
CA LEU D 631 41.04 -1.87 -20.37
C LEU D 631 40.94 -0.50 -21.04
N LEU D 632 40.56 -0.49 -22.33
CA LEU D 632 40.32 0.74 -23.06
C LEU D 632 38.82 0.88 -23.30
N LEU D 633 38.19 1.79 -22.57
CA LEU D 633 36.80 2.13 -22.77
C LEU D 633 36.69 3.37 -23.66
N ALA D 634 35.58 3.48 -24.34
CA ALA D 634 35.27 4.68 -25.11
C ALA D 634 33.84 5.09 -24.82
N TYR D 635 33.66 6.39 -24.64
CA TYR D 635 32.33 6.98 -24.52
C TYR D 635 31.79 7.21 -25.93
N LYS D 636 30.63 6.67 -26.21
CA LYS D 636 30.03 6.87 -27.51
C LYS D 636 28.93 7.91 -27.33
N PRO D 637 29.24 9.19 -27.51
CA PRO D 637 28.25 10.23 -27.17
C PRO D 637 26.94 10.08 -27.92
N MET D 638 26.95 9.49 -29.13
CA MET D 638 25.70 9.34 -29.88
C MET D 638 24.69 8.48 -29.13
N GLU D 639 25.15 7.55 -28.29
CA GLU D 639 24.25 6.65 -27.61
C GLU D 639 24.15 6.96 -26.13
N GLY D 640 25.13 7.63 -25.55
CA GLY D 640 25.09 7.96 -24.14
C GLY D 640 25.41 6.77 -23.29
N ASN D 641 26.51 6.10 -23.61
CA ASN D 641 26.91 4.90 -22.89
C ASN D 641 28.38 4.62 -23.22
N PHE D 642 28.89 3.53 -22.67
CA PHE D 642 30.27 3.12 -22.94
C PHE D 642 30.27 1.99 -23.96
N GLU D 643 31.44 1.81 -24.59
CA GLU D 643 31.70 0.69 -25.48
C GLU D 643 33.10 0.19 -25.16
N GLU D 644 33.27 -1.12 -25.05
CA GLU D 644 34.54 -1.72 -24.71
C GLU D 644 35.37 -1.86 -25.97
N ILE D 645 36.52 -1.17 -26.03
CA ILE D 645 37.36 -1.22 -27.23
C ILE D 645 38.35 -2.37 -27.20
N ALA D 646 39.11 -2.53 -26.12
CA ALA D 646 40.12 -3.58 -26.04
C ALA D 646 40.55 -3.77 -24.58
N ARG D 647 41.06 -4.96 -24.28
CA ARG D 647 41.50 -5.36 -22.94
C ARG D 647 42.92 -5.91 -23.07
N ASP D 648 43.61 -6.03 -21.93
CA ASP D 648 44.92 -6.66 -21.98
C ASP D 648 44.79 -8.18 -21.94
N PHE D 649 43.81 -8.66 -21.18
CA PHE D 649 43.55 -10.08 -20.96
C PHE D 649 44.68 -10.85 -20.28
N ASN D 650 45.87 -10.29 -20.23
CA ASN D 650 46.95 -10.88 -19.44
C ASN D 650 46.85 -10.47 -17.98
N PRO D 651 46.72 -11.40 -17.05
CA PRO D 651 46.47 -10.98 -15.66
C PRO D 651 47.69 -10.26 -15.09
N ASN D 652 47.45 -9.06 -14.57
CA ASN D 652 48.50 -8.28 -13.94
C ASN D 652 47.93 -7.56 -12.73
N TRP D 653 48.76 -7.44 -11.69
CA TRP D 653 48.41 -6.70 -10.49
C TRP D 653 48.87 -5.26 -10.68
N MET D 654 47.93 -4.36 -10.93
CA MET D 654 48.29 -3.00 -11.32
C MET D 654 48.56 -2.14 -10.09
N SER D 655 49.55 -1.26 -10.22
CA SER D 655 49.84 -0.22 -9.24
C SER D 655 49.50 1.18 -9.73
N ALA D 656 49.55 1.43 -11.04
CA ALA D 656 49.16 2.68 -11.64
C ALA D 656 49.18 2.48 -13.14
N VAL D 657 48.41 3.31 -13.85
CA VAL D 657 48.34 3.25 -15.30
C VAL D 657 48.44 4.67 -15.82
N GLU D 658 48.80 4.79 -17.10
CA GLU D 658 48.84 6.09 -17.74
C GLU D 658 48.66 5.89 -19.24
N ILE D 659 48.11 6.91 -19.88
CA ILE D 659 47.94 6.96 -21.33
C ILE D 659 49.11 7.74 -21.91
N LEU D 660 49.81 7.14 -22.86
CA LEU D 660 50.91 7.81 -23.53
C LEU D 660 50.41 8.57 -24.76
N ASP D 661 49.63 7.92 -25.60
CA ASP D 661 49.04 8.53 -26.77
C ASP D 661 47.83 7.70 -27.19
N ASP D 662 47.22 8.09 -28.31
CA ASP D 662 45.95 7.48 -28.70
C ASP D 662 46.06 5.97 -28.90
N ASP D 663 47.27 5.45 -29.06
CA ASP D 663 47.47 4.03 -29.32
C ASP D 663 48.29 3.30 -28.26
N ASN D 664 49.11 4.00 -27.48
CA ASN D 664 49.96 3.38 -26.47
C ASN D 664 49.42 3.65 -25.07
N PHE D 665 49.52 2.64 -24.20
CA PHE D 665 49.04 2.71 -22.82
C PHE D 665 50.09 2.14 -21.89
N LEU D 666 50.34 2.81 -20.77
CA LEU D 666 51.41 2.45 -19.87
C LEU D 666 50.85 1.92 -18.55
N GLY D 667 51.48 0.87 -18.04
CA GLY D 667 51.04 0.25 -16.81
C GLY D 667 52.23 -0.13 -15.95
N ALA D 668 51.97 -0.27 -14.65
CA ALA D 668 52.97 -0.65 -13.66
C ALA D 668 52.44 -1.78 -12.80
N GLU D 669 53.25 -2.82 -12.61
CA GLU D 669 52.83 -4.03 -11.93
C GLU D 669 53.44 -4.12 -10.53
N ASN D 670 52.77 -4.89 -9.66
CA ASN D 670 53.25 -5.13 -8.30
C ASN D 670 54.52 -5.97 -8.28
N ALA D 671 54.95 -6.44 -9.44
CA ALA D 671 56.20 -7.18 -9.58
C ALA D 671 57.37 -6.26 -9.85
N PHE D 672 57.18 -4.95 -9.72
CA PHE D 672 58.19 -3.96 -10.05
C PHE D 672 58.47 -3.92 -11.54
N ASN D 673 57.44 -4.17 -12.36
CA ASN D 673 57.59 -4.19 -13.80
C ASN D 673 56.73 -3.09 -14.42
N LEU D 674 57.20 -2.57 -15.54
CA LEU D 674 56.47 -1.62 -16.36
C LEU D 674 56.10 -2.34 -17.66
N PHE D 675 54.89 -2.11 -18.17
CA PHE D 675 54.54 -2.71 -19.45
C PHE D 675 53.74 -1.70 -20.26
N VAL D 676 53.85 -1.81 -21.58
CA VAL D 676 53.13 -0.95 -22.50
C VAL D 676 52.37 -1.86 -23.48
N CYS D 677 51.07 -1.62 -23.61
CA CYS D 677 50.22 -2.32 -24.56
C CYS D 677 49.63 -1.31 -25.54
N GLN D 678 49.37 -1.76 -26.76
CA GLN D 678 48.87 -0.91 -27.82
C GLN D 678 47.69 -1.59 -28.51
N LYS D 679 46.90 -0.79 -29.22
CA LYS D 679 45.86 -1.36 -30.07
C LYS D 679 46.54 -2.09 -31.22
N ASP D 680 46.06 -3.30 -31.53
CA ASP D 680 46.83 -4.13 -32.46
C ASP D 680 46.75 -3.61 -33.89
N SER D 681 45.62 -3.06 -34.28
CA SER D 681 45.44 -2.46 -35.61
C SER D 681 45.90 -3.40 -36.73
N ALA D 682 45.59 -4.70 -36.59
CA ALA D 682 46.00 -5.65 -37.62
C ALA D 682 45.03 -6.80 -37.78
N ALA D 683 44.88 -7.23 -39.04
CA ALA D 683 44.04 -8.32 -39.53
C ALA D 683 42.54 -8.02 -39.55
N THR D 684 42.12 -6.80 -39.21
CA THR D 684 40.73 -6.39 -39.27
C THR D 684 39.76 -7.47 -38.78
N THR D 685 40.19 -8.25 -37.79
CA THR D 685 39.34 -9.27 -37.16
C THR D 685 38.76 -8.60 -35.93
N ASP D 686 37.44 -8.68 -35.77
CA ASP D 686 36.83 -8.00 -34.62
C ASP D 686 37.44 -8.52 -33.32
N GLU D 687 37.74 -9.81 -33.29
CA GLU D 687 38.33 -10.44 -32.12
C GLU D 687 39.73 -9.90 -31.87
N GLU D 688 40.52 -9.75 -32.93
CA GLU D 688 41.89 -9.26 -32.82
C GLU D 688 41.91 -7.78 -32.44
N ARG D 689 40.91 -7.02 -32.91
CA ARG D 689 40.87 -5.61 -32.60
C ARG D 689 40.77 -5.38 -31.09
N GLN D 690 40.08 -6.27 -30.40
CA GLN D 690 39.81 -6.12 -28.98
C GLN D 690 40.93 -6.70 -28.12
N HIS D 691 42.04 -7.12 -28.72
CA HIS D 691 43.15 -7.71 -27.97
C HIS D 691 44.27 -6.70 -27.94
N LEU D 692 44.55 -6.16 -26.75
CA LEU D 692 45.68 -5.29 -26.55
C LEU D 692 46.93 -6.13 -26.39
N GLN D 693 47.95 -5.82 -27.17
CA GLN D 693 49.19 -6.60 -27.18
C GLN D 693 50.24 -5.91 -26.33
N GLU D 694 50.85 -6.66 -25.41
CA GLU D 694 51.92 -6.16 -24.56
C GLU D 694 53.19 -6.06 -25.38
N VAL D 695 53.35 -4.91 -26.06
CA VAL D 695 54.52 -4.72 -26.89
C VAL D 695 55.75 -4.32 -26.09
N GLY D 696 55.58 -3.77 -24.88
CA GLY D 696 56.72 -3.36 -24.08
C GLY D 696 56.76 -3.99 -22.71
N LEU D 697 57.91 -4.53 -22.33
CA LEU D 697 58.12 -5.16 -21.03
C LEU D 697 59.45 -4.68 -20.48
N PHE D 698 59.48 -4.34 -19.19
CA PHE D 698 60.66 -3.75 -18.58
C PHE D 698 60.58 -3.86 -17.06
N HIS D 699 61.61 -4.45 -16.45
CA HIS D 699 61.71 -4.55 -14.99
C HIS D 699 62.27 -3.24 -14.47
N LEU D 700 61.43 -2.44 -13.82
CA LEU D 700 61.86 -1.14 -13.31
C LEU D 700 62.71 -1.30 -12.06
N GLY D 701 62.29 -2.18 -11.16
CA GLY D 701 62.92 -2.33 -9.88
C GLY D 701 62.34 -1.44 -8.80
N GLU D 702 61.38 -0.59 -9.14
CA GLU D 702 60.74 0.30 -8.19
C GLU D 702 59.24 0.05 -8.23
N PHE D 703 58.54 0.49 -7.19
CA PHE D 703 57.10 0.34 -7.08
C PHE D 703 56.44 1.68 -7.39
N VAL D 704 55.69 1.74 -8.47
CA VAL D 704 55.13 2.99 -8.97
C VAL D 704 53.74 3.20 -8.39
N ASN D 705 53.58 4.27 -7.62
CA ASN D 705 52.26 4.61 -7.10
C ASN D 705 51.48 5.53 -8.02
N VAL D 706 52.14 6.43 -8.74
CA VAL D 706 51.45 7.49 -9.47
C VAL D 706 52.18 7.78 -10.77
N PHE D 707 51.42 7.85 -11.87
CA PHE D 707 51.92 8.38 -13.13
C PHE D 707 51.40 9.80 -13.31
N CYS D 708 52.21 10.65 -13.93
CA CYS D 708 51.88 12.07 -14.03
C CYS D 708 52.56 12.69 -15.25
N HIS D 709 51.75 13.22 -16.16
CA HIS D 709 52.27 13.93 -17.32
C HIS D 709 52.89 15.25 -16.88
N GLY D 710 54.06 15.56 -17.40
CA GLY D 710 54.71 16.83 -17.11
C GLY D 710 56.22 16.70 -17.15
N SER D 711 56.89 17.84 -17.06
CA SER D 711 58.34 17.87 -17.03
C SER D 711 58.84 18.98 -16.11
N LEU D 712 59.94 18.68 -15.39
CA LEU D 712 60.57 19.63 -14.49
C LEU D 712 61.58 20.52 -15.20
N VAL D 713 61.98 20.17 -16.42
CA VAL D 713 62.90 21.00 -17.20
C VAL D 713 62.13 22.15 -17.85
N MET D 714 62.86 23.21 -18.18
CA MET D 714 62.28 24.40 -18.79
C MET D 714 61.77 24.12 -20.20
N GLN D 715 60.48 24.41 -20.43
CA GLN D 715 59.85 24.19 -21.72
C GLN D 715 59.75 25.51 -22.49
N ASN D 716 60.71 25.73 -23.37
CA ASN D 716 60.75 26.94 -24.19
C ASN D 716 59.71 26.85 -25.29
N LEU D 717 58.74 27.77 -25.28
CA LEU D 717 57.69 27.78 -26.29
C LEU D 717 58.25 27.65 -27.70
N GLY D 718 59.54 27.91 -27.88
CA GLY D 718 60.12 27.75 -29.20
C GLY D 718 60.32 26.28 -29.53
N GLU D 719 59.98 25.93 -30.77
CA GLU D 719 60.00 24.55 -31.21
C GLU D 719 61.43 24.03 -31.29
N THR D 720 61.75 23.07 -30.44
CA THR D 720 63.03 22.40 -30.45
C THR D 720 62.78 20.97 -30.91
N SER D 721 63.63 20.48 -31.80
CA SER D 721 63.46 19.11 -32.28
C SER D 721 64.25 18.26 -31.31
N THR D 722 63.53 17.64 -30.37
CA THR D 722 64.14 16.79 -29.39
C THR D 722 63.94 15.37 -29.86
N PRO D 723 64.90 14.49 -29.64
CA PRO D 723 64.69 13.08 -30.05
C PRO D 723 63.53 12.44 -29.30
N THR D 724 63.38 12.76 -28.02
CA THR D 724 62.31 12.21 -27.21
C THR D 724 60.98 12.91 -27.50
N GLN D 725 59.90 12.14 -27.42
CA GLN D 725 58.54 12.62 -27.61
C GLN D 725 57.71 12.25 -26.38
N GLY D 726 57.12 13.25 -25.75
CA GLY D 726 56.31 13.03 -24.57
C GLY D 726 57.12 13.09 -23.28
N SER D 727 56.40 13.16 -22.16
CA SER D 727 57.06 13.21 -20.85
C SER D 727 56.08 12.79 -19.77
N VAL D 728 56.36 11.65 -19.12
CA VAL D 728 55.59 11.18 -17.97
C VAL D 728 56.53 11.02 -16.79
N LEU D 729 56.18 11.64 -15.66
CA LEU D 729 56.86 11.41 -14.40
C LEU D 729 56.12 10.36 -13.58
N PHE D 730 56.87 9.65 -12.73
CA PHE D 730 56.24 8.71 -11.80
C PHE D 730 56.98 8.73 -10.46
N GLY D 731 56.20 8.55 -9.39
CA GLY D 731 56.73 8.53 -8.04
C GLY D 731 56.61 7.12 -7.48
N THR D 732 57.52 6.77 -6.58
CA THR D 732 57.63 5.40 -6.12
C THR D 732 57.68 5.33 -4.60
N VAL D 733 57.70 4.09 -4.10
CA VAL D 733 57.68 3.83 -2.67
C VAL D 733 58.99 4.22 -2.02
N ASN D 734 60.11 4.01 -2.72
CA ASN D 734 61.43 4.30 -2.18
C ASN D 734 61.87 5.74 -2.42
N GLY D 735 60.97 6.62 -2.86
CA GLY D 735 61.30 7.99 -3.11
C GLY D 735 61.84 8.26 -4.50
N MET D 736 62.24 7.22 -5.22
CA MET D 736 62.74 7.38 -6.59
C MET D 736 61.69 8.05 -7.47
N ILE D 737 62.13 9.05 -8.24
CA ILE D 737 61.29 9.68 -9.25
C ILE D 737 61.93 9.43 -10.61
N GLY D 738 61.13 8.94 -11.55
CA GLY D 738 61.58 8.61 -12.88
C GLY D 738 60.79 9.35 -13.95
N LEU D 739 61.18 9.08 -15.21
CA LEU D 739 60.57 9.73 -16.36
C LEU D 739 60.51 8.73 -17.52
N VAL D 740 59.36 8.69 -18.17
CA VAL D 740 59.14 7.83 -19.34
C VAL D 740 58.88 8.72 -20.55
N THR D 741 59.44 8.33 -21.69
CA THR D 741 59.20 9.05 -22.93
C THR D 741 59.28 8.05 -24.09
N SER D 742 58.67 8.41 -25.21
CA SER D 742 58.65 7.55 -26.39
C SER D 742 59.75 7.99 -27.35
N LEU D 743 60.17 7.04 -28.19
CA LEU D 743 61.23 7.26 -29.16
C LEU D 743 60.72 6.93 -30.54
N SER D 744 61.33 7.54 -31.56
CA SER D 744 61.04 7.16 -32.93
C SER D 744 61.79 5.88 -33.26
N GLU D 745 61.24 5.10 -34.19
CA GLU D 745 61.86 3.82 -34.51
C GLU D 745 63.34 4.00 -34.84
N SER D 746 63.68 5.09 -35.53
CA SER D 746 65.08 5.36 -35.82
C SER D 746 65.86 5.44 -34.51
N TRP D 747 65.30 6.12 -33.50
CA TRP D 747 66.02 6.35 -32.26
C TRP D 747 66.11 5.11 -31.39
N TYR D 748 65.03 4.32 -31.30
CA TYR D 748 65.07 3.11 -30.48
C TYR D 748 66.23 2.22 -30.89
N ASN D 749 66.34 1.92 -32.18
CA ASN D 749 67.38 1.01 -32.66
C ASN D 749 68.78 1.49 -32.29
N LEU D 750 69.08 2.77 -32.48
CA LEU D 750 70.41 3.25 -32.10
C LEU D 750 70.67 3.00 -30.62
N LEU D 751 69.76 3.45 -29.75
CA LEU D 751 69.98 3.36 -28.32
C LEU D 751 70.05 1.91 -27.87
N LEU D 752 69.23 1.05 -28.48
CA LEU D 752 69.29 -0.38 -28.16
C LEU D 752 70.66 -0.95 -28.53
N ASP D 753 71.14 -0.63 -29.73
CA ASP D 753 72.45 -1.11 -30.16
C ASP D 753 73.55 -0.69 -29.18
N MET D 754 73.45 0.54 -28.66
CA MET D 754 74.48 1.01 -27.73
C MET D 754 74.43 0.25 -26.41
N GLN D 755 73.23 -0.09 -25.95
CA GLN D 755 73.09 -0.85 -24.71
C GLN D 755 73.88 -2.16 -24.82
N ASN D 756 73.65 -2.92 -25.88
CA ASN D 756 74.41 -4.15 -26.10
C ASN D 756 75.90 -3.88 -26.20
N ARG D 757 76.29 -2.72 -26.74
CA ARG D 757 77.70 -2.35 -26.79
C ARG D 757 78.22 -1.93 -25.41
N LEU D 758 77.44 -1.12 -24.69
CA LEU D 758 77.86 -0.66 -23.39
C LEU D 758 77.98 -1.82 -22.40
N ASN D 759 77.09 -2.81 -22.54
CA ASN D 759 77.10 -3.93 -21.60
C ASN D 759 78.38 -4.75 -21.68
N LYS D 760 78.98 -4.84 -22.87
CA LYS D 760 80.25 -5.55 -23.00
C LYS D 760 81.40 -4.78 -22.35
N VAL D 761 81.29 -3.45 -22.31
CA VAL D 761 82.39 -2.58 -21.87
C VAL D 761 82.39 -2.38 -20.36
N ILE D 762 81.22 -2.18 -19.79
CA ILE D 762 81.09 -1.75 -18.39
C ILE D 762 81.13 -2.96 -17.48
N LYS D 763 81.91 -2.86 -16.40
CA LYS D 763 82.01 -3.92 -15.40
C LYS D 763 80.98 -3.63 -14.31
N SER D 764 80.04 -4.55 -14.13
CA SER D 764 78.98 -4.34 -13.13
C SER D 764 79.40 -4.89 -11.77
N VAL D 765 78.89 -4.25 -10.73
CA VAL D 765 79.14 -4.73 -9.37
C VAL D 765 78.51 -6.10 -9.20
N GLY D 766 79.29 -7.05 -8.70
CA GLY D 766 78.81 -8.40 -8.59
C GLY D 766 78.74 -9.13 -9.91
N LYS D 767 79.13 -8.47 -11.01
CA LYS D 767 79.12 -9.06 -12.34
C LYS D 767 77.74 -9.61 -12.70
N ILE D 768 76.72 -8.78 -12.47
CA ILE D 768 75.34 -9.13 -12.82
C ILE D 768 75.05 -8.68 -14.25
N GLU D 769 74.58 -9.62 -15.07
CA GLU D 769 74.22 -9.32 -16.45
C GLU D 769 73.07 -8.31 -16.51
N HIS D 770 73.27 -7.23 -17.26
CA HIS D 770 72.26 -6.19 -17.36
C HIS D 770 70.96 -6.71 -17.97
N SER D 771 71.06 -7.52 -19.02
CA SER D 771 69.86 -8.03 -19.67
C SER D 771 68.97 -8.78 -18.67
N PHE D 772 69.60 -9.56 -17.77
CA PHE D 772 68.84 -10.28 -16.75
C PHE D 772 68.14 -9.32 -15.79
N TRP D 773 68.87 -8.31 -15.32
CA TRP D 773 68.34 -7.38 -14.34
C TRP D 773 67.06 -6.70 -14.84
N ARG D 774 67.10 -6.15 -16.04
CA ARG D 774 65.95 -5.45 -16.59
C ARG D 774 64.91 -6.37 -17.23
N SER D 775 65.12 -7.68 -17.20
CA SER D 775 64.13 -8.60 -17.74
C SER D 775 62.87 -8.63 -16.87
N PHE D 776 61.72 -8.59 -17.53
CA PHE D 776 60.42 -8.77 -16.87
C PHE D 776 60.46 -9.97 -15.94
N HIS D 777 59.93 -9.81 -14.72
CA HIS D 777 60.04 -10.87 -13.73
C HIS D 777 58.90 -10.81 -12.73
N THR D 778 58.09 -11.86 -12.71
CA THR D 778 57.16 -12.18 -11.64
C THR D 778 57.60 -13.52 -11.05
N GLU D 779 56.99 -13.92 -9.94
CA GLU D 779 57.31 -15.24 -9.42
C GLU D 779 57.05 -16.32 -10.45
N ARG D 780 56.19 -16.06 -11.43
CA ARG D 780 55.77 -17.07 -12.39
C ARG D 780 56.41 -16.91 -13.76
N LYS D 781 56.77 -15.69 -14.15
CA LYS D 781 57.35 -15.48 -15.47
C LYS D 781 58.62 -14.66 -15.39
N THR D 782 59.49 -14.93 -16.35
CA THR D 782 60.66 -14.11 -16.61
C THR D 782 60.76 -14.03 -18.14
N GLU D 783 60.51 -12.86 -18.68
CA GLU D 783 60.57 -12.58 -20.10
C GLU D 783 61.67 -11.55 -20.33
N PRO D 784 62.30 -11.57 -21.50
CA PRO D 784 63.28 -10.52 -21.80
C PRO D 784 62.60 -9.18 -22.01
N ALA D 785 63.30 -8.11 -21.61
CA ALA D 785 62.76 -6.77 -21.79
C ALA D 785 62.62 -6.45 -23.28
N THR D 786 61.60 -5.67 -23.62
CA THR D 786 61.35 -5.29 -24.99
C THR D 786 60.59 -3.96 -25.02
N GLY D 787 60.92 -3.13 -26.00
CA GLY D 787 60.29 -1.84 -26.17
C GLY D 787 60.75 -0.75 -25.24
N PHE D 788 61.85 -0.96 -24.52
CA PHE D 788 62.29 -0.01 -23.52
C PHE D 788 63.80 0.17 -23.56
N ILE D 789 64.24 1.41 -23.41
CA ILE D 789 65.66 1.75 -23.32
C ILE D 789 65.96 2.14 -21.88
N ASP D 790 66.95 1.46 -21.28
CA ASP D 790 67.37 1.82 -19.93
C ASP D 790 68.18 3.11 -19.99
N GLY D 791 67.48 4.24 -19.85
CA GLY D 791 68.14 5.53 -20.01
C GLY D 791 69.27 5.76 -19.04
N ASP D 792 69.23 5.10 -17.87
CA ASP D 792 70.33 5.25 -16.93
C ASP D 792 71.60 4.60 -17.45
N LEU D 793 71.46 3.56 -18.28
CA LEU D 793 72.61 2.95 -18.94
C LEU D 793 73.14 3.81 -20.08
N ILE D 794 72.25 4.37 -20.90
CA ILE D 794 72.69 5.26 -21.97
C ILE D 794 73.45 6.45 -21.39
N GLU D 795 72.96 7.01 -20.28
CA GLU D 795 73.59 8.17 -19.68
C GLU D 795 74.90 7.86 -18.97
N SER D 796 75.29 6.60 -18.84
CA SER D 796 76.60 6.28 -18.30
C SER D 796 77.69 6.27 -19.37
N PHE D 797 77.31 6.27 -20.65
CA PHE D 797 78.28 6.40 -21.74
C PHE D 797 79.13 7.65 -21.53
N LEU D 798 78.56 8.71 -20.96
CA LEU D 798 79.30 9.93 -20.74
C LEU D 798 80.31 9.82 -19.60
N ASP D 799 80.24 8.77 -18.79
CA ASP D 799 81.11 8.64 -17.63
C ASP D 799 82.23 7.62 -17.79
N ILE D 800 82.30 6.91 -18.90
CA ILE D 800 83.35 5.93 -19.11
C ILE D 800 84.52 6.62 -19.78
N SER D 801 85.72 6.09 -19.53
CA SER D 801 86.94 6.73 -20.04
C SER D 801 86.94 6.76 -21.55
N ARG D 802 87.68 7.72 -22.12
CA ARG D 802 87.73 7.85 -23.58
C ARG D 802 88.06 6.54 -24.27
N PRO D 803 89.05 5.76 -23.80
CA PRO D 803 89.34 4.48 -24.47
C PRO D 803 88.12 3.57 -24.63
N LYS D 804 87.25 3.53 -23.63
CA LYS D 804 86.09 2.65 -23.69
C LYS D 804 85.02 3.21 -24.61
N MET D 805 84.88 4.53 -24.65
CA MET D 805 83.97 5.15 -25.62
C MET D 805 84.34 4.76 -27.04
N GLN D 806 85.62 4.84 -27.38
CA GLN D 806 86.07 4.48 -28.71
C GLN D 806 85.84 3.01 -28.97
N GLU D 807 85.95 2.17 -27.94
CA GLU D 807 85.57 0.76 -28.06
C GLU D 807 84.09 0.61 -28.37
N VAL D 808 83.24 1.46 -27.78
CA VAL D 808 81.80 1.30 -27.92
C VAL D 808 81.38 1.56 -29.36
N VAL D 809 81.99 2.56 -30.01
CA VAL D 809 81.56 2.98 -31.34
C VAL D 809 82.20 2.17 -32.47
N ALA D 810 83.06 1.21 -32.15
CA ALA D 810 83.71 0.42 -33.19
C ALA D 810 82.67 -0.26 -34.08
N ASN D 811 82.81 -0.06 -35.39
CA ASN D 811 81.94 -0.68 -36.39
C ASN D 811 80.50 -0.20 -36.29
N LEU D 812 80.31 1.00 -35.76
CA LEU D 812 78.98 1.58 -35.57
C LEU D 812 78.70 2.60 -36.67
N GLN D 813 77.49 2.56 -37.22
CA GLN D 813 77.08 3.48 -38.27
C GLN D 813 76.07 4.44 -37.65
N TYR D 814 76.29 5.73 -37.85
CA TYR D 814 75.50 6.80 -37.25
C TYR D 814 74.70 7.51 -38.34
N ASP D 815 73.37 7.48 -38.19
CA ASP D 815 72.48 8.15 -39.12
C ASP D 815 72.49 9.63 -38.77
N ASP D 816 72.88 10.48 -39.72
CA ASP D 816 73.08 11.90 -39.43
C ASP D 816 71.80 12.71 -39.58
N GLY D 817 70.65 12.05 -39.72
CA GLY D 817 69.39 12.75 -39.92
C GLY D 817 69.25 13.27 -41.34
N SER D 818 70.37 13.33 -42.08
CA SER D 818 70.35 13.70 -43.48
C SER D 818 70.38 12.46 -44.35
N GLY D 819 69.95 11.33 -43.80
CA GLY D 819 69.84 10.10 -44.53
C GLY D 819 71.15 9.37 -44.76
N MET D 820 72.28 9.94 -44.36
CA MET D 820 73.57 9.34 -44.58
C MET D 820 74.04 8.68 -43.27
N LYS D 821 74.27 7.38 -43.32
CA LYS D 821 74.78 6.64 -42.17
C LYS D 821 76.27 6.41 -42.40
N ARG D 822 77.09 6.80 -41.42
CA ARG D 822 78.54 6.80 -41.59
C ARG D 822 79.16 6.30 -40.28
N GLU D 823 80.43 5.91 -40.35
CA GLU D 823 81.08 5.41 -39.14
C GLU D 823 80.96 6.45 -38.04
N ALA D 824 80.65 5.97 -36.84
CA ALA D 824 80.35 6.84 -35.72
C ALA D 824 81.61 7.11 -34.92
N THR D 825 81.76 8.35 -34.47
CA THR D 825 82.84 8.74 -33.59
C THR D 825 82.32 8.88 -32.18
N ALA D 826 83.25 8.88 -31.22
CA ALA D 826 82.87 9.11 -29.84
C ALA D 826 82.19 10.45 -29.68
N ASP D 827 82.57 11.42 -30.51
CA ASP D 827 81.99 12.75 -30.43
C ASP D 827 80.57 12.78 -30.99
N ASP D 828 80.23 11.88 -31.91
CA ASP D 828 78.88 11.82 -32.44
C ASP D 828 77.89 11.35 -31.38
N LEU D 829 78.26 10.31 -30.62
CA LEU D 829 77.37 9.79 -29.60
C LEU D 829 77.32 10.68 -28.36
N ILE D 830 78.43 11.33 -28.01
CA ILE D 830 78.43 12.24 -26.87
C ILE D 830 77.45 13.39 -27.09
N LYS D 831 77.31 13.86 -28.32
CA LYS D 831 76.31 14.88 -28.59
C LYS D 831 74.90 14.30 -28.42
N VAL D 832 74.69 13.07 -28.86
CA VAL D 832 73.37 12.45 -28.76
C VAL D 832 73.01 12.21 -27.29
N VAL D 833 73.92 11.64 -26.51
CA VAL D 833 73.60 11.32 -25.13
C VAL D 833 73.39 12.61 -24.32
N GLU D 834 74.21 13.63 -24.55
CA GLU D 834 74.05 14.88 -23.83
C GLU D 834 72.69 15.50 -24.10
N GLU D 835 72.14 15.29 -25.30
CA GLU D 835 70.77 15.72 -25.57
C GLU D 835 69.77 14.95 -24.71
N LEU D 836 70.03 13.67 -24.46
CA LEU D 836 69.11 12.89 -23.65
C LEU D 836 69.17 13.25 -22.18
N THR D 837 70.27 13.85 -21.71
CA THR D 837 70.33 14.28 -20.32
C THR D 837 69.54 15.56 -20.06
N ARG D 838 69.07 16.24 -21.11
CA ARG D 838 68.34 17.49 -20.94
C ARG D 838 66.84 17.31 -20.82
N ILE D 839 66.36 16.07 -20.85
CA ILE D 839 64.93 15.82 -20.67
C ILE D 839 64.53 15.72 -19.21
N HIS D 840 65.48 15.78 -18.29
CA HIS D 840 65.17 15.67 -16.88
C HIS D 840 66.15 16.45 -16.00
N THR E 7 9.16 -24.69 -23.24
CA THR E 7 9.61 -25.35 -22.02
C THR E 7 11.10 -25.11 -21.83
N GLU E 8 11.63 -25.62 -20.71
CA GLU E 8 13.04 -25.44 -20.37
C GLU E 8 13.97 -26.15 -21.34
N SER E 9 13.45 -27.08 -22.15
CA SER E 9 14.27 -27.95 -22.97
C SER E 9 14.45 -27.48 -24.41
N ASP E 10 13.67 -26.48 -24.85
CA ASP E 10 13.62 -26.11 -26.27
C ASP E 10 14.75 -25.12 -26.57
N TRP E 11 15.96 -25.67 -26.69
CA TRP E 11 17.15 -24.87 -26.91
C TRP E 11 17.24 -24.43 -28.37
N GLY E 12 18.02 -23.36 -28.60
CA GLY E 12 18.26 -22.87 -29.93
C GLY E 12 17.20 -21.94 -30.47
N LYS E 13 16.11 -21.75 -29.74
CA LYS E 13 14.98 -20.93 -30.18
C LYS E 13 15.00 -19.53 -29.56
N ARG E 14 15.22 -19.46 -28.26
CA ARG E 14 15.22 -18.20 -27.54
C ARG E 14 16.33 -17.27 -28.06
N CYS E 15 16.02 -15.97 -28.12
CA CYS E 15 16.94 -15.00 -28.69
C CYS E 15 17.89 -14.45 -27.63
N VAL E 16 19.09 -14.09 -28.09
CA VAL E 16 20.08 -13.50 -27.19
C VAL E 16 19.70 -12.10 -26.74
N ASP E 17 18.64 -11.53 -27.31
CA ASP E 17 18.10 -10.28 -26.77
C ASP E 17 17.72 -10.43 -25.30
N LYS E 18 17.39 -11.64 -24.87
CA LYS E 18 17.01 -11.90 -23.48
C LYS E 18 18.20 -11.79 -22.54
N PHE E 19 19.39 -11.48 -23.06
CA PHE E 19 20.58 -11.23 -22.25
C PHE E 19 21.09 -9.83 -22.52
N ASP E 20 21.39 -9.11 -21.44
CA ASP E 20 22.09 -7.84 -21.49
C ASP E 20 23.60 -8.11 -21.41
N ILE E 21 24.33 -7.72 -22.45
CA ILE E 21 25.75 -8.00 -22.53
C ILE E 21 26.52 -7.04 -21.62
N ILE E 22 27.36 -7.60 -20.75
CA ILE E 22 28.15 -6.79 -19.83
C ILE E 22 29.56 -6.52 -20.36
N GLY E 23 30.19 -7.51 -20.97
CA GLY E 23 31.53 -7.31 -21.50
C GLY E 23 32.08 -8.61 -22.04
N ILE E 24 33.34 -8.55 -22.46
CA ILE E 24 34.03 -9.68 -23.06
C ILE E 24 34.92 -10.32 -22.00
N ILE E 25 34.71 -11.60 -21.74
CA ILE E 25 35.47 -12.29 -20.70
C ILE E 25 36.80 -12.80 -21.25
N GLY E 26 36.78 -13.25 -22.49
CA GLY E 26 37.96 -13.81 -23.10
C GLY E 26 37.63 -14.23 -24.51
N GLU E 27 38.68 -14.41 -25.30
CA GLU E 27 38.56 -14.89 -26.67
C GLU E 27 38.65 -16.41 -26.67
N GLY E 28 37.58 -17.06 -27.12
CA GLY E 28 37.49 -18.50 -27.12
C GLY E 28 38.01 -19.15 -28.40
N THR E 29 37.72 -20.44 -28.52
CA THR E 29 38.18 -21.20 -29.68
C THR E 29 37.35 -20.91 -30.92
N TYR E 30 36.03 -20.99 -30.79
CA TYR E 30 35.09 -20.86 -31.90
C TYR E 30 34.36 -19.53 -31.90
N GLY E 31 34.62 -18.69 -30.90
CA GLY E 31 34.03 -17.36 -30.81
C GLY E 31 34.38 -16.81 -29.45
N GLN E 32 34.19 -15.51 -29.33
CA GLN E 32 34.54 -14.79 -28.11
C GLN E 32 33.59 -15.17 -26.98
N VAL E 33 34.07 -15.13 -25.74
CA VAL E 33 33.25 -15.42 -24.56
C VAL E 33 32.83 -14.08 -23.95
N TYR E 34 31.53 -13.93 -23.69
CA TYR E 34 30.95 -12.70 -23.17
C TYR E 34 30.25 -12.99 -21.85
N LYS E 35 30.26 -12.01 -20.96
CA LYS E 35 29.50 -12.02 -19.70
C LYS E 35 28.20 -11.23 -19.88
N ALA E 36 27.10 -11.77 -19.34
CA ALA E 36 25.80 -11.15 -19.55
C ALA E 36 24.87 -11.45 -18.38
N LYS E 37 23.76 -10.73 -18.36
CA LYS E 37 22.72 -10.89 -17.33
C LYS E 37 21.42 -11.27 -18.02
N ASP E 38 20.74 -12.28 -17.50
CA ASP E 38 19.40 -12.61 -18.00
C ASP E 38 18.47 -11.48 -17.58
N LYS E 39 17.76 -10.89 -18.54
CA LYS E 39 16.95 -9.73 -18.21
C LYS E 39 15.84 -10.10 -17.23
N ASP E 40 15.28 -11.31 -17.36
CA ASP E 40 14.14 -11.67 -16.53
C ASP E 40 14.59 -12.18 -15.17
N THR E 41 15.59 -13.05 -15.14
CA THR E 41 15.96 -13.71 -13.90
C THR E 41 16.92 -12.88 -13.08
N GLY E 42 17.75 -12.06 -13.74
CA GLY E 42 18.81 -11.34 -13.08
C GLY E 42 20.09 -12.11 -12.91
N GLU E 43 20.11 -13.38 -13.32
CA GLU E 43 21.30 -14.21 -13.19
C GLU E 43 22.43 -13.74 -14.09
N LEU E 44 23.66 -13.85 -13.59
CA LEU E 44 24.85 -13.63 -14.40
C LEU E 44 25.25 -14.92 -15.12
N VAL E 45 25.56 -14.79 -16.40
CA VAL E 45 25.89 -15.91 -17.26
C VAL E 45 27.14 -15.56 -18.08
N ALA E 46 27.70 -16.58 -18.71
CA ALA E 46 28.77 -16.42 -19.70
C ALA E 46 28.29 -17.01 -21.02
N LEU E 47 28.51 -16.27 -22.11
CA LEU E 47 28.01 -16.67 -23.41
C LEU E 47 29.23 -16.93 -24.29
N LYS E 48 29.46 -18.20 -24.65
CA LYS E 48 30.45 -18.56 -25.66
C LYS E 48 29.79 -18.39 -27.01
N LYS E 49 30.27 -17.43 -27.79
CA LYS E 49 29.71 -17.14 -29.09
C LYS E 49 30.19 -18.20 -30.08
N VAL E 50 29.25 -18.77 -30.83
CA VAL E 50 29.56 -19.75 -31.86
C VAL E 50 29.26 -19.12 -33.22
N ARG E 51 30.30 -18.99 -34.04
CA ARG E 51 30.21 -18.41 -35.36
C ARG E 51 30.25 -19.52 -36.40
N LEU E 52 29.17 -19.65 -37.17
CA LEU E 52 29.19 -20.49 -38.36
C LEU E 52 29.12 -19.67 -39.64
N ASP E 53 29.30 -18.35 -39.56
CA ASP E 53 29.28 -17.53 -40.76
C ASP E 53 30.43 -17.89 -41.71
N ASN E 54 31.54 -18.41 -41.18
CA ASN E 54 32.61 -18.88 -42.06
C ASN E 54 32.13 -20.04 -42.91
N GLU E 55 31.36 -20.97 -42.32
CA GLU E 55 30.74 -22.07 -43.06
C GLU E 55 31.76 -22.88 -43.85
N LYS E 56 33.03 -22.85 -43.45
CA LYS E 56 33.99 -23.77 -44.03
C LYS E 56 33.53 -25.21 -43.88
N GLU E 57 33.14 -25.59 -42.65
CA GLU E 57 32.51 -26.87 -42.38
C GLU E 57 31.29 -26.70 -41.48
N GLY E 58 30.70 -25.51 -41.47
CA GLY E 58 29.49 -25.28 -40.70
C GLY E 58 29.78 -25.15 -39.22
N PHE E 59 28.81 -25.60 -38.42
CA PHE E 59 28.91 -25.53 -36.97
C PHE E 59 30.21 -26.19 -36.50
N PRO E 60 31.05 -25.49 -35.74
CA PRO E 60 32.32 -26.10 -35.34
C PRO E 60 32.09 -27.35 -34.53
N ILE E 61 32.94 -28.36 -34.77
CA ILE E 61 32.83 -29.60 -34.01
C ILE E 61 33.20 -29.34 -32.56
N THR E 62 34.16 -28.44 -32.32
CA THR E 62 34.54 -28.08 -30.96
C THR E 62 33.31 -27.75 -30.12
N ALA E 63 32.39 -26.95 -30.70
CA ALA E 63 31.17 -26.62 -30.00
C ALA E 63 30.24 -27.82 -29.92
N ILE E 64 30.16 -28.59 -31.00
CA ILE E 64 29.34 -29.79 -31.00
C ILE E 64 29.76 -30.72 -29.88
N ARG E 65 31.07 -30.83 -29.63
CA ARG E 65 31.52 -31.66 -28.53
C ARG E 65 31.07 -31.10 -27.19
N GLU E 66 31.21 -29.78 -27.00
CA GLU E 66 30.89 -29.21 -25.71
C GLU E 66 29.38 -29.26 -25.46
N ILE E 67 28.58 -29.18 -26.51
CA ILE E 67 27.14 -29.27 -26.37
C ILE E 67 26.74 -30.72 -26.09
N LYS E 68 27.30 -31.64 -26.89
CA LYS E 68 26.99 -33.06 -26.72
C LYS E 68 27.43 -33.57 -25.36
N ILE E 69 28.60 -33.11 -24.88
CA ILE E 69 29.15 -33.67 -23.65
C ILE E 69 28.58 -32.97 -22.43
N LEU E 70 28.46 -31.65 -22.45
CA LEU E 70 27.99 -30.94 -21.26
C LEU E 70 26.49 -31.04 -21.04
N ARG E 71 25.71 -31.50 -22.03
CA ARG E 71 24.34 -31.88 -21.75
C ARG E 71 24.25 -33.28 -21.15
N GLN E 72 25.35 -34.05 -21.15
CA GLN E 72 25.38 -35.35 -20.50
C GLN E 72 25.95 -35.29 -19.09
N LEU E 73 26.83 -34.34 -18.80
CA LEU E 73 27.58 -34.30 -17.55
C LEU E 73 26.91 -33.34 -16.58
N ILE E 74 26.54 -33.87 -15.42
CA ILE E 74 25.89 -33.12 -14.35
C ILE E 74 26.74 -33.35 -13.10
N HIS E 75 27.51 -32.36 -12.70
CA HIS E 75 28.29 -32.49 -11.48
C HIS E 75 28.60 -31.11 -10.93
N ARG E 76 28.74 -31.04 -9.60
CA ARG E 76 29.04 -29.76 -8.96
C ARG E 76 30.36 -29.19 -9.47
N SER E 77 31.27 -30.07 -9.90
CA SER E 77 32.59 -29.70 -10.35
C SER E 77 32.72 -29.71 -11.88
N VAL E 78 31.62 -29.80 -12.61
CA VAL E 78 31.62 -29.68 -14.06
C VAL E 78 30.82 -28.46 -14.45
N VAL E 79 31.42 -27.59 -15.26
CA VAL E 79 30.75 -26.35 -15.66
C VAL E 79 29.39 -26.71 -16.29
N ASN E 80 28.40 -25.87 -16.05
CA ASN E 80 27.02 -26.17 -16.46
C ASN E 80 26.67 -25.35 -17.69
N MET E 81 26.17 -26.03 -18.71
CA MET E 81 25.62 -25.36 -19.88
C MET E 81 24.12 -25.16 -19.63
N LYS E 82 23.70 -23.90 -19.51
CA LYS E 82 22.31 -23.63 -19.15
C LYS E 82 21.41 -23.69 -20.39
N GLU E 83 21.84 -23.10 -21.51
CA GLU E 83 21.04 -23.12 -22.73
C GLU E 83 21.86 -22.59 -23.90
N ILE E 84 21.24 -22.60 -25.08
CA ILE E 84 21.82 -22.08 -26.32
C ILE E 84 20.83 -21.13 -26.95
N VAL E 85 21.28 -19.92 -27.31
CA VAL E 85 20.44 -18.89 -27.89
C VAL E 85 21.08 -18.37 -29.18
N THR E 86 20.29 -17.62 -29.94
CA THR E 86 20.65 -17.18 -31.28
C THR E 86 20.45 -15.69 -31.45
N ASP E 87 21.17 -15.10 -32.41
CA ASP E 87 20.91 -13.73 -32.81
C ASP E 87 19.51 -13.62 -33.43
N LYS E 88 18.96 -12.41 -33.38
CA LYS E 88 17.64 -12.17 -33.93
C LYS E 88 17.61 -12.56 -35.40
N GLN E 89 16.70 -13.47 -35.77
CA GLN E 89 16.57 -13.90 -37.16
C GLN E 89 15.82 -12.79 -37.88
N ASP E 90 16.58 -11.86 -38.48
CA ASP E 90 15.97 -10.75 -39.19
C ASP E 90 15.30 -11.21 -40.47
N ALA E 91 15.97 -12.06 -41.23
CA ALA E 91 15.48 -12.52 -42.53
C ALA E 91 14.31 -13.47 -42.40
N LEU E 92 13.35 -13.34 -43.31
CA LEU E 92 12.25 -14.30 -43.39
C LEU E 92 12.69 -15.62 -43.98
N ASP E 93 13.86 -15.66 -44.62
CA ASP E 93 14.36 -16.84 -45.30
C ASP E 93 15.43 -17.48 -44.43
N PHE E 94 15.40 -18.80 -44.33
CA PHE E 94 16.42 -19.50 -43.58
C PHE E 94 17.73 -19.61 -44.33
N LYS E 95 17.71 -19.28 -45.62
CA LYS E 95 18.93 -19.30 -46.42
C LYS E 95 19.70 -18.00 -46.19
N LYS E 96 18.99 -16.89 -46.00
CA LYS E 96 19.61 -15.60 -45.76
C LYS E 96 20.02 -15.38 -44.29
N ASP E 97 19.72 -16.32 -43.39
CA ASP E 97 20.15 -16.18 -42.00
C ASP E 97 21.63 -16.53 -41.83
N LYS E 98 22.44 -15.54 -41.44
CA LYS E 98 23.85 -15.75 -41.12
C LYS E 98 24.17 -15.49 -39.66
N GLY E 99 23.13 -15.37 -38.81
CA GLY E 99 23.32 -15.08 -37.40
C GLY E 99 24.01 -16.20 -36.65
N ALA E 100 24.53 -15.84 -35.48
CA ALA E 100 25.33 -16.74 -34.66
C ALA E 100 24.51 -17.33 -33.51
N PHE E 101 25.09 -18.34 -32.87
CA PHE E 101 24.56 -18.96 -31.67
C PHE E 101 25.46 -18.67 -30.47
N TYR E 102 24.89 -18.76 -29.28
CA TYR E 102 25.60 -18.50 -28.04
C TYR E 102 25.34 -19.65 -27.07
N LEU E 103 26.41 -20.21 -26.52
CA LEU E 103 26.31 -21.24 -25.50
C LEU E 103 26.30 -20.56 -24.14
N VAL E 104 25.20 -20.69 -23.42
CA VAL E 104 25.00 -19.99 -22.16
C VAL E 104 25.51 -20.89 -21.03
N PHE E 105 26.46 -20.38 -20.27
CA PHE E 105 27.01 -21.07 -19.12
C PHE E 105 26.73 -20.25 -17.86
N GLU E 106 26.74 -20.94 -16.72
CA GLU E 106 26.80 -20.25 -15.44
C GLU E 106 28.09 -19.44 -15.39
N TYR E 107 28.02 -18.23 -14.81
CA TYR E 107 29.23 -17.42 -14.70
C TYR E 107 29.98 -17.78 -13.42
N MET E 108 31.23 -18.19 -13.58
CA MET E 108 32.15 -18.44 -12.48
C MET E 108 33.00 -17.19 -12.33
N ASP E 109 33.21 -16.78 -11.08
CA ASP E 109 33.79 -15.46 -10.82
C ASP E 109 35.20 -15.34 -11.37
N HIS E 110 36.06 -16.32 -11.09
CA HIS E 110 37.46 -16.23 -11.43
C HIS E 110 37.97 -17.53 -12.03
N ASP E 111 39.09 -17.44 -12.73
CA ASP E 111 39.85 -18.60 -13.18
C ASP E 111 41.15 -18.68 -12.38
N LEU E 112 41.68 -19.89 -12.23
CA LEU E 112 42.82 -20.07 -11.34
C LEU E 112 44.05 -19.33 -11.87
N MET E 113 44.28 -19.39 -13.18
CA MET E 113 45.45 -18.75 -13.77
C MET E 113 45.50 -17.27 -13.43
N GLY E 114 44.36 -16.57 -13.58
CA GLY E 114 44.32 -15.17 -13.24
C GLY E 114 44.70 -14.92 -11.79
N LEU E 115 44.20 -15.76 -10.88
CA LEU E 115 44.46 -15.54 -9.45
C LEU E 115 45.95 -15.70 -9.17
N LEU E 116 46.60 -16.65 -9.85
CA LEU E 116 48.02 -16.91 -9.66
C LEU E 116 48.89 -15.95 -10.48
N GLU E 117 48.62 -15.80 -11.79
CA GLU E 117 49.47 -14.96 -12.62
C GLU E 117 49.67 -13.59 -11.99
N SER E 118 48.58 -12.99 -11.50
CA SER E 118 48.69 -11.69 -10.87
C SER E 118 49.34 -11.78 -9.50
N GLY E 119 49.51 -13.00 -8.98
CA GLY E 119 50.16 -13.15 -7.69
C GLY E 119 49.30 -12.68 -6.55
N LEU E 120 47.98 -12.73 -6.72
CA LEU E 120 47.04 -12.10 -5.79
C LEU E 120 46.41 -13.06 -4.79
N VAL E 121 46.83 -14.33 -4.73
CA VAL E 121 46.20 -15.29 -3.84
C VAL E 121 47.21 -16.17 -3.13
N HIS E 122 46.84 -16.62 -1.93
CA HIS E 122 47.61 -17.56 -1.13
C HIS E 122 46.71 -18.74 -0.78
N PHE E 123 47.25 -19.96 -0.88
CA PHE E 123 46.49 -21.19 -0.68
C PHE E 123 47.11 -21.97 0.48
N SER E 124 46.35 -22.20 1.54
CA SER E 124 46.82 -23.02 2.66
C SER E 124 46.65 -24.50 2.32
N GLU E 125 47.17 -25.37 3.21
CA GLU E 125 46.98 -26.81 3.01
C GLU E 125 45.49 -27.11 2.86
N ASP E 126 44.67 -26.59 3.78
CA ASP E 126 43.25 -26.90 3.77
C ASP E 126 42.57 -26.38 2.50
N HIS E 127 43.00 -25.21 2.01
CA HIS E 127 42.41 -24.69 0.79
C HIS E 127 42.71 -25.59 -0.40
N ILE E 128 43.92 -26.14 -0.45
CA ILE E 128 44.26 -27.05 -1.55
C ILE E 128 43.49 -28.35 -1.43
N LYS E 129 43.33 -28.87 -0.20
CA LYS E 129 42.53 -30.07 -0.01
C LYS E 129 41.13 -29.86 -0.58
N SER E 130 40.48 -28.75 -0.23
CA SER E 130 39.14 -28.49 -0.74
C SER E 130 39.14 -28.30 -2.25
N PHE E 131 40.19 -27.69 -2.78
CA PHE E 131 40.29 -27.45 -4.21
C PHE E 131 40.45 -28.77 -4.96
N MET E 132 41.47 -29.54 -4.58
CA MET E 132 41.76 -30.76 -5.32
C MET E 132 40.62 -31.77 -5.24
N LYS E 133 40.01 -31.92 -4.06
CA LYS E 133 38.96 -32.92 -3.93
C LYS E 133 37.80 -32.62 -4.87
N GLN E 134 37.46 -31.34 -5.03
CA GLN E 134 36.45 -30.97 -6.01
C GLN E 134 36.92 -31.29 -7.42
N LEU E 135 38.16 -30.92 -7.73
CA LEU E 135 38.70 -31.19 -9.06
C LEU E 135 38.72 -32.68 -9.35
N MET E 136 39.29 -33.47 -8.44
CA MET E 136 39.38 -34.91 -8.67
C MET E 136 38.01 -35.57 -8.67
N GLU E 137 37.10 -35.09 -7.81
CA GLU E 137 35.73 -35.62 -7.85
C GLU E 137 35.09 -35.33 -9.20
N GLY E 138 35.27 -34.13 -9.71
CA GLY E 138 34.80 -33.83 -11.05
C GLY E 138 35.48 -34.69 -12.10
N LEU E 139 36.80 -34.82 -12.01
CA LEU E 139 37.52 -35.63 -12.98
C LEU E 139 37.10 -37.10 -12.95
N GLU E 140 36.91 -37.67 -11.76
CA GLU E 140 36.50 -39.07 -11.71
C GLU E 140 35.09 -39.24 -12.29
N TYR E 141 34.21 -38.29 -12.06
CA TYR E 141 32.87 -38.36 -12.65
C TYR E 141 32.98 -38.49 -14.16
N CYS E 142 33.79 -37.65 -14.79
CA CYS E 142 33.96 -37.71 -16.24
C CYS E 142 34.66 -39.00 -16.66
N HIS E 143 35.68 -39.42 -15.91
CA HIS E 143 36.39 -40.65 -16.27
C HIS E 143 35.50 -41.88 -16.14
N LYS E 144 34.61 -41.91 -15.14
CA LYS E 144 33.65 -43.01 -15.06
C LYS E 144 32.69 -43.01 -16.25
N LYS E 145 32.34 -41.82 -16.76
CA LYS E 145 31.51 -41.70 -17.95
C LYS E 145 32.31 -41.91 -19.23
N ASN E 146 33.56 -42.35 -19.09
CA ASN E 146 34.43 -42.70 -20.22
C ASN E 146 34.65 -41.49 -21.11
N PHE E 147 34.84 -40.33 -20.50
CA PHE E 147 35.17 -39.10 -21.20
C PHE E 147 36.52 -38.57 -20.72
N LEU E 148 37.32 -38.05 -21.66
CA LEU E 148 38.63 -37.48 -21.36
C LEU E 148 38.64 -36.00 -21.73
N HIS E 149 38.97 -35.13 -20.77
CA HIS E 149 39.00 -33.70 -21.05
C HIS E 149 40.04 -33.36 -22.12
N ARG E 150 41.30 -33.73 -21.88
CA ARG E 150 42.41 -33.63 -22.80
C ARG E 150 42.97 -32.22 -22.93
N ASP E 151 42.43 -31.22 -22.22
CA ASP E 151 43.04 -29.90 -22.17
C ASP E 151 42.88 -29.31 -20.77
N ILE E 152 43.47 -29.97 -19.78
CA ILE E 152 43.38 -29.52 -18.39
C ILE E 152 44.55 -28.57 -18.12
N LYS E 153 44.24 -27.30 -17.94
CA LYS E 153 45.18 -26.24 -17.60
C LYS E 153 44.59 -25.40 -16.47
N CYS E 154 45.41 -24.49 -15.94
CA CYS E 154 44.92 -23.60 -14.89
C CYS E 154 43.83 -22.68 -15.41
N SER E 155 43.94 -22.26 -16.67
CA SER E 155 42.94 -21.37 -17.24
C SER E 155 41.58 -22.05 -17.35
N ASN E 156 41.54 -23.37 -17.53
CA ASN E 156 40.30 -24.10 -17.68
C ASN E 156 39.71 -24.57 -16.36
N ILE E 157 40.35 -24.29 -15.23
CA ILE E 157 39.79 -24.56 -13.90
C ILE E 157 39.24 -23.24 -13.36
N LEU E 158 37.94 -23.21 -13.12
CA LEU E 158 37.27 -22.01 -12.66
C LEU E 158 37.01 -22.07 -11.17
N LEU E 159 37.09 -20.92 -10.51
CA LEU E 159 36.98 -20.82 -9.06
C LEU E 159 36.18 -19.56 -8.75
N ASN E 160 34.98 -19.73 -8.19
CA ASN E 160 34.21 -18.59 -7.72
C ASN E 160 34.45 -18.38 -6.22
N ASN E 161 33.97 -17.23 -5.73
CA ASN E 161 34.30 -16.80 -4.38
C ASN E 161 33.79 -17.79 -3.32
N SER E 162 32.74 -18.55 -3.62
CA SER E 162 32.22 -19.48 -2.64
C SER E 162 33.16 -20.67 -2.39
N GLY E 163 34.22 -20.81 -3.18
CA GLY E 163 35.09 -21.96 -3.07
C GLY E 163 34.75 -23.13 -3.97
N GLN E 164 33.65 -23.07 -4.71
CA GLN E 164 33.30 -24.12 -5.64
C GLN E 164 34.25 -24.08 -6.84
N ILE E 165 34.70 -25.26 -7.26
CA ILE E 165 35.61 -25.41 -8.39
C ILE E 165 34.80 -26.03 -9.52
N LYS E 166 35.06 -25.60 -10.75
CA LYS E 166 34.40 -26.19 -11.91
C LYS E 166 35.37 -26.29 -13.08
N LEU E 167 35.36 -27.45 -13.75
CA LEU E 167 36.16 -27.71 -14.93
C LEU E 167 35.41 -27.26 -16.18
N ALA E 168 36.13 -26.70 -17.14
CA ALA E 168 35.51 -26.00 -18.25
C ALA E 168 36.26 -26.27 -19.55
N ASP E 169 35.76 -25.67 -20.63
CA ASP E 169 36.26 -25.88 -21.99
C ASP E 169 36.34 -27.37 -22.32
N PHE E 170 35.18 -28.02 -22.29
CA PHE E 170 35.17 -29.41 -22.67
C PHE E 170 35.15 -29.59 -24.18
N GLY E 171 35.57 -28.56 -24.92
CA GLY E 171 35.94 -28.77 -26.31
C GLY E 171 37.25 -29.53 -26.31
N LEU E 172 37.39 -30.43 -27.27
CA LEU E 172 38.49 -31.39 -27.39
C LEU E 172 38.25 -32.62 -26.53
N ALA E 173 37.09 -32.76 -25.91
CA ALA E 173 36.79 -33.93 -25.08
C ALA E 173 36.22 -35.02 -25.97
N ARG E 174 36.64 -36.26 -25.71
CA ARG E 174 36.18 -37.38 -26.51
C ARG E 174 36.05 -38.63 -25.63
N LEU E 175 35.19 -39.54 -26.06
CA LEU E 175 34.97 -40.80 -25.35
C LEU E 175 36.18 -41.72 -25.49
N TYR E 176 36.38 -42.56 -24.47
CA TYR E 176 37.49 -43.51 -24.46
C TYR E 176 36.94 -44.92 -24.34
N ASN E 177 37.29 -45.78 -25.29
CA ASN E 177 37.01 -47.20 -25.27
C ASN E 177 38.35 -47.91 -25.14
N SER E 178 38.51 -48.71 -24.09
CA SER E 178 39.78 -49.42 -23.94
C SER E 178 39.90 -50.52 -24.99
N GLU E 179 38.82 -51.24 -25.22
CA GLU E 179 38.75 -52.19 -26.33
C GLU E 179 38.66 -51.42 -27.66
N GLU E 180 39.02 -52.10 -28.74
CA GLU E 180 39.05 -51.53 -30.09
C GLU E 180 39.66 -50.12 -30.04
N SER E 181 40.86 -50.05 -29.46
CA SER E 181 41.59 -48.79 -29.41
C SER E 181 42.00 -48.35 -30.81
N ARG E 182 41.62 -47.12 -31.16
CA ARG E 182 41.85 -46.48 -32.45
C ARG E 182 42.60 -45.16 -32.26
N PRO E 183 43.24 -44.66 -33.32
CA PRO E 183 44.03 -43.43 -33.17
C PRO E 183 43.19 -42.22 -32.81
N TYR E 184 43.69 -41.46 -31.84
CA TYR E 184 43.09 -40.23 -31.35
C TYR E 184 44.07 -39.12 -31.78
N ASN E 186 46.88 -36.61 -31.43
CA ASN E 186 48.00 -36.60 -30.46
C ASN E 186 48.29 -35.13 -30.12
N LYS E 187 49.15 -34.88 -29.14
CA LYS E 187 49.49 -33.52 -28.73
C LYS E 187 48.21 -32.71 -28.45
N VAL E 188 47.61 -32.96 -27.30
CA VAL E 188 46.32 -32.39 -26.95
C VAL E 188 46.42 -31.42 -25.80
N ILE E 189 47.12 -31.79 -24.72
CA ILE E 189 47.17 -30.90 -23.55
C ILE E 189 48.23 -29.83 -23.80
N THR E 190 48.08 -28.67 -23.13
CA THR E 190 49.04 -27.58 -23.31
C THR E 190 50.41 -28.05 -22.84
N LEU E 191 51.45 -27.56 -23.53
CA LEU E 191 52.78 -28.17 -23.34
C LEU E 191 53.21 -28.12 -21.88
N TRP E 192 52.89 -27.03 -21.18
CA TRP E 192 53.34 -26.94 -19.80
C TRP E 192 52.77 -28.08 -18.95
N TYR E 193 51.56 -28.54 -19.27
CA TYR E 193 50.91 -29.57 -18.47
C TYR E 193 50.74 -30.89 -19.23
N ARG E 194 51.49 -31.11 -20.32
CA ARG E 194 51.28 -32.32 -21.10
C ARG E 194 51.98 -33.51 -20.46
N PRO E 195 51.40 -34.70 -20.56
CA PRO E 195 52.04 -35.89 -19.94
C PRO E 195 53.21 -36.37 -20.78
N PRO E 196 54.12 -37.16 -20.19
CA PRO E 196 55.30 -37.59 -20.96
C PRO E 196 54.96 -38.47 -22.14
N GLU E 197 53.95 -39.34 -22.00
CA GLU E 197 53.61 -40.24 -23.09
C GLU E 197 53.22 -39.49 -24.36
N LEU E 198 52.61 -38.31 -24.22
CA LEU E 198 52.20 -37.56 -25.40
C LEU E 198 53.35 -36.77 -26.03
N LEU E 199 54.40 -36.52 -25.26
CA LEU E 199 55.62 -35.97 -25.86
C LEU E 199 56.35 -37.03 -26.68
N LEU E 200 56.24 -38.28 -26.27
CA LEU E 200 56.84 -39.43 -26.94
C LEU E 200 55.90 -40.07 -27.97
N GLY E 201 54.74 -39.46 -28.22
CA GLY E 201 53.88 -39.82 -29.35
C GLY E 201 52.85 -40.91 -29.23
N GLU E 202 52.21 -41.08 -28.07
CA GLU E 202 51.16 -42.10 -27.91
C GLU E 202 49.87 -41.63 -28.56
N GLU E 203 49.51 -42.24 -29.70
CA GLU E 203 48.27 -41.88 -30.40
C GLU E 203 47.02 -42.48 -29.77
N ARG E 204 47.16 -43.52 -28.96
CA ARG E 204 46.08 -44.17 -28.22
C ARG E 204 46.34 -44.02 -26.72
N TYR E 205 45.86 -42.93 -26.15
CA TYR E 205 46.17 -42.58 -24.77
C TYR E 205 45.07 -42.99 -23.79
N THR E 206 45.47 -43.10 -22.51
CA THR E 206 44.62 -43.45 -21.39
C THR E 206 44.06 -42.18 -20.77
N PRO E 207 43.03 -42.29 -19.94
CA PRO E 207 42.60 -41.11 -19.16
C PRO E 207 43.70 -40.53 -18.31
N ALA E 208 44.79 -41.27 -18.10
CA ALA E 208 45.87 -40.82 -17.23
C ALA E 208 46.47 -39.51 -17.70
N ILE E 209 46.24 -39.12 -18.95
CA ILE E 209 46.73 -37.83 -19.42
C ILE E 209 46.15 -36.71 -18.57
N ASP E 210 44.86 -36.79 -18.24
CA ASP E 210 44.24 -35.78 -17.41
C ASP E 210 44.81 -35.80 -15.99
N VAL E 211 45.08 -37.00 -15.45
CA VAL E 211 45.57 -37.08 -14.08
C VAL E 211 46.93 -36.38 -13.99
N TRP E 212 47.79 -36.60 -15.00
CA TRP E 212 49.11 -35.97 -15.00
C TRP E 212 48.97 -34.46 -14.96
N SER E 213 48.07 -33.90 -15.76
CA SER E 213 47.85 -32.46 -15.74
C SER E 213 47.46 -32.00 -14.35
N CYS E 214 46.51 -32.71 -13.73
CA CYS E 214 46.06 -32.32 -12.39
C CYS E 214 47.17 -32.44 -11.36
N GLY E 215 48.10 -33.38 -11.56
CA GLY E 215 49.27 -33.41 -10.70
C GLY E 215 50.11 -32.17 -10.86
N CYS E 216 50.33 -31.74 -12.11
CA CYS E 216 51.06 -30.50 -12.35
C CYS E 216 50.41 -29.31 -11.64
N ILE E 217 49.08 -29.28 -11.60
CA ILE E 217 48.39 -28.22 -10.89
C ILE E 217 48.60 -28.34 -9.39
N LEU E 218 48.55 -29.57 -8.87
CA LEU E 218 48.76 -29.77 -7.44
C LEU E 218 50.09 -29.18 -6.99
N GLY E 219 51.17 -29.52 -7.69
CA GLY E 219 52.46 -28.96 -7.34
C GLY E 219 52.51 -27.45 -7.46
N GLU E 220 51.93 -26.92 -8.55
CA GLU E 220 51.91 -25.48 -8.73
C GLU E 220 51.22 -24.78 -7.57
N LEU E 221 50.23 -25.44 -6.96
CA LEU E 221 49.53 -24.83 -5.84
C LEU E 221 50.40 -24.71 -4.59
N PHE E 222 51.41 -25.56 -4.45
CA PHE E 222 52.29 -25.49 -3.29
C PHE E 222 53.49 -24.56 -3.51
N THR E 223 53.81 -24.23 -4.77
CA THR E 223 54.89 -23.30 -5.06
C THR E 223 54.44 -21.97 -5.64
N LYS E 224 53.23 -21.90 -6.19
CA LYS E 224 52.70 -20.75 -6.91
C LYS E 224 53.37 -20.54 -8.26
N LYS E 225 54.21 -21.49 -8.72
CA LYS E 225 54.88 -21.37 -10.01
C LYS E 225 54.72 -22.72 -10.71
N PRO E 226 54.35 -22.73 -11.99
CA PRO E 226 54.22 -24.01 -12.71
C PRO E 226 55.51 -24.82 -12.62
N ILE E 227 55.36 -26.14 -12.74
CA ILE E 227 56.48 -27.03 -12.52
C ILE E 227 57.33 -27.15 -13.79
N PHE E 228 56.69 -27.36 -14.94
CA PHE E 228 57.39 -27.60 -16.20
C PHE E 228 57.07 -26.49 -17.19
N GLN E 229 57.91 -25.47 -17.24
CA GLN E 229 57.73 -24.35 -18.15
C GLN E 229 58.71 -24.52 -19.31
N ALA E 230 58.20 -24.87 -20.50
CA ALA E 230 59.06 -25.01 -21.67
C ALA E 230 58.29 -24.61 -22.92
N ASN E 231 59.03 -24.23 -23.96
CA ASN E 231 58.43 -23.78 -25.21
C ASN E 231 58.56 -24.77 -26.35
N LEU E 232 59.36 -25.83 -26.21
CA LEU E 232 59.47 -26.88 -27.21
C LEU E 232 59.34 -28.23 -26.52
N GLU E 233 58.87 -29.22 -27.29
CA GLU E 233 58.54 -30.52 -26.71
C GLU E 233 59.75 -31.16 -26.03
N LEU E 234 60.93 -31.08 -26.65
CA LEU E 234 62.10 -31.70 -26.06
C LEU E 234 62.52 -31.00 -24.78
N ALA E 235 62.47 -29.67 -24.74
CA ALA E 235 62.84 -28.96 -23.52
C ALA E 235 61.93 -29.37 -22.37
N GLN E 236 60.65 -29.61 -22.66
CA GLN E 236 59.73 -30.10 -21.62
C GLN E 236 60.12 -31.49 -21.16
N LEU E 237 60.35 -32.40 -22.11
CA LEU E 237 60.73 -33.76 -21.74
C LEU E 237 62.00 -33.77 -20.91
N GLU E 238 62.89 -32.81 -21.13
CA GLU E 238 64.08 -32.68 -20.30
C GLU E 238 63.73 -32.26 -18.88
N LEU E 239 62.85 -31.27 -18.73
CA LEU E 239 62.46 -30.82 -17.39
C LEU E 239 61.79 -31.94 -16.61
N ILE E 240 60.84 -32.64 -17.23
CA ILE E 240 60.18 -33.76 -16.58
C ILE E 240 61.21 -34.78 -16.10
N SER E 241 62.24 -35.04 -16.91
CA SER E 241 63.22 -36.07 -16.56
C SER E 241 64.05 -35.66 -15.35
N ARG E 242 64.43 -34.38 -15.26
CA ARG E 242 65.22 -33.93 -14.13
C ARG E 242 64.52 -34.15 -12.80
N LEU E 243 63.19 -34.22 -12.82
CA LEU E 243 62.40 -34.36 -11.61
C LEU E 243 61.88 -35.76 -11.41
N CYS E 244 61.24 -36.33 -12.43
CA CYS E 244 60.59 -37.63 -12.32
C CYS E 244 61.50 -38.78 -12.71
N GLY E 245 62.67 -38.50 -13.27
CA GLY E 245 63.51 -39.53 -13.83
C GLY E 245 63.32 -39.67 -15.32
N SER E 246 64.37 -40.08 -16.01
CA SER E 246 64.26 -40.19 -17.46
C SER E 246 63.36 -41.37 -17.80
N PRO E 247 62.50 -41.23 -18.81
CA PRO E 247 61.76 -42.40 -19.30
C PRO E 247 62.74 -43.47 -19.74
N CYS E 248 62.57 -44.67 -19.18
CA CYS E 248 63.39 -45.81 -19.54
C CYS E 248 62.60 -47.04 -19.18
N PRO E 249 62.80 -48.14 -19.88
CA PRO E 249 62.00 -49.34 -19.59
C PRO E 249 62.05 -49.76 -18.13
N ALA E 250 63.10 -49.35 -17.42
CA ALA E 250 63.27 -49.76 -16.04
C ALA E 250 62.05 -49.44 -15.18
N VAL E 251 61.41 -48.30 -15.47
CA VAL E 251 60.24 -47.86 -14.73
C VAL E 251 59.00 -47.77 -15.60
N TRP E 252 59.15 -48.02 -16.91
CA TRP E 252 58.08 -47.79 -17.89
C TRP E 252 58.24 -48.82 -18.99
N PRO E 253 57.89 -50.07 -18.71
CA PRO E 253 58.26 -51.17 -19.62
C PRO E 253 57.90 -50.94 -21.07
N ASP E 254 56.78 -50.27 -21.35
CA ASP E 254 56.29 -50.11 -22.71
C ASP E 254 56.76 -48.81 -23.35
N VAL E 255 57.71 -48.09 -22.74
CA VAL E 255 58.16 -46.83 -23.30
C VAL E 255 58.83 -47.08 -24.65
N ILE E 256 59.42 -48.26 -24.83
CA ILE E 256 60.11 -48.60 -26.07
C ILE E 256 59.16 -48.70 -27.25
N ARG E 257 57.85 -48.84 -27.01
CA ARG E 257 56.90 -48.87 -28.11
C ARG E 257 56.60 -47.48 -28.66
N LEU E 258 57.06 -46.43 -28.02
CA LEU E 258 56.60 -45.10 -28.40
C LEU E 258 57.44 -44.55 -29.55
N PRO E 259 56.80 -43.91 -30.53
CA PRO E 259 57.55 -43.41 -31.69
C PRO E 259 58.82 -42.63 -31.37
N TYR E 260 58.74 -41.65 -30.48
CA TYR E 260 59.84 -40.73 -30.24
C TYR E 260 60.70 -41.13 -29.04
N PHE E 261 60.60 -42.38 -28.57
CA PHE E 261 61.38 -42.77 -27.41
C PHE E 261 62.87 -42.59 -27.70
N ASN E 262 63.33 -43.10 -28.84
CA ASN E 262 64.73 -42.90 -29.24
C ASN E 262 64.99 -41.48 -29.74
N THR E 263 64.00 -40.87 -30.39
CA THR E 263 64.21 -39.54 -30.97
C THR E 263 64.46 -38.52 -29.87
N MET E 264 63.54 -38.41 -28.93
CA MET E 264 63.61 -37.41 -27.86
C MET E 264 64.26 -38.02 -26.62
N LYS E 265 65.52 -38.39 -26.77
CA LYS E 265 66.20 -38.88 -25.58
C LYS E 265 66.55 -37.69 -24.69
N PRO E 266 66.41 -37.82 -23.37
CA PRO E 266 66.86 -36.74 -22.50
C PRO E 266 68.38 -36.66 -22.45
N LYS E 267 68.87 -35.50 -22.03
CA LYS E 267 70.31 -35.26 -21.98
C LYS E 267 71.02 -36.37 -21.21
N LYS E 268 70.45 -36.79 -20.09
CA LYS E 268 71.00 -37.85 -19.26
C LYS E 268 69.92 -38.88 -18.97
N GLN E 269 70.30 -39.96 -18.31
CA GLN E 269 69.35 -40.90 -17.71
C GLN E 269 69.25 -40.51 -16.23
N TYR E 270 68.40 -39.52 -15.95
CA TYR E 270 68.27 -38.96 -14.61
C TYR E 270 67.54 -39.91 -13.67
N ARG E 271 67.88 -39.85 -12.39
CA ARG E 271 67.11 -40.52 -11.35
C ARG E 271 66.00 -39.60 -10.86
N ARG E 272 64.96 -40.21 -10.31
CA ARG E 272 63.82 -39.45 -9.79
C ARG E 272 64.23 -38.69 -8.54
N ARG E 273 63.93 -37.39 -8.51
CA ARG E 273 64.26 -36.55 -7.37
C ARG E 273 63.03 -35.90 -6.75
N LEU E 274 61.83 -36.29 -7.18
CA LEU E 274 60.62 -35.55 -6.85
C LEU E 274 60.46 -35.33 -5.36
N ARG E 275 60.65 -36.39 -4.56
CA ARG E 275 60.47 -36.25 -3.11
C ARG E 275 61.49 -35.30 -2.51
N GLU E 276 62.66 -35.21 -3.11
CA GLU E 276 63.70 -34.31 -2.61
C GLU E 276 63.36 -32.87 -2.99
N GLU E 277 63.02 -32.63 -4.25
CA GLU E 277 62.76 -31.27 -4.70
C GLU E 277 61.48 -30.70 -4.12
N PHE E 278 60.60 -31.53 -3.54
CA PHE E 278 59.36 -31.08 -2.92
C PHE E 278 59.32 -31.39 -1.42
N SER E 279 60.47 -31.37 -0.76
CA SER E 279 60.54 -31.81 0.62
C SER E 279 59.73 -30.96 1.59
N PHE E 280 59.38 -29.72 1.21
CA PHE E 280 58.59 -28.85 2.07
C PHE E 280 57.09 -29.12 2.01
N ILE E 281 56.64 -30.10 1.22
CA ILE E 281 55.21 -30.37 1.09
C ILE E 281 54.81 -31.31 2.21
N PRO E 282 53.59 -31.19 2.74
CA PRO E 282 53.14 -32.16 3.75
C PRO E 282 53.18 -33.57 3.20
N SER E 283 53.49 -34.52 4.09
CA SER E 283 53.74 -35.89 3.64
C SER E 283 52.52 -36.48 2.95
N ALA E 284 51.34 -36.26 3.49
CA ALA E 284 50.13 -36.79 2.86
C ALA E 284 49.99 -36.28 1.44
N ALA E 285 50.28 -34.99 1.23
CA ALA E 285 50.17 -34.42 -0.11
C ALA E 285 51.31 -34.89 -1.02
N LEU E 286 52.53 -34.94 -0.49
CA LEU E 286 53.66 -35.36 -1.30
C LEU E 286 53.45 -36.76 -1.87
N ASP E 287 52.87 -37.65 -1.06
CA ASP E 287 52.58 -39.01 -1.53
C ASP E 287 51.61 -38.98 -2.72
N LEU E 288 50.63 -38.07 -2.68
CA LEU E 288 49.72 -37.90 -3.80
C LEU E 288 50.45 -37.40 -5.04
N LEU E 289 51.27 -36.37 -4.87
CA LEU E 289 52.01 -35.82 -6.00
C LEU E 289 52.86 -36.88 -6.68
N ASP E 290 53.60 -37.66 -5.87
CA ASP E 290 54.48 -38.68 -6.42
C ASP E 290 53.72 -39.65 -7.31
N HIS E 291 52.49 -39.98 -6.93
CA HIS E 291 51.71 -40.98 -7.67
C HIS E 291 51.11 -40.38 -8.94
N MET E 292 50.60 -39.14 -8.86
CA MET E 292 50.04 -38.51 -10.04
C MET E 292 51.11 -38.27 -11.10
N LEU E 293 52.33 -37.93 -10.66
CA LEU E 293 53.45 -37.69 -11.56
C LEU E 293 54.32 -38.92 -11.74
N THR E 294 53.68 -40.09 -11.82
CA THR E 294 54.36 -41.32 -12.16
C THR E 294 54.49 -41.39 -13.68
N LEU E 295 55.68 -41.75 -14.17
CA LEU E 295 55.95 -41.64 -15.60
C LEU E 295 55.04 -42.55 -16.42
N ASP E 296 54.94 -43.82 -16.03
CA ASP E 296 54.22 -44.80 -16.83
C ASP E 296 52.73 -44.66 -16.64
N PRO E 297 51.96 -44.35 -17.69
CA PRO E 297 50.51 -44.17 -17.50
C PRO E 297 49.80 -45.38 -16.92
N SER E 298 50.38 -46.58 -17.03
CA SER E 298 49.78 -47.78 -16.43
C SER E 298 50.14 -47.94 -14.95
N LYS E 299 51.14 -47.23 -14.45
CA LYS E 299 51.44 -47.19 -13.02
C LYS E 299 50.94 -45.92 -12.35
N ARG E 300 50.59 -44.90 -13.12
CA ARG E 300 50.06 -43.66 -12.56
C ARG E 300 48.67 -43.90 -12.00
N CYS E 301 48.43 -43.38 -10.79
CA CYS E 301 47.14 -43.53 -10.15
C CYS E 301 46.02 -42.92 -11.00
N THR E 302 44.80 -43.37 -10.71
CA THR E 302 43.59 -42.90 -11.37
C THR E 302 42.95 -41.78 -10.54
N ALA E 303 41.91 -41.17 -11.11
CA ALA E 303 41.16 -40.17 -10.34
C ALA E 303 40.58 -40.78 -9.08
N GLU E 304 40.01 -41.99 -9.20
CA GLU E 304 39.45 -42.65 -8.02
C GLU E 304 40.50 -42.89 -6.95
N GLN E 305 41.70 -43.28 -7.33
CA GLN E 305 42.74 -43.57 -6.34
C GLN E 305 43.18 -42.32 -5.58
N THR E 306 43.17 -41.15 -6.22
CA THR E 306 43.51 -39.93 -5.50
C THR E 306 42.50 -39.61 -4.41
N LEU E 307 41.22 -39.84 -4.67
CA LEU E 307 40.20 -39.60 -3.66
C LEU E 307 40.33 -40.57 -2.49
N GLN E 308 41.06 -41.67 -2.68
CA GLN E 308 41.37 -42.61 -1.61
C GLN E 308 42.81 -42.46 -1.14
N SER E 309 43.24 -41.22 -0.92
CA SER E 309 44.59 -40.91 -0.46
C SER E 309 44.51 -40.26 0.92
N ASP E 310 45.57 -40.43 1.71
CA ASP E 310 45.60 -39.82 3.04
C ASP E 310 45.34 -38.32 2.96
N PHE E 311 45.68 -37.70 1.84
CA PHE E 311 45.55 -36.25 1.72
C PHE E 311 44.09 -35.83 1.54
N LEU E 312 43.36 -36.53 0.66
CA LEU E 312 41.99 -36.12 0.33
C LEU E 312 40.91 -37.02 0.93
N LYS E 313 41.27 -38.22 1.39
CA LYS E 313 40.27 -39.20 1.79
C LYS E 313 39.26 -38.63 2.76
N ASP E 314 39.71 -37.92 3.79
CA ASP E 314 38.82 -37.45 4.84
C ASP E 314 38.39 -36.00 4.67
N VAL E 315 38.74 -35.36 3.55
CA VAL E 315 38.37 -33.96 3.33
C VAL E 315 36.87 -33.86 3.11
N GLU E 316 36.22 -32.97 3.86
CA GLU E 316 34.77 -32.80 3.82
C GLU E 316 34.36 -31.71 2.83
N LEU E 317 33.53 -32.09 1.86
CA LEU E 317 33.08 -31.13 0.86
C LEU E 317 32.18 -30.07 1.48
N SER E 318 31.53 -30.39 2.59
CA SER E 318 30.66 -29.43 3.26
C SER E 318 31.45 -28.20 3.67
N LYS E 319 32.64 -28.39 4.21
CA LYS E 319 33.55 -27.29 4.50
C LYS E 319 34.10 -26.76 3.18
N MET E 320 33.57 -25.63 2.70
CA MET E 320 34.03 -25.11 1.42
C MET E 320 35.47 -24.61 1.50
N ALA E 321 35.89 -24.12 2.67
CA ALA E 321 37.21 -23.53 2.86
C ALA E 321 37.57 -22.74 1.61
N PRO E 322 37.09 -21.52 1.48
CA PRO E 322 37.37 -20.73 0.26
C PRO E 322 38.82 -20.30 0.24
N PRO E 323 39.38 -20.02 -0.93
CA PRO E 323 40.74 -19.48 -0.97
C PRO E 323 40.76 -18.13 -0.29
N ASP E 324 41.89 -17.81 0.33
CA ASP E 324 42.04 -16.50 0.97
C ASP E 324 42.24 -15.52 -0.17
N LEU E 325 41.30 -14.61 -0.37
CA LEU E 325 41.37 -13.68 -1.48
C LEU E 325 41.60 -12.29 -0.95
N PRO E 326 42.77 -11.68 -1.18
CA PRO E 326 43.00 -10.32 -0.69
C PRO E 326 42.05 -9.34 -1.37
N HIS E 327 41.50 -8.44 -0.56
CA HIS E 327 40.56 -7.43 -1.04
C HIS E 327 40.67 -6.20 -0.16
N TRP E 328 40.55 -5.03 -0.80
CA TRP E 328 40.60 -3.72 -0.20
C TRP E 328 41.93 -3.26 0.39
N GLN E 329 42.55 -4.06 1.27
CA GLN E 329 43.82 -3.61 1.85
C GLN E 329 44.94 -3.61 0.80
N ASP E 330 44.86 -4.48 -0.19
CA ASP E 330 45.87 -4.54 -1.24
C ASP E 330 45.86 -3.31 -2.14
N CYS E 331 44.73 -2.62 -2.25
CA CYS E 331 44.64 -1.47 -3.16
C CYS E 331 45.66 -0.40 -2.76
N HIS E 332 45.75 -0.09 -1.47
CA HIS E 332 46.76 0.84 -0.94
C HIS E 332 47.72 0.00 -0.11
N GLU E 333 48.93 -0.23 -0.64
CA GLU E 333 49.87 -1.14 0.00
C GLU E 333 50.20 -0.66 1.41
N LEU E 334 50.13 -1.58 2.37
CA LEU E 334 50.43 -1.25 3.76
C LEU E 334 51.87 -0.76 3.86
N TRP E 335 52.04 0.43 4.43
CA TRP E 335 53.33 1.10 4.45
C TRP E 335 54.26 0.46 5.48
N THR F 24 14.10 -30.81 -18.03
CA THR F 24 15.54 -30.86 -18.29
C THR F 24 15.78 -31.15 -19.78
N LYS F 25 15.53 -32.38 -20.21
CA LYS F 25 15.72 -32.88 -21.59
C LYS F 25 14.37 -33.04 -22.28
N PRO F 26 14.27 -32.81 -23.59
CA PRO F 26 12.96 -32.86 -24.25
C PRO F 26 12.54 -34.31 -24.50
N CYS F 27 11.23 -34.48 -24.69
CA CYS F 27 10.65 -35.80 -24.93
C CYS F 27 10.56 -36.01 -26.43
N TRP F 28 11.19 -37.08 -26.92
CA TRP F 28 11.28 -37.35 -28.35
C TRP F 28 10.40 -38.52 -28.79
N TYR F 29 9.32 -38.81 -28.06
CA TYR F 29 8.46 -39.95 -28.37
C TYR F 29 7.00 -39.54 -28.43
N TRP F 30 6.32 -39.97 -29.50
CA TRP F 30 4.90 -39.71 -29.78
C TRP F 30 4.13 -41.04 -29.83
N ASP F 31 2.78 -40.95 -29.82
CA ASP F 31 1.93 -42.13 -29.99
C ASP F 31 1.59 -42.29 -31.47
N LYS F 32 1.48 -43.55 -31.93
CA LYS F 32 1.19 -43.76 -33.35
C LYS F 32 0.00 -42.92 -33.81
N LYS F 33 -1.04 -42.83 -32.98
CA LYS F 33 -2.23 -42.05 -33.35
C LYS F 33 -1.86 -40.61 -33.66
N ASP F 34 -0.77 -40.09 -33.09
CA ASP F 34 -0.38 -38.71 -33.35
C ASP F 34 0.23 -38.53 -34.74
N LEU F 35 0.72 -39.60 -35.37
CA LEU F 35 1.34 -39.46 -36.68
C LEU F 35 0.34 -39.08 -37.77
N ALA F 36 -0.97 -39.22 -37.50
CA ALA F 36 -1.97 -38.74 -38.43
C ALA F 36 -2.07 -37.22 -38.45
N HIS F 37 -1.24 -36.55 -37.65
CA HIS F 37 -1.27 -35.09 -37.51
C HIS F 37 0.13 -34.50 -37.62
N THR F 38 1.01 -35.12 -38.39
CA THR F 38 2.28 -34.47 -38.69
C THR F 38 2.02 -33.28 -39.61
N PRO F 39 2.90 -32.28 -39.59
CA PRO F 39 2.78 -31.21 -40.59
C PRO F 39 2.58 -31.75 -42.00
N SER F 40 3.30 -32.83 -42.33
CA SER F 40 3.18 -33.44 -43.65
C SER F 40 1.74 -33.89 -43.92
N GLN F 41 1.13 -34.60 -42.96
CA GLN F 41 -0.25 -35.02 -43.16
C GLN F 41 -1.17 -33.82 -43.32
N LEU F 42 -0.99 -32.80 -42.48
CA LEU F 42 -1.94 -31.69 -42.47
C LEU F 42 -1.78 -30.78 -43.69
N GLU F 43 -0.71 -30.93 -44.45
CA GLU F 43 -0.60 -30.25 -45.74
C GLU F 43 -1.11 -31.11 -46.89
N GLY F 44 -1.83 -32.19 -46.60
CA GLY F 44 -2.48 -32.98 -47.62
C GLY F 44 -1.75 -34.22 -48.07
N LEU F 45 -0.61 -34.53 -47.47
CA LEU F 45 0.08 -35.78 -47.75
C LEU F 45 -0.65 -36.91 -47.04
N ASP F 46 -0.89 -38.01 -47.75
CA ASP F 46 -1.65 -39.12 -47.16
C ASP F 46 -0.72 -40.04 -46.39
N PRO F 47 -1.28 -40.92 -45.55
CA PRO F 47 -0.41 -41.72 -44.68
C PRO F 47 0.60 -42.57 -45.44
N ALA F 48 0.18 -43.20 -46.54
CA ALA F 48 1.13 -44.03 -47.29
C ALA F 48 2.30 -43.20 -47.80
N THR F 49 2.04 -42.01 -48.32
CA THR F 49 3.10 -41.23 -48.93
C THR F 49 4.14 -40.78 -47.91
N GLU F 50 3.70 -40.30 -46.75
CA GLU F 50 4.69 -39.92 -45.75
C GLU F 50 5.51 -41.14 -45.32
N ALA F 51 4.86 -42.29 -45.17
CA ALA F 51 5.60 -43.51 -44.86
C ALA F 51 6.65 -43.78 -45.91
N ARG F 52 6.29 -43.63 -47.19
CA ARG F 52 7.25 -43.81 -48.28
C ARG F 52 8.39 -42.80 -48.19
N TYR F 53 8.05 -41.52 -48.04
CA TYR F 53 9.09 -40.49 -47.96
C TYR F 53 10.06 -40.76 -46.81
N ARG F 54 9.55 -41.27 -45.69
CA ARG F 54 10.44 -41.64 -44.60
C ARG F 54 11.33 -42.81 -44.97
N ARG F 55 10.77 -43.85 -45.60
CA ARG F 55 11.60 -44.97 -46.01
C ARG F 55 12.69 -44.51 -46.97
N GLU F 56 12.31 -43.68 -47.95
CA GLU F 56 13.30 -43.26 -48.95
C GLU F 56 14.39 -42.41 -48.30
N GLY F 57 14.01 -41.49 -47.43
CA GLY F 57 15.00 -40.68 -46.75
C GLY F 57 15.91 -41.50 -45.85
N ALA F 58 15.34 -42.47 -45.14
CA ALA F 58 16.15 -43.33 -44.29
C ALA F 58 17.14 -44.14 -45.12
N ARG F 59 16.64 -44.85 -46.13
CA ARG F 59 17.53 -45.69 -46.94
C ARG F 59 18.56 -44.84 -47.69
N PHE F 60 18.18 -43.63 -48.08
CA PHE F 60 19.14 -42.68 -48.68
C PHE F 60 20.27 -42.38 -47.72
N ILE F 61 19.94 -41.98 -46.49
CA ILE F 61 20.97 -41.75 -45.48
C ILE F 61 21.79 -43.02 -45.27
N PHE F 62 21.10 -44.16 -45.16
CA PHE F 62 21.78 -45.43 -44.93
C PHE F 62 22.77 -45.73 -46.05
N ASP F 63 22.31 -45.64 -47.30
CA ASP F 63 23.15 -46.03 -48.43
C ASP F 63 24.29 -45.04 -48.63
N VAL F 64 24.00 -43.73 -48.56
CA VAL F 64 25.05 -42.74 -48.73
C VAL F 64 26.14 -42.96 -47.70
N GLY F 65 25.77 -43.06 -46.44
CA GLY F 65 26.76 -43.24 -45.39
C GLY F 65 27.49 -44.56 -45.50
N THR F 66 26.80 -45.61 -45.98
CA THR F 66 27.47 -46.87 -46.22
C THR F 66 28.53 -46.73 -47.30
N ARG F 67 28.19 -46.03 -48.39
CA ARG F 67 29.17 -45.79 -49.45
C ARG F 67 30.35 -44.97 -48.96
N LEU F 68 30.15 -44.07 -47.99
CA LEU F 68 31.24 -43.27 -47.43
C LEU F 68 32.05 -44.01 -46.38
N GLY F 69 31.66 -45.23 -46.01
CA GLY F 69 32.41 -46.00 -45.05
C GLY F 69 32.13 -45.66 -43.61
N LEU F 70 30.91 -45.25 -43.31
CA LEU F 70 30.59 -44.71 -42.00
C LEU F 70 30.18 -45.78 -40.99
N HIS F 71 30.58 -45.56 -39.74
CA HIS F 71 30.17 -46.40 -38.63
C HIS F 71 28.65 -46.46 -38.53
N TYR F 72 28.15 -47.57 -37.97
CA TYR F 72 26.70 -47.81 -37.98
C TYR F 72 25.97 -46.82 -37.09
N ASP F 73 26.56 -46.43 -35.96
CA ASP F 73 25.91 -45.43 -35.10
C ASP F 73 25.71 -44.13 -35.84
N THR F 74 26.67 -43.76 -36.69
CA THR F 74 26.57 -42.51 -37.44
C THR F 74 25.37 -42.53 -38.38
N LEU F 75 25.14 -43.65 -39.07
CA LEU F 75 24.00 -43.74 -39.97
C LEU F 75 22.70 -43.55 -39.19
N ALA F 76 22.55 -44.26 -38.08
CA ALA F 76 21.32 -44.19 -37.30
C ALA F 76 21.10 -42.79 -36.74
N THR F 77 22.15 -42.17 -36.19
CA THR F 77 22.01 -40.83 -35.63
C THR F 77 21.45 -39.88 -36.68
N GLY F 78 21.99 -39.91 -37.89
CA GLY F 78 21.44 -39.12 -38.97
C GLY F 78 19.99 -39.47 -39.26
N ILE F 79 19.68 -40.77 -39.27
CA ILE F 79 18.32 -41.19 -39.56
C ILE F 79 17.36 -40.70 -38.48
N ILE F 80 17.76 -40.84 -37.21
CA ILE F 80 16.86 -40.40 -36.14
C ILE F 80 16.71 -38.89 -36.17
N TYR F 81 17.77 -38.15 -36.49
CA TYR F 81 17.60 -36.72 -36.72
C TYR F 81 16.57 -36.49 -37.82
N PHE F 82 16.70 -37.20 -38.92
CA PHE F 82 15.81 -37.06 -40.06
C PHE F 82 14.36 -37.34 -39.67
N HIS F 83 14.12 -38.47 -39.00
CA HIS F 83 12.76 -38.80 -38.60
C HIS F 83 12.17 -37.71 -37.71
N ARG F 84 12.98 -37.20 -36.77
CA ARG F 84 12.48 -36.18 -35.86
C ARG F 84 12.17 -34.89 -36.59
N PHE F 85 13.01 -34.53 -37.56
CA PHE F 85 12.81 -33.28 -38.29
C PHE F 85 11.40 -33.17 -38.84
N TYR F 86 10.89 -34.23 -39.45
CA TYR F 86 9.59 -34.18 -40.11
C TYR F 86 8.43 -34.41 -39.16
N MET F 87 8.69 -34.35 -37.87
CA MET F 87 7.64 -34.09 -36.88
C MET F 87 7.39 -32.60 -36.69
N PHE F 88 8.30 -31.75 -37.16
CA PHE F 88 8.17 -30.32 -37.03
C PHE F 88 8.03 -29.61 -38.36
N HIS F 89 8.20 -30.33 -39.47
CA HIS F 89 8.13 -29.73 -40.79
C HIS F 89 7.44 -30.69 -41.75
N SER F 90 7.02 -30.13 -42.88
CA SER F 90 6.33 -30.89 -43.91
C SER F 90 7.32 -31.34 -44.96
N PHE F 91 7.11 -32.57 -45.46
CA PHE F 91 7.92 -33.04 -46.57
C PHE F 91 7.80 -32.14 -47.79
N LYS F 92 6.71 -31.38 -47.88
CA LYS F 92 6.50 -30.51 -49.03
C LYS F 92 7.35 -29.25 -48.98
N GLN F 93 7.83 -28.86 -47.80
CA GLN F 93 8.61 -27.64 -47.66
C GLN F 93 10.11 -27.89 -47.57
N PHE F 94 10.52 -29.10 -47.21
CA PHE F 94 11.92 -29.46 -47.09
C PHE F 94 12.11 -30.71 -47.92
N PRO F 95 12.58 -30.59 -49.15
CA PRO F 95 12.79 -31.80 -49.97
C PRO F 95 13.63 -32.78 -49.17
N ARG F 96 13.19 -34.05 -49.17
CA ARG F 96 13.66 -34.98 -48.15
C ARG F 96 15.14 -35.32 -48.32
N TYR F 97 15.61 -35.44 -49.56
CA TYR F 97 17.00 -35.87 -49.73
C TYR F 97 17.98 -34.77 -49.35
N VAL F 98 17.59 -33.49 -49.48
CA VAL F 98 18.41 -32.41 -48.96
C VAL F 98 18.51 -32.52 -47.45
N THR F 99 17.36 -32.68 -46.79
CA THR F 99 17.34 -32.89 -45.35
C THR F 99 18.21 -34.06 -44.93
N GLY F 100 18.07 -35.19 -45.62
CA GLY F 100 18.89 -36.36 -45.28
C GLY F 100 20.37 -36.06 -45.27
N ALA F 101 20.87 -35.45 -46.34
CA ALA F 101 22.30 -35.15 -46.42
C ALA F 101 22.75 -34.32 -45.23
N CYS F 102 21.95 -33.33 -44.84
CA CYS F 102 22.27 -32.51 -43.67
C CYS F 102 22.31 -33.35 -42.41
N CYS F 103 21.32 -34.23 -42.22
CA CYS F 103 21.30 -35.10 -41.05
C CYS F 103 22.60 -35.90 -40.95
N LEU F 104 23.00 -36.53 -42.06
CA LEU F 104 24.23 -37.31 -42.04
C LEU F 104 25.42 -36.41 -41.76
N PHE F 105 25.45 -35.23 -42.36
CA PHE F 105 26.56 -34.30 -42.15
C PHE F 105 26.76 -34.01 -40.66
N LEU F 106 25.72 -33.49 -40.01
CA LEU F 106 25.84 -33.21 -38.58
C LEU F 106 26.10 -34.47 -37.79
N ALA F 107 25.41 -35.55 -38.12
CA ALA F 107 25.63 -36.82 -37.41
C ALA F 107 27.10 -37.18 -37.42
N GLY F 108 27.78 -36.93 -38.55
CA GLY F 108 29.20 -37.19 -38.62
C GLY F 108 29.98 -36.37 -37.61
N LYS F 109 29.63 -35.09 -37.48
CA LYS F 109 30.31 -34.25 -36.49
C LYS F 109 29.94 -34.65 -35.07
N VAL F 110 28.69 -35.07 -34.85
CA VAL F 110 28.28 -35.47 -33.52
C VAL F 110 29.00 -36.73 -33.09
N GLU F 111 28.98 -37.77 -33.93
CA GLU F 111 29.51 -39.08 -33.58
C GLU F 111 31.01 -39.20 -33.86
N GLU F 112 31.68 -38.10 -34.17
CA GLU F 112 33.13 -38.08 -34.38
C GLU F 112 33.54 -39.05 -35.50
N THR F 113 32.74 -39.10 -36.56
CA THR F 113 33.13 -39.78 -37.81
C THR F 113 32.91 -38.79 -38.95
N PRO F 114 33.53 -37.62 -38.90
CA PRO F 114 33.13 -36.53 -39.80
C PRO F 114 33.56 -36.76 -41.24
N LYS F 115 32.80 -36.16 -42.14
CA LYS F 115 33.10 -36.13 -43.57
C LYS F 115 32.83 -34.73 -44.08
N LYS F 116 33.51 -34.35 -45.16
CA LYS F 116 33.30 -33.04 -45.75
C LYS F 116 31.98 -32.99 -46.50
N CYS F 117 31.31 -31.83 -46.43
CA CYS F 117 30.04 -31.69 -47.11
C CYS F 117 30.15 -32.00 -48.60
N LYS F 118 31.27 -31.62 -49.23
CA LYS F 118 31.42 -31.89 -50.65
C LYS F 118 31.39 -33.39 -50.93
N ASP F 119 31.92 -34.20 -50.02
CA ASP F 119 31.94 -35.64 -50.25
C ASP F 119 30.54 -36.23 -50.17
N ILE F 120 29.71 -35.73 -49.25
CA ILE F 120 28.35 -36.25 -49.14
C ILE F 120 27.56 -35.94 -50.40
N ILE F 121 27.71 -34.73 -50.94
CA ILE F 121 27.01 -34.38 -52.17
C ILE F 121 27.43 -35.31 -53.31
N LYS F 122 28.74 -35.53 -53.48
CA LYS F 122 29.23 -36.41 -54.53
C LYS F 122 28.55 -37.77 -54.46
N THR F 123 28.47 -38.34 -53.26
CA THR F 123 27.86 -39.66 -53.11
C THR F 123 26.37 -39.62 -53.42
N ALA F 124 25.68 -38.56 -53.01
CA ALA F 124 24.25 -38.46 -53.30
C ALA F 124 23.98 -38.42 -54.79
N ARG F 125 24.85 -37.73 -55.55
CA ARG F 125 24.65 -37.69 -57.00
C ARG F 125 24.81 -39.08 -57.59
N SER F 126 25.70 -39.88 -57.02
CA SER F 126 25.86 -41.26 -57.47
C SER F 126 24.57 -42.04 -57.29
N LEU F 127 23.84 -41.80 -56.20
CA LEU F 127 22.69 -42.62 -55.84
C LEU F 127 21.35 -42.06 -56.31
N LEU F 128 21.23 -40.75 -56.52
CA LEU F 128 19.97 -40.16 -56.96
C LEU F 128 19.94 -39.98 -58.47
N ASN F 129 18.74 -40.14 -59.05
CA ASN F 129 18.57 -39.87 -60.47
C ASN F 129 18.53 -38.35 -60.67
N ASP F 130 18.23 -37.91 -61.90
CA ASP F 130 18.26 -36.47 -62.16
C ASP F 130 17.08 -35.76 -61.50
N VAL F 131 15.89 -36.37 -61.51
CA VAL F 131 14.73 -35.76 -60.87
C VAL F 131 14.99 -35.53 -59.39
N GLN F 132 15.47 -36.58 -58.72
CA GLN F 132 15.69 -36.52 -57.28
C GLN F 132 16.75 -35.49 -56.93
N PHE F 133 17.86 -35.48 -57.66
CA PHE F 133 18.90 -34.52 -57.37
C PHE F 133 18.49 -33.08 -57.65
N GLY F 134 17.39 -32.86 -58.39
CA GLY F 134 16.90 -31.51 -58.58
C GLY F 134 16.59 -30.82 -57.27
N GLN F 135 16.26 -31.60 -56.24
CA GLN F 135 15.98 -31.03 -54.92
C GLN F 135 17.14 -30.16 -54.43
N PHE F 136 18.37 -30.50 -54.81
CA PHE F 136 19.55 -29.75 -54.39
C PHE F 136 19.79 -28.46 -55.17
N GLY F 137 19.01 -28.19 -56.22
CA GLY F 137 19.11 -26.91 -56.89
C GLY F 137 20.46 -26.65 -57.54
N ASP F 138 20.76 -25.35 -57.73
CA ASP F 138 21.96 -24.96 -58.46
C ASP F 138 23.22 -25.06 -57.60
N ASP F 139 23.09 -24.93 -56.29
CA ASP F 139 24.23 -25.04 -55.37
C ASP F 139 23.88 -26.05 -54.29
N PRO F 140 24.16 -27.34 -54.53
CA PRO F 140 23.81 -28.35 -53.51
C PRO F 140 24.48 -28.16 -52.17
N LYS F 141 25.79 -27.93 -52.13
CA LYS F 141 26.46 -27.76 -50.84
C LYS F 141 25.76 -26.66 -50.04
N GLU F 142 25.40 -25.56 -50.70
CA GLU F 142 24.77 -24.45 -50.00
C GLU F 142 23.40 -24.88 -49.45
N GLU F 143 22.58 -25.52 -50.28
CA GLU F 143 21.27 -25.96 -49.80
C GLU F 143 21.38 -26.83 -48.55
N VAL F 144 22.48 -27.58 -48.43
CA VAL F 144 22.67 -28.43 -47.25
C VAL F 144 23.21 -27.62 -46.08
N MET F 145 24.31 -26.87 -46.30
CA MET F 145 24.89 -26.09 -45.20
C MET F 145 23.87 -25.14 -44.59
N VAL F 146 22.98 -24.60 -45.42
CA VAL F 146 21.99 -23.65 -44.94
C VAL F 146 21.02 -24.32 -43.98
N LEU F 147 20.69 -25.59 -44.25
CA LEU F 147 19.71 -26.31 -43.44
C LEU F 147 20.25 -26.69 -42.08
N GLU F 148 21.58 -26.76 -41.93
CA GLU F 148 22.16 -27.12 -40.65
C GLU F 148 21.64 -26.24 -39.51
N ARG F 149 21.52 -24.94 -39.75
CA ARG F 149 21.00 -24.06 -38.71
C ARG F 149 19.63 -24.53 -38.25
N ILE F 150 18.75 -24.84 -39.20
CA ILE F 150 17.40 -25.25 -38.84
C ILE F 150 17.43 -26.59 -38.10
N LEU F 151 18.17 -27.56 -38.64
CA LEU F 151 18.19 -28.88 -38.02
C LEU F 151 18.62 -28.79 -36.57
N LEU F 152 19.71 -28.06 -36.30
CA LEU F 152 20.20 -27.92 -34.95
C LEU F 152 19.15 -27.31 -34.03
N GLN F 153 18.45 -26.28 -34.51
CA GLN F 153 17.36 -25.73 -33.72
C GLN F 153 16.21 -26.71 -33.58
N THR F 154 15.86 -27.42 -34.65
CA THR F 154 14.71 -28.32 -34.59
C THR F 154 14.98 -29.48 -33.64
N ILE F 155 16.18 -30.05 -33.66
CA ILE F 155 16.50 -31.17 -32.77
C ILE F 155 16.79 -30.65 -31.37
N LYS F 156 16.55 -29.36 -31.14
CA LYS F 156 16.67 -28.78 -29.81
C LYS F 156 18.07 -28.99 -29.23
N PHE F 157 19.05 -29.15 -30.11
CA PHE F 157 20.45 -29.33 -29.72
C PHE F 157 20.67 -30.53 -28.82
N ASP F 158 19.74 -31.48 -28.86
CA ASP F 158 19.90 -32.74 -28.16
C ASP F 158 20.69 -33.66 -29.08
N LEU F 159 22.00 -33.38 -29.15
CA LEU F 159 22.83 -34.07 -30.14
C LEU F 159 23.04 -35.52 -29.76
N GLN F 160 23.08 -35.82 -28.47
CA GLN F 160 23.35 -37.19 -28.05
C GLN F 160 22.14 -38.09 -28.37
N VAL F 161 22.40 -39.19 -29.06
CA VAL F 161 21.36 -40.15 -29.39
C VAL F 161 21.93 -41.56 -29.21
N GLU F 162 21.13 -42.43 -28.59
CA GLU F 162 21.46 -43.84 -28.48
C GLU F 162 20.58 -44.70 -29.37
N HIS F 163 21.10 -45.86 -29.75
CA HIS F 163 20.47 -46.72 -30.73
C HIS F 163 20.32 -48.13 -30.17
N PRO F 164 19.34 -48.89 -30.67
CA PRO F 164 19.11 -50.24 -30.13
C PRO F 164 20.35 -51.13 -30.19
N TYR F 165 21.28 -50.83 -31.08
CA TYR F 165 22.42 -51.71 -31.29
C TYR F 165 23.15 -51.99 -29.99
N GLN F 166 23.56 -50.93 -29.28
CA GLN F 166 24.37 -51.12 -28.09
C GLN F 166 23.64 -51.96 -27.06
N PHE F 167 22.31 -51.81 -26.99
CA PHE F 167 21.53 -52.58 -26.03
C PHE F 167 21.35 -54.03 -26.49
N LEU F 168 21.21 -54.24 -27.80
CA LEU F 168 21.18 -55.60 -28.33
C LEU F 168 22.39 -56.38 -27.86
N LEU F 169 23.56 -55.73 -27.87
CA LEU F 169 24.80 -56.39 -27.47
C LEU F 169 24.91 -56.53 -25.96
N LYS F 170 24.60 -55.47 -25.21
CA LYS F 170 24.68 -55.53 -23.76
C LYS F 170 23.87 -56.69 -23.21
N TYR F 171 22.69 -56.92 -23.79
CA TYR F 171 21.82 -57.99 -23.32
C TYR F 171 22.31 -59.36 -23.78
N ALA F 172 22.82 -59.45 -25.00
CA ALA F 172 23.31 -60.73 -25.50
C ALA F 172 24.47 -61.27 -24.68
N LYS F 173 25.37 -60.39 -24.23
CA LYS F 173 26.52 -60.90 -23.48
C LYS F 173 26.10 -61.64 -22.21
N GLN F 174 24.95 -61.28 -21.65
CA GLN F 174 24.47 -61.91 -20.43
C GLN F 174 23.71 -63.21 -20.70
N LEU F 175 23.62 -63.62 -21.95
CA LEU F 175 23.07 -64.91 -22.33
C LEU F 175 24.21 -65.92 -22.40
N LYS F 176 23.98 -67.10 -21.84
CA LYS F 176 24.98 -68.16 -21.84
C LYS F 176 24.32 -69.43 -22.34
N GLY F 177 24.95 -70.07 -23.31
CA GLY F 177 24.38 -71.26 -23.92
C GLY F 177 25.08 -71.55 -25.23
N ASP F 178 24.35 -72.24 -26.12
CA ASP F 178 24.87 -72.55 -27.45
C ASP F 178 25.33 -71.28 -28.15
N LYS F 179 26.65 -71.13 -28.30
CA LYS F 179 27.20 -69.90 -28.89
C LYS F 179 26.66 -69.67 -30.29
N ASN F 180 26.54 -70.73 -31.09
CA ASN F 180 26.10 -70.55 -32.47
C ASN F 180 24.62 -70.18 -32.54
N LYS F 181 23.79 -70.74 -31.64
CA LYS F 181 22.40 -70.32 -31.61
C LYS F 181 22.26 -68.87 -31.16
N ILE F 182 23.09 -68.47 -30.18
CA ILE F 182 23.04 -67.09 -29.70
C ILE F 182 23.50 -66.14 -30.80
N GLN F 183 24.50 -66.54 -31.58
CA GLN F 183 24.96 -65.69 -32.66
C GLN F 183 23.91 -65.54 -33.75
N LYS F 184 23.17 -66.62 -34.05
CA LYS F 184 22.12 -66.51 -35.07
C LYS F 184 21.05 -65.51 -34.63
N LEU F 185 20.72 -65.51 -33.33
CA LEU F 185 19.75 -64.55 -32.82
C LEU F 185 20.24 -63.12 -33.00
N VAL F 186 21.50 -62.88 -32.67
CA VAL F 186 22.01 -61.52 -32.69
C VAL F 186 22.07 -60.97 -34.11
N GLN F 187 22.56 -61.78 -35.07
CA GLN F 187 22.62 -61.27 -36.43
C GLN F 187 21.22 -61.01 -36.97
N MET F 188 20.27 -61.93 -36.70
CA MET F 188 18.90 -61.71 -37.16
C MET F 188 18.30 -60.50 -36.48
N ALA F 189 18.54 -60.33 -35.18
CA ALA F 189 18.03 -59.16 -34.48
C ALA F 189 18.70 -57.89 -35.02
N TRP F 190 20.00 -57.94 -35.26
CA TRP F 190 20.70 -56.78 -35.82
C TRP F 190 20.09 -56.34 -37.15
N THR F 191 19.81 -57.29 -38.04
CA THR F 191 19.17 -56.95 -39.31
C THR F 191 17.82 -56.28 -39.07
N PHE F 192 17.07 -56.76 -38.07
CA PHE F 192 15.77 -56.15 -37.77
C PHE F 192 15.94 -54.69 -37.32
N VAL F 193 17.01 -54.41 -36.59
CA VAL F 193 17.27 -53.02 -36.21
C VAL F 193 17.52 -52.17 -37.44
N ASN F 194 18.39 -52.64 -38.34
CA ASN F 194 18.69 -51.88 -39.55
C ASN F 194 17.43 -51.58 -40.36
N ASP F 195 16.50 -52.53 -40.40
CA ASP F 195 15.27 -52.32 -41.17
C ASP F 195 14.27 -51.46 -40.42
N SER F 196 14.32 -51.46 -39.08
CA SER F 196 13.40 -50.66 -38.28
C SER F 196 13.69 -49.17 -38.37
N LEU F 197 14.90 -48.79 -38.80
CA LEU F 197 15.23 -47.37 -38.93
C LEU F 197 14.36 -46.70 -39.99
N CYS F 198 13.91 -47.46 -40.97
CA CYS F 198 13.01 -46.96 -41.99
C CYS F 198 11.63 -46.66 -41.45
N THR F 199 11.34 -47.10 -40.23
CA THR F 199 10.03 -46.91 -39.63
C THR F 199 10.05 -45.79 -38.60
N THR F 200 8.85 -45.48 -38.11
CA THR F 200 8.64 -44.50 -37.05
C THR F 200 8.80 -45.11 -35.67
N LEU F 201 9.27 -46.35 -35.60
CA LEU F 201 9.53 -46.97 -34.30
C LEU F 201 10.58 -46.20 -33.52
N SER F 202 11.57 -45.64 -34.21
CA SER F 202 12.57 -44.81 -33.56
C SER F 202 11.94 -43.70 -32.74
N LEU F 203 10.74 -43.27 -33.15
CA LEU F 203 10.02 -42.18 -32.50
C LEU F 203 8.94 -42.66 -31.53
N GLN F 204 8.65 -43.95 -31.49
CA GLN F 204 7.58 -44.44 -30.62
C GLN F 204 8.12 -45.08 -29.35
N TRP F 205 9.32 -45.63 -29.40
CA TRP F 205 9.83 -46.44 -28.29
C TRP F 205 11.29 -46.13 -28.04
N GLU F 206 11.66 -46.17 -26.76
CA GLU F 206 13.05 -46.02 -26.37
C GLU F 206 13.88 -47.09 -27.08
N PRO F 207 15.17 -46.84 -27.30
CA PRO F 207 15.98 -47.84 -28.02
C PRO F 207 16.06 -49.18 -27.31
N GLU F 208 16.12 -49.16 -25.99
CA GLU F 208 16.17 -50.40 -25.22
C GLU F 208 15.01 -51.33 -25.57
N ILE F 209 13.81 -50.76 -25.69
CA ILE F 209 12.62 -51.56 -25.97
C ILE F 209 12.72 -52.17 -27.36
N ILE F 210 13.18 -51.39 -28.34
CA ILE F 210 13.38 -51.90 -29.68
C ILE F 210 14.33 -53.10 -29.63
N ALA F 211 15.46 -52.94 -28.92
CA ALA F 211 16.43 -54.02 -28.80
C ALA F 211 15.79 -55.29 -28.26
N VAL F 212 14.95 -55.15 -27.24
CA VAL F 212 14.25 -56.33 -26.71
C VAL F 212 13.32 -56.90 -27.77
N ALA F 213 12.56 -56.03 -28.43
CA ALA F 213 11.61 -56.50 -29.43
C ALA F 213 12.29 -57.31 -30.53
N VAL F 214 13.44 -56.83 -31.02
CA VAL F 214 14.10 -57.55 -32.11
C VAL F 214 14.61 -58.90 -31.61
N MET F 215 15.10 -58.95 -30.36
CA MET F 215 15.45 -60.24 -29.79
C MET F 215 14.21 -61.14 -29.68
N TYR F 216 13.10 -60.55 -29.24
CA TYR F 216 11.85 -61.29 -29.11
C TYR F 216 11.40 -61.81 -30.47
N LEU F 217 11.59 -61.02 -31.53
CA LEU F 217 11.20 -61.47 -32.87
C LEU F 217 12.15 -62.52 -33.38
N ALA F 218 13.46 -62.30 -33.24
CA ALA F 218 14.43 -63.28 -33.71
C ALA F 218 14.21 -64.63 -33.06
N GLY F 219 13.94 -64.65 -31.76
CA GLY F 219 13.72 -65.91 -31.08
C GLY F 219 12.51 -66.67 -31.63
N ARG F 220 11.40 -65.97 -31.82
CA ARG F 220 10.19 -66.63 -32.32
C ARG F 220 10.38 -67.17 -33.73
N LEU F 221 11.19 -66.51 -34.55
CA LEU F 221 11.41 -67.02 -35.90
C LEU F 221 12.40 -68.18 -35.93
N CYS F 222 13.41 -68.15 -35.05
CA CYS F 222 14.39 -69.23 -34.95
C CYS F 222 13.94 -70.32 -34.00
N LYS F 223 12.73 -70.21 -33.45
CA LYS F 223 12.21 -71.18 -32.49
C LYS F 223 13.17 -71.34 -31.31
N PHE F 224 13.97 -70.33 -31.03
CA PHE F 224 14.84 -70.33 -29.87
C PHE F 224 14.02 -69.77 -28.72
N GLU F 225 14.24 -70.32 -27.53
CA GLU F 225 13.61 -69.81 -26.31
C GLU F 225 14.67 -69.16 -25.44
N ILE F 226 14.73 -67.83 -25.55
CA ILE F 226 15.81 -67.08 -24.92
C ILE F 226 15.80 -67.31 -23.43
N GLN F 227 14.63 -67.65 -22.87
CA GLN F 227 14.51 -67.80 -21.43
C GLN F 227 15.58 -68.72 -20.85
N GLU F 228 15.90 -69.80 -21.56
CA GLU F 228 16.84 -70.78 -21.00
C GLU F 228 18.24 -70.21 -20.83
N TRP F 229 18.66 -69.29 -21.69
CA TRP F 229 20.02 -68.76 -21.65
C TRP F 229 20.20 -67.63 -20.64
N THR F 230 19.13 -67.22 -19.96
CA THR F 230 19.19 -66.11 -19.01
C THR F 230 19.73 -66.57 -17.66
N SER F 231 19.99 -65.60 -16.79
CA SER F 231 20.38 -65.93 -15.43
C SER F 231 19.23 -66.52 -14.63
N LYS F 232 17.99 -66.38 -15.12
CA LYS F 232 16.77 -66.87 -14.47
C LYS F 232 16.10 -67.79 -15.47
N PRO F 233 16.47 -69.07 -15.52
CA PRO F 233 16.02 -69.92 -16.65
C PRO F 233 14.54 -70.24 -16.66
N MET F 234 13.83 -70.08 -15.55
CA MET F 234 12.41 -70.40 -15.45
C MET F 234 11.54 -69.16 -15.42
N TYR F 235 12.11 -68.00 -15.73
CA TYR F 235 11.38 -66.74 -15.81
C TYR F 235 10.92 -66.60 -17.25
N ARG F 236 9.65 -66.92 -17.54
CA ARG F 236 9.21 -66.96 -18.93
C ARG F 236 9.30 -65.57 -19.55
N ARG F 237 9.13 -64.53 -18.75
CA ARG F 237 9.29 -63.15 -19.19
C ARG F 237 10.75 -62.72 -19.06
N TRP F 238 11.57 -63.20 -20.00
CA TRP F 238 13.01 -62.96 -19.90
C TRP F 238 13.34 -61.48 -19.97
N TRP F 239 12.57 -60.67 -20.71
CA TRP F 239 12.96 -59.28 -20.93
C TRP F 239 12.93 -58.46 -19.65
N GLU F 240 12.10 -58.82 -18.68
CA GLU F 240 12.04 -58.02 -17.45
C GLU F 240 13.39 -57.99 -16.74
N GLN F 241 14.24 -58.98 -17.00
CA GLN F 241 15.58 -58.95 -16.42
C GLN F 241 16.44 -57.87 -17.05
N PHE F 242 16.08 -57.39 -18.25
CA PHE F 242 16.81 -56.32 -18.93
C PHE F 242 16.07 -54.99 -18.95
N VAL F 243 14.82 -55.00 -19.42
CA VAL F 243 14.01 -53.79 -19.55
C VAL F 243 12.71 -54.03 -18.78
N GLN F 244 12.54 -53.29 -17.69
CA GLN F 244 11.38 -53.47 -16.83
C GLN F 244 10.18 -52.70 -17.36
N ASP F 245 8.99 -53.20 -17.02
CA ASP F 245 7.73 -52.51 -17.29
C ASP F 245 7.39 -52.53 -18.77
N VAL F 246 7.70 -53.63 -19.44
CA VAL F 246 7.32 -53.79 -20.84
C VAL F 246 6.31 -54.93 -20.96
N PRO F 247 5.06 -54.63 -21.30
CA PRO F 247 4.09 -55.69 -21.55
C PRO F 247 4.31 -56.30 -22.92
N VAL F 248 3.82 -57.53 -23.08
CA VAL F 248 3.97 -58.21 -24.36
C VAL F 248 3.30 -57.42 -25.47
N ASP F 249 2.23 -56.70 -25.14
CA ASP F 249 1.52 -55.92 -26.15
C ASP F 249 2.50 -55.08 -26.97
N VAL F 250 3.42 -54.41 -26.29
CA VAL F 250 4.37 -53.53 -26.98
C VAL F 250 5.28 -54.34 -27.89
N LEU F 251 5.87 -55.41 -27.36
CA LEU F 251 6.75 -56.23 -28.18
C LEU F 251 6.04 -56.74 -29.42
N GLU F 252 4.75 -57.07 -29.28
CA GLU F 252 4.00 -57.53 -30.44
C GLU F 252 3.75 -56.40 -31.43
N ASP F 253 3.38 -55.22 -30.92
CA ASP F 253 3.17 -54.08 -31.80
C ASP F 253 4.43 -53.78 -32.61
N ILE F 254 5.59 -53.83 -31.94
CA ILE F 254 6.86 -53.58 -32.64
C ILE F 254 7.14 -54.67 -33.65
N CYS F 255 7.01 -55.94 -33.25
CA CYS F 255 7.23 -57.02 -34.19
C CYS F 255 6.31 -56.90 -35.40
N HIS F 256 5.05 -56.55 -35.17
CA HIS F 256 4.10 -56.43 -36.28
C HIS F 256 4.58 -55.39 -37.29
N GLN F 257 5.04 -54.24 -36.81
CA GLN F 257 5.47 -53.17 -37.71
C GLN F 257 6.73 -53.56 -38.47
N ILE F 258 7.64 -54.30 -37.84
CA ILE F 258 8.86 -54.74 -38.51
C ILE F 258 8.52 -55.72 -39.62
N LEU F 259 7.68 -56.72 -39.32
CA LEU F 259 7.33 -57.73 -40.31
C LEU F 259 6.53 -57.14 -41.47
N ASP F 260 5.87 -56.00 -41.26
CA ASP F 260 5.12 -55.36 -42.34
C ASP F 260 6.03 -54.98 -43.51
N LEU F 261 7.25 -54.54 -43.19
CA LEU F 261 8.19 -54.15 -44.24
C LEU F 261 8.57 -55.33 -45.13
N TYR F 262 8.70 -56.51 -44.53
CA TYR F 262 9.10 -57.69 -45.30
C TYR F 262 7.99 -58.14 -46.23
N SER F 263 6.75 -58.12 -45.74
CA SER F 263 5.63 -58.55 -46.57
C SER F 263 5.39 -57.56 -47.71
N GLN F 264 5.45 -56.26 -47.41
CA GLN F 264 5.25 -55.25 -48.44
C GLN F 264 6.39 -55.25 -49.47
N GLY F 265 7.63 -55.29 -49.00
CA GLY F 265 8.77 -55.28 -49.90
C GLY F 265 8.94 -56.59 -50.64
N LYS F 266 10.05 -56.68 -51.38
CA LYS F 266 10.38 -57.93 -52.03
C LYS F 266 11.16 -58.89 -51.13
N GLN F 267 12.10 -58.36 -50.34
CA GLN F 267 12.86 -59.23 -49.46
C GLN F 267 11.93 -59.86 -48.42
N GLN F 268 12.31 -61.04 -47.94
CA GLN F 268 11.52 -61.84 -47.01
C GLN F 268 12.32 -62.02 -45.72
N MET F 269 11.68 -62.64 -44.72
CA MET F 269 12.27 -62.68 -43.39
C MET F 269 13.69 -63.25 -43.48
N PRO F 270 14.64 -62.70 -42.72
CA PRO F 270 16.05 -63.10 -42.92
C PRO F 270 16.36 -64.56 -42.69
N HIS F 271 15.78 -65.21 -41.69
CA HIS F 271 16.08 -66.61 -41.37
C HIS F 271 17.49 -67.07 -41.76
N MET G 5 -48.73 2.64 -40.47
CA MET G 5 -48.28 4.08 -40.36
C MET G 5 -47.05 4.28 -41.26
N SER G 6 -46.25 3.22 -41.43
CA SER G 6 -45.07 3.23 -42.29
C SER G 6 -45.30 2.23 -43.41
N TYR G 7 -44.98 2.62 -44.64
CA TYR G 7 -45.25 1.80 -45.83
C TYR G 7 -43.97 1.58 -46.61
N ASN G 8 -43.66 0.32 -46.93
CA ASN G 8 -42.39 -0.04 -47.55
C ASN G 8 -42.60 -1.06 -48.68
N TYR G 9 -41.55 -1.22 -49.50
CA TYR G 9 -41.55 -2.01 -50.74
C TYR G 9 -40.27 -2.86 -50.76
N VAL G 10 -40.40 -4.14 -51.07
CA VAL G 10 -39.26 -5.07 -51.06
C VAL G 10 -39.24 -5.85 -52.37
N VAL G 11 -38.11 -5.77 -53.09
CA VAL G 11 -37.95 -6.49 -54.34
C VAL G 11 -36.71 -7.37 -54.25
N THR G 12 -36.71 -8.42 -55.09
CA THR G 12 -35.52 -9.22 -55.31
C THR G 12 -34.73 -8.55 -56.43
N ALA G 13 -33.47 -8.24 -56.15
CA ALA G 13 -32.57 -7.78 -57.20
C ALA G 13 -31.76 -8.93 -57.77
N GLN G 14 -31.38 -9.88 -56.90
CA GLN G 14 -30.67 -11.09 -57.31
C GLN G 14 -31.30 -12.28 -56.62
N LYS G 15 -31.65 -13.30 -57.40
CA LYS G 15 -32.31 -14.46 -56.85
C LYS G 15 -31.35 -15.28 -55.99
N PRO G 16 -31.90 -16.18 -55.16
CA PRO G 16 -31.03 -17.08 -54.38
C PRO G 16 -30.13 -17.92 -55.27
N THR G 17 -28.85 -18.01 -54.88
CA THR G 17 -27.85 -18.74 -55.66
C THR G 17 -27.42 -20.04 -55.00
N ALA G 18 -27.51 -20.14 -53.68
CA ALA G 18 -27.06 -21.36 -53.00
C ALA G 18 -27.98 -22.52 -53.33
N VAL G 19 -27.38 -23.67 -53.61
CA VAL G 19 -28.13 -24.88 -53.92
C VAL G 19 -28.45 -25.58 -52.60
N ASN G 20 -29.74 -25.85 -52.38
CA ASN G 20 -30.21 -26.47 -51.16
C ASN G 20 -30.62 -27.93 -51.34
N GLY G 21 -30.75 -28.39 -52.58
CA GLY G 21 -30.99 -29.80 -52.86
C GLY G 21 -31.20 -30.00 -54.34
N CYS G 22 -30.98 -31.24 -54.78
CA CYS G 22 -31.12 -31.54 -56.19
C CYS G 22 -31.42 -33.02 -56.41
N VAL G 23 -32.31 -33.29 -57.37
CA VAL G 23 -32.75 -34.64 -57.69
C VAL G 23 -32.62 -34.86 -59.19
N THR G 24 -32.62 -36.15 -59.57
CA THR G 24 -32.65 -36.54 -60.97
C THR G 24 -33.84 -37.46 -61.20
N GLY G 25 -34.28 -37.52 -62.45
CA GLY G 25 -35.40 -38.38 -62.78
C GLY G 25 -35.93 -38.07 -64.17
N HIS G 26 -37.20 -38.45 -64.39
CA HIS G 26 -37.85 -38.34 -65.68
C HIS G 26 -39.16 -37.57 -65.48
N PHE G 27 -39.01 -36.26 -65.27
CA PHE G 27 -40.13 -35.40 -64.85
C PHE G 27 -40.82 -34.75 -66.05
N THR G 28 -40.05 -34.23 -67.00
CA THR G 28 -40.65 -33.55 -68.15
C THR G 28 -41.17 -34.55 -69.18
N SER G 29 -40.45 -35.66 -69.39
CA SER G 29 -40.90 -36.70 -70.30
C SER G 29 -40.30 -38.03 -69.84
N ALA G 30 -41.02 -39.12 -70.12
CA ALA G 30 -40.53 -40.44 -69.74
C ALA G 30 -39.19 -40.79 -70.40
N GLU G 31 -38.77 -40.03 -71.41
CA GLU G 31 -37.53 -40.28 -72.13
C GLU G 31 -36.39 -39.38 -71.70
N ASP G 32 -36.63 -38.09 -71.50
CA ASP G 32 -35.56 -37.17 -71.10
C ASP G 32 -35.04 -37.52 -69.71
N LEU G 33 -33.78 -37.21 -69.47
CA LEU G 33 -33.19 -37.26 -68.14
C LEU G 33 -33.10 -35.84 -67.59
N ASN G 34 -33.78 -35.60 -66.48
CA ASN G 34 -33.92 -34.26 -65.92
C ASN G 34 -32.99 -34.07 -64.72
N LEU G 35 -32.65 -32.81 -64.48
CA LEU G 35 -32.02 -32.38 -63.24
C LEU G 35 -32.87 -31.26 -62.65
N LEU G 36 -33.47 -31.51 -61.49
CA LEU G 36 -34.21 -30.49 -60.76
C LEU G 36 -33.33 -29.96 -59.64
N ILE G 37 -33.06 -28.66 -59.67
CA ILE G 37 -32.26 -27.98 -58.65
C ILE G 37 -33.18 -27.07 -57.87
N ALA G 38 -33.09 -27.15 -56.56
CA ALA G 38 -33.87 -26.28 -55.67
C ALA G 38 -32.89 -25.32 -55.02
N LYS G 39 -33.01 -24.04 -55.34
CA LYS G 39 -32.45 -22.96 -54.55
C LYS G 39 -33.61 -22.38 -53.75
N ASN G 40 -33.29 -21.70 -52.66
CA ASN G 40 -34.35 -21.32 -51.72
C ASN G 40 -35.50 -20.63 -52.46
N THR G 41 -36.63 -21.33 -52.56
CA THR G 41 -37.89 -20.89 -53.16
C THR G 41 -37.90 -20.94 -54.68
N ARG G 42 -36.81 -21.30 -55.35
CA ARG G 42 -36.76 -21.34 -56.80
C ARG G 42 -36.58 -22.79 -57.22
N LEU G 43 -37.38 -23.25 -58.18
CA LEU G 43 -37.20 -24.58 -58.74
C LEU G 43 -36.71 -24.39 -60.16
N GLU G 44 -35.55 -24.98 -60.46
CA GLU G 44 -34.96 -24.94 -61.78
C GLU G 44 -35.02 -26.34 -62.38
N ILE G 45 -35.57 -26.43 -63.59
CA ILE G 45 -35.70 -27.69 -64.31
C ILE G 45 -34.76 -27.65 -65.51
N TYR G 46 -33.91 -28.66 -65.61
CA TYR G 46 -32.96 -28.78 -66.71
C TYR G 46 -33.18 -30.13 -67.38
N VAL G 47 -32.67 -30.25 -68.60
CA VAL G 47 -32.63 -31.53 -69.30
C VAL G 47 -31.17 -31.89 -69.53
N VAL G 48 -30.81 -33.12 -69.19
CA VAL G 48 -29.43 -33.56 -69.29
C VAL G 48 -29.16 -33.93 -70.73
N THR G 49 -28.14 -33.32 -71.31
CA THR G 49 -27.70 -33.62 -72.66
C THR G 49 -26.32 -34.25 -72.59
N ALA G 50 -25.75 -34.54 -73.75
CA ALA G 50 -24.38 -35.01 -73.80
C ALA G 50 -23.39 -33.88 -73.59
N GLU G 51 -23.85 -32.63 -73.61
CA GLU G 51 -22.99 -31.46 -73.51
C GLU G 51 -22.96 -30.86 -72.12
N GLY G 52 -24.09 -30.87 -71.43
CA GLY G 52 -24.24 -30.20 -70.16
C GLY G 52 -25.71 -30.19 -69.79
N LEU G 53 -26.19 -29.05 -69.31
CA LEU G 53 -27.58 -28.91 -68.90
C LEU G 53 -28.29 -27.94 -69.83
N ARG G 54 -29.47 -28.33 -70.30
CA ARG G 54 -30.32 -27.46 -71.09
C ARG G 54 -31.49 -27.00 -70.23
N PRO G 55 -31.60 -25.71 -69.93
CA PRO G 55 -32.72 -25.25 -69.09
C PRO G 55 -34.06 -25.45 -69.78
N VAL G 56 -35.11 -25.59 -68.98
CA VAL G 56 -36.43 -25.86 -69.51
C VAL G 56 -37.49 -24.90 -68.97
N LYS G 57 -37.43 -24.63 -67.67
CA LYS G 57 -38.42 -23.80 -67.00
C LYS G 57 -37.89 -23.47 -65.62
N GLU G 58 -38.22 -22.28 -65.14
CA GLU G 58 -37.97 -21.94 -63.75
C GLU G 58 -39.24 -21.32 -63.19
N VAL G 59 -39.65 -21.81 -62.04
CA VAL G 59 -40.83 -21.30 -61.34
C VAL G 59 -40.39 -20.86 -59.96
N GLY G 60 -41.14 -19.92 -59.41
CA GLY G 60 -41.03 -19.55 -58.02
C GLY G 60 -42.16 -20.19 -57.24
N MET G 61 -41.90 -20.45 -55.97
CA MET G 61 -42.90 -20.99 -55.07
C MET G 61 -43.02 -20.07 -53.86
N TYR G 62 -44.23 -20.01 -53.31
CA TYR G 62 -44.52 -19.19 -52.13
C TYR G 62 -44.23 -20.00 -50.85
N GLY G 63 -42.96 -20.32 -50.68
CA GLY G 63 -42.50 -21.15 -49.58
C GLY G 63 -41.04 -21.55 -49.74
N LYS G 64 -40.32 -21.79 -48.64
CA LYS G 64 -38.96 -22.32 -48.74
C LYS G 64 -39.03 -23.81 -49.03
N ILE G 65 -38.29 -24.27 -50.04
CA ILE G 65 -38.35 -25.68 -50.44
C ILE G 65 -37.55 -26.51 -49.44
N ALA G 66 -38.24 -27.36 -48.67
CA ALA G 66 -37.62 -28.22 -47.69
C ALA G 66 -37.41 -29.64 -48.21
N VAL G 67 -38.44 -30.24 -48.78
CA VAL G 67 -38.36 -31.58 -49.35
C VAL G 67 -38.60 -31.46 -50.84
N MET G 68 -37.79 -32.18 -51.62
CA MET G 68 -37.97 -32.26 -53.05
C MET G 68 -37.62 -33.69 -53.46
N GLU G 69 -38.60 -34.40 -53.99
CA GLU G 69 -38.43 -35.81 -54.30
C GLU G 69 -39.26 -36.13 -55.52
N LEU G 70 -38.70 -36.96 -56.39
CA LEU G 70 -39.36 -37.40 -57.61
C LEU G 70 -39.84 -38.85 -57.46
N PHE G 71 -41.07 -39.09 -57.90
CA PHE G 71 -41.66 -40.42 -57.80
C PHE G 71 -42.59 -40.66 -58.99
N ARG G 72 -42.80 -41.94 -59.29
CA ARG G 72 -43.67 -42.38 -60.38
C ARG G 72 -44.65 -43.44 -59.90
N PRO G 73 -45.89 -43.07 -59.58
CA PRO G 73 -46.85 -44.10 -59.16
C PRO G 73 -47.29 -44.95 -60.34
N LYS G 74 -47.75 -46.16 -60.03
CA LYS G 74 -48.19 -47.07 -61.07
C LYS G 74 -49.30 -46.44 -61.91
N GLY G 75 -49.13 -46.47 -63.22
CA GLY G 75 -50.08 -45.90 -64.15
C GLY G 75 -49.66 -44.57 -64.73
N GLU G 76 -48.63 -43.92 -64.20
CA GLU G 76 -48.18 -42.64 -64.72
C GLU G 76 -47.16 -42.89 -65.83
N SER G 77 -47.21 -42.04 -66.85
CA SER G 77 -46.26 -42.16 -67.95
C SER G 77 -44.88 -41.65 -67.53
N LYS G 78 -44.83 -40.72 -66.58
CA LYS G 78 -43.59 -40.05 -66.24
C LYS G 78 -43.61 -39.68 -64.76
N ASP G 79 -42.47 -39.22 -64.27
CA ASP G 79 -42.32 -38.91 -62.86
C ASP G 79 -43.15 -37.70 -62.45
N LEU G 80 -43.65 -37.75 -61.22
CA LEU G 80 -44.26 -36.61 -60.54
C LEU G 80 -43.28 -36.05 -59.51
N LEU G 81 -43.54 -34.82 -59.09
CA LEU G 81 -42.69 -34.13 -58.15
C LEU G 81 -43.44 -33.88 -56.85
N PHE G 82 -42.84 -34.28 -55.73
CA PHE G 82 -43.36 -33.94 -54.42
C PHE G 82 -42.48 -32.85 -53.80
N ILE G 83 -43.13 -31.84 -53.22
CA ILE G 83 -42.43 -30.76 -52.54
C ILE G 83 -43.18 -30.42 -51.25
N LEU G 84 -42.42 -30.16 -50.19
CA LEU G 84 -42.94 -29.71 -48.92
C LEU G 84 -42.16 -28.47 -48.52
N THR G 85 -42.87 -27.41 -48.16
CA THR G 85 -42.19 -26.16 -47.82
C THR G 85 -41.89 -26.09 -46.33
N ALA G 86 -41.10 -25.08 -45.96
CA ALA G 86 -40.73 -24.90 -44.56
C ALA G 86 -41.91 -24.54 -43.67
N LYS G 87 -42.99 -24.02 -44.24
CA LYS G 87 -44.23 -23.77 -43.53
C LYS G 87 -45.20 -24.95 -43.60
N TYR G 88 -44.73 -26.10 -44.11
CA TYR G 88 -45.52 -27.33 -44.16
C TYR G 88 -46.58 -27.30 -45.26
N ASN G 89 -46.33 -26.57 -46.34
CA ASN G 89 -47.17 -26.64 -47.52
C ASN G 89 -46.72 -27.82 -48.36
N ALA G 90 -47.59 -28.81 -48.55
CA ALA G 90 -47.28 -29.98 -49.34
C ALA G 90 -47.97 -29.90 -50.70
N CYS G 91 -47.36 -30.54 -51.69
CA CYS G 91 -47.98 -30.59 -53.00
C CYS G 91 -47.28 -31.65 -53.84
N ILE G 92 -48.03 -32.19 -54.80
CA ILE G 92 -47.50 -33.07 -55.83
C ILE G 92 -47.70 -32.36 -57.16
N LEU G 93 -46.64 -32.29 -57.96
CA LEU G 93 -46.63 -31.47 -59.15
C LEU G 93 -46.42 -32.36 -60.37
N GLU G 94 -46.99 -31.93 -61.48
CA GLU G 94 -46.82 -32.56 -62.77
C GLU G 94 -46.38 -31.51 -63.76
N TYR G 95 -45.41 -31.85 -64.59
CA TYR G 95 -44.99 -31.01 -65.69
C TYR G 95 -45.89 -31.29 -66.88
N LYS G 96 -46.47 -30.23 -67.44
CA LYS G 96 -47.32 -30.38 -68.62
C LYS G 96 -47.00 -29.27 -69.60
N GLN G 97 -46.73 -29.64 -70.85
CA GLN G 97 -46.38 -28.71 -71.90
C GLN G 97 -47.13 -29.05 -73.18
N SER G 98 -47.78 -28.05 -73.76
CA SER G 98 -48.51 -28.18 -75.01
C SER G 98 -47.97 -27.11 -75.98
N GLY G 99 -47.07 -27.52 -76.86
CA GLY G 99 -46.38 -26.57 -77.73
C GLY G 99 -45.38 -25.74 -76.94
N GLU G 100 -45.50 -24.42 -77.02
CA GLU G 100 -44.57 -23.54 -76.31
C GLU G 100 -45.03 -23.20 -74.89
N SER G 101 -46.26 -23.56 -74.53
CA SER G 101 -46.85 -23.18 -73.25
C SER G 101 -46.46 -24.20 -72.20
N ILE G 102 -45.67 -23.78 -71.21
CA ILE G 102 -45.23 -24.64 -70.12
C ILE G 102 -46.02 -24.29 -68.88
N ASP G 103 -46.59 -25.32 -68.26
CA ASP G 103 -47.30 -25.17 -67.01
C ASP G 103 -46.79 -26.22 -66.04
N ILE G 104 -46.92 -25.95 -64.76
CA ILE G 104 -46.67 -26.93 -63.72
C ILE G 104 -48.00 -27.08 -63.01
N ILE G 105 -48.59 -28.25 -63.11
CA ILE G 105 -49.95 -28.49 -62.64
C ILE G 105 -49.86 -29.03 -61.22
N THR G 106 -50.72 -28.54 -60.35
CA THR G 106 -50.79 -29.00 -58.97
C THR G 106 -51.86 -30.08 -58.89
N ARG G 107 -51.43 -31.34 -58.78
CA ARG G 107 -52.37 -32.46 -58.76
C ARG G 107 -52.92 -32.69 -57.35
N ALA G 108 -52.15 -32.39 -56.31
CA ALA G 108 -52.60 -32.54 -54.94
C ALA G 108 -51.92 -31.46 -54.12
N HIS G 109 -52.60 -30.99 -53.08
CA HIS G 109 -52.00 -29.96 -52.25
C HIS G 109 -52.68 -29.97 -50.89
N GLY G 110 -51.95 -29.50 -49.89
CA GLY G 110 -52.47 -29.42 -48.54
C GLY G 110 -51.34 -29.06 -47.59
N ASN G 111 -51.75 -28.74 -46.36
CA ASN G 111 -50.82 -28.36 -45.31
C ASN G 111 -50.79 -29.45 -44.24
N VAL G 112 -49.61 -29.94 -43.93
CA VAL G 112 -49.45 -31.10 -43.06
C VAL G 112 -49.02 -30.71 -41.65
N GLN G 113 -49.19 -29.45 -41.28
CA GLN G 113 -48.80 -29.01 -39.94
C GLN G 113 -49.73 -29.63 -38.90
N ASP G 114 -49.15 -30.05 -37.78
CA ASP G 114 -49.90 -30.60 -36.66
C ASP G 114 -50.08 -29.54 -35.58
N ARG G 115 -51.28 -29.48 -35.02
CA ARG G 115 -51.57 -28.49 -33.97
C ARG G 115 -50.58 -28.60 -32.83
N ILE G 116 -50.17 -29.82 -32.48
CA ILE G 116 -49.26 -30.06 -31.37
C ILE G 116 -48.12 -30.94 -31.86
N GLY G 117 -46.90 -30.53 -31.56
CA GLY G 117 -45.73 -31.30 -31.90
C GLY G 117 -44.44 -30.55 -31.60
N ARG G 118 -43.37 -31.27 -31.32
CA ARG G 118 -42.07 -30.65 -31.11
C ARG G 118 -41.25 -30.77 -32.38
N PRO G 119 -40.90 -29.67 -33.04
CA PRO G 119 -40.03 -29.77 -34.22
C PRO G 119 -38.76 -30.54 -33.91
N SER G 120 -38.39 -31.44 -34.82
CA SER G 120 -37.26 -32.34 -34.59
C SER G 120 -35.93 -31.63 -34.76
N GLU G 121 -34.91 -32.18 -34.10
CA GLU G 121 -33.59 -31.57 -34.12
C GLU G 121 -32.96 -31.59 -35.50
N THR G 122 -33.03 -32.72 -36.20
CA THR G 122 -32.38 -32.87 -37.49
C THR G 122 -33.26 -32.44 -38.67
N GLY G 123 -34.33 -31.70 -38.42
CA GLY G 123 -35.10 -31.05 -39.47
C GLY G 123 -36.07 -31.94 -40.21
N ILE G 124 -36.83 -31.30 -41.12
CA ILE G 124 -37.82 -32.00 -41.90
C ILE G 124 -37.15 -33.04 -42.76
N ILE G 125 -37.69 -34.26 -42.74
CA ILE G 125 -37.23 -35.34 -43.62
C ILE G 125 -38.41 -35.81 -44.46
N GLY G 126 -38.17 -35.99 -45.75
CA GLY G 126 -39.17 -36.51 -46.64
C GLY G 126 -38.65 -37.66 -47.47
N ILE G 127 -39.36 -38.79 -47.43
CA ILE G 127 -38.97 -40.01 -48.12
C ILE G 127 -40.22 -40.58 -48.76
N ILE G 128 -40.05 -41.32 -49.84
CA ILE G 128 -41.16 -41.91 -50.57
C ILE G 128 -40.91 -43.40 -50.74
N ASP G 129 -41.98 -44.18 -50.63
CA ASP G 129 -41.88 -45.63 -50.75
C ASP G 129 -41.37 -46.02 -52.14
N PRO G 130 -40.61 -47.09 -52.25
CA PRO G 130 -40.22 -47.58 -53.59
C PRO G 130 -41.41 -47.92 -54.45
N GLU G 131 -42.48 -48.46 -53.85
CA GLU G 131 -43.71 -48.78 -54.57
C GLU G 131 -44.63 -47.58 -54.73
N CYS G 132 -44.21 -46.39 -54.29
CA CYS G 132 -45.04 -45.19 -54.38
C CYS G 132 -46.41 -45.43 -53.76
N ARG G 133 -46.40 -46.18 -52.66
CA ARG G 133 -47.59 -46.41 -51.85
C ARG G 133 -47.87 -45.26 -50.89
N MET G 134 -46.84 -44.57 -50.42
CA MET G 134 -47.03 -43.55 -49.40
C MET G 134 -45.87 -42.57 -49.43
N ILE G 135 -46.11 -41.41 -48.82
CA ILE G 135 -45.08 -40.41 -48.56
C ILE G 135 -44.87 -40.39 -47.04
N GLY G 136 -43.62 -40.57 -46.61
CA GLY G 136 -43.28 -40.49 -45.19
C GLY G 136 -42.66 -39.14 -44.86
N LEU G 137 -43.11 -38.56 -43.75
CA LEU G 137 -42.59 -37.29 -43.27
C LEU G 137 -42.20 -37.43 -41.80
N ARG G 138 -40.99 -36.99 -41.45
CA ARG G 138 -40.58 -36.85 -40.05
C ARG G 138 -40.56 -35.35 -39.78
N LEU G 139 -41.65 -34.84 -39.21
CA LEU G 139 -41.78 -33.43 -38.90
C LEU G 139 -41.51 -33.14 -37.43
N TYR G 140 -41.93 -34.03 -36.54
CA TYR G 140 -41.89 -33.79 -35.11
C TYR G 140 -41.27 -34.99 -34.41
N ASP G 141 -40.59 -34.71 -33.29
CA ASP G 141 -40.06 -35.77 -32.45
C ASP G 141 -41.15 -36.73 -32.03
N GLY G 142 -40.86 -38.03 -32.07
CA GLY G 142 -41.82 -38.98 -31.56
C GLY G 142 -43.01 -39.22 -32.43
N LEU G 143 -43.01 -38.70 -33.66
CA LEU G 143 -44.12 -38.90 -34.57
C LEU G 143 -43.67 -39.15 -35.99
N PHE G 144 -44.42 -40.01 -36.68
CA PHE G 144 -44.20 -40.33 -38.09
C PHE G 144 -45.52 -40.11 -38.81
N LYS G 145 -45.51 -39.25 -39.83
CA LYS G 145 -46.70 -38.89 -40.58
C LYS G 145 -46.70 -39.65 -41.91
N VAL G 146 -47.87 -40.17 -42.30
CA VAL G 146 -48.01 -40.92 -43.54
C VAL G 146 -49.07 -40.23 -44.40
N ILE G 147 -48.68 -39.83 -45.61
CA ILE G 147 -49.64 -39.41 -46.64
C ILE G 147 -49.79 -40.60 -47.59
N PRO G 148 -50.91 -41.33 -47.57
CA PRO G 148 -51.07 -42.44 -48.52
C PRO G 148 -51.24 -41.94 -49.94
N LEU G 149 -50.56 -42.60 -50.87
CA LEU G 149 -50.59 -42.21 -52.28
C LEU G 149 -51.74 -42.92 -53.00
N ASP G 150 -52.96 -42.50 -52.67
CA ASP G 150 -54.15 -42.93 -53.39
C ASP G 150 -54.40 -41.91 -54.50
N ARG G 151 -54.98 -42.37 -55.61
CA ARG G 151 -55.21 -41.46 -56.72
C ARG G 151 -56.16 -40.33 -56.31
N ASP G 152 -57.08 -40.61 -55.38
CA ASP G 152 -58.08 -39.63 -54.97
C ASP G 152 -57.60 -38.69 -53.88
N ASN G 153 -56.47 -38.95 -53.24
CA ASN G 153 -56.02 -38.15 -52.10
C ASN G 153 -55.43 -36.82 -52.57
N LYS G 154 -56.28 -36.02 -53.21
CA LYS G 154 -55.85 -34.73 -53.77
C LYS G 154 -55.67 -33.65 -52.70
N GLU G 155 -56.20 -33.85 -51.50
CA GLU G 155 -55.97 -32.93 -50.39
C GLU G 155 -54.79 -33.33 -49.51
N LEU G 156 -54.13 -34.44 -49.82
CA LEU G 156 -52.98 -34.91 -49.04
C LEU G 156 -53.33 -35.05 -47.56
N LYS G 157 -54.46 -35.69 -47.30
CA LYS G 157 -54.81 -36.01 -45.92
C LYS G 157 -53.82 -37.04 -45.38
N ALA G 158 -53.55 -36.96 -44.09
CA ALA G 158 -52.51 -37.79 -43.51
C ALA G 158 -52.83 -38.13 -42.07
N PHE G 159 -52.19 -39.19 -41.57
CA PHE G 159 -52.34 -39.65 -40.20
C PHE G 159 -50.95 -39.80 -39.61
N ASN G 160 -50.87 -39.74 -38.28
CA ASN G 160 -49.61 -39.89 -37.57
C ASN G 160 -49.54 -41.25 -36.90
N ILE G 161 -48.36 -41.85 -36.96
CA ILE G 161 -48.05 -43.07 -36.22
C ILE G 161 -47.13 -42.70 -35.07
N ARG G 162 -47.51 -43.07 -33.85
CA ARG G 162 -46.66 -42.80 -32.70
C ARG G 162 -45.30 -43.46 -32.91
N LEU G 163 -44.24 -42.72 -32.58
CA LEU G 163 -42.88 -43.17 -32.79
C LEU G 163 -42.21 -43.26 -31.42
N GLU G 164 -41.81 -44.48 -31.05
CA GLU G 164 -41.23 -44.69 -29.73
C GLU G 164 -39.91 -43.94 -29.57
N GLU G 165 -39.05 -44.01 -30.58
CA GLU G 165 -37.73 -43.39 -30.54
C GLU G 165 -37.88 -41.90 -30.79
N LEU G 166 -37.72 -41.09 -29.74
CA LEU G 166 -38.05 -39.69 -29.86
C LEU G 166 -37.03 -38.93 -30.70
N HIS G 167 -35.75 -39.23 -30.52
CA HIS G 167 -34.67 -38.49 -31.17
C HIS G 167 -34.16 -39.33 -32.34
N VAL G 168 -34.71 -39.05 -33.53
CA VAL G 168 -34.36 -39.76 -34.76
C VAL G 168 -33.38 -38.92 -35.55
N ILE G 169 -32.35 -39.56 -36.08
CA ILE G 169 -31.32 -38.85 -36.83
C ILE G 169 -31.62 -38.81 -38.32
N ASP G 170 -31.86 -39.96 -38.94
CA ASP G 170 -32.16 -39.98 -40.37
C ASP G 170 -32.97 -41.23 -40.69
N VAL G 171 -33.74 -41.17 -41.77
CA VAL G 171 -34.63 -42.26 -42.12
C VAL G 171 -34.75 -42.39 -43.64
N LYS G 172 -34.92 -43.63 -44.09
CA LYS G 172 -35.17 -43.96 -45.49
C LYS G 172 -36.12 -45.15 -45.54
N PHE G 173 -36.88 -45.24 -46.63
CA PHE G 173 -37.64 -46.45 -46.93
C PHE G 173 -36.67 -47.49 -47.50
N LEU G 174 -36.82 -48.74 -47.09
CA LEU G 174 -35.92 -49.79 -47.54
C LEU G 174 -36.42 -50.40 -48.84
N TYR G 175 -35.47 -50.88 -49.65
CA TYR G 175 -35.78 -51.59 -50.88
C TYR G 175 -35.87 -53.09 -50.61
N GLY G 176 -36.53 -53.80 -51.52
CA GLY G 176 -36.54 -55.25 -51.45
C GLY G 176 -37.22 -55.83 -50.23
N CYS G 177 -38.36 -55.26 -49.85
CA CYS G 177 -39.06 -55.70 -48.67
C CYS G 177 -40.47 -56.17 -49.03
N GLN G 178 -40.93 -57.18 -48.29
CA GLN G 178 -42.23 -57.78 -48.56
C GLN G 178 -43.33 -56.75 -48.34
N ALA G 179 -43.19 -55.90 -47.32
CA ALA G 179 -44.05 -54.78 -47.02
C ALA G 179 -43.27 -53.47 -47.01
N PRO G 180 -43.95 -52.32 -47.13
CA PRO G 180 -43.25 -51.03 -46.97
C PRO G 180 -42.57 -50.93 -45.61
N THR G 181 -41.26 -50.68 -45.62
CA THR G 181 -40.43 -50.72 -44.42
C THR G 181 -39.54 -49.48 -44.30
N ILE G 182 -39.39 -48.97 -43.08
CA ILE G 182 -38.48 -47.86 -42.78
C ILE G 182 -37.31 -48.35 -41.93
N CYS G 183 -36.12 -47.84 -42.23
CA CYS G 183 -34.91 -48.04 -41.43
C CYS G 183 -34.37 -46.69 -40.99
N PHE G 184 -34.13 -46.52 -39.69
CA PHE G 184 -33.68 -45.24 -39.18
C PHE G 184 -32.62 -45.41 -38.10
N VAL G 185 -31.75 -44.40 -38.00
CA VAL G 185 -30.81 -44.29 -36.89
C VAL G 185 -31.39 -43.31 -35.89
N TYR G 186 -31.43 -43.72 -34.62
CA TYR G 186 -31.96 -42.89 -33.56
C TYR G 186 -30.96 -42.82 -32.43
N GLN G 187 -31.10 -41.78 -31.61
CA GLN G 187 -30.23 -41.58 -30.47
C GLN G 187 -31.04 -41.55 -29.18
N ASP G 188 -30.59 -42.30 -28.21
CA ASP G 188 -31.13 -42.33 -26.86
C ASP G 188 -29.93 -42.28 -25.94
N PRO G 189 -30.12 -42.34 -24.62
CA PRO G 189 -28.95 -42.22 -23.72
C PRO G 189 -27.95 -43.36 -23.85
N GLN G 190 -28.33 -44.49 -24.45
CA GLN G 190 -27.47 -45.66 -24.53
C GLN G 190 -26.57 -45.65 -25.75
N GLY G 191 -26.54 -44.56 -26.50
CA GLY G 191 -25.84 -44.47 -27.75
C GLY G 191 -26.80 -44.35 -28.92
N ARG G 192 -26.27 -44.61 -30.11
CA ARG G 192 -27.06 -44.60 -31.34
C ARG G 192 -27.29 -46.02 -31.83
N HIS G 193 -28.48 -46.24 -32.36
CA HIS G 193 -28.89 -47.56 -32.81
C HIS G 193 -29.59 -47.44 -34.16
N VAL G 194 -29.58 -48.55 -34.89
CA VAL G 194 -30.34 -48.67 -36.13
C VAL G 194 -31.47 -49.66 -35.87
N LYS G 195 -32.68 -49.29 -36.29
CA LYS G 195 -33.88 -50.09 -36.03
C LYS G 195 -34.76 -50.04 -37.28
N THR G 196 -35.61 -51.06 -37.44
CA THR G 196 -36.55 -51.12 -38.54
C THR G 196 -37.98 -51.28 -38.05
N TYR G 197 -38.91 -50.69 -38.78
CA TYR G 197 -40.33 -50.89 -38.58
C TYR G 197 -41.01 -51.16 -39.91
N GLU G 198 -42.19 -51.76 -39.85
CA GLU G 198 -43.07 -51.96 -41.00
C GLU G 198 -44.29 -51.06 -40.87
N VAL G 199 -44.70 -50.46 -41.99
CA VAL G 199 -45.81 -49.51 -42.02
C VAL G 199 -47.02 -50.18 -42.66
N SER G 200 -48.15 -50.16 -41.94
CA SER G 200 -49.40 -50.72 -42.43
C SER G 200 -50.38 -49.58 -42.68
N LEU G 201 -50.68 -49.35 -43.96
CA LEU G 201 -51.67 -48.32 -44.29
C LEU G 201 -53.06 -48.73 -43.81
N ARG G 202 -53.33 -50.03 -43.75
CA ARG G 202 -54.63 -50.51 -43.33
C ARG G 202 -54.84 -50.32 -41.83
N GLU G 203 -53.87 -50.73 -41.03
CA GLU G 203 -53.96 -50.61 -39.58
C GLU G 203 -53.56 -49.24 -39.07
N LYS G 204 -52.81 -48.47 -39.86
CA LYS G 204 -52.31 -47.16 -39.43
C LYS G 204 -51.47 -47.27 -38.15
N GLU G 205 -50.48 -48.16 -38.18
CA GLU G 205 -49.53 -48.28 -37.07
C GLU G 205 -48.31 -49.04 -37.56
N PHE G 206 -47.27 -49.05 -36.72
CA PHE G 206 -46.06 -49.80 -36.99
C PHE G 206 -46.22 -51.25 -36.54
N ASN G 207 -45.56 -52.16 -37.26
CA ASN G 207 -45.40 -53.55 -36.85
C ASN G 207 -43.90 -53.83 -36.73
N LYS G 208 -43.57 -54.92 -36.05
CA LYS G 208 -42.16 -55.25 -35.83
C LYS G 208 -41.44 -55.29 -37.18
N GLY G 209 -40.25 -54.71 -37.21
CA GLY G 209 -39.51 -54.56 -38.44
C GLY G 209 -38.80 -55.84 -38.83
N PRO G 210 -38.35 -55.88 -40.10
CA PRO G 210 -37.76 -57.12 -40.60
C PRO G 210 -36.51 -57.56 -39.84
N TRP G 211 -35.67 -56.64 -39.36
CA TRP G 211 -34.50 -57.08 -38.63
C TRP G 211 -34.22 -56.25 -37.39
N LYS G 212 -33.50 -56.89 -36.48
CA LYS G 212 -33.22 -56.44 -35.13
C LYS G 212 -32.36 -55.20 -35.13
N GLN G 213 -32.34 -54.53 -34.00
CA GLN G 213 -31.47 -53.37 -33.85
C GLN G 213 -30.00 -53.75 -33.81
N GLU G 214 -29.17 -52.74 -34.04
CA GLU G 214 -27.73 -52.84 -33.89
C GLU G 214 -27.28 -51.57 -33.19
N ASN G 215 -26.10 -51.61 -32.57
CA ASN G 215 -25.48 -50.42 -31.98
C ASN G 215 -24.54 -49.81 -33.03
N VAL G 216 -24.74 -48.53 -33.34
CA VAL G 216 -23.98 -47.91 -34.43
C VAL G 216 -23.01 -46.89 -33.86
N GLU G 217 -22.23 -46.27 -34.74
CA GLU G 217 -21.27 -45.24 -34.34
C GLU G 217 -22.00 -44.12 -33.59
N ALA G 218 -21.29 -43.52 -32.63
CA ALA G 218 -21.90 -42.46 -31.82
C ALA G 218 -22.35 -41.30 -32.68
N GLU G 219 -21.63 -41.01 -33.76
CA GLU G 219 -21.96 -39.93 -34.68
C GLU G 219 -22.55 -40.42 -36.00
N ALA G 220 -23.29 -41.54 -35.97
CA ALA G 220 -23.93 -42.02 -37.18
C ALA G 220 -24.83 -40.92 -37.75
N SER G 221 -24.60 -40.53 -39.00
CA SER G 221 -25.19 -39.33 -39.57
C SER G 221 -26.25 -39.58 -40.62
N MET G 222 -26.04 -40.52 -41.54
CA MET G 222 -26.90 -40.65 -42.70
C MET G 222 -27.28 -42.10 -42.95
N VAL G 223 -28.44 -42.29 -43.57
CA VAL G 223 -28.93 -43.62 -43.96
C VAL G 223 -29.06 -43.67 -45.48
N ILE G 224 -28.47 -44.69 -46.08
CA ILE G 224 -28.55 -44.93 -47.51
C ILE G 224 -29.35 -46.22 -47.68
N ALA G 225 -30.43 -46.15 -48.44
CA ALA G 225 -31.20 -47.34 -48.79
C ALA G 225 -30.57 -47.96 -50.02
N VAL G 226 -30.10 -49.20 -49.89
CA VAL G 226 -29.39 -49.86 -50.97
C VAL G 226 -30.39 -50.64 -51.80
N PRO G 227 -30.41 -50.44 -53.12
CA PRO G 227 -31.40 -51.15 -53.95
C PRO G 227 -31.01 -52.60 -54.17
N GLU G 228 -31.99 -53.38 -54.61
CA GLU G 228 -31.75 -54.75 -55.00
C GLU G 228 -30.68 -54.81 -56.08
N PRO G 229 -29.86 -55.87 -56.12
CA PRO G 229 -29.94 -57.11 -55.33
C PRO G 229 -29.43 -57.00 -53.90
N PHE G 230 -28.69 -55.92 -53.59
CA PHE G 230 -28.04 -55.85 -52.28
C PHE G 230 -29.09 -55.71 -51.19
N GLY G 231 -29.97 -54.74 -51.32
CA GLY G 231 -30.95 -54.49 -50.29
C GLY G 231 -30.26 -54.01 -49.03
N GLY G 232 -31.08 -53.72 -48.02
CA GLY G 232 -30.51 -53.27 -46.78
C GLY G 232 -30.10 -51.81 -46.86
N ALA G 233 -29.22 -51.43 -45.95
CA ALA G 233 -28.84 -50.03 -45.82
C ALA G 233 -27.38 -49.90 -45.43
N ILE G 234 -26.82 -48.74 -45.75
CA ILE G 234 -25.49 -48.33 -45.36
C ILE G 234 -25.61 -47.14 -44.42
N ILE G 235 -24.83 -47.14 -43.35
CA ILE G 235 -24.89 -46.08 -42.34
C ILE G 235 -23.54 -45.39 -42.25
N ILE G 236 -23.53 -44.10 -42.57
CA ILE G 236 -22.33 -43.29 -42.63
C ILE G 236 -22.15 -42.56 -41.31
N GLY G 237 -20.93 -42.56 -40.79
CA GLY G 237 -20.62 -41.83 -39.59
C GLY G 237 -19.49 -40.84 -39.78
N GLN G 238 -18.77 -40.53 -38.69
CA GLN G 238 -17.54 -39.75 -38.77
C GLN G 238 -16.33 -40.64 -39.01
N GLU G 239 -16.31 -41.83 -38.40
CA GLU G 239 -15.17 -42.72 -38.49
C GLU G 239 -15.44 -44.00 -39.26
N SER G 240 -16.69 -44.47 -39.34
CA SER G 240 -16.95 -45.78 -39.89
C SER G 240 -18.16 -45.75 -40.83
N ILE G 241 -18.14 -46.67 -41.80
CA ILE G 241 -19.25 -46.94 -42.70
C ILE G 241 -19.67 -48.39 -42.47
N THR G 242 -20.97 -48.60 -42.26
CA THR G 242 -21.48 -49.92 -41.92
C THR G 242 -22.65 -50.27 -42.83
N TYR G 243 -22.76 -51.57 -43.14
CA TYR G 243 -23.84 -52.11 -43.94
C TYR G 243 -24.62 -53.09 -43.07
N HIS G 244 -25.94 -52.93 -43.04
CA HIS G 244 -26.81 -53.75 -42.21
C HIS G 244 -27.91 -54.36 -43.06
N ASN G 245 -28.11 -55.67 -42.92
CA ASN G 245 -29.29 -56.29 -43.54
C ASN G 245 -29.53 -57.65 -42.89
N GLY G 246 -30.54 -57.71 -42.02
CA GLY G 246 -30.84 -58.96 -41.36
C GLY G 246 -29.65 -59.50 -40.62
N ASP G 247 -29.12 -60.62 -41.09
CA ASP G 247 -27.96 -61.25 -40.47
C ASP G 247 -26.63 -60.74 -41.00
N LYS G 248 -26.63 -60.04 -42.13
CA LYS G 248 -25.40 -59.51 -42.71
C LYS G 248 -25.02 -58.18 -42.05
N TYR G 249 -23.73 -58.03 -41.76
CA TYR G 249 -23.17 -56.80 -41.17
C TYR G 249 -21.76 -56.67 -41.70
N LEU G 250 -21.46 -55.51 -42.29
CA LEU G 250 -20.12 -55.16 -42.72
C LEU G 250 -19.73 -53.85 -42.07
N ALA G 251 -18.43 -53.64 -41.89
CA ALA G 251 -17.96 -52.37 -41.33
C ALA G 251 -16.55 -52.09 -41.83
N ILE G 252 -16.40 -50.99 -42.57
CA ILE G 252 -15.10 -50.50 -42.99
C ILE G 252 -14.92 -49.13 -42.34
N ALA G 253 -13.73 -48.88 -41.79
CA ALA G 253 -13.44 -47.65 -41.06
C ALA G 253 -12.11 -47.09 -41.56
N PRO G 254 -12.06 -46.63 -42.80
CA PRO G 254 -10.80 -46.14 -43.36
C PRO G 254 -10.40 -44.83 -42.71
N PRO G 255 -9.12 -44.67 -42.36
CA PRO G 255 -8.72 -43.48 -41.58
C PRO G 255 -8.96 -42.17 -42.29
N ILE G 256 -9.13 -42.19 -43.62
CA ILE G 256 -9.11 -40.95 -44.38
C ILE G 256 -10.39 -40.16 -44.14
N ILE G 257 -11.52 -40.83 -43.95
CA ILE G 257 -12.79 -40.11 -43.80
C ILE G 257 -12.87 -39.40 -42.45
N LYS G 258 -12.11 -39.86 -41.45
CA LYS G 258 -12.11 -39.23 -40.13
C LYS G 258 -11.66 -37.78 -40.20
N GLN G 259 -10.83 -37.43 -41.18
CA GLN G 259 -10.25 -36.09 -41.24
C GLN G 259 -11.32 -35.01 -41.39
N SER G 260 -12.40 -35.31 -42.11
CA SER G 260 -13.45 -34.35 -42.37
C SER G 260 -14.79 -35.08 -42.44
N THR G 261 -15.80 -34.48 -41.83
CA THR G 261 -17.13 -35.08 -41.75
C THR G 261 -17.73 -35.29 -43.14
N ILE G 262 -18.38 -36.45 -43.33
CA ILE G 262 -19.09 -36.74 -44.57
C ILE G 262 -20.52 -36.21 -44.43
N VAL G 263 -20.97 -35.45 -45.42
CA VAL G 263 -22.24 -34.72 -45.28
C VAL G 263 -23.26 -35.08 -46.34
N CYS G 264 -22.84 -35.55 -47.51
CA CYS G 264 -23.78 -35.87 -48.57
C CYS G 264 -23.38 -37.15 -49.29
N HIS G 265 -24.36 -37.77 -49.94
CA HIS G 265 -24.15 -39.00 -50.72
C HIS G 265 -25.08 -39.01 -51.92
N ASN G 266 -24.74 -39.82 -52.91
CA ASN G 266 -25.61 -40.04 -54.06
C ASN G 266 -25.27 -41.38 -54.71
N ARG G 267 -26.30 -42.06 -55.21
CA ARG G 267 -26.12 -43.36 -55.85
C ARG G 267 -25.70 -43.15 -57.30
N VAL G 268 -24.67 -43.87 -57.72
CA VAL G 268 -24.20 -43.80 -59.09
C VAL G 268 -24.85 -44.93 -59.89
N ASP G 269 -24.52 -46.17 -59.53
CA ASP G 269 -25.02 -47.32 -60.27
C ASP G 269 -26.40 -47.71 -59.75
N PRO G 270 -27.45 -47.68 -60.59
CA PRO G 270 -28.76 -48.13 -60.11
C PRO G 270 -28.70 -49.50 -59.45
N ASN G 271 -27.70 -50.31 -59.79
CA ASN G 271 -27.58 -51.61 -59.13
C ASN G 271 -27.01 -51.51 -57.73
N GLY G 272 -26.59 -50.32 -57.31
CA GLY G 272 -26.11 -50.10 -55.96
C GLY G 272 -24.64 -50.39 -55.74
N SER G 273 -23.91 -50.75 -56.79
CA SER G 273 -22.50 -51.10 -56.62
C SER G 273 -21.66 -49.90 -56.21
N ARG G 274 -22.03 -48.70 -56.65
CA ARG G 274 -21.19 -47.52 -56.46
C ARG G 274 -22.01 -46.34 -55.96
N TYR G 275 -21.43 -45.61 -54.99
CA TYR G 275 -22.03 -44.40 -54.44
C TYR G 275 -20.96 -43.31 -54.38
N LEU G 276 -21.39 -42.04 -54.45
CA LEU G 276 -20.51 -40.89 -54.25
C LEU G 276 -20.68 -40.35 -52.83
N LEU G 277 -19.59 -39.84 -52.25
CA LEU G 277 -19.60 -39.23 -50.92
C LEU G 277 -18.85 -37.90 -50.92
N GLY G 278 -19.37 -36.94 -50.18
CA GLY G 278 -18.71 -35.66 -50.02
C GLY G 278 -18.53 -35.28 -48.57
N ASP G 279 -17.49 -34.47 -48.30
CA ASP G 279 -17.15 -34.07 -46.95
C ASP G 279 -16.98 -32.55 -46.84
N MET G 280 -16.81 -32.09 -45.61
CA MET G 280 -16.80 -30.66 -45.32
C MET G 280 -15.58 -29.96 -45.91
N GLU G 281 -14.47 -30.66 -46.08
CA GLU G 281 -13.27 -30.08 -46.68
C GLU G 281 -13.28 -30.11 -48.22
N GLY G 282 -14.41 -30.48 -48.82
CA GLY G 282 -14.59 -30.45 -50.27
C GLY G 282 -14.16 -31.70 -51.02
N ARG G 283 -13.73 -32.74 -50.33
CA ARG G 283 -13.25 -33.97 -50.97
C ARG G 283 -14.41 -34.83 -51.45
N LEU G 284 -14.18 -35.52 -52.57
CA LEU G 284 -15.19 -36.39 -53.17
C LEU G 284 -14.69 -37.83 -53.15
N PHE G 285 -15.47 -38.74 -52.57
CA PHE G 285 -15.13 -40.14 -52.47
C PHE G 285 -16.11 -40.99 -53.29
N MET G 286 -15.66 -42.20 -53.62
CA MET G 286 -16.48 -43.23 -54.23
C MET G 286 -16.61 -44.38 -53.23
N LEU G 287 -17.84 -44.77 -52.93
CA LEU G 287 -18.12 -45.91 -52.07
C LEU G 287 -18.47 -47.10 -52.95
N LEU G 288 -17.70 -48.17 -52.83
CA LEU G 288 -17.86 -49.35 -53.69
C LEU G 288 -18.36 -50.52 -52.86
N LEU G 289 -19.38 -51.21 -53.38
CA LEU G 289 -19.92 -52.42 -52.78
C LEU G 289 -19.35 -53.59 -53.55
N GLU G 290 -18.50 -54.38 -52.89
CA GLU G 290 -17.81 -55.46 -53.58
C GLU G 290 -18.74 -56.63 -53.82
N LYS G 291 -18.94 -56.95 -55.09
CA LYS G 291 -19.79 -58.04 -55.51
C LYS G 291 -18.98 -59.32 -55.49
N GLU G 292 -19.67 -60.43 -55.32
CA GLU G 292 -19.09 -61.76 -55.51
C GLU G 292 -20.09 -62.55 -56.33
N GLU G 293 -19.68 -62.96 -57.53
CA GLU G 293 -20.56 -63.72 -58.41
C GLU G 293 -20.65 -65.15 -57.91
N GLN G 294 -21.88 -65.60 -57.63
CA GLN G 294 -22.13 -66.96 -57.22
C GLN G 294 -22.49 -67.77 -58.45
N MET G 295 -22.43 -69.10 -58.31
CA MET G 295 -22.74 -69.96 -59.45
C MET G 295 -24.20 -69.87 -59.88
N ASP G 296 -25.10 -69.54 -58.96
CA ASP G 296 -26.53 -69.45 -59.29
C ASP G 296 -26.83 -68.26 -60.16
N GLY G 297 -25.86 -67.54 -60.69
CA GLY G 297 -26.15 -66.27 -61.29
C GLY G 297 -26.50 -65.20 -60.28
N THR G 298 -26.25 -65.43 -59.02
CA THR G 298 -26.53 -64.45 -57.99
C THR G 298 -25.25 -63.85 -57.41
N VAL G 299 -25.42 -62.67 -56.82
CA VAL G 299 -24.36 -61.88 -56.23
C VAL G 299 -24.70 -61.55 -54.78
N THR G 300 -23.74 -61.70 -53.88
CA THR G 300 -23.88 -61.30 -52.48
C THR G 300 -22.74 -60.35 -52.13
N LEU G 301 -22.93 -59.59 -51.04
CA LEU G 301 -22.00 -58.52 -50.68
C LEU G 301 -20.83 -59.07 -49.88
N LYS G 302 -19.61 -58.82 -50.36
CA LYS G 302 -18.38 -59.31 -49.75
C LYS G 302 -17.71 -58.28 -48.85
N ASP G 303 -17.53 -57.05 -49.33
CA ASP G 303 -16.85 -56.01 -48.58
C ASP G 303 -17.21 -54.65 -49.16
N LEU G 304 -16.84 -53.61 -48.42
CA LEU G 304 -17.01 -52.22 -48.84
C LEU G 304 -15.66 -51.55 -49.00
N ARG G 305 -15.60 -50.57 -49.91
CA ARG G 305 -14.37 -49.85 -50.18
C ARG G 305 -14.67 -48.37 -50.37
N VAL G 306 -13.72 -47.54 -49.94
CA VAL G 306 -13.83 -46.09 -50.10
C VAL G 306 -12.59 -45.59 -50.81
N GLU G 307 -12.78 -44.77 -51.84
CA GLU G 307 -11.70 -44.26 -52.67
C GLU G 307 -11.83 -42.77 -52.90
N LEU G 308 -10.75 -42.04 -52.67
CA LEU G 308 -10.74 -40.61 -52.88
C LEU G 308 -10.60 -40.31 -54.37
N LEU G 309 -11.51 -39.50 -54.89
CA LEU G 309 -11.47 -39.09 -56.28
C LEU G 309 -10.78 -37.75 -56.48
N GLY G 310 -11.02 -36.79 -55.58
CA GLY G 310 -10.43 -35.46 -55.72
C GLY G 310 -11.16 -34.47 -54.82
N GLU G 311 -11.25 -33.24 -55.33
CA GLU G 311 -11.88 -32.15 -54.60
C GLU G 311 -12.94 -31.49 -55.47
N THR G 312 -14.06 -31.12 -54.85
CA THR G 312 -15.09 -30.31 -55.47
C THR G 312 -15.30 -29.10 -54.58
N SER G 313 -16.17 -28.17 -55.00
CA SER G 313 -16.60 -27.14 -54.07
C SER G 313 -17.35 -27.82 -52.92
N ILE G 314 -17.23 -27.25 -51.72
CA ILE G 314 -17.89 -27.86 -50.56
C ILE G 314 -19.35 -28.09 -50.94
N ALA G 315 -19.77 -29.35 -50.94
CA ALA G 315 -21.01 -29.76 -51.58
C ALA G 315 -22.11 -29.92 -50.55
N GLU G 316 -23.25 -29.26 -50.79
CA GLU G 316 -24.44 -29.54 -50.01
C GLU G 316 -25.07 -30.86 -50.47
N CYS G 317 -25.11 -31.10 -51.78
CA CYS G 317 -25.65 -32.32 -52.34
C CYS G 317 -24.94 -32.68 -53.63
N LEU G 318 -24.82 -33.96 -53.89
CA LEU G 318 -24.33 -34.50 -55.14
C LEU G 318 -25.46 -35.19 -55.90
N THR G 319 -25.33 -35.22 -57.23
CA THR G 319 -26.19 -36.07 -58.04
C THR G 319 -25.43 -36.44 -59.30
N TYR G 320 -25.29 -37.74 -59.52
CA TYR G 320 -24.63 -38.24 -60.72
C TYR G 320 -25.57 -38.19 -61.92
N LEU G 321 -25.07 -37.67 -63.03
CA LEU G 321 -25.78 -37.62 -64.29
C LEU G 321 -25.21 -38.71 -65.20
N ASP G 322 -25.71 -38.81 -66.42
CA ASP G 322 -25.19 -39.81 -67.33
C ASP G 322 -23.78 -39.44 -67.80
N ASN G 323 -23.05 -40.48 -68.25
CA ASN G 323 -21.75 -40.32 -68.90
C ASN G 323 -20.70 -39.67 -68.00
N GLY G 324 -20.64 -40.11 -66.74
CA GLY G 324 -19.57 -39.69 -65.86
C GLY G 324 -19.62 -38.27 -65.35
N VAL G 325 -20.72 -37.54 -65.58
CA VAL G 325 -20.83 -36.14 -65.20
C VAL G 325 -21.56 -36.06 -63.87
N VAL G 326 -21.05 -35.24 -62.95
CA VAL G 326 -21.65 -35.07 -61.63
C VAL G 326 -21.97 -33.59 -61.44
N PHE G 327 -23.16 -33.31 -60.96
CA PHE G 327 -23.53 -31.96 -60.56
C PHE G 327 -23.27 -31.82 -59.06
N VAL G 328 -22.49 -30.80 -58.70
CA VAL G 328 -22.12 -30.52 -57.33
C VAL G 328 -22.89 -29.29 -56.88
N GLY G 329 -23.87 -29.50 -56.01
CA GLY G 329 -24.66 -28.40 -55.49
C GLY G 329 -24.07 -27.86 -54.20
N SER G 330 -23.64 -26.59 -54.25
CA SER G 330 -22.93 -25.99 -53.13
C SER G 330 -23.74 -24.85 -52.52
N ARG G 331 -23.83 -24.84 -51.19
CA ARG G 331 -24.42 -23.75 -50.43
C ARG G 331 -23.39 -22.77 -49.92
N LEU G 332 -22.13 -23.18 -49.82
CA LEU G 332 -21.05 -22.35 -49.30
C LEU G 332 -20.15 -21.77 -50.39
N GLY G 333 -20.09 -22.40 -51.56
CA GLY G 333 -19.25 -21.91 -52.65
C GLY G 333 -19.90 -22.11 -54.00
N ASP G 334 -19.14 -21.92 -55.07
CA ASP G 334 -19.72 -22.03 -56.41
C ASP G 334 -20.18 -23.47 -56.66
N SER G 335 -21.37 -23.61 -57.25
CA SER G 335 -21.83 -24.91 -57.74
C SER G 335 -21.18 -25.21 -59.08
N GLN G 336 -21.19 -26.49 -59.46
CA GLN G 336 -20.42 -26.88 -60.64
C GLN G 336 -20.95 -28.18 -61.24
N LEU G 337 -20.58 -28.40 -62.49
CA LEU G 337 -20.55 -29.72 -63.12
C LEU G 337 -19.10 -30.20 -63.18
N VAL G 338 -18.89 -31.47 -62.85
CA VAL G 338 -17.55 -32.03 -62.86
C VAL G 338 -17.52 -33.32 -63.68
N LYS G 339 -16.36 -33.60 -64.25
CA LYS G 339 -16.12 -34.81 -65.03
C LYS G 339 -15.37 -35.79 -64.12
N LEU G 340 -15.91 -36.99 -63.98
CA LEU G 340 -15.26 -38.06 -63.25
C LEU G 340 -14.56 -38.94 -64.28
N ASN G 341 -13.24 -39.03 -64.19
CA ASN G 341 -12.45 -39.76 -65.16
C ASN G 341 -11.95 -41.08 -64.62
N VAL G 342 -11.77 -42.03 -65.54
CA VAL G 342 -11.12 -43.29 -65.22
C VAL G 342 -9.64 -43.06 -64.98
N ASP G 343 -9.07 -42.06 -65.66
CA ASP G 343 -7.66 -41.72 -65.57
C ASP G 343 -7.41 -40.60 -64.57
N SER G 344 -6.36 -40.77 -63.77
CA SER G 344 -5.93 -39.70 -62.86
C SER G 344 -5.16 -38.64 -63.64
N ASN G 345 -5.22 -37.39 -63.15
CA ASN G 345 -4.50 -36.31 -63.80
C ASN G 345 -3.09 -36.17 -63.23
N GLU G 346 -2.41 -35.07 -63.58
CA GLU G 346 -1.02 -34.89 -63.21
C GLU G 346 -0.84 -34.75 -61.70
N GLN G 347 -1.90 -34.40 -60.97
CA GLN G 347 -1.86 -34.28 -59.53
C GLN G 347 -2.37 -35.50 -58.80
N GLY G 348 -2.86 -36.51 -59.53
CA GLY G 348 -3.44 -37.69 -58.94
C GLY G 348 -4.95 -37.69 -58.80
N SER G 349 -5.62 -36.65 -59.27
CA SER G 349 -7.05 -36.50 -59.11
C SER G 349 -7.80 -37.08 -60.31
N TYR G 350 -8.99 -37.60 -60.04
CA TYR G 350 -9.89 -38.11 -61.07
C TYR G 350 -11.02 -37.14 -61.40
N VAL G 351 -10.99 -35.93 -60.84
CA VAL G 351 -12.09 -34.97 -60.94
C VAL G 351 -11.61 -33.76 -61.73
N VAL G 352 -12.40 -33.34 -62.71
CA VAL G 352 -12.10 -32.20 -63.57
C VAL G 352 -13.33 -31.31 -63.71
N ALA G 353 -13.18 -30.02 -63.45
CA ALA G 353 -14.29 -29.09 -63.55
C ALA G 353 -14.68 -28.88 -65.00
N MET G 354 -15.98 -28.94 -65.28
CA MET G 354 -16.51 -28.57 -66.59
C MET G 354 -17.04 -27.14 -66.58
N GLU G 355 -18.06 -26.89 -65.75
CA GLU G 355 -18.70 -25.59 -65.65
C GLU G 355 -18.67 -25.14 -64.20
N THR G 356 -18.78 -23.83 -64.02
CA THR G 356 -18.83 -23.21 -62.70
C THR G 356 -20.03 -22.28 -62.68
N PHE G 357 -20.96 -22.54 -61.78
CA PHE G 357 -22.15 -21.71 -61.65
C PHE G 357 -21.91 -20.77 -60.48
N THR G 358 -21.97 -19.48 -60.75
CA THR G 358 -21.70 -18.51 -59.71
C THR G 358 -22.62 -18.77 -58.53
N ASN G 359 -22.04 -18.79 -57.34
CA ASN G 359 -22.81 -18.84 -56.11
C ASN G 359 -22.27 -17.71 -55.24
N LEU G 360 -23.11 -16.70 -55.00
CA LEU G 360 -22.72 -15.64 -54.08
C LEU G 360 -22.59 -16.17 -52.66
N GLY G 361 -22.89 -17.46 -52.44
CA GLY G 361 -22.63 -18.12 -51.19
C GLY G 361 -23.18 -17.36 -50.02
N PRO G 362 -22.77 -17.75 -48.81
CA PRO G 362 -23.12 -16.93 -47.64
C PRO G 362 -22.50 -15.55 -47.78
N ILE G 363 -23.33 -14.52 -47.67
CA ILE G 363 -22.88 -13.13 -47.76
C ILE G 363 -22.75 -12.66 -46.31
N VAL G 364 -21.54 -12.74 -45.77
CA VAL G 364 -21.32 -12.36 -44.37
C VAL G 364 -21.38 -10.85 -44.21
N ASP G 365 -20.89 -10.10 -45.20
CA ASP G 365 -20.87 -8.65 -45.15
C ASP G 365 -20.79 -8.11 -46.57
N MET G 366 -20.98 -6.80 -46.71
CA MET G 366 -20.88 -6.16 -48.02
C MET G 366 -20.83 -4.66 -47.83
N CYS G 367 -20.25 -3.97 -48.82
CA CYS G 367 -20.21 -2.52 -48.83
C CYS G 367 -20.39 -2.04 -50.27
N VAL G 368 -20.88 -0.81 -50.40
CA VAL G 368 -21.11 -0.19 -51.70
C VAL G 368 -20.05 0.87 -51.93
N VAL G 369 -19.45 0.85 -53.11
CA VAL G 369 -18.43 1.81 -53.49
C VAL G 369 -18.56 2.06 -54.98
N ASP G 370 -18.61 3.33 -55.35
CA ASP G 370 -18.67 3.78 -56.74
C ASP G 370 -17.26 4.03 -57.24
N LEU G 371 -16.59 2.95 -57.65
CA LEU G 371 -15.19 3.06 -58.05
C LEU G 371 -14.99 3.87 -59.32
N GLU G 372 -15.94 3.82 -60.25
CA GLU G 372 -15.74 4.51 -61.52
C GLU G 372 -16.15 5.97 -61.46
N ARG G 373 -16.59 6.44 -60.30
CA ARG G 373 -17.01 7.83 -60.12
C ARG G 373 -18.17 8.18 -61.02
N GLN G 374 -18.82 7.17 -61.61
CA GLN G 374 -20.00 7.41 -62.42
C GLN G 374 -21.23 7.70 -61.58
N GLY G 375 -21.19 7.37 -60.29
CA GLY G 375 -22.39 7.45 -59.50
C GLY G 375 -23.25 6.21 -59.57
N GLN G 376 -22.87 5.24 -60.39
CA GLN G 376 -23.67 4.03 -60.54
C GLN G 376 -23.65 3.20 -59.26
N GLY G 377 -22.48 2.94 -58.70
CA GLY G 377 -22.37 2.13 -57.50
C GLY G 377 -22.09 0.66 -57.79
N GLN G 378 -21.22 0.07 -56.97
CA GLN G 378 -20.82 -1.33 -57.08
C GLN G 378 -20.93 -1.99 -55.72
N LEU G 379 -21.26 -3.28 -55.71
CA LEU G 379 -21.45 -4.01 -54.48
C LEU G 379 -20.30 -5.00 -54.31
N VAL G 380 -19.52 -4.81 -53.24
CA VAL G 380 -18.41 -5.68 -52.90
C VAL G 380 -18.83 -6.50 -51.68
N THR G 381 -18.87 -7.82 -51.85
CA THR G 381 -19.36 -8.72 -50.82
C THR G 381 -18.24 -9.58 -50.27
N CYS G 382 -18.40 -9.97 -49.00
CA CYS G 382 -17.66 -11.09 -48.42
C CYS G 382 -18.50 -12.35 -48.59
N SER G 383 -18.09 -13.23 -49.51
CA SER G 383 -18.91 -14.38 -49.88
C SER G 383 -18.16 -15.69 -49.70
N GLY G 384 -18.89 -16.71 -49.30
CA GLY G 384 -18.34 -18.03 -49.12
C GLY G 384 -17.71 -18.22 -47.74
N ALA G 385 -17.30 -19.45 -47.48
CA ALA G 385 -16.64 -19.82 -46.24
C ALA G 385 -15.56 -20.84 -46.55
N PHE G 386 -14.56 -20.90 -45.68
CA PHE G 386 -13.48 -21.88 -45.77
C PHE G 386 -12.83 -21.74 -47.15
N LYS G 387 -12.56 -22.86 -47.85
CA LYS G 387 -11.79 -22.78 -49.09
C LYS G 387 -12.52 -22.03 -50.20
N GLU G 388 -13.84 -21.94 -50.13
CA GLU G 388 -14.62 -21.25 -51.14
C GLU G 388 -14.67 -19.74 -50.92
N GLY G 389 -14.08 -19.25 -49.84
CA GLY G 389 -14.16 -17.84 -49.52
C GLY G 389 -13.75 -16.95 -50.68
N SER G 390 -14.36 -15.78 -50.77
CA SER G 390 -14.16 -14.93 -51.93
C SER G 390 -14.76 -13.56 -51.66
N LEU G 391 -14.24 -12.55 -52.37
CA LEU G 391 -14.93 -11.29 -52.55
C LEU G 391 -15.61 -11.33 -53.91
N ARG G 392 -16.77 -10.69 -54.02
CA ARG G 392 -17.52 -10.63 -55.27
C ARG G 392 -17.83 -9.17 -55.56
N ILE G 393 -17.49 -8.73 -56.77
CA ILE G 393 -17.75 -7.38 -57.22
C ILE G 393 -18.96 -7.42 -58.15
N ILE G 394 -20.02 -6.69 -57.80
CA ILE G 394 -21.29 -6.78 -58.50
C ILE G 394 -21.67 -5.38 -58.98
N ARG G 395 -21.86 -5.24 -60.29
CA ARG G 395 -22.24 -3.98 -60.93
C ARG G 395 -23.33 -4.27 -61.95
N ASN G 396 -24.20 -3.30 -62.17
CA ASN G 396 -25.27 -3.45 -63.15
C ASN G 396 -24.72 -3.40 -64.57
N GLY G 397 -25.23 -4.27 -65.42
CA GLY G 397 -24.80 -4.35 -66.80
C GLY G 397 -25.57 -3.40 -67.70
N ILE G 398 -25.20 -2.12 -67.69
CA ILE G 398 -25.84 -1.10 -68.53
C ILE G 398 -25.55 -1.44 -69.99
N LYS G 409 -28.97 -7.83 -66.87
CA LYS G 409 -28.34 -8.76 -65.93
C LYS G 409 -27.20 -8.08 -65.18
N LEU G 410 -26.69 -8.79 -64.17
CA LEU G 410 -25.57 -8.33 -63.36
C LEU G 410 -24.23 -8.90 -63.81
N HIS G 411 -23.21 -8.05 -63.85
CA HIS G 411 -21.84 -8.48 -64.08
C HIS G 411 -21.18 -8.76 -62.73
N ILE G 412 -20.58 -9.93 -62.60
CA ILE G 412 -20.05 -10.39 -61.31
C ILE G 412 -18.59 -10.80 -61.51
N ARG G 413 -17.68 -10.08 -60.87
CA ARG G 413 -16.28 -10.45 -60.82
C ARG G 413 -16.01 -11.18 -59.52
N THR G 414 -15.19 -12.23 -59.59
CA THR G 414 -14.93 -13.10 -58.44
C THR G 414 -13.46 -12.97 -58.04
N VAL G 415 -13.23 -12.85 -56.74
CA VAL G 415 -11.88 -12.70 -56.20
C VAL G 415 -11.66 -13.77 -55.14
N PRO G 416 -11.09 -14.92 -55.48
CA PRO G 416 -10.96 -16.00 -54.49
C PRO G 416 -10.01 -15.65 -53.35
N LEU G 417 -10.38 -16.10 -52.15
CA LEU G 417 -9.57 -15.91 -50.96
C LEU G 417 -9.09 -17.20 -50.33
N TYR G 418 -9.81 -18.32 -50.53
CA TYR G 418 -9.43 -19.60 -49.96
C TYR G 418 -9.38 -19.58 -48.45
N GLU G 419 -10.04 -18.58 -47.85
CA GLU G 419 -10.30 -18.54 -46.42
C GLU G 419 -11.57 -17.73 -46.22
N SER G 420 -12.15 -17.83 -45.03
CA SER G 420 -13.46 -17.24 -44.79
C SER G 420 -13.36 -15.72 -44.70
N PRO G 421 -14.03 -14.95 -45.56
CA PRO G 421 -14.11 -13.50 -45.35
C PRO G 421 -15.23 -13.20 -44.37
N ARG G 422 -14.98 -12.22 -43.50
CA ARG G 422 -15.88 -11.95 -42.37
C ARG G 422 -16.46 -10.55 -42.40
N LYS G 423 -15.64 -9.51 -42.62
CA LYS G 423 -16.12 -8.14 -42.72
C LYS G 423 -15.30 -7.43 -43.78
N ILE G 424 -15.91 -6.42 -44.41
CA ILE G 424 -15.25 -5.63 -45.44
C ILE G 424 -15.54 -4.15 -45.21
N CYS G 425 -14.54 -3.32 -45.53
CA CYS G 425 -14.66 -1.88 -45.39
C CYS G 425 -13.76 -1.23 -46.42
N TYR G 426 -14.26 -0.17 -47.06
CA TYR G 426 -13.53 0.51 -48.12
C TYR G 426 -12.91 1.81 -47.59
N GLN G 427 -11.65 2.02 -47.94
CA GLN G 427 -10.89 3.20 -47.54
C GLN G 427 -10.35 3.85 -48.80
N GLU G 428 -10.96 4.94 -49.26
CA GLU G 428 -10.49 5.57 -50.49
C GLU G 428 -9.09 6.14 -50.32
N VAL G 429 -8.80 6.74 -49.16
CA VAL G 429 -7.52 7.41 -48.97
C VAL G 429 -6.38 6.45 -49.33
N SER G 430 -6.61 5.15 -49.19
CA SER G 430 -5.63 4.13 -49.53
C SER G 430 -5.96 3.34 -50.79
N GLN G 431 -7.04 3.69 -51.51
CA GLN G 431 -7.43 2.97 -52.73
C GLN G 431 -7.45 1.45 -52.50
N CYS G 432 -8.03 1.04 -51.39
CA CYS G 432 -8.03 -0.37 -51.04
C CYS G 432 -9.20 -0.66 -50.11
N PHE G 433 -9.48 -1.95 -49.95
CA PHE G 433 -10.46 -2.42 -49.01
C PHE G 433 -9.75 -3.01 -47.80
N GLY G 434 -10.39 -2.90 -46.64
CA GLY G 434 -10.02 -3.69 -45.49
C GLY G 434 -10.99 -4.85 -45.38
N VAL G 435 -10.42 -6.04 -45.16
CA VAL G 435 -11.22 -7.25 -45.07
C VAL G 435 -10.71 -8.09 -43.90
N LEU G 436 -11.61 -8.43 -42.98
CA LEU G 436 -11.33 -9.37 -41.91
C LEU G 436 -11.56 -10.80 -42.42
N SER G 437 -10.68 -11.72 -42.02
CA SER G 437 -10.79 -13.10 -42.50
C SER G 437 -10.24 -14.05 -41.46
N SER G 438 -10.67 -15.32 -41.57
CA SER G 438 -10.18 -16.37 -40.70
C SER G 438 -9.93 -17.63 -41.54
N ARG G 439 -8.84 -18.31 -41.23
CA ARG G 439 -8.47 -19.57 -41.87
C ARG G 439 -8.29 -20.64 -40.81
N ILE G 440 -8.57 -21.89 -41.17
CA ILE G 440 -8.50 -23.01 -40.24
C ILE G 440 -7.14 -23.69 -40.38
N GLU G 441 -6.43 -23.78 -39.26
CA GLU G 441 -5.22 -24.59 -39.10
C GLU G 441 -5.51 -25.69 -38.10
N VAL G 442 -4.64 -26.69 -38.05
CA VAL G 442 -4.86 -27.85 -37.18
C VAL G 442 -3.65 -28.06 -36.29
N GLN G 443 -3.91 -28.36 -35.03
CA GLN G 443 -2.87 -28.64 -34.06
C GLN G 443 -2.03 -29.81 -34.56
N ASP G 444 -0.72 -29.61 -34.68
CA ASP G 444 0.14 -30.62 -35.24
C ASP G 444 1.13 -31.12 -34.18
N THR G 445 1.94 -32.10 -34.60
CA THR G 445 2.84 -32.79 -33.70
C THR G 445 3.99 -31.92 -33.22
N SER G 446 4.20 -30.76 -33.82
CA SER G 446 5.23 -29.84 -33.35
C SER G 446 4.82 -29.06 -32.12
N GLY G 447 3.56 -29.21 -31.68
CA GLY G 447 2.99 -28.33 -30.70
C GLY G 447 2.35 -27.09 -31.29
N GLY G 448 2.80 -26.68 -32.45
CA GLY G 448 2.20 -25.59 -33.19
C GLY G 448 1.03 -26.08 -34.02
N THR G 449 0.75 -25.34 -35.08
CA THR G 449 -0.37 -25.67 -35.95
C THR G 449 0.07 -25.61 -37.41
N THR G 450 -0.72 -26.22 -38.27
CA THR G 450 -0.41 -26.32 -39.68
C THR G 450 -1.65 -25.99 -40.50
N ALA G 451 -1.48 -25.12 -41.48
CA ALA G 451 -2.59 -24.74 -42.35
C ALA G 451 -2.82 -25.83 -43.39
N LEU G 452 -4.10 -26.13 -43.63
CA LEU G 452 -4.45 -27.20 -44.56
C LEU G 452 -4.14 -26.85 -46.00
N ARG G 453 -4.08 -25.56 -46.32
CA ARG G 453 -3.86 -25.07 -47.67
C ARG G 453 -3.43 -23.61 -47.55
N PRO G 454 -2.69 -23.08 -48.51
CA PRO G 454 -2.35 -21.65 -48.46
C PRO G 454 -3.58 -20.80 -48.76
N SER G 455 -3.60 -19.58 -48.23
CA SER G 455 -4.74 -18.71 -48.45
C SER G 455 -4.29 -17.25 -48.32
N ALA G 456 -5.27 -16.35 -48.46
CA ALA G 456 -4.98 -14.93 -48.62
C ALA G 456 -4.09 -14.39 -47.52
N SER G 457 -4.35 -14.79 -46.27
CA SER G 457 -3.59 -14.22 -45.16
C SER G 457 -2.15 -14.70 -45.12
N THR G 458 -1.81 -15.73 -45.89
CA THR G 458 -0.44 -16.23 -45.98
C THR G 458 0.26 -15.88 -47.29
N GLN G 459 -0.49 -15.56 -48.33
CA GLN G 459 0.05 -15.22 -49.64
C GLN G 459 0.04 -13.72 -49.91
N ALA G 460 -0.03 -12.91 -48.86
CA ALA G 460 0.04 -11.46 -49.01
C ALA G 460 1.43 -11.04 -49.44
N LEU G 461 1.50 -9.90 -50.14
CA LEU G 461 2.81 -9.40 -50.55
C LEU G 461 3.70 -9.17 -49.33
N SER G 462 3.27 -8.31 -48.43
CA SER G 462 3.88 -8.12 -47.12
C SER G 462 2.90 -8.59 -46.05
N SER G 463 3.43 -9.01 -44.91
CA SER G 463 2.58 -9.52 -43.84
C SER G 463 3.20 -9.17 -42.49
N SER G 464 2.36 -9.24 -41.46
CA SER G 464 2.78 -8.90 -40.10
C SER G 464 1.94 -9.68 -39.11
N VAL G 465 2.39 -9.70 -37.86
CA VAL G 465 1.72 -10.41 -36.77
C VAL G 465 1.68 -9.50 -35.56
N SER G 466 0.52 -9.40 -34.91
CA SER G 466 0.42 -8.58 -33.72
C SER G 466 1.42 -9.05 -32.67
N SER G 467 2.11 -8.09 -32.06
CA SER G 467 3.03 -8.37 -30.97
C SER G 467 2.47 -7.90 -29.63
N SER G 468 1.15 -7.73 -29.56
CA SER G 468 0.55 -7.16 -28.36
C SER G 468 0.84 -8.05 -27.15
N LYS G 469 1.28 -7.42 -26.08
CA LYS G 469 1.44 -8.06 -24.78
C LYS G 469 0.29 -7.70 -23.86
N LEU G 470 -0.74 -7.05 -24.42
CA LEU G 470 -1.83 -6.48 -23.63
C LEU G 470 -2.44 -7.52 -22.69
N PHE G 471 -2.60 -8.75 -23.16
CA PHE G 471 -3.12 -9.80 -22.29
C PHE G 471 -2.04 -10.45 -21.46
N SER G 472 -0.78 -10.10 -21.70
CA SER G 472 0.35 -10.47 -20.85
C SER G 472 0.40 -11.94 -20.48
N SER G 473 -0.37 -12.78 -21.16
CA SER G 473 -0.32 -14.22 -20.95
C SER G 473 -0.34 -14.56 -19.46
N SER G 474 -1.22 -13.88 -18.72
CA SER G 474 -1.32 -14.05 -17.28
C SER G 474 -2.29 -15.19 -16.95
N THR G 475 -1.78 -16.20 -16.25
CA THR G 475 -2.58 -17.32 -15.73
C THR G 475 -3.49 -17.96 -16.78
N ALA G 476 -2.90 -18.36 -17.91
CA ALA G 476 -3.65 -19.11 -18.92
C ALA G 476 -3.04 -20.49 -19.13
N PRO G 477 -3.80 -21.59 -18.90
CA PRO G 477 -3.24 -22.93 -19.16
C PRO G 477 -3.25 -23.31 -20.63
N HIS G 478 -4.35 -23.03 -21.31
CA HIS G 478 -4.58 -23.36 -22.71
C HIS G 478 -4.02 -24.72 -23.12
N GLU G 479 -4.66 -25.81 -22.67
CA GLU G 479 -4.21 -27.14 -23.04
C GLU G 479 -4.72 -27.44 -24.45
N THR G 480 -3.84 -27.95 -25.30
CA THR G 480 -4.14 -28.18 -26.71
C THR G 480 -3.85 -29.62 -27.10
N SER G 481 -4.76 -30.22 -27.87
CA SER G 481 -4.63 -31.61 -28.30
C SER G 481 -4.49 -31.73 -29.82
N PHE G 482 -3.70 -32.71 -30.23
CA PHE G 482 -3.42 -32.96 -31.64
C PHE G 482 -4.69 -33.29 -32.41
N GLY G 483 -4.84 -32.66 -33.58
CA GLY G 483 -5.97 -32.90 -34.45
C GLY G 483 -7.06 -31.86 -34.32
N GLU G 484 -7.02 -31.03 -33.28
CA GLU G 484 -8.03 -30.01 -33.09
C GLU G 484 -7.86 -28.88 -34.10
N GLU G 485 -8.99 -28.31 -34.52
CA GLU G 485 -8.99 -27.16 -35.42
C GLU G 485 -8.89 -25.87 -34.61
N VAL G 486 -8.30 -24.83 -35.22
CA VAL G 486 -8.30 -23.49 -34.66
C VAL G 486 -8.51 -22.48 -35.78
N GLU G 487 -9.14 -21.35 -35.47
CA GLU G 487 -9.27 -20.26 -36.42
C GLU G 487 -8.15 -19.24 -36.20
N VAL G 488 -7.58 -18.76 -37.30
CA VAL G 488 -6.56 -17.71 -37.28
C VAL G 488 -7.11 -16.53 -38.07
N HIS G 489 -7.24 -15.39 -37.40
CA HIS G 489 -7.90 -14.21 -37.96
C HIS G 489 -6.87 -13.20 -38.44
N ASN G 490 -7.20 -12.52 -39.52
CA ASN G 490 -6.29 -11.59 -40.17
C ASN G 490 -7.07 -10.40 -40.71
N LEU G 491 -6.40 -9.25 -40.80
CA LEU G 491 -6.90 -8.11 -41.56
C LEU G 491 -6.15 -8.05 -42.88
N LEU G 492 -6.87 -8.18 -43.98
CA LEU G 492 -6.30 -8.15 -45.32
C LEU G 492 -6.54 -6.76 -45.90
N ILE G 493 -5.51 -6.20 -46.52
CA ILE G 493 -5.61 -4.96 -47.27
C ILE G 493 -5.55 -5.34 -48.75
N ILE G 494 -6.55 -4.92 -49.52
CA ILE G 494 -6.76 -5.43 -50.87
C ILE G 494 -6.90 -4.25 -51.83
N ASP G 495 -6.06 -4.26 -52.86
CA ASP G 495 -6.07 -3.19 -53.86
C ASP G 495 -7.42 -3.14 -54.56
N GLN G 496 -7.94 -1.93 -54.77
CA GLN G 496 -9.29 -1.77 -55.28
C GLN G 496 -9.40 -2.02 -56.78
N HIS G 497 -8.28 -2.20 -57.49
CA HIS G 497 -8.28 -2.43 -58.92
C HIS G 497 -7.88 -3.84 -59.30
N THR G 498 -6.80 -4.36 -58.71
CA THR G 498 -6.34 -5.72 -58.94
C THR G 498 -6.83 -6.70 -57.91
N PHE G 499 -7.21 -6.22 -56.72
CA PHE G 499 -7.60 -7.07 -55.61
C PHE G 499 -6.48 -8.02 -55.22
N GLU G 500 -5.26 -7.54 -55.38
CA GLU G 500 -4.09 -8.19 -54.82
C GLU G 500 -4.06 -7.97 -53.31
N VAL G 501 -3.68 -9.02 -52.57
CA VAL G 501 -3.55 -8.89 -51.12
C VAL G 501 -2.24 -8.16 -50.87
N LEU G 502 -2.33 -6.89 -50.52
CA LEU G 502 -1.14 -6.06 -50.34
C LEU G 502 -0.51 -6.26 -48.97
N HIS G 503 -1.32 -6.56 -47.95
CA HIS G 503 -0.81 -6.77 -46.61
C HIS G 503 -1.76 -7.71 -45.90
N ALA G 504 -1.22 -8.53 -45.00
CA ALA G 504 -2.02 -9.40 -44.16
C ALA G 504 -1.51 -9.29 -42.73
N HIS G 505 -2.35 -8.78 -41.84
CA HIS G 505 -2.00 -8.70 -40.43
C HIS G 505 -2.71 -9.81 -39.67
N GLN G 506 -1.94 -10.64 -38.97
CA GLN G 506 -2.46 -11.75 -38.21
C GLN G 506 -2.62 -11.34 -36.75
N PHE G 507 -3.77 -11.64 -36.17
CA PHE G 507 -4.09 -11.23 -34.82
C PHE G 507 -3.54 -12.25 -33.82
N LEU G 508 -3.76 -11.98 -32.54
CA LEU G 508 -3.19 -12.79 -31.49
C LEU G 508 -3.72 -14.22 -31.53
N GLN G 509 -2.96 -15.13 -30.93
CA GLN G 509 -3.40 -16.50 -30.76
C GLN G 509 -4.72 -16.53 -30.00
N ASN G 510 -5.72 -17.19 -30.58
CA ASN G 510 -7.06 -17.30 -30.04
C ASN G 510 -7.85 -16.00 -30.07
N GLU G 511 -7.42 -15.02 -30.86
CA GLU G 511 -8.14 -13.75 -30.99
C GLU G 511 -8.99 -13.75 -32.25
N TYR G 512 -10.27 -13.45 -32.10
CA TYR G 512 -11.20 -13.33 -33.21
C TYR G 512 -11.44 -11.86 -33.55
N ALA G 513 -11.39 -11.53 -34.83
CA ALA G 513 -11.76 -10.21 -35.33
C ALA G 513 -13.25 -10.20 -35.66
N LEU G 514 -13.99 -9.29 -35.05
CA LEU G 514 -15.44 -9.27 -35.19
C LEU G 514 -15.99 -8.04 -35.91
N SER G 515 -15.26 -6.92 -35.88
CA SER G 515 -15.79 -5.65 -36.38
C SER G 515 -14.67 -4.86 -37.04
N LEU G 516 -15.06 -4.08 -38.04
CA LEU G 516 -14.10 -3.34 -38.86
C LEU G 516 -14.72 -2.04 -39.34
N VAL G 517 -13.96 -0.95 -39.23
CA VAL G 517 -14.36 0.35 -39.77
C VAL G 517 -13.15 1.04 -40.39
N SER G 518 -13.44 1.97 -41.28
CA SER G 518 -12.45 2.88 -41.86
C SER G 518 -12.96 4.29 -41.66
N CYS G 519 -12.18 5.13 -40.99
CA CYS G 519 -12.66 6.47 -40.67
C CYS G 519 -11.54 7.34 -40.13
N LYS G 520 -11.82 8.65 -40.07
CA LYS G 520 -11.03 9.62 -39.33
C LYS G 520 -11.71 9.88 -37.98
N LEU G 521 -10.90 10.18 -36.96
CA LEU G 521 -11.43 10.42 -35.62
C LEU G 521 -10.88 11.72 -35.06
N GLY G 522 -11.68 12.34 -34.18
CA GLY G 522 -11.25 13.57 -33.54
C GLY G 522 -10.83 14.58 -34.56
N LYS G 523 -9.70 15.25 -34.31
CA LYS G 523 -9.08 16.12 -35.29
C LYS G 523 -7.87 15.49 -35.98
N ASP G 524 -7.73 14.17 -35.90
CA ASP G 524 -6.59 13.49 -36.52
C ASP G 524 -6.87 13.29 -38.00
N PRO G 525 -6.08 13.88 -38.90
CA PRO G 525 -6.40 13.79 -40.34
C PRO G 525 -6.15 12.43 -40.93
N ASN G 526 -5.37 11.58 -40.28
CA ASN G 526 -5.07 10.28 -40.83
C ASN G 526 -6.31 9.41 -40.80
N THR G 527 -6.51 8.64 -41.87
CA THR G 527 -7.64 7.72 -41.96
C THR G 527 -7.15 6.35 -41.49
N TYR G 528 -7.84 5.79 -40.50
CA TYR G 528 -7.40 4.57 -39.84
C TYR G 528 -8.34 3.42 -40.16
N PHE G 529 -7.80 2.21 -40.10
CA PHE G 529 -8.57 0.98 -39.97
C PHE G 529 -8.66 0.64 -38.49
N ILE G 530 -9.85 0.42 -37.97
CA ILE G 530 -10.03 0.09 -36.57
C ILE G 530 -10.73 -1.26 -36.49
N VAL G 531 -10.19 -2.16 -35.66
CA VAL G 531 -10.70 -3.53 -35.55
C VAL G 531 -11.08 -3.79 -34.10
N GLY G 532 -12.23 -4.42 -33.91
CA GLY G 532 -12.67 -4.88 -32.60
C GLY G 532 -12.58 -6.40 -32.54
N THR G 533 -12.02 -6.90 -31.44
CA THR G 533 -11.66 -8.30 -31.33
C THR G 533 -12.21 -8.89 -30.02
N ALA G 534 -12.06 -10.21 -29.90
CA ALA G 534 -12.50 -10.93 -28.70
C ALA G 534 -11.56 -12.10 -28.47
N MET G 535 -11.22 -12.33 -27.20
CA MET G 535 -10.40 -13.48 -26.82
C MET G 535 -11.33 -14.67 -26.61
N VAL G 536 -11.21 -15.65 -27.49
CA VAL G 536 -12.15 -16.77 -27.59
C VAL G 536 -11.48 -18.04 -27.07
N TYR G 537 -11.98 -18.55 -25.95
CA TYR G 537 -11.61 -19.84 -25.43
C TYR G 537 -12.86 -20.71 -25.29
N PRO G 538 -12.80 -21.98 -25.69
CA PRO G 538 -14.01 -22.81 -25.54
C PRO G 538 -14.57 -22.78 -24.12
N GLU G 539 -13.71 -22.53 -23.12
CA GLU G 539 -14.17 -22.57 -21.75
C GLU G 539 -15.13 -21.41 -21.44
N GLU G 540 -14.93 -20.25 -22.06
CA GLU G 540 -15.73 -19.07 -21.77
C GLU G 540 -17.00 -19.08 -22.60
N ALA G 541 -18.15 -19.16 -21.94
CA ALA G 541 -19.42 -19.05 -22.65
C ALA G 541 -19.57 -17.69 -23.30
N GLU G 542 -19.16 -16.65 -22.60
CA GLU G 542 -19.16 -15.28 -23.12
C GLU G 542 -17.73 -14.78 -23.00
N PRO G 543 -17.11 -14.30 -24.07
CA PRO G 543 -15.72 -13.82 -23.94
C PRO G 543 -15.63 -12.70 -22.91
N LYS G 544 -14.53 -12.68 -22.17
CA LYS G 544 -14.32 -11.71 -21.11
C LYS G 544 -13.09 -10.85 -21.35
N GLN G 545 -12.44 -10.97 -22.50
CA GLN G 545 -11.31 -10.13 -22.88
C GLN G 545 -11.46 -9.74 -24.34
N GLY G 546 -10.92 -8.58 -24.70
CA GLY G 546 -10.99 -8.13 -26.08
C GLY G 546 -10.17 -6.88 -26.31
N ARG G 547 -10.07 -6.51 -27.58
CA ARG G 547 -9.26 -5.36 -27.98
C ARG G 547 -9.99 -4.51 -29.00
N ILE G 548 -9.72 -3.21 -28.97
CA ILE G 548 -9.92 -2.32 -30.09
C ILE G 548 -8.55 -1.86 -30.55
N VAL G 549 -8.23 -2.08 -31.83
CA VAL G 549 -6.92 -1.78 -32.39
C VAL G 549 -7.08 -0.79 -33.53
N VAL G 550 -6.24 0.24 -33.56
CA VAL G 550 -6.27 1.28 -34.58
C VAL G 550 -5.08 1.07 -35.50
N PHE G 551 -5.36 0.86 -36.79
CA PHE G 551 -4.31 0.66 -37.78
C PHE G 551 -4.27 1.84 -38.76
N GLN G 552 -3.09 2.09 -39.33
CA GLN G 552 -2.92 3.01 -40.45
C GLN G 552 -2.19 2.29 -41.57
N TYR G 553 -2.75 2.35 -42.79
CA TYR G 553 -2.08 1.83 -43.96
C TYR G 553 -1.23 2.96 -44.52
N SER G 554 0.08 2.76 -44.57
CA SER G 554 1.00 3.78 -45.05
C SER G 554 2.11 3.11 -45.83
N ASP G 555 2.28 3.52 -47.09
CA ASP G 555 3.39 3.06 -47.91
C ASP G 555 3.52 1.54 -47.90
N GLY G 556 2.38 0.87 -48.09
CA GLY G 556 2.34 -0.56 -48.23
C GLY G 556 2.39 -1.38 -46.96
N LYS G 557 2.48 -0.76 -45.79
CA LYS G 557 2.54 -1.47 -44.52
C LYS G 557 1.56 -0.88 -43.51
N LEU G 558 0.91 -1.76 -42.76
CA LEU G 558 -0.04 -1.42 -41.72
C LEU G 558 0.67 -1.19 -40.39
N GLN G 559 0.35 -0.08 -39.73
CA GLN G 559 0.99 0.32 -38.47
C GLN G 559 -0.03 0.31 -37.33
N THR G 560 0.33 -0.32 -36.20
CA THR G 560 -0.49 -0.26 -35.01
C THR G 560 -0.31 1.10 -34.36
N VAL G 561 -1.38 1.90 -34.33
CA VAL G 561 -1.26 3.26 -33.83
C VAL G 561 -1.64 3.32 -32.35
N ALA G 562 -2.63 2.54 -31.95
CA ALA G 562 -3.14 2.55 -30.59
C ALA G 562 -3.92 1.27 -30.35
N GLU G 563 -3.96 0.87 -29.09
CA GLU G 563 -4.62 -0.37 -28.67
C GLU G 563 -5.38 -0.10 -27.38
N LYS G 564 -6.64 -0.53 -27.34
CA LYS G 564 -7.50 -0.33 -26.19
C LYS G 564 -8.01 -1.67 -25.67
N GLU G 565 -7.79 -1.94 -24.39
CA GLU G 565 -8.26 -3.17 -23.78
C GLU G 565 -9.70 -3.03 -23.33
N VAL G 566 -10.50 -4.08 -23.59
CA VAL G 566 -11.89 -4.12 -23.15
C VAL G 566 -12.15 -5.49 -22.52
N LYS G 567 -13.23 -5.58 -21.75
CA LYS G 567 -13.54 -6.78 -20.98
C LYS G 567 -14.65 -7.60 -21.63
N GLY G 568 -14.52 -7.92 -22.91
CA GLY G 568 -15.55 -8.65 -23.63
C GLY G 568 -15.28 -8.59 -25.12
N ALA G 569 -16.31 -8.95 -25.88
CA ALA G 569 -16.22 -9.00 -27.33
C ALA G 569 -16.70 -7.69 -27.95
N VAL G 570 -15.91 -7.14 -28.86
CA VAL G 570 -16.29 -5.89 -29.55
C VAL G 570 -17.06 -6.33 -30.80
N TYR G 571 -18.35 -6.58 -30.60
CA TYR G 571 -19.15 -7.15 -31.68
C TYR G 571 -19.38 -6.17 -32.83
N SER G 572 -19.42 -4.86 -32.56
CA SER G 572 -19.77 -3.90 -33.59
C SER G 572 -19.17 -2.53 -33.29
N MET G 573 -18.76 -1.82 -34.35
CA MET G 573 -18.23 -0.47 -34.25
C MET G 573 -18.79 0.39 -35.38
N VAL G 574 -18.78 1.71 -35.18
CA VAL G 574 -19.27 2.64 -36.20
C VAL G 574 -18.74 4.03 -35.91
N GLU G 575 -18.48 4.80 -36.97
CA GLU G 575 -18.02 6.17 -36.81
C GLU G 575 -19.19 7.01 -36.35
N PHE G 576 -18.96 7.85 -35.33
CA PHE G 576 -20.03 8.61 -34.71
C PHE G 576 -19.54 10.03 -34.45
N ASN G 577 -19.65 10.88 -35.46
CA ASN G 577 -19.36 12.31 -35.32
C ASN G 577 -17.98 12.51 -34.70
N GLY G 578 -16.97 11.93 -35.34
CA GLY G 578 -15.59 12.03 -34.91
C GLY G 578 -15.23 11.17 -33.71
N LYS G 579 -16.19 10.45 -33.14
CA LYS G 579 -15.95 9.57 -32.01
C LYS G 579 -16.24 8.13 -32.42
N LEU G 580 -15.67 7.20 -31.67
CA LEU G 580 -15.79 5.78 -31.98
C LEU G 580 -16.85 5.15 -31.08
N LEU G 581 -17.91 4.64 -31.69
CA LEU G 581 -18.98 3.97 -30.99
C LEU G 581 -18.78 2.47 -31.13
N ALA G 582 -18.62 1.78 -30.01
CA ALA G 582 -18.32 0.36 -30.00
C ALA G 582 -19.18 -0.35 -28.97
N SER G 583 -19.54 -1.59 -29.28
CA SER G 583 -20.37 -2.43 -28.42
C SER G 583 -19.50 -3.56 -27.88
N ILE G 584 -19.42 -3.67 -26.55
CA ILE G 584 -18.61 -4.67 -25.87
C ILE G 584 -19.55 -5.50 -25.01
N ASN G 585 -19.83 -6.73 -25.44
CA ASN G 585 -20.78 -7.63 -24.77
C ASN G 585 -22.12 -6.91 -24.59
N SER G 586 -22.57 -6.72 -23.34
CA SER G 586 -23.82 -5.99 -23.10
C SER G 586 -23.65 -4.47 -23.24
N THR G 587 -22.43 -3.98 -23.11
CA THR G 587 -22.19 -2.54 -23.08
C THR G 587 -22.16 -1.93 -24.48
N VAL G 588 -22.66 -0.69 -24.57
CA VAL G 588 -22.49 0.16 -25.74
C VAL G 588 -21.71 1.39 -25.27
N ARG G 589 -20.53 1.58 -25.83
CA ARG G 589 -19.59 2.59 -25.37
C ARG G 589 -19.26 3.57 -26.48
N LEU G 590 -19.05 4.82 -26.10
CA LEU G 590 -18.57 5.87 -27.00
C LEU G 590 -17.18 6.29 -26.56
N TYR G 591 -16.22 6.17 -27.46
CA TYR G 591 -14.83 6.55 -27.22
C TYR G 591 -14.51 7.85 -27.95
N GLU G 592 -13.62 8.64 -27.36
CA GLU G 592 -13.07 9.83 -27.98
C GLU G 592 -11.63 9.56 -28.41
N TRP G 593 -11.20 10.25 -29.48
CA TRP G 593 -9.85 10.09 -30.02
C TRP G 593 -9.03 11.29 -29.57
N THR G 594 -8.09 11.05 -28.65
CA THR G 594 -7.39 12.16 -28.02
C THR G 594 -6.31 12.72 -28.94
N THR G 595 -5.75 13.85 -28.48
CA THR G 595 -4.57 14.43 -29.09
C THR G 595 -3.32 13.57 -28.87
N GLU G 596 -3.42 12.58 -27.98
CA GLU G 596 -2.36 11.62 -27.74
C GLU G 596 -2.52 10.33 -28.55
N LYS G 597 -3.39 10.34 -29.58
CA LYS G 597 -3.61 9.18 -30.43
C LYS G 597 -3.94 7.95 -29.58
N GLU G 598 -4.90 8.12 -28.67
CA GLU G 598 -5.39 7.02 -27.85
C GLU G 598 -6.88 7.18 -27.61
N LEU G 599 -7.57 6.05 -27.47
CA LEU G 599 -9.00 6.05 -27.25
C LEU G 599 -9.31 6.23 -25.77
N ARG G 600 -10.26 7.11 -25.48
CA ARG G 600 -10.68 7.42 -24.11
C ARG G 600 -12.18 7.25 -24.00
N THR G 601 -12.62 6.56 -22.95
CA THR G 601 -14.05 6.35 -22.74
C THR G 601 -14.73 7.68 -22.43
N GLU G 602 -15.88 7.92 -23.06
CA GLU G 602 -16.68 9.08 -22.70
C GLU G 602 -17.92 8.73 -21.87
N CYS G 603 -18.75 7.80 -22.36
CA CYS G 603 -20.01 7.46 -21.72
C CYS G 603 -20.44 6.06 -22.16
N ASN G 604 -21.34 5.47 -21.37
CA ASN G 604 -21.72 4.06 -21.53
C ASN G 604 -23.23 3.86 -21.44
N HIS G 605 -23.67 2.77 -22.07
CA HIS G 605 -25.04 2.25 -21.94
C HIS G 605 -24.95 0.76 -21.70
N TYR G 606 -25.63 0.27 -20.65
CA TYR G 606 -25.47 -1.11 -20.21
C TYR G 606 -26.72 -1.96 -20.32
N ASN G 607 -27.86 -1.39 -20.71
CA ASN G 607 -29.15 -2.09 -20.67
C ASN G 607 -29.32 -2.97 -21.91
N ASN G 608 -28.50 -4.02 -21.95
CA ASN G 608 -28.60 -4.96 -23.05
C ASN G 608 -28.29 -6.36 -22.55
N ILE G 609 -28.68 -7.35 -23.35
CA ILE G 609 -28.28 -8.73 -23.13
C ILE G 609 -27.01 -9.04 -23.92
N MET G 610 -27.02 -8.73 -25.21
CA MET G 610 -25.82 -8.76 -26.05
C MET G 610 -26.04 -7.78 -27.19
N ALA G 611 -25.16 -6.78 -27.30
CA ALA G 611 -25.31 -5.68 -28.27
C ALA G 611 -24.59 -6.03 -29.57
N LEU G 612 -25.31 -6.71 -30.46
CA LEU G 612 -24.66 -7.31 -31.62
C LEU G 612 -24.46 -6.35 -32.78
N TYR G 613 -25.41 -5.44 -33.01
CA TYR G 613 -25.42 -4.61 -34.20
C TYR G 613 -25.62 -3.15 -33.85
N LEU G 614 -24.94 -2.28 -34.58
CA LEU G 614 -25.04 -0.84 -34.38
C LEU G 614 -25.20 -0.12 -35.71
N LYS G 615 -26.02 0.92 -35.68
CA LYS G 615 -26.16 1.86 -36.80
C LYS G 615 -26.39 3.23 -36.18
N THR G 616 -26.01 4.28 -36.89
CA THR G 616 -26.18 5.63 -36.39
C THR G 616 -26.75 6.54 -37.48
N LYS G 617 -27.30 7.66 -37.03
CA LYS G 617 -27.76 8.73 -37.92
C LYS G 617 -27.77 10.00 -37.07
N GLY G 618 -26.89 10.94 -37.38
CA GLY G 618 -26.78 12.12 -36.53
C GLY G 618 -26.33 11.71 -35.15
N ASP G 619 -27.05 12.17 -34.13
CA ASP G 619 -26.79 11.77 -32.75
C ASP G 619 -27.66 10.61 -32.30
N PHE G 620 -28.37 9.95 -33.23
CA PHE G 620 -29.21 8.82 -32.90
C PHE G 620 -28.44 7.53 -33.13
N ILE G 621 -28.69 6.52 -32.28
CA ILE G 621 -28.03 5.22 -32.38
C ILE G 621 -29.09 4.12 -32.37
N LEU G 622 -28.99 3.19 -33.32
CA LEU G 622 -29.86 2.03 -33.38
C LEU G 622 -29.09 0.80 -32.95
N VAL G 623 -29.57 0.12 -31.92
CA VAL G 623 -28.89 -1.02 -31.33
C VAL G 623 -29.70 -2.29 -31.59
N GLY G 624 -29.08 -3.28 -32.16
CA GLY G 624 -29.69 -4.59 -32.36
C GLY G 624 -29.20 -5.57 -31.29
N ASP G 625 -30.14 -6.18 -30.59
CA ASP G 625 -29.83 -7.05 -29.47
C ASP G 625 -30.00 -8.51 -29.86
N LEU G 626 -29.33 -9.38 -29.10
CA LEU G 626 -29.39 -10.80 -29.35
C LEU G 626 -30.80 -11.35 -29.26
N MET G 627 -31.54 -10.97 -28.20
CA MET G 627 -32.89 -11.48 -28.01
C MET G 627 -33.92 -10.39 -27.78
N ARG G 628 -33.50 -9.15 -27.51
CA ARG G 628 -34.39 -8.08 -27.11
C ARG G 628 -34.69 -7.12 -28.25
N SER G 629 -34.71 -7.63 -29.48
CA SER G 629 -35.15 -6.86 -30.64
C SER G 629 -34.26 -5.64 -30.73
N VAL G 630 -34.81 -4.44 -30.90
CA VAL G 630 -34.03 -3.24 -31.20
C VAL G 630 -34.34 -2.14 -30.20
N LEU G 631 -33.35 -1.29 -29.94
CA LEU G 631 -33.43 -0.14 -29.05
C LEU G 631 -32.94 1.10 -29.78
N LEU G 632 -33.56 2.25 -29.46
CA LEU G 632 -33.19 3.54 -30.01
C LEU G 632 -32.54 4.40 -28.92
N LEU G 633 -31.24 4.62 -29.06
CA LEU G 633 -30.47 5.50 -28.19
C LEU G 633 -30.31 6.87 -28.80
N ALA G 634 -30.04 7.85 -27.93
CA ALA G 634 -29.68 9.19 -28.36
C ALA G 634 -28.47 9.66 -27.57
N TYR G 635 -27.53 10.28 -28.27
CA TYR G 635 -26.40 10.96 -27.64
C TYR G 635 -26.85 12.37 -27.29
N LYS G 636 -26.66 12.74 -26.02
CA LYS G 636 -27.04 14.07 -25.58
C LYS G 636 -25.80 14.94 -25.46
N PRO G 637 -25.43 15.67 -26.51
CA PRO G 637 -24.16 16.42 -26.43
C PRO G 637 -24.15 17.39 -25.27
N MET G 638 -25.35 17.84 -24.87
CA MET G 638 -25.46 18.78 -23.75
C MET G 638 -24.93 18.19 -22.45
N GLU G 639 -25.03 16.87 -22.30
CA GLU G 639 -24.73 16.22 -21.04
C GLU G 639 -23.51 15.31 -21.05
N GLY G 640 -23.12 14.79 -22.22
CA GLY G 640 -22.02 13.87 -22.29
C GLY G 640 -22.43 12.49 -21.82
N ASN G 641 -23.54 11.99 -22.39
CA ASN G 641 -24.10 10.71 -22.00
C ASN G 641 -25.04 10.22 -23.10
N PHE G 642 -25.66 9.07 -22.85
CA PHE G 642 -26.72 8.52 -23.69
C PHE G 642 -28.08 8.72 -23.01
N GLU G 643 -29.14 8.59 -23.82
CA GLU G 643 -30.52 8.56 -23.35
C GLU G 643 -31.28 7.49 -24.10
N GLU G 644 -32.11 6.73 -23.37
CA GLU G 644 -32.94 5.71 -23.99
C GLU G 644 -34.21 6.38 -24.49
N ILE G 645 -34.36 6.48 -25.81
CA ILE G 645 -35.52 7.14 -26.37
C ILE G 645 -36.69 6.19 -26.43
N ALA G 646 -36.48 5.01 -27.00
CA ALA G 646 -37.57 4.05 -27.16
C ALA G 646 -37.00 2.69 -27.50
N ARG G 647 -37.76 1.65 -27.14
CA ARG G 647 -37.38 0.28 -27.37
C ARG G 647 -38.56 -0.51 -27.92
N ASP G 648 -38.25 -1.60 -28.62
CA ASP G 648 -39.25 -2.60 -28.99
C ASP G 648 -39.21 -3.69 -27.93
N PHE G 649 -40.24 -3.78 -27.13
CA PHE G 649 -40.27 -4.76 -26.05
C PHE G 649 -40.62 -6.17 -26.53
N ASN G 650 -41.01 -6.33 -27.79
CA ASN G 650 -41.32 -7.65 -28.37
C ASN G 650 -40.04 -8.43 -28.65
N PRO G 651 -39.87 -9.63 -28.10
CA PRO G 651 -38.57 -10.30 -28.21
C PRO G 651 -38.35 -10.83 -29.62
N ASN G 652 -37.21 -10.47 -30.21
CA ASN G 652 -36.84 -10.98 -31.52
C ASN G 652 -35.34 -11.28 -31.52
N TRP G 653 -34.96 -12.35 -32.21
CA TRP G 653 -33.57 -12.75 -32.36
C TRP G 653 -33.01 -12.03 -33.58
N MET G 654 -32.19 -11.01 -33.37
CA MET G 654 -31.78 -10.15 -34.47
C MET G 654 -30.64 -10.77 -35.27
N SER G 655 -30.70 -10.56 -36.59
CA SER G 655 -29.63 -10.91 -37.50
C SER G 655 -28.93 -9.69 -38.09
N ALA G 656 -29.65 -8.58 -38.25
CA ALA G 656 -29.10 -7.34 -38.75
C ALA G 656 -30.14 -6.24 -38.57
N VAL G 657 -29.67 -4.99 -38.48
CA VAL G 657 -30.54 -3.85 -38.31
C VAL G 657 -30.11 -2.74 -39.27
N GLU G 658 -31.02 -1.81 -39.53
CA GLU G 658 -30.71 -0.65 -40.33
C GLU G 658 -31.68 0.48 -39.97
N ILE G 659 -31.22 1.71 -40.16
CA ILE G 659 -32.02 2.91 -39.95
C ILE G 659 -32.54 3.36 -41.32
N LEU G 660 -33.86 3.53 -41.42
CA LEU G 660 -34.46 4.03 -42.65
C LEU G 660 -34.55 5.56 -42.67
N ASP G 661 -35.08 6.13 -41.59
CA ASP G 661 -35.15 7.58 -41.42
C ASP G 661 -35.33 7.84 -39.93
N ASP G 662 -35.46 9.13 -39.57
CA ASP G 662 -35.43 9.50 -38.16
C ASP G 662 -36.56 8.86 -37.35
N ASP G 663 -37.60 8.31 -38.00
CA ASP G 663 -38.71 7.68 -37.27
C ASP G 663 -38.90 6.21 -37.55
N ASN G 664 -38.46 5.69 -38.69
CA ASN G 664 -38.67 4.30 -39.06
C ASN G 664 -37.37 3.50 -38.93
N PHE G 665 -37.48 2.25 -38.47
CA PHE G 665 -36.34 1.37 -38.25
C PHE G 665 -36.64 -0.04 -38.77
N LEU G 666 -35.67 -0.62 -39.47
CA LEU G 666 -35.83 -1.91 -40.13
C LEU G 666 -35.00 -2.99 -39.45
N GLY G 667 -35.57 -4.20 -39.34
CA GLY G 667 -34.88 -5.29 -38.69
C GLY G 667 -35.09 -6.60 -39.41
N ALA G 668 -34.14 -7.52 -39.18
CA ALA G 668 -34.18 -8.88 -39.72
C ALA G 668 -33.87 -9.86 -38.61
N GLU G 669 -34.74 -10.85 -38.43
CA GLU G 669 -34.63 -11.83 -37.35
C GLU G 669 -34.31 -13.21 -37.89
N ASN G 670 -33.90 -14.09 -36.97
CA ASN G 670 -33.53 -15.47 -37.29
C ASN G 670 -34.70 -16.32 -37.79
N ALA G 671 -35.92 -15.81 -37.79
CA ALA G 671 -37.06 -16.55 -38.34
C ALA G 671 -37.32 -16.23 -39.80
N PHE G 672 -36.39 -15.55 -40.46
CA PHE G 672 -36.52 -15.12 -41.84
C PHE G 672 -37.59 -14.04 -42.01
N ASN G 673 -37.75 -13.16 -41.02
CA ASN G 673 -38.77 -12.13 -41.08
C ASN G 673 -38.13 -10.74 -41.03
N LEU G 674 -38.79 -9.80 -41.69
CA LEU G 674 -38.43 -8.39 -41.67
C LEU G 674 -39.53 -7.66 -40.90
N PHE G 675 -39.14 -6.69 -40.07
CA PHE G 675 -40.10 -5.90 -39.33
C PHE G 675 -39.61 -4.46 -39.27
N VAL G 676 -40.56 -3.54 -39.14
CA VAL G 676 -40.26 -2.12 -39.06
C VAL G 676 -40.90 -1.58 -37.79
N CYS G 677 -40.12 -0.84 -37.01
CA CYS G 677 -40.59 -0.20 -35.80
C CYS G 677 -40.57 1.30 -36.00
N GLN G 678 -41.51 1.99 -35.35
CA GLN G 678 -41.65 3.44 -35.48
C GLN G 678 -41.75 4.04 -34.08
N LYS G 679 -41.33 5.30 -33.97
CA LYS G 679 -41.53 6.05 -32.74
C LYS G 679 -42.98 6.46 -32.65
N ASP G 680 -43.55 6.44 -31.44
CA ASP G 680 -44.98 6.76 -31.33
C ASP G 680 -45.24 8.24 -31.62
N SER G 681 -44.48 8.82 -32.54
CA SER G 681 -44.66 10.21 -32.98
C SER G 681 -44.66 11.19 -31.81
N ALA G 682 -43.78 10.93 -30.84
CA ALA G 682 -43.60 11.78 -29.67
C ALA G 682 -44.96 12.09 -29.00
N ALA G 683 -45.68 11.03 -28.67
CA ALA G 683 -47.00 11.19 -28.06
C ALA G 683 -46.84 11.77 -26.65
N THR G 684 -47.87 12.50 -26.22
CA THR G 684 -47.82 13.17 -24.91
C THR G 684 -47.35 12.28 -23.76
N THR G 685 -47.75 11.02 -23.73
CA THR G 685 -47.41 10.17 -22.59
C THR G 685 -45.98 9.68 -22.74
N ASP G 686 -45.18 9.85 -21.68
CA ASP G 686 -43.79 9.39 -21.75
C ASP G 686 -43.74 7.87 -21.97
N GLU G 687 -44.71 7.15 -21.43
CA GLU G 687 -44.74 5.71 -21.65
C GLU G 687 -44.97 5.39 -23.12
N GLU G 688 -45.80 6.18 -23.79
CA GLU G 688 -46.05 5.96 -25.21
C GLU G 688 -44.81 6.26 -26.05
N ARG G 689 -44.04 7.29 -25.67
CA ARG G 689 -42.86 7.61 -26.46
C ARG G 689 -41.81 6.50 -26.36
N GLN G 690 -41.68 5.86 -25.19
CA GLN G 690 -40.61 4.88 -25.01
C GLN G 690 -40.97 3.51 -25.59
N HIS G 691 -42.08 3.42 -26.32
CA HIS G 691 -42.51 2.20 -26.99
C HIS G 691 -42.37 2.34 -28.51
N LEU G 692 -41.54 1.48 -29.10
CA LEU G 692 -41.47 1.33 -30.55
C LEU G 692 -42.57 0.37 -31.01
N GLN G 693 -43.39 0.82 -31.95
CA GLN G 693 -44.51 0.04 -32.44
C GLN G 693 -44.12 -0.68 -33.72
N GLU G 694 -44.35 -1.99 -33.75
CA GLU G 694 -44.04 -2.79 -34.93
C GLU G 694 -45.07 -2.49 -36.01
N VAL G 695 -44.76 -1.46 -36.82
CA VAL G 695 -45.71 -1.02 -37.84
C VAL G 695 -45.63 -1.89 -39.09
N GLY G 696 -44.49 -2.51 -39.36
CA GLY G 696 -44.33 -3.33 -40.55
C GLY G 696 -43.87 -4.73 -40.27
N LEU G 697 -44.53 -5.73 -40.86
CA LEU G 697 -44.18 -7.14 -40.69
C LEU G 697 -44.20 -7.81 -42.05
N PHE G 698 -43.20 -8.65 -42.34
CA PHE G 698 -43.08 -9.27 -43.65
C PHE G 698 -42.18 -10.49 -43.54
N HIS G 699 -42.69 -11.65 -43.94
CA HIS G 699 -41.87 -12.86 -44.00
C HIS G 699 -41.05 -12.84 -45.28
N LEU G 700 -39.75 -12.64 -45.15
CA LEU G 700 -38.88 -12.56 -46.32
C LEU G 700 -38.59 -13.94 -46.89
N GLY G 701 -38.32 -14.91 -46.03
CA GLY G 701 -37.88 -16.21 -46.46
C GLY G 701 -36.38 -16.37 -46.57
N GLU G 702 -35.62 -15.31 -46.30
CA GLU G 702 -34.17 -15.36 -46.36
C GLU G 702 -33.57 -14.90 -45.03
N PHE G 703 -32.30 -15.24 -44.83
CA PHE G 703 -31.56 -14.90 -43.63
C PHE G 703 -30.65 -13.71 -43.96
N VAL G 704 -30.96 -12.56 -43.37
CA VAL G 704 -30.29 -11.31 -43.72
C VAL G 704 -29.13 -11.09 -42.75
N ASN G 705 -27.91 -11.10 -43.29
CA ASN G 705 -26.71 -10.84 -42.50
C ASN G 705 -26.33 -9.37 -42.46
N VAL G 706 -26.61 -8.61 -43.53
CA VAL G 706 -26.11 -7.25 -43.67
C VAL G 706 -27.14 -6.38 -44.36
N PHE G 707 -27.42 -5.21 -43.77
CA PHE G 707 -28.16 -4.13 -44.40
C PHE G 707 -27.19 -3.03 -44.82
N CYS G 708 -27.47 -2.39 -45.95
CA CYS G 708 -26.51 -1.43 -46.50
C CYS G 708 -27.20 -0.40 -47.39
N HIS G 709 -27.04 0.88 -47.03
CA HIS G 709 -27.58 1.96 -47.84
C HIS G 709 -26.83 2.10 -49.16
N GLY G 710 -27.57 2.29 -50.24
CA GLY G 710 -26.99 2.50 -51.54
C GLY G 710 -27.91 1.98 -52.63
N SER G 711 -27.52 2.26 -53.88
CA SER G 711 -28.29 1.76 -55.01
C SER G 711 -27.35 1.32 -56.11
N LEU G 712 -27.70 0.21 -56.77
CA LEU G 712 -26.91 -0.27 -57.89
C LEU G 712 -27.28 0.39 -59.21
N VAL G 713 -28.46 1.01 -59.27
CA VAL G 713 -28.85 1.74 -60.46
C VAL G 713 -28.21 3.12 -60.43
N MET G 714 -28.09 3.71 -61.61
CA MET G 714 -27.53 5.05 -61.74
C MET G 714 -28.46 6.08 -61.11
N GLN G 715 -27.92 6.90 -60.24
CA GLN G 715 -28.66 7.97 -59.56
C GLN G 715 -28.40 9.26 -60.32
N ASN G 716 -29.40 9.74 -61.07
CA ASN G 716 -29.16 10.93 -61.88
C ASN G 716 -29.01 12.15 -61.00
N LEU G 717 -28.14 13.06 -61.45
CA LEU G 717 -27.84 14.25 -60.67
C LEU G 717 -29.05 15.18 -60.54
N GLY G 718 -29.93 15.18 -61.53
CA GLY G 718 -31.16 15.93 -61.48
C GLY G 718 -32.26 15.18 -60.76
N GLU G 719 -33.06 15.92 -59.98
CA GLU G 719 -34.11 15.31 -59.20
C GLU G 719 -35.24 14.81 -60.11
N THR G 720 -35.89 13.73 -59.67
CA THR G 720 -37.02 13.14 -60.38
C THR G 720 -37.98 12.64 -59.33
N SER G 721 -39.26 12.99 -59.46
CA SER G 721 -40.25 12.52 -58.50
C SER G 721 -40.44 11.04 -58.70
N THR G 722 -39.76 10.25 -57.90
CA THR G 722 -39.85 8.81 -58.00
C THR G 722 -40.81 8.32 -56.94
N PRO G 723 -41.61 7.29 -57.22
CA PRO G 723 -42.53 6.79 -56.17
C PRO G 723 -41.80 6.29 -54.95
N THR G 724 -40.67 5.61 -55.16
CA THR G 724 -39.85 5.10 -54.07
C THR G 724 -38.94 6.19 -53.49
N GLN G 725 -38.74 6.13 -52.17
CA GLN G 725 -37.83 7.01 -51.47
C GLN G 725 -36.85 6.17 -50.67
N GLY G 726 -35.56 6.40 -50.87
CA GLY G 726 -34.53 5.65 -50.19
C GLY G 726 -34.09 4.40 -50.93
N SER G 727 -32.99 3.82 -50.47
CA SER G 727 -32.47 2.60 -51.09
C SER G 727 -31.59 1.86 -50.08
N VAL G 728 -32.05 0.69 -49.64
CA VAL G 728 -31.27 -0.19 -48.77
C VAL G 728 -31.11 -1.53 -49.46
N LEU G 729 -29.86 -1.96 -49.62
CA LEU G 729 -29.52 -3.29 -50.10
C LEU G 729 -29.23 -4.19 -48.90
N PHE G 730 -29.49 -5.49 -49.07
CA PHE G 730 -29.17 -6.45 -48.04
C PHE G 730 -28.74 -7.77 -48.67
N GLY G 731 -27.82 -8.46 -47.99
CA GLY G 731 -27.32 -9.74 -48.42
C GLY G 731 -27.80 -10.84 -47.50
N THR G 732 -27.91 -12.06 -48.03
CA THR G 732 -28.51 -13.16 -47.29
C THR G 732 -27.60 -14.37 -47.31
N VAL G 733 -28.00 -15.40 -46.57
CA VAL G 733 -27.19 -16.61 -46.44
C VAL G 733 -27.18 -17.38 -47.75
N ASN G 734 -28.30 -17.38 -48.47
CA ASN G 734 -28.45 -18.14 -49.69
C ASN G 734 -27.98 -17.38 -50.92
N GLY G 735 -27.31 -16.25 -50.74
CA GLY G 735 -26.81 -15.45 -51.84
C GLY G 735 -27.78 -14.44 -52.40
N MET G 736 -29.05 -14.54 -52.05
CA MET G 736 -30.04 -13.57 -52.52
C MET G 736 -29.67 -12.17 -52.04
N ILE G 737 -29.76 -11.20 -52.95
CA ILE G 737 -29.60 -9.79 -52.62
C ILE G 737 -30.92 -9.09 -52.90
N GLY G 738 -31.42 -8.32 -51.93
CA GLY G 738 -32.68 -7.66 -52.03
C GLY G 738 -32.58 -6.14 -51.86
N LEU G 739 -33.74 -5.49 -51.96
CA LEU G 739 -33.84 -4.04 -51.91
C LEU G 739 -35.10 -3.65 -51.14
N VAL G 740 -34.94 -2.73 -50.20
CA VAL G 740 -36.04 -2.19 -49.42
C VAL G 740 -36.16 -0.70 -49.71
N THR G 741 -37.39 -0.21 -49.83
CA THR G 741 -37.63 1.21 -50.05
C THR G 741 -38.97 1.61 -49.46
N SER G 742 -39.13 2.91 -49.22
CA SER G 742 -40.34 3.47 -48.64
C SER G 742 -41.25 4.02 -49.72
N LEU G 743 -42.55 4.08 -49.40
CA LEU G 743 -43.57 4.59 -50.31
C LEU G 743 -44.38 5.67 -49.62
N SER G 744 -45.03 6.51 -50.43
CA SER G 744 -46.05 7.41 -49.92
C SER G 744 -47.34 6.64 -49.68
N GLU G 745 -48.16 7.12 -48.75
CA GLU G 745 -49.38 6.38 -48.41
C GLU G 745 -50.21 6.09 -49.66
N SER G 746 -50.30 7.06 -50.58
CA SER G 746 -51.03 6.82 -51.82
C SER G 746 -50.42 5.65 -52.60
N TRP G 747 -49.10 5.57 -52.66
CA TRP G 747 -48.46 4.54 -53.46
C TRP G 747 -48.65 3.17 -52.85
N TYR G 748 -48.57 3.08 -51.52
CA TYR G 748 -48.85 1.82 -50.84
C TYR G 748 -50.24 1.31 -51.16
N ASN G 749 -51.25 2.14 -50.95
CA ASN G 749 -52.63 1.71 -51.17
C ASN G 749 -52.83 1.20 -52.59
N LEU G 750 -52.33 1.93 -53.58
CA LEU G 750 -52.44 1.48 -54.96
C LEU G 750 -51.80 0.10 -55.12
N LEU G 751 -50.55 -0.04 -54.68
CA LEU G 751 -49.82 -1.29 -54.89
C LEU G 751 -50.43 -2.42 -54.07
N LEU G 752 -50.88 -2.13 -52.84
CA LEU G 752 -51.53 -3.16 -52.05
C LEU G 752 -52.80 -3.63 -52.75
N ASP G 753 -53.63 -2.68 -53.19
CA ASP G 753 -54.84 -3.04 -53.93
C ASP G 753 -54.50 -3.89 -55.15
N MET G 754 -53.38 -3.60 -55.80
CA MET G 754 -52.98 -4.39 -56.96
C MET G 754 -52.56 -5.80 -56.55
N GLN G 755 -51.88 -5.92 -55.42
CA GLN G 755 -51.45 -7.24 -54.96
C GLN G 755 -52.65 -8.16 -54.74
N ASN G 756 -53.59 -7.73 -53.90
CA ASN G 756 -54.78 -8.54 -53.64
C ASN G 756 -55.52 -8.84 -54.93
N ARG G 757 -55.46 -7.92 -55.90
CA ARG G 757 -56.00 -8.21 -57.22
C ARG G 757 -55.12 -9.21 -57.97
N LEU G 758 -53.79 -9.01 -57.90
CA LEU G 758 -52.89 -9.91 -58.61
C LEU G 758 -52.97 -11.32 -58.05
N ASN G 759 -53.16 -11.45 -56.73
CA ASN G 759 -53.19 -12.77 -56.13
C ASN G 759 -54.39 -13.58 -56.58
N LYS G 760 -55.52 -12.92 -56.84
CA LYS G 760 -56.69 -13.63 -57.35
C LYS G 760 -56.45 -14.11 -58.77
N VAL G 761 -55.57 -13.46 -59.51
CA VAL G 761 -55.33 -13.78 -60.91
C VAL G 761 -54.26 -14.85 -61.08
N ILE G 762 -53.19 -14.78 -60.28
CA ILE G 762 -51.99 -15.56 -60.50
C ILE G 762 -52.10 -16.92 -59.81
N LYS G 763 -51.73 -17.97 -60.53
CA LYS G 763 -51.70 -19.33 -59.98
C LYS G 763 -50.29 -19.65 -59.49
N SER G 764 -50.14 -19.96 -58.21
CA SER G 764 -48.86 -20.30 -57.63
C SER G 764 -48.62 -21.81 -57.72
N VAL G 765 -47.36 -22.20 -57.83
CA VAL G 765 -47.03 -23.62 -57.79
C VAL G 765 -47.39 -24.17 -56.41
N GLY G 766 -48.09 -25.29 -56.39
CA GLY G 766 -48.60 -25.87 -55.16
C GLY G 766 -49.86 -25.23 -54.61
N LYS G 767 -50.46 -24.28 -55.32
CA LYS G 767 -51.68 -23.60 -54.87
C LYS G 767 -51.50 -23.03 -53.46
N ILE G 768 -50.37 -22.34 -53.26
CA ILE G 768 -50.06 -21.71 -51.97
C ILE G 768 -50.55 -20.26 -51.97
N GLU G 769 -51.36 -19.92 -50.96
CA GLU G 769 -51.85 -18.55 -50.81
C GLU G 769 -50.69 -17.59 -50.55
N HIS G 770 -50.63 -16.52 -51.35
CA HIS G 770 -49.57 -15.53 -51.19
C HIS G 770 -49.60 -14.89 -49.81
N SER G 771 -50.79 -14.56 -49.32
CA SER G 771 -50.91 -13.94 -47.99
C SER G 771 -50.30 -14.85 -46.92
N PHE G 772 -50.50 -16.16 -47.05
CA PHE G 772 -49.93 -17.10 -46.08
C PHE G 772 -48.42 -17.09 -46.13
N TRP G 773 -47.84 -17.18 -47.34
CA TRP G 773 -46.39 -17.24 -47.49
C TRP G 773 -45.71 -16.02 -46.88
N ARG G 774 -46.20 -14.83 -47.21
CA ARG G 774 -45.55 -13.62 -46.72
C ARG G 774 -45.96 -13.24 -45.30
N SER G 775 -46.81 -14.02 -44.64
CA SER G 775 -47.17 -13.73 -43.26
C SER G 775 -45.98 -13.99 -42.33
N PHE G 776 -45.74 -13.04 -41.43
CA PHE G 776 -44.75 -13.18 -40.37
C PHE G 776 -44.91 -14.52 -39.67
N HIS G 777 -43.80 -15.20 -39.43
CA HIS G 777 -43.89 -16.57 -38.92
C HIS G 777 -42.68 -16.97 -38.09
N THR G 778 -42.94 -17.27 -36.81
CA THR G 778 -42.01 -17.96 -35.94
C THR G 778 -42.65 -19.29 -35.53
N GLU G 779 -41.87 -20.16 -34.88
CA GLU G 779 -42.47 -21.39 -34.39
C GLU G 779 -43.64 -21.12 -33.45
N ARG G 780 -43.70 -19.93 -32.85
CA ARG G 780 -44.70 -19.65 -31.83
C ARG G 780 -45.85 -18.78 -32.29
N LYS G 781 -45.65 -17.83 -33.22
CA LYS G 781 -46.74 -16.99 -33.69
C LYS G 781 -46.71 -16.90 -35.21
N THR G 782 -47.88 -16.64 -35.79
CA THR G 782 -48.01 -16.37 -37.22
C THR G 782 -49.01 -15.22 -37.37
N GLU G 783 -48.52 -14.07 -37.83
CA GLU G 783 -49.34 -12.89 -38.07
C GLU G 783 -49.28 -12.52 -39.54
N PRO G 784 -50.33 -11.90 -40.08
CA PRO G 784 -50.29 -11.46 -41.49
C PRO G 784 -49.36 -10.27 -41.70
N ALA G 785 -48.78 -10.22 -42.90
CA ALA G 785 -47.84 -9.16 -43.25
C ALA G 785 -48.54 -7.81 -43.24
N THR G 786 -47.77 -6.76 -42.91
CA THR G 786 -48.32 -5.41 -42.90
C THR G 786 -47.20 -4.41 -43.17
N GLY G 787 -47.55 -3.34 -43.90
CA GLY G 787 -46.59 -2.28 -44.17
C GLY G 787 -45.57 -2.60 -45.23
N PHE G 788 -45.77 -3.69 -45.97
CA PHE G 788 -44.79 -4.16 -46.94
C PHE G 788 -45.49 -4.57 -48.23
N ILE G 789 -44.87 -4.21 -49.35
CA ILE G 789 -45.32 -4.60 -50.68
C ILE G 789 -44.33 -5.62 -51.24
N ASP G 790 -44.82 -6.79 -51.63
CA ASP G 790 -43.96 -7.79 -52.26
C ASP G 790 -43.63 -7.34 -53.67
N GLY G 791 -42.51 -6.62 -53.83
CA GLY G 791 -42.17 -6.06 -55.13
C GLY G 791 -42.04 -7.10 -56.23
N ASP G 792 -41.68 -8.34 -55.86
CA ASP G 792 -41.62 -9.39 -56.86
C ASP G 792 -43.00 -9.77 -57.37
N LEU G 793 -44.04 -9.59 -56.54
CA LEU G 793 -45.41 -9.80 -57.02
C LEU G 793 -45.86 -8.65 -57.91
N ILE G 794 -45.59 -7.42 -57.50
CA ILE G 794 -45.95 -6.26 -58.33
C ILE G 794 -45.24 -6.33 -59.68
N GLU G 795 -43.95 -6.71 -59.69
CA GLU G 795 -43.20 -6.74 -60.93
C GLU G 795 -43.61 -7.88 -61.85
N SER G 796 -44.50 -8.77 -61.41
CA SER G 796 -45.01 -9.83 -62.27
C SER G 796 -46.21 -9.38 -63.10
N PHE G 797 -46.82 -8.24 -62.78
CA PHE G 797 -47.90 -7.69 -63.60
C PHE G 797 -47.47 -7.52 -65.05
N LEU G 798 -46.21 -7.20 -65.30
CA LEU G 798 -45.74 -7.01 -66.67
C LEU G 798 -45.66 -8.30 -67.47
N ASP G 799 -45.76 -9.46 -66.81
CA ASP G 799 -45.61 -10.74 -67.49
C ASP G 799 -46.93 -11.47 -67.68
N ILE G 800 -48.05 -10.91 -67.22
CA ILE G 800 -49.33 -11.59 -67.33
C ILE G 800 -50.01 -11.21 -68.63
N SER G 801 -50.83 -12.13 -69.14
CA SER G 801 -51.50 -11.93 -70.42
C SER G 801 -52.48 -10.77 -70.33
N ARG G 802 -52.78 -10.20 -71.48
CA ARG G 802 -53.70 -9.05 -71.55
C ARG G 802 -55.04 -9.32 -70.90
N PRO G 803 -55.69 -10.46 -71.11
CA PRO G 803 -57.00 -10.69 -70.45
C PRO G 803 -56.96 -10.46 -68.95
N LYS G 804 -55.87 -10.88 -68.31
CA LYS G 804 -55.75 -10.77 -66.85
C LYS G 804 -55.39 -9.36 -66.40
N MET G 805 -54.64 -8.61 -67.19
CA MET G 805 -54.45 -7.20 -66.86
C MET G 805 -55.79 -6.49 -66.73
N GLN G 806 -56.74 -6.80 -67.61
CA GLN G 806 -58.06 -6.18 -67.52
C GLN G 806 -58.78 -6.59 -66.23
N GLU G 807 -58.59 -7.83 -65.79
CA GLU G 807 -59.15 -8.24 -64.51
C GLU G 807 -58.59 -7.39 -63.38
N VAL G 808 -57.31 -7.03 -63.47
CA VAL G 808 -56.67 -6.28 -62.40
C VAL G 808 -57.17 -4.84 -62.36
N VAL G 809 -57.33 -4.20 -63.53
CA VAL G 809 -57.67 -2.78 -63.54
C VAL G 809 -59.17 -2.53 -63.44
N ALA G 810 -60.00 -3.56 -63.50
CA ALA G 810 -61.44 -3.38 -63.37
C ALA G 810 -61.75 -2.75 -62.01
N ASN G 811 -62.49 -1.63 -62.03
CA ASN G 811 -62.98 -0.99 -60.82
C ASN G 811 -61.85 -0.40 -59.98
N LEU G 812 -60.73 -0.06 -60.62
CA LEU G 812 -59.53 0.39 -59.93
C LEU G 812 -59.40 1.91 -59.96
N GLN G 813 -59.04 2.48 -58.81
CA GLN G 813 -58.86 3.93 -58.68
C GLN G 813 -57.38 4.25 -58.52
N TYR G 814 -56.89 5.18 -59.34
CA TYR G 814 -55.49 5.60 -59.36
C TYR G 814 -55.41 7.07 -58.98
N ASP G 815 -54.32 7.42 -58.31
CA ASP G 815 -54.07 8.79 -57.85
C ASP G 815 -53.06 9.38 -58.83
N ASP G 816 -53.58 10.09 -59.83
CA ASP G 816 -52.80 10.66 -60.92
C ASP G 816 -52.53 12.13 -60.61
N GLY G 817 -51.37 12.39 -60.02
CA GLY G 817 -50.94 13.71 -59.61
C GLY G 817 -51.04 13.99 -58.13
N SER G 818 -52.11 14.67 -57.70
CA SER G 818 -52.34 14.91 -56.27
C SER G 818 -53.83 15.21 -56.11
N GLY G 819 -54.61 14.19 -55.78
CA GLY G 819 -56.01 14.34 -55.47
C GLY G 819 -56.95 14.00 -56.62
N MET G 820 -56.49 14.10 -57.86
CA MET G 820 -57.34 13.82 -59.02
C MET G 820 -57.39 12.30 -59.12
N LYS G 821 -58.51 11.73 -58.69
CA LYS G 821 -58.72 10.29 -58.70
C LYS G 821 -59.52 9.84 -59.90
N ARG G 822 -58.96 8.89 -60.65
CA ARG G 822 -59.52 8.41 -61.90
C ARG G 822 -59.29 6.92 -62.07
N GLU G 823 -60.26 6.25 -62.69
CA GLU G 823 -60.10 4.82 -62.93
C GLU G 823 -58.84 4.55 -63.75
N ALA G 824 -58.16 3.46 -63.40
CA ALA G 824 -56.92 3.09 -64.05
C ALA G 824 -57.16 2.13 -65.20
N THR G 825 -56.36 2.29 -66.25
CA THR G 825 -56.32 1.39 -67.39
C THR G 825 -55.08 0.51 -67.29
N ALA G 826 -55.06 -0.56 -68.08
CA ALA G 826 -53.87 -1.42 -68.10
C ALA G 826 -52.63 -0.62 -68.47
N ASP G 827 -52.79 0.42 -69.29
CA ASP G 827 -51.66 1.26 -69.65
C ASP G 827 -51.24 2.16 -68.48
N ASP G 828 -52.17 2.48 -67.57
CA ASP G 828 -51.78 3.24 -66.38
C ASP G 828 -50.88 2.43 -65.47
N LEU G 829 -51.22 1.16 -65.25
CA LEU G 829 -50.47 0.34 -64.31
C LEU G 829 -49.14 -0.13 -64.89
N ILE G 830 -49.09 -0.41 -66.20
CA ILE G 830 -47.81 -0.77 -66.81
C ILE G 830 -46.82 0.37 -66.67
N LYS G 831 -47.30 1.62 -66.74
CA LYS G 831 -46.43 2.76 -66.48
C LYS G 831 -45.97 2.75 -65.03
N VAL G 832 -46.88 2.41 -64.11
CA VAL G 832 -46.54 2.38 -62.69
C VAL G 832 -45.54 1.27 -62.40
N VAL G 833 -45.81 0.07 -62.90
CA VAL G 833 -44.93 -1.06 -62.60
C VAL G 833 -43.56 -0.87 -63.23
N GLU G 834 -43.51 -0.44 -64.50
CA GLU G 834 -42.23 -0.29 -65.17
C GLU G 834 -41.34 0.76 -64.49
N GLU G 835 -41.93 1.82 -63.92
CA GLU G 835 -41.10 2.76 -63.18
C GLU G 835 -40.54 2.13 -61.90
N LEU G 836 -41.28 1.21 -61.28
CA LEU G 836 -40.81 0.56 -60.07
C LEU G 836 -39.71 -0.46 -60.33
N THR G 837 -39.60 -0.98 -61.56
CA THR G 837 -38.52 -1.90 -61.89
C THR G 837 -37.19 -1.20 -62.10
N ARG G 838 -37.16 0.14 -62.10
CA ARG G 838 -35.94 0.89 -62.34
C ARG G 838 -35.16 1.16 -61.06
N ILE G 839 -35.64 0.68 -59.91
CA ILE G 839 -34.91 0.88 -58.66
C ILE G 839 -33.79 -0.13 -58.47
N HIS G 840 -33.63 -1.07 -59.39
CA HIS G 840 -32.58 -2.07 -59.29
C HIS G 840 -32.15 -2.54 -60.67
N THR H 7 -34.85 2.47 9.85
CA THR H 7 -34.83 1.03 10.09
C THR H 7 -35.13 0.27 8.80
N GLU H 8 -35.10 -1.06 8.89
CA GLU H 8 -35.36 -1.91 7.74
C GLU H 8 -36.81 -1.85 7.26
N SER H 9 -37.74 -1.37 8.10
CA SER H 9 -39.16 -1.46 7.82
C SER H 9 -39.79 -0.17 7.29
N ASP H 10 -39.09 0.96 7.35
CA ASP H 10 -39.70 2.25 7.03
C ASP H 10 -39.67 2.47 5.52
N TRP H 11 -40.62 1.84 4.85
CA TRP H 11 -40.72 1.92 3.41
C TRP H 11 -41.35 3.22 2.99
N GLY H 12 -41.13 3.59 1.72
CA GLY H 12 -41.75 4.76 1.17
C GLY H 12 -41.06 6.06 1.48
N LYS H 13 -40.03 6.05 2.33
CA LYS H 13 -39.33 7.26 2.72
C LYS H 13 -38.03 7.45 1.94
N ARG H 14 -37.21 6.41 1.83
CA ARG H 14 -35.95 6.49 1.11
C ARG H 14 -36.17 6.87 -0.35
N CYS H 15 -35.27 7.70 -0.87
CA CYS H 15 -35.41 8.27 -2.20
C CYS H 15 -34.78 7.38 -3.25
N VAL H 16 -35.32 7.46 -4.47
CA VAL H 16 -34.77 6.71 -5.59
C VAL H 16 -33.42 7.23 -6.04
N ASP H 17 -32.95 8.35 -5.49
CA ASP H 17 -31.59 8.80 -5.75
C ASP H 17 -30.57 7.74 -5.38
N LYS H 18 -30.89 6.84 -4.46
CA LYS H 18 -30.00 5.78 -4.03
C LYS H 18 -29.81 4.70 -5.09
N PHE H 19 -30.47 4.82 -6.25
CA PHE H 19 -30.32 3.88 -7.36
C PHE H 19 -29.86 4.59 -8.63
N ASP H 20 -28.91 3.97 -9.33
CA ASP H 20 -28.56 4.37 -10.68
C ASP H 20 -29.46 3.64 -11.67
N ILE H 21 -30.24 4.39 -12.45
CA ILE H 21 -31.16 3.78 -13.40
C ILE H 21 -30.35 3.30 -14.61
N ILE H 22 -30.54 2.04 -14.99
CA ILE H 22 -29.79 1.46 -16.11
C ILE H 22 -30.55 1.55 -17.41
N GLY H 23 -31.85 1.28 -17.37
CA GLY H 23 -32.67 1.34 -18.56
C GLY H 23 -34.05 0.81 -18.27
N ILE H 24 -34.88 0.79 -19.30
CA ILE H 24 -36.26 0.33 -19.19
C ILE H 24 -36.33 -1.12 -19.66
N ILE H 25 -36.75 -2.01 -18.75
CA ILE H 25 -36.77 -3.42 -19.07
C ILE H 25 -38.13 -3.89 -19.62
N GLY H 26 -39.21 -3.17 -19.36
CA GLY H 26 -40.49 -3.59 -19.86
C GLY H 26 -41.59 -2.62 -19.49
N GLU H 27 -42.71 -2.75 -20.20
CA GLU H 27 -43.94 -2.06 -19.88
C GLU H 27 -44.77 -2.94 -18.95
N GLY H 28 -45.05 -2.44 -17.75
CA GLY H 28 -45.81 -3.18 -16.76
C GLY H 28 -47.29 -2.92 -16.89
N THR H 29 -48.04 -3.38 -15.88
CA THR H 29 -49.48 -3.16 -15.90
C THR H 29 -49.81 -1.73 -15.48
N TYR H 30 -49.19 -1.25 -14.39
CA TYR H 30 -49.52 0.05 -13.83
C TYR H 30 -48.45 1.11 -14.06
N GLY H 31 -47.33 0.75 -14.69
CA GLY H 31 -46.27 1.70 -14.96
C GLY H 31 -45.05 0.99 -15.49
N GLN H 32 -44.10 1.77 -15.98
CA GLN H 32 -42.90 1.22 -16.58
C GLN H 32 -42.03 0.53 -15.52
N VAL H 33 -41.36 -0.53 -15.95
CA VAL H 33 -40.43 -1.29 -15.10
C VAL H 33 -39.02 -0.96 -15.57
N TYR H 34 -38.15 -0.59 -14.63
CA TYR H 34 -36.79 -0.17 -14.94
C TYR H 34 -35.79 -1.10 -14.25
N LYS H 35 -34.63 -1.31 -14.88
CA LYS H 35 -33.51 -2.04 -14.28
C LYS H 35 -32.55 -1.04 -13.65
N ALA H 36 -32.03 -1.36 -12.47
CA ALA H 36 -31.20 -0.39 -11.77
C ALA H 36 -30.17 -1.06 -10.87
N LYS H 37 -29.18 -0.27 -10.44
CA LYS H 37 -28.11 -0.68 -9.53
C LYS H 37 -28.17 0.15 -8.25
N ASP H 38 -28.09 -0.53 -7.11
CA ASP H 38 -28.01 0.13 -5.82
C ASP H 38 -26.65 0.79 -5.60
N LYS H 39 -26.66 2.08 -5.26
CA LYS H 39 -25.40 2.81 -5.13
C LYS H 39 -24.57 2.30 -3.95
N ASP H 40 -25.21 1.89 -2.86
CA ASP H 40 -24.45 1.48 -1.67
C ASP H 40 -23.97 0.04 -1.80
N THR H 41 -24.88 -0.87 -2.17
CA THR H 41 -24.57 -2.30 -2.18
C THR H 41 -24.09 -2.82 -3.53
N GLY H 42 -24.50 -2.20 -4.63
CA GLY H 42 -24.20 -2.71 -5.95
C GLY H 42 -25.16 -3.75 -6.46
N GLU H 43 -26.16 -4.14 -5.69
CA GLU H 43 -27.10 -5.16 -6.13
C GLU H 43 -27.92 -4.65 -7.31
N LEU H 44 -28.22 -5.54 -8.24
CA LEU H 44 -29.12 -5.22 -9.33
C LEU H 44 -30.56 -5.42 -8.87
N VAL H 45 -31.42 -4.45 -9.21
CA VAL H 45 -32.82 -4.48 -8.83
C VAL H 45 -33.66 -4.14 -10.05
N ALA H 46 -34.96 -4.33 -9.90
CA ALA H 46 -35.95 -3.87 -10.86
C ALA H 46 -36.93 -2.96 -10.11
N LEU H 47 -37.28 -1.84 -10.74
CA LEU H 47 -38.15 -0.83 -10.13
C LEU H 47 -39.44 -0.75 -10.93
N LYS H 48 -40.55 -1.09 -10.30
CA LYS H 48 -41.87 -0.86 -10.89
C LYS H 48 -42.30 0.55 -10.51
N LYS H 49 -42.40 1.44 -11.52
CA LYS H 49 -42.76 2.82 -11.25
C LYS H 49 -44.26 2.89 -11.05
N VAL H 50 -44.69 3.50 -9.96
CA VAL H 50 -46.10 3.67 -9.65
C VAL H 50 -46.40 5.14 -9.83
N ARG H 51 -47.23 5.45 -10.81
CA ARG H 51 -47.58 6.82 -11.16
C ARG H 51 -48.98 7.08 -10.65
N LEU H 52 -49.11 8.05 -9.74
CA LEU H 52 -50.41 8.57 -9.36
C LEU H 52 -50.63 9.99 -9.88
N ASP H 53 -49.79 10.42 -10.83
CA ASP H 53 -49.97 11.74 -11.41
C ASP H 53 -51.29 11.83 -12.16
N ASN H 54 -51.78 10.71 -12.72
CA ASN H 54 -53.12 10.72 -13.32
C ASN H 54 -54.17 10.96 -12.24
N GLU H 55 -54.03 10.32 -11.07
CA GLU H 55 -54.89 10.58 -9.91
C GLU H 55 -56.37 10.42 -10.28
N LYS H 56 -56.64 9.60 -11.30
CA LYS H 56 -58.02 9.24 -11.61
C LYS H 56 -58.70 8.68 -10.37
N GLU H 57 -58.06 7.71 -9.73
CA GLU H 57 -58.50 7.18 -8.44
C GLU H 57 -57.33 7.02 -7.47
N GLY H 58 -56.26 7.81 -7.67
CA GLY H 58 -55.13 7.75 -6.76
C GLY H 58 -54.26 6.54 -6.96
N PHE H 59 -53.68 6.05 -5.87
CA PHE H 59 -52.78 4.91 -5.93
C PHE H 59 -53.47 3.71 -6.58
N PRO H 60 -52.90 3.13 -7.62
CA PRO H 60 -53.57 2.02 -8.32
C PRO H 60 -53.78 0.81 -7.41
N ILE H 61 -54.91 0.14 -7.60
CA ILE H 61 -55.16 -1.08 -6.83
C ILE H 61 -54.25 -2.20 -7.30
N THR H 62 -53.95 -2.26 -8.61
CA THR H 62 -53.03 -3.28 -9.11
C THR H 62 -51.75 -3.31 -8.28
N ALA H 63 -51.20 -2.13 -7.99
CA ALA H 63 -50.02 -2.06 -7.12
C ALA H 63 -50.38 -2.34 -5.66
N ILE H 64 -51.53 -1.83 -5.19
CA ILE H 64 -51.90 -2.08 -3.80
C ILE H 64 -51.95 -3.58 -3.52
N ARG H 65 -52.51 -4.35 -4.46
CA ARG H 65 -52.55 -5.79 -4.28
C ARG H 65 -51.14 -6.37 -4.22
N GLU H 66 -50.26 -5.93 -5.13
CA GLU H 66 -48.93 -6.50 -5.17
C GLU H 66 -48.13 -6.14 -3.92
N ILE H 67 -48.39 -4.97 -3.34
CA ILE H 67 -47.74 -4.61 -2.09
C ILE H 67 -48.36 -5.37 -0.93
N LYS H 68 -49.70 -5.38 -0.88
CA LYS H 68 -50.40 -6.06 0.20
C LYS H 68 -50.04 -7.53 0.26
N ILE H 69 -49.91 -8.16 -0.90
CA ILE H 69 -49.74 -9.60 -0.95
C ILE H 69 -48.29 -10.01 -0.85
N LEU H 70 -47.37 -9.30 -1.51
CA LEU H 70 -45.98 -9.73 -1.52
C LEU H 70 -45.22 -9.39 -0.25
N ARG H 71 -45.74 -8.50 0.60
CA ARG H 71 -45.15 -8.35 1.93
C ARG H 71 -45.58 -9.47 2.87
N GLN H 72 -46.56 -10.26 2.45
CA GLN H 72 -46.99 -11.44 3.20
C GLN H 72 -46.32 -12.70 2.71
N LEU H 73 -45.94 -12.74 1.43
CA LEU H 73 -45.45 -13.96 0.80
C LEU H 73 -43.93 -13.97 0.79
N ILE H 74 -43.35 -14.99 1.41
CA ILE H 74 -41.91 -15.19 1.48
C ILE H 74 -41.66 -16.62 1.00
N HIS H 75 -41.13 -16.76 -0.21
CA HIS H 75 -40.81 -18.08 -0.73
C HIS H 75 -39.70 -17.94 -1.76
N ARG H 76 -38.88 -18.99 -1.87
CA ARG H 76 -37.77 -18.95 -2.81
C ARG H 76 -38.25 -18.80 -4.24
N SER H 77 -39.45 -19.30 -4.54
CA SER H 77 -39.99 -19.28 -5.90
C SER H 77 -41.03 -18.19 -6.11
N VAL H 78 -41.19 -17.28 -5.17
CA VAL H 78 -42.10 -16.14 -5.32
C VAL H 78 -41.27 -14.88 -5.30
N VAL H 79 -41.48 -14.02 -6.32
CA VAL H 79 -40.67 -12.82 -6.43
C VAL H 79 -40.76 -12.03 -5.13
N ASN H 80 -39.65 -11.44 -4.73
CA ASN H 80 -39.52 -10.77 -3.45
C ASN H 80 -39.49 -9.26 -3.63
N MET H 81 -40.35 -8.56 -2.90
CA MET H 81 -40.36 -7.10 -2.87
C MET H 81 -39.46 -6.61 -1.73
N LYS H 82 -38.42 -5.88 -2.08
CA LYS H 82 -37.37 -5.47 -1.14
C LYS H 82 -37.71 -4.19 -0.37
N GLU H 83 -38.17 -3.14 -1.04
CA GLU H 83 -38.61 -1.93 -0.35
C GLU H 83 -39.36 -1.06 -1.34
N ILE H 84 -39.83 0.09 -0.86
CA ILE H 84 -40.52 1.08 -1.68
C ILE H 84 -39.83 2.43 -1.48
N VAL H 85 -39.49 3.08 -2.58
CA VAL H 85 -38.80 4.36 -2.59
C VAL H 85 -39.63 5.35 -3.39
N THR H 86 -39.29 6.62 -3.23
CA THR H 86 -40.09 7.70 -3.80
C THR H 86 -39.20 8.65 -4.59
N ASP H 87 -39.82 9.38 -5.51
CA ASP H 87 -39.13 10.46 -6.17
C ASP H 87 -38.78 11.54 -5.14
N LYS H 88 -37.75 12.32 -5.44
CA LYS H 88 -37.33 13.40 -4.55
C LYS H 88 -38.50 14.32 -4.27
N GLN H 89 -38.85 14.47 -2.99
CA GLN H 89 -39.96 15.33 -2.58
C GLN H 89 -39.52 16.79 -2.53
N ASP H 90 -39.08 17.31 -3.67
CA ASP H 90 -38.55 18.67 -3.72
C ASP H 90 -39.62 19.73 -3.48
N ALA H 91 -40.89 19.43 -3.75
CA ALA H 91 -41.93 20.44 -3.58
C ALA H 91 -42.11 20.72 -2.10
N LEU H 92 -42.19 22.01 -1.75
CA LEU H 92 -42.28 22.38 -0.34
C LEU H 92 -43.61 21.96 0.28
N ASP H 93 -44.66 21.89 -0.53
CA ASP H 93 -46.00 21.53 -0.10
C ASP H 93 -46.32 20.14 -0.62
N PHE H 94 -46.94 19.31 0.23
CA PHE H 94 -47.33 17.98 -0.21
C PHE H 94 -48.50 18.00 -1.16
N LYS H 95 -49.15 19.13 -1.33
CA LYS H 95 -50.23 19.25 -2.30
C LYS H 95 -49.64 19.40 -3.69
N LYS H 96 -48.46 20.01 -3.80
CA LYS H 96 -47.79 20.19 -5.07
C LYS H 96 -47.02 18.94 -5.54
N ASP H 97 -46.81 17.97 -4.65
CA ASP H 97 -46.00 16.81 -4.98
C ASP H 97 -46.77 15.89 -5.91
N LYS H 98 -46.25 15.73 -7.13
CA LYS H 98 -46.79 14.81 -8.12
C LYS H 98 -45.84 13.63 -8.36
N GLY H 99 -44.83 13.48 -7.52
CA GLY H 99 -43.86 12.43 -7.70
C GLY H 99 -44.44 11.04 -7.52
N ALA H 100 -43.73 10.07 -8.10
CA ALA H 100 -44.17 8.69 -8.13
C ALA H 100 -43.44 7.86 -7.07
N PHE H 101 -43.92 6.64 -6.89
CA PHE H 101 -43.28 5.65 -6.04
C PHE H 101 -42.72 4.54 -6.90
N TYR H 102 -41.75 3.82 -6.34
CA TYR H 102 -41.09 2.73 -7.04
C TYR H 102 -41.08 1.50 -6.14
N LEU H 103 -41.52 0.37 -6.68
CA LEU H 103 -41.46 -0.91 -5.99
C LEU H 103 -40.16 -1.61 -6.37
N VAL H 104 -39.30 -1.84 -5.39
CA VAL H 104 -37.96 -2.38 -5.62
C VAL H 104 -38.01 -3.89 -5.51
N PHE H 105 -37.59 -4.57 -6.58
CA PHE H 105 -37.49 -6.02 -6.61
C PHE H 105 -36.05 -6.44 -6.90
N GLU H 106 -35.75 -7.69 -6.57
CA GLU H 106 -34.58 -8.36 -7.13
C GLU H 106 -34.71 -8.48 -8.65
N TYR H 107 -33.60 -8.28 -9.35
CA TYR H 107 -33.57 -8.37 -10.81
C TYR H 107 -33.36 -9.81 -11.26
N MET H 108 -34.22 -10.29 -12.14
CA MET H 108 -34.07 -11.60 -12.75
C MET H 108 -33.54 -11.47 -14.16
N ASP H 109 -32.61 -12.36 -14.52
CA ASP H 109 -31.88 -12.22 -15.77
C ASP H 109 -32.84 -12.26 -16.96
N HIS H 110 -33.74 -13.24 -16.95
CA HIS H 110 -34.64 -13.44 -18.08
C HIS H 110 -36.06 -13.72 -17.59
N ASP H 111 -37.00 -13.55 -18.50
CA ASP H 111 -38.36 -14.05 -18.37
C ASP H 111 -38.54 -15.17 -19.40
N LEU H 112 -39.43 -16.11 -19.09
CA LEU H 112 -39.57 -17.29 -19.92
C LEU H 112 -40.07 -16.95 -21.31
N MET H 113 -41.05 -16.04 -21.43
CA MET H 113 -41.52 -15.66 -22.75
C MET H 113 -40.36 -15.17 -23.61
N GLY H 114 -39.51 -14.32 -23.06
CA GLY H 114 -38.35 -13.87 -23.79
C GLY H 114 -37.45 -15.03 -24.21
N LEU H 115 -37.20 -15.96 -23.28
CA LEU H 115 -36.27 -17.05 -23.58
C LEU H 115 -36.81 -18.03 -24.61
N LEU H 116 -38.09 -18.34 -24.56
CA LEU H 116 -38.61 -19.33 -25.50
C LEU H 116 -38.76 -18.71 -26.88
N GLU H 117 -39.37 -17.53 -26.96
CA GLU H 117 -39.66 -16.91 -28.23
C GLU H 117 -38.42 -16.83 -29.12
N SER H 118 -37.34 -16.26 -28.62
CA SER H 118 -36.16 -16.03 -29.42
C SER H 118 -35.09 -17.10 -29.33
N GLY H 119 -34.35 -17.08 -28.22
CA GLY H 119 -33.24 -17.97 -27.99
C GLY H 119 -33.33 -19.40 -28.47
N LEU H 120 -34.53 -19.93 -28.65
CA LEU H 120 -34.66 -21.34 -29.01
C LEU H 120 -33.82 -22.18 -28.06
N VAL H 121 -33.97 -21.89 -26.77
CA VAL H 121 -33.20 -22.57 -25.75
C VAL H 121 -33.69 -24.00 -25.64
N HIS H 122 -32.77 -24.92 -25.38
CA HIS H 122 -33.13 -26.32 -25.23
C HIS H 122 -33.53 -26.58 -23.78
N PHE H 123 -34.64 -27.31 -23.62
CA PHE H 123 -35.17 -27.71 -22.33
C PHE H 123 -35.27 -29.22 -22.32
N SER H 124 -34.41 -29.87 -21.54
CA SER H 124 -34.47 -31.32 -21.37
C SER H 124 -35.53 -31.67 -20.33
N GLU H 125 -35.79 -32.97 -20.20
CA GLU H 125 -36.71 -33.41 -19.16
C GLU H 125 -36.27 -32.93 -17.78
N ASP H 126 -34.99 -33.13 -17.46
CA ASP H 126 -34.50 -32.71 -16.15
C ASP H 126 -34.65 -31.20 -15.95
N HIS H 127 -34.50 -30.42 -17.02
CA HIS H 127 -34.70 -28.98 -16.90
C HIS H 127 -36.15 -28.66 -16.55
N ILE H 128 -37.09 -29.38 -17.16
CA ILE H 128 -38.50 -29.15 -16.86
C ILE H 128 -38.82 -29.62 -15.45
N LYS H 129 -38.26 -30.75 -15.03
CA LYS H 129 -38.46 -31.19 -13.64
C LYS H 129 -37.99 -30.12 -12.66
N SER H 130 -36.77 -29.59 -12.86
CA SER H 130 -36.27 -28.55 -11.97
C SER H 130 -37.13 -27.29 -12.05
N PHE H 131 -37.67 -26.99 -13.23
CA PHE H 131 -38.51 -25.82 -13.42
C PHE H 131 -39.86 -25.98 -12.74
N MET H 132 -40.59 -27.05 -13.07
CA MET H 132 -41.94 -27.21 -12.56
C MET H 132 -41.97 -27.36 -11.05
N LYS H 133 -41.01 -28.11 -10.49
CA LYS H 133 -41.05 -28.30 -9.04
C LYS H 133 -40.99 -26.95 -8.33
N GLN H 134 -40.16 -26.04 -8.85
CA GLN H 134 -40.10 -24.70 -8.27
C GLN H 134 -41.40 -23.95 -8.51
N LEU H 135 -41.89 -23.96 -9.76
CA LEU H 135 -43.12 -23.22 -10.05
C LEU H 135 -44.26 -23.72 -9.17
N MET H 136 -44.47 -25.04 -9.14
CA MET H 136 -45.59 -25.58 -8.36
C MET H 136 -45.39 -25.39 -6.86
N GLU H 137 -44.15 -25.45 -6.37
CA GLU H 137 -43.93 -25.18 -4.95
C GLU H 137 -44.35 -23.75 -4.60
N GLY H 138 -44.03 -22.79 -5.46
CA GLY H 138 -44.49 -21.45 -5.24
C GLY H 138 -46.01 -21.35 -5.28
N LEU H 139 -46.63 -22.00 -6.25
CA LEU H 139 -48.09 -21.93 -6.36
C LEU H 139 -48.74 -22.48 -5.10
N GLU H 140 -48.21 -23.57 -4.55
CA GLU H 140 -48.79 -24.15 -3.35
C GLU H 140 -48.65 -23.19 -2.16
N TYR H 141 -47.51 -22.51 -2.05
CA TYR H 141 -47.35 -21.56 -0.96
C TYR H 141 -48.45 -20.51 -1.02
N CYS H 142 -48.65 -19.93 -2.20
CA CYS H 142 -49.66 -18.89 -2.39
C CYS H 142 -51.07 -19.43 -2.22
N HIS H 143 -51.35 -20.60 -2.80
CA HIS H 143 -52.66 -21.20 -2.62
C HIS H 143 -52.89 -21.61 -1.17
N LYS H 144 -51.82 -22.04 -0.49
CA LYS H 144 -51.91 -22.33 0.95
C LYS H 144 -52.29 -21.07 1.73
N LYS H 145 -51.79 -19.91 1.29
CA LYS H 145 -52.14 -18.64 1.93
C LYS H 145 -53.42 -18.04 1.37
N ASN H 146 -54.16 -18.78 0.53
CA ASN H 146 -55.47 -18.40 0.03
C ASN H 146 -55.43 -17.15 -0.86
N PHE H 147 -54.45 -17.12 -1.76
CA PHE H 147 -54.30 -16.07 -2.77
C PHE H 147 -54.32 -16.72 -4.15
N LEU H 148 -54.92 -16.04 -5.13
CA LEU H 148 -54.99 -16.52 -6.51
C LEU H 148 -54.20 -15.60 -7.42
N HIS H 149 -53.25 -16.15 -8.18
CA HIS H 149 -52.41 -15.31 -9.03
C HIS H 149 -53.24 -14.61 -10.10
N ARG H 150 -53.98 -15.37 -10.88
CA ARG H 150 -54.98 -14.90 -11.83
C ARG H 150 -54.36 -14.28 -13.07
N ASP H 151 -53.02 -14.20 -13.16
CA ASP H 151 -52.36 -13.75 -14.37
C ASP H 151 -51.09 -14.57 -14.60
N ILE H 152 -51.25 -15.87 -14.79
CA ILE H 152 -50.12 -16.76 -15.02
C ILE H 152 -49.87 -16.86 -16.52
N LYS H 153 -48.77 -16.27 -16.98
CA LYS H 153 -48.32 -16.39 -18.35
C LYS H 153 -46.83 -16.72 -18.33
N CYS H 154 -46.28 -17.01 -19.51
CA CYS H 154 -44.86 -17.27 -19.58
C CYS H 154 -44.04 -16.02 -19.26
N SER H 155 -44.55 -14.84 -19.62
CA SER H 155 -43.82 -13.61 -19.34
C SER H 155 -43.72 -13.32 -17.85
N ASN H 156 -44.68 -13.77 -17.03
CA ASN H 156 -44.66 -13.53 -15.60
C ASN H 156 -43.88 -14.57 -14.81
N ILE H 157 -43.23 -15.51 -15.47
CA ILE H 157 -42.31 -16.45 -14.82
C ILE H 157 -40.90 -15.95 -15.09
N LEU H 158 -40.17 -15.61 -14.02
CA LEU H 158 -38.84 -15.06 -14.16
C LEU H 158 -37.79 -16.12 -13.90
N LEU H 159 -36.69 -16.03 -14.62
CA LEU H 159 -35.66 -17.06 -14.64
C LEU H 159 -34.29 -16.40 -14.76
N ASN H 160 -33.48 -16.51 -13.72
CA ASN H 160 -32.08 -16.11 -13.79
C ASN H 160 -31.20 -17.34 -13.95
N ASN H 161 -29.95 -17.10 -14.37
CA ASN H 161 -29.12 -18.17 -14.92
C ASN H 161 -28.84 -19.31 -13.95
N SER H 162 -28.95 -19.11 -12.64
CA SER H 162 -28.71 -20.25 -11.75
C SER H 162 -29.75 -21.35 -11.89
N GLY H 163 -30.82 -21.12 -12.64
CA GLY H 163 -31.91 -22.06 -12.71
C GLY H 163 -33.03 -21.80 -11.71
N GLN H 164 -32.88 -20.82 -10.83
CA GLN H 164 -33.95 -20.47 -9.91
C GLN H 164 -35.10 -19.78 -10.64
N ILE H 165 -36.32 -20.19 -10.31
CA ILE H 165 -37.55 -19.66 -10.89
C ILE H 165 -38.31 -18.85 -9.84
N LYS H 166 -38.94 -17.76 -10.28
CA LYS H 166 -39.77 -16.92 -9.42
C LYS H 166 -40.99 -16.42 -10.19
N LEU H 167 -42.15 -16.46 -9.53
CA LEU H 167 -43.41 -15.91 -10.05
C LEU H 167 -43.46 -14.41 -9.77
N ALA H 168 -44.16 -13.69 -10.66
CA ALA H 168 -43.87 -12.26 -10.76
C ALA H 168 -44.99 -11.24 -10.61
N ASP H 169 -46.00 -11.26 -11.47
CA ASP H 169 -46.97 -10.16 -11.51
C ASP H 169 -48.24 -10.48 -10.72
N PHE H 170 -48.20 -10.16 -9.42
CA PHE H 170 -49.34 -10.32 -8.52
C PHE H 170 -50.30 -9.12 -8.53
N GLY H 171 -50.35 -8.38 -9.63
CA GLY H 171 -51.28 -7.25 -9.72
C GLY H 171 -52.75 -7.62 -9.73
N LEU H 172 -53.09 -8.82 -10.16
CA LEU H 172 -54.46 -9.28 -10.26
C LEU H 172 -54.80 -10.29 -9.17
N ALA H 173 -53.97 -10.39 -8.13
CA ALA H 173 -54.16 -11.39 -7.10
C ALA H 173 -55.17 -10.94 -6.04
N ARG H 174 -55.97 -11.88 -5.57
CA ARG H 174 -57.01 -11.62 -4.60
C ARG H 174 -57.12 -12.85 -3.70
N LEU H 175 -57.60 -12.64 -2.48
CA LEU H 175 -57.78 -13.75 -1.55
C LEU H 175 -58.95 -14.61 -2.02
N TYR H 176 -58.89 -15.90 -1.66
CA TYR H 176 -59.93 -16.86 -2.00
C TYR H 176 -60.50 -17.43 -0.71
N ASN H 177 -61.82 -17.33 -0.54
CA ASN H 177 -62.51 -17.97 0.58
C ASN H 177 -63.45 -19.02 0.02
N SER H 178 -63.24 -20.27 0.43
CA SER H 178 -64.10 -21.36 -0.03
C SER H 178 -65.47 -21.35 0.64
N GLU H 179 -65.50 -21.03 1.93
CA GLU H 179 -66.74 -20.95 2.68
C GLU H 179 -67.60 -19.80 2.19
N GLU H 180 -66.99 -18.68 1.80
CA GLU H 180 -67.67 -17.46 1.36
C GLU H 180 -67.48 -17.27 -0.14
N SER H 181 -68.48 -17.70 -0.92
CA SER H 181 -68.44 -17.44 -2.35
C SER H 181 -68.50 -15.94 -2.61
N ARG H 182 -67.53 -15.42 -3.36
CA ARG H 182 -67.47 -14.00 -3.68
C ARG H 182 -67.50 -13.88 -5.19
N PRO H 183 -68.26 -12.94 -5.77
CA PRO H 183 -68.20 -12.80 -7.24
C PRO H 183 -66.90 -12.11 -7.63
N TYR H 184 -66.15 -12.73 -8.55
CA TYR H 184 -64.89 -12.18 -8.99
C TYR H 184 -65.04 -11.84 -10.47
N ASN H 186 -64.73 -12.13 -14.40
CA ASN H 186 -64.72 -13.33 -15.25
C ASN H 186 -63.47 -13.53 -16.11
N LYS H 187 -62.91 -12.43 -16.59
CA LYS H 187 -61.76 -12.42 -17.49
C LYS H 187 -60.50 -12.03 -16.72
N VAL H 188 -59.74 -13.01 -16.21
CA VAL H 188 -58.55 -12.72 -15.40
C VAL H 188 -57.26 -13.18 -16.08
N ILE H 189 -57.21 -14.42 -16.56
CA ILE H 189 -55.98 -14.95 -17.15
C ILE H 189 -55.94 -14.66 -18.65
N THR H 190 -54.73 -14.62 -19.22
CA THR H 190 -54.59 -14.40 -20.66
C THR H 190 -55.23 -15.55 -21.43
N LEU H 191 -55.78 -15.24 -22.61
CA LEU H 191 -56.64 -16.22 -23.26
C LEU H 191 -55.92 -17.54 -23.55
N TRP H 192 -54.66 -17.46 -23.97
CA TRP H 192 -53.91 -18.67 -24.31
C TRP H 192 -53.80 -19.61 -23.12
N TYR H 193 -53.71 -19.04 -21.91
CA TYR H 193 -53.52 -19.80 -20.69
C TYR H 193 -54.76 -19.77 -19.80
N ARG H 194 -55.92 -19.39 -20.34
CA ARG H 194 -57.11 -19.29 -19.52
C ARG H 194 -57.77 -20.67 -19.36
N PRO H 195 -58.35 -20.94 -18.20
CA PRO H 195 -59.04 -22.24 -17.99
C PRO H 195 -60.38 -22.26 -18.69
N PRO H 196 -60.94 -23.46 -18.93
CA PRO H 196 -62.24 -23.53 -19.62
C PRO H 196 -63.38 -22.94 -18.80
N GLU H 197 -63.37 -23.11 -17.48
CA GLU H 197 -64.47 -22.62 -16.65
C GLU H 197 -64.65 -21.12 -16.77
N LEU H 198 -63.57 -20.38 -16.98
CA LEU H 198 -63.69 -18.93 -17.12
C LEU H 198 -64.08 -18.53 -18.53
N LEU H 199 -63.86 -19.41 -19.50
CA LEU H 199 -64.38 -19.20 -20.84
C LEU H 199 -65.89 -19.41 -20.90
N LEU H 200 -66.41 -20.30 -20.06
CA LEU H 200 -67.83 -20.56 -19.95
C LEU H 200 -68.48 -19.61 -18.94
N GLY H 201 -67.72 -18.63 -18.46
CA GLY H 201 -68.25 -17.52 -17.70
C GLY H 201 -68.46 -17.75 -16.23
N GLU H 202 -67.64 -18.60 -15.62
CA GLU H 202 -67.72 -18.80 -14.18
C GLU H 202 -67.15 -17.56 -13.50
N GLU H 203 -67.92 -16.97 -12.59
CA GLU H 203 -67.48 -15.77 -11.89
C GLU H 203 -66.97 -16.05 -10.48
N ARG H 204 -67.21 -17.26 -9.96
CA ARG H 204 -66.73 -17.70 -8.64
C ARG H 204 -65.83 -18.90 -8.81
N TYR H 205 -64.55 -18.62 -9.00
CA TYR H 205 -63.61 -19.64 -9.37
C TYR H 205 -62.74 -20.11 -8.22
N THR H 206 -62.18 -21.26 -8.44
CA THR H 206 -61.28 -21.95 -7.53
C THR H 206 -59.85 -21.53 -7.82
N PRO H 207 -58.94 -21.82 -6.89
CA PRO H 207 -57.52 -21.67 -7.21
C PRO H 207 -57.09 -22.53 -8.38
N ALA H 208 -57.91 -23.51 -8.77
CA ALA H 208 -57.56 -24.37 -9.89
C ALA H 208 -57.38 -23.58 -11.19
N ILE H 209 -57.87 -22.33 -11.23
CA ILE H 209 -57.65 -21.53 -12.42
C ILE H 209 -56.16 -21.39 -12.69
N ASP H 210 -55.37 -21.18 -11.64
CA ASP H 210 -53.93 -21.07 -11.81
C ASP H 210 -53.31 -22.41 -12.22
N VAL H 211 -53.83 -23.53 -11.71
CA VAL H 211 -53.24 -24.82 -12.09
C VAL H 211 -53.36 -25.05 -13.60
N TRP H 212 -54.51 -24.72 -14.18
CA TRP H 212 -54.67 -24.90 -15.62
C TRP H 212 -53.63 -24.11 -16.39
N SER H 213 -53.46 -22.84 -16.05
CA SER H 213 -52.48 -22.01 -16.74
C SER H 213 -51.10 -22.64 -16.63
N CYS H 214 -50.71 -23.02 -15.42
CA CYS H 214 -49.39 -23.61 -15.22
C CYS H 214 -49.27 -24.94 -15.97
N GLY H 215 -50.38 -25.66 -16.13
CA GLY H 215 -50.35 -26.85 -16.96
C GLY H 215 -50.06 -26.53 -18.42
N CYS H 216 -50.73 -25.49 -18.94
CA CYS H 216 -50.45 -25.06 -20.30
C CYS H 216 -48.96 -24.78 -20.49
N ILE H 217 -48.29 -24.30 -19.44
CA ILE H 217 -46.86 -24.08 -19.52
C ILE H 217 -46.11 -25.41 -19.59
N LEU H 218 -46.52 -26.40 -18.79
CA LEU H 218 -45.85 -27.70 -18.84
C LEU H 218 -45.83 -28.25 -20.26
N GLY H 219 -46.98 -28.25 -20.92
CA GLY H 219 -47.01 -28.70 -22.31
C GLY H 219 -46.15 -27.83 -23.20
N GLU H 220 -46.22 -26.51 -23.00
CA GLU H 220 -45.44 -25.57 -23.82
C GLU H 220 -43.95 -25.86 -23.72
N LEU H 221 -43.48 -26.31 -22.55
CA LEU H 221 -42.05 -26.58 -22.40
C LEU H 221 -41.61 -27.79 -23.22
N PHE H 222 -42.53 -28.71 -23.52
CA PHE H 222 -42.18 -29.88 -24.31
C PHE H 222 -42.34 -29.66 -25.82
N THR H 223 -43.06 -28.62 -26.23
CA THR H 223 -43.19 -28.28 -27.64
C THR H 223 -42.49 -26.97 -28.00
N LYS H 224 -42.23 -26.10 -27.02
CA LYS H 224 -41.67 -24.77 -27.23
C LYS H 224 -42.66 -23.83 -27.90
N LYS H 225 -43.94 -24.23 -27.98
CA LYS H 225 -45.03 -23.47 -28.59
C LYS H 225 -46.23 -23.55 -27.66
N PRO H 226 -46.93 -22.44 -27.40
CA PRO H 226 -48.15 -22.54 -26.58
C PRO H 226 -49.11 -23.56 -27.18
N ILE H 227 -49.93 -24.14 -26.32
CA ILE H 227 -50.77 -25.25 -26.75
C ILE H 227 -52.03 -24.74 -27.44
N PHE H 228 -52.67 -23.74 -26.85
CA PHE H 228 -53.97 -23.24 -27.28
C PHE H 228 -53.79 -21.79 -27.72
N GLN H 229 -53.53 -21.59 -29.00
CA GLN H 229 -53.35 -20.25 -29.55
C GLN H 229 -54.58 -19.88 -30.37
N ALA H 230 -55.37 -18.97 -29.84
CA ALA H 230 -56.55 -18.44 -30.51
C ALA H 230 -56.71 -16.99 -30.06
N ASN H 231 -57.47 -16.24 -30.84
CA ASN H 231 -57.66 -14.81 -30.60
C ASN H 231 -59.00 -14.48 -29.98
N LEU H 232 -59.93 -15.43 -29.92
CA LEU H 232 -61.26 -15.17 -29.39
C LEU H 232 -61.63 -16.25 -28.39
N GLU H 233 -62.49 -15.88 -27.45
CA GLU H 233 -62.83 -16.78 -26.36
C GLU H 233 -63.44 -18.08 -26.89
N LEU H 234 -64.33 -18.00 -27.88
CA LEU H 234 -64.93 -19.22 -28.42
C LEU H 234 -63.90 -20.05 -29.18
N ALA H 235 -63.08 -19.41 -30.01
CA ALA H 235 -62.06 -20.16 -30.73
C ALA H 235 -61.12 -20.86 -29.76
N GLN H 236 -60.86 -20.24 -28.61
CA GLN H 236 -60.05 -20.88 -27.59
C GLN H 236 -60.75 -22.12 -27.01
N LEU H 237 -62.03 -21.98 -26.67
CA LEU H 237 -62.76 -23.13 -26.15
C LEU H 237 -62.77 -24.28 -27.16
N GLU H 238 -62.81 -23.96 -28.44
CA GLU H 238 -62.76 -25.00 -29.48
C GLU H 238 -61.42 -25.71 -29.47
N LEU H 239 -60.33 -24.96 -29.40
CA LEU H 239 -59.01 -25.58 -29.37
C LEU H 239 -58.86 -26.47 -28.16
N ILE H 240 -59.25 -25.96 -26.99
CA ILE H 240 -59.22 -26.75 -25.76
C ILE H 240 -60.01 -28.04 -25.94
N SER H 241 -61.15 -27.95 -26.62
CA SER H 241 -62.02 -29.12 -26.78
C SER H 241 -61.40 -30.17 -27.69
N ARG H 242 -60.75 -29.75 -28.78
CA ARG H 242 -60.17 -30.70 -29.72
C ARG H 242 -59.15 -31.61 -29.06
N LEU H 243 -58.55 -31.15 -27.96
CA LEU H 243 -57.52 -31.87 -27.25
C LEU H 243 -58.06 -32.55 -25.99
N CYS H 244 -58.79 -31.79 -25.18
CA CYS H 244 -59.23 -32.25 -23.87
C CYS H 244 -60.59 -32.94 -23.87
N GLY H 245 -61.33 -32.85 -24.96
CA GLY H 245 -62.71 -33.27 -24.96
C GLY H 245 -63.63 -32.08 -24.71
N SER H 246 -64.83 -32.16 -25.27
CA SER H 246 -65.76 -31.04 -25.15
C SER H 246 -66.32 -30.95 -23.73
N PRO H 247 -66.52 -29.75 -23.20
CA PRO H 247 -67.26 -29.63 -21.93
C PRO H 247 -68.65 -30.24 -22.07
N CYS H 248 -68.96 -31.19 -21.20
CA CYS H 248 -70.26 -31.85 -21.20
C CYS H 248 -70.49 -32.44 -19.82
N PRO H 249 -71.75 -32.58 -19.40
CA PRO H 249 -72.01 -33.10 -18.04
C PRO H 249 -71.37 -34.45 -17.77
N ALA H 250 -71.13 -35.27 -18.80
CA ALA H 250 -70.59 -36.61 -18.60
C ALA H 250 -69.24 -36.59 -17.90
N VAL H 251 -68.41 -35.57 -18.16
CA VAL H 251 -67.09 -35.47 -17.56
C VAL H 251 -66.97 -34.28 -16.62
N TRP H 252 -68.01 -33.44 -16.55
CA TRP H 252 -67.97 -32.19 -15.79
C TRP H 252 -69.39 -31.94 -15.30
N PRO H 253 -69.84 -32.71 -14.31
CA PRO H 253 -71.28 -32.71 -13.97
C PRO H 253 -71.88 -31.34 -13.75
N ASP H 254 -71.11 -30.38 -13.23
CA ASP H 254 -71.65 -29.09 -12.86
C ASP H 254 -71.54 -28.04 -13.95
N VAL H 255 -71.18 -28.44 -15.17
CA VAL H 255 -71.01 -27.46 -16.25
C VAL H 255 -72.34 -26.82 -16.62
N ILE H 256 -73.45 -27.54 -16.46
CA ILE H 256 -74.76 -27.03 -16.85
C ILE H 256 -75.15 -25.81 -16.05
N ARG H 257 -74.49 -25.58 -14.92
CA ARG H 257 -74.71 -24.37 -14.14
C ARG H 257 -74.01 -23.16 -14.74
N LEU H 258 -73.17 -23.34 -15.72
CA LEU H 258 -72.37 -22.21 -16.15
C LEU H 258 -73.14 -21.35 -17.14
N PRO H 259 -73.01 -20.03 -17.03
CA PRO H 259 -73.81 -19.14 -17.89
C PRO H 259 -73.79 -19.52 -19.35
N TYR H 260 -72.60 -19.74 -19.91
CA TYR H 260 -72.42 -19.85 -21.34
C TYR H 260 -72.35 -21.30 -21.81
N PHE H 261 -72.75 -22.26 -20.97
CA PHE H 261 -72.64 -23.65 -21.38
C PHE H 261 -73.47 -23.90 -22.63
N ASN H 262 -74.73 -23.45 -22.63
CA ASN H 262 -75.55 -23.59 -23.84
C ASN H 262 -75.04 -22.67 -24.93
N THR H 263 -74.55 -21.49 -24.55
CA THR H 263 -74.14 -20.48 -25.51
C THR H 263 -72.89 -20.91 -26.28
N MET H 264 -71.81 -21.22 -25.56
CA MET H 264 -70.52 -21.48 -26.20
C MET H 264 -70.33 -22.98 -26.42
N LYS H 265 -71.14 -23.52 -27.29
CA LYS H 265 -70.94 -24.93 -27.63
C LYS H 265 -69.80 -25.07 -28.64
N PRO H 266 -68.99 -26.12 -28.52
CA PRO H 266 -67.97 -26.39 -29.55
C PRO H 266 -68.58 -26.93 -30.84
N LYS H 267 -67.77 -26.89 -31.91
CA LYS H 267 -68.21 -27.37 -33.22
C LYS H 267 -68.82 -28.76 -33.11
N LYS H 268 -68.17 -29.63 -32.35
CA LYS H 268 -68.60 -31.00 -32.13
C LYS H 268 -68.57 -31.29 -30.62
N GLN H 269 -68.96 -32.51 -30.28
CA GLN H 269 -68.71 -33.08 -28.94
C GLN H 269 -67.48 -33.96 -29.06
N TYR H 270 -66.30 -33.34 -28.93
CA TYR H 270 -65.03 -34.02 -29.16
C TYR H 270 -64.69 -35.00 -28.04
N ARG H 271 -63.98 -36.05 -28.41
CA ARG H 271 -63.39 -36.95 -27.42
C ARG H 271 -62.02 -36.41 -27.01
N ARG H 272 -61.59 -36.80 -25.82
CA ARG H 272 -60.28 -36.39 -25.31
C ARG H 272 -59.18 -37.11 -26.09
N ARG H 273 -58.23 -36.33 -26.60
CA ARG H 273 -57.12 -36.85 -27.38
C ARG H 273 -55.78 -36.52 -26.73
N LEU H 274 -55.81 -35.97 -25.51
CA LEU H 274 -54.61 -35.41 -24.93
C LEU H 274 -53.46 -36.42 -24.88
N ARG H 275 -53.72 -37.62 -24.36
CA ARG H 275 -52.64 -38.61 -24.31
C ARG H 275 -52.19 -38.99 -25.70
N GLU H 276 -53.10 -38.91 -26.67
CA GLU H 276 -52.72 -39.25 -28.04
C GLU H 276 -51.88 -38.14 -28.65
N GLU H 277 -52.36 -36.91 -28.60
CA GLU H 277 -51.64 -35.80 -29.24
C GLU H 277 -50.38 -35.38 -28.50
N PHE H 278 -50.17 -35.86 -27.27
CA PHE H 278 -48.92 -35.64 -26.56
C PHE H 278 -48.18 -36.95 -26.28
N SER H 279 -48.34 -37.95 -27.15
CA SER H 279 -47.77 -39.26 -26.87
C SER H 279 -46.25 -39.24 -26.80
N PHE H 280 -45.60 -38.21 -27.34
CA PHE H 280 -44.14 -38.13 -27.34
C PHE H 280 -43.59 -37.65 -26.00
N ILE H 281 -44.44 -37.35 -25.03
CA ILE H 281 -44.00 -36.85 -23.72
C ILE H 281 -43.73 -38.05 -22.82
N PRO H 282 -42.77 -37.94 -21.91
CA PRO H 282 -42.51 -39.04 -20.97
C PRO H 282 -43.73 -39.39 -20.12
N SER H 283 -43.82 -40.67 -19.75
CA SER H 283 -45.02 -41.18 -19.10
C SER H 283 -45.32 -40.44 -17.81
N ALA H 284 -44.31 -40.23 -16.96
CA ALA H 284 -44.53 -39.52 -15.71
C ALA H 284 -45.06 -38.12 -15.96
N ALA H 285 -44.55 -37.43 -16.98
CA ALA H 285 -45.00 -36.08 -17.26
C ALA H 285 -46.39 -36.08 -17.87
N LEU H 286 -46.65 -36.98 -18.83
CA LEU H 286 -47.94 -36.99 -19.50
C LEU H 286 -49.07 -37.17 -18.49
N ASP H 287 -48.87 -38.02 -17.48
CA ASP H 287 -49.87 -38.20 -16.44
C ASP H 287 -50.13 -36.89 -15.70
N LEU H 288 -49.08 -36.09 -15.49
CA LEU H 288 -49.27 -34.78 -14.87
C LEU H 288 -50.10 -33.86 -15.77
N LEU H 289 -49.72 -33.78 -17.05
CA LEU H 289 -50.42 -32.91 -17.99
C LEU H 289 -51.90 -33.28 -18.09
N ASP H 290 -52.18 -34.57 -18.22
CA ASP H 290 -53.55 -35.01 -18.34
C ASP H 290 -54.39 -34.52 -17.17
N HIS H 291 -53.79 -34.50 -15.97
CA HIS H 291 -54.54 -34.10 -14.79
C HIS H 291 -54.62 -32.59 -14.65
N MET H 292 -53.54 -31.87 -14.95
CA MET H 292 -53.59 -30.42 -14.83
C MET H 292 -54.56 -29.83 -15.85
N LEU H 293 -54.65 -30.42 -17.03
CA LEU H 293 -55.56 -29.98 -18.09
C LEU H 293 -56.86 -30.78 -18.06
N THR H 294 -57.36 -31.06 -16.87
CA THR H 294 -58.68 -31.66 -16.69
C THR H 294 -59.76 -30.58 -16.74
N LEU H 295 -60.84 -30.86 -17.46
CA LEU H 295 -61.84 -29.82 -17.72
C LEU H 295 -62.50 -29.34 -16.44
N ASP H 296 -62.95 -30.26 -15.61
CA ASP H 296 -63.71 -29.90 -14.40
C ASP H 296 -62.78 -29.42 -13.30
N PRO H 297 -62.85 -28.15 -12.88
CA PRO H 297 -61.89 -27.66 -11.86
C PRO H 297 -61.95 -28.41 -10.55
N SER H 298 -63.07 -29.08 -10.25
CA SER H 298 -63.16 -29.86 -9.03
C SER H 298 -62.50 -31.22 -9.16
N LYS H 299 -62.23 -31.66 -10.40
CA LYS H 299 -61.45 -32.87 -10.63
C LYS H 299 -60.02 -32.56 -11.02
N ARG H 300 -59.73 -31.30 -11.35
CA ARG H 300 -58.36 -30.90 -11.69
C ARG H 300 -57.50 -30.93 -10.44
N CYS H 301 -56.33 -31.56 -10.56
CA CYS H 301 -55.43 -31.71 -9.43
C CYS H 301 -55.04 -30.35 -8.84
N THR H 302 -54.60 -30.39 -7.58
CA THR H 302 -54.16 -29.22 -6.85
C THR H 302 -52.65 -29.05 -7.01
N ALA H 303 -52.14 -27.90 -6.57
CA ALA H 303 -50.69 -27.70 -6.63
C ALA H 303 -49.96 -28.74 -5.79
N GLU H 304 -50.46 -29.02 -4.58
CA GLU H 304 -49.79 -30.00 -3.74
C GLU H 304 -49.73 -31.35 -4.44
N GLN H 305 -50.81 -31.73 -5.10
CA GLN H 305 -50.85 -33.03 -5.76
C GLN H 305 -49.86 -33.09 -6.90
N THR H 306 -49.59 -31.96 -7.56
CA THR H 306 -48.59 -31.96 -8.62
C THR H 306 -47.19 -32.24 -8.06
N LEU H 307 -46.89 -31.68 -6.89
CA LEU H 307 -45.63 -31.96 -6.19
C LEU H 307 -45.60 -33.37 -5.63
N GLN H 308 -46.75 -34.01 -5.48
CA GLN H 308 -46.82 -35.41 -5.07
C GLN H 308 -47.08 -36.30 -6.28
N SER H 309 -46.38 -36.02 -7.38
CA SER H 309 -46.54 -36.77 -8.62
C SER H 309 -45.25 -37.51 -8.94
N ASP H 310 -45.37 -38.62 -9.65
CA ASP H 310 -44.18 -39.38 -10.01
C ASP H 310 -43.16 -38.49 -10.71
N PHE H 311 -43.64 -37.44 -11.38
CA PHE H 311 -42.74 -36.57 -12.14
C PHE H 311 -41.93 -35.68 -11.22
N LEU H 312 -42.58 -35.06 -10.22
CA LEU H 312 -41.95 -34.08 -9.36
C LEU H 312 -41.70 -34.54 -7.94
N LYS H 313 -42.33 -35.62 -7.50
CA LYS H 313 -42.24 -36.05 -6.11
C LYS H 313 -40.80 -36.15 -5.66
N ASP H 314 -39.97 -36.80 -6.47
CA ASP H 314 -38.60 -37.14 -6.10
C ASP H 314 -37.56 -36.17 -6.62
N VAL H 315 -37.98 -35.05 -7.21
CA VAL H 315 -37.03 -34.09 -7.75
C VAL H 315 -36.30 -33.35 -6.63
N GLU H 316 -34.97 -33.37 -6.68
CA GLU H 316 -34.14 -32.69 -5.70
C GLU H 316 -33.83 -31.29 -6.23
N LEU H 317 -34.27 -30.26 -5.50
CA LEU H 317 -34.08 -28.87 -5.92
C LEU H 317 -32.62 -28.45 -5.78
N SER H 318 -31.83 -29.16 -4.97
CA SER H 318 -30.40 -28.84 -4.81
C SER H 318 -29.67 -28.93 -6.14
N LYS H 319 -30.05 -29.88 -6.99
CA LYS H 319 -29.46 -29.97 -8.32
C LYS H 319 -29.71 -28.70 -9.10
N MET H 320 -30.95 -28.22 -9.11
CA MET H 320 -31.35 -27.02 -9.83
C MET H 320 -30.67 -26.93 -11.19
N ALA H 321 -30.88 -27.97 -12.00
CA ALA H 321 -30.32 -28.09 -13.34
C ALA H 321 -30.69 -26.88 -14.19
N PRO H 322 -29.74 -25.98 -14.50
CA PRO H 322 -30.11 -24.77 -15.25
C PRO H 322 -30.43 -25.12 -16.67
N PRO H 323 -31.30 -24.36 -17.35
CA PRO H 323 -31.53 -24.56 -18.78
C PRO H 323 -30.35 -24.07 -19.61
N ASP H 324 -30.27 -24.60 -20.83
CA ASP H 324 -29.21 -24.25 -21.76
C ASP H 324 -29.43 -22.84 -22.34
N LEU H 325 -28.42 -21.99 -22.22
CA LEU H 325 -28.47 -20.60 -22.68
C LEU H 325 -27.54 -20.39 -23.88
N PRO H 326 -27.94 -19.58 -24.87
CA PRO H 326 -27.11 -19.44 -26.08
C PRO H 326 -25.72 -18.94 -25.73
N HIS H 327 -24.72 -19.59 -26.29
CA HIS H 327 -23.33 -19.32 -25.98
C HIS H 327 -22.81 -18.24 -26.93
N TRP H 328 -21.52 -17.95 -26.88
CA TRP H 328 -20.97 -16.91 -27.74
C TRP H 328 -20.96 -17.36 -29.20
N GLN H 329 -20.63 -18.65 -29.46
CA GLN H 329 -20.54 -19.14 -30.83
C GLN H 329 -21.87 -18.96 -31.56
N ASP H 330 -22.99 -18.84 -30.83
CA ASP H 330 -24.28 -18.68 -31.49
C ASP H 330 -24.37 -17.36 -32.25
N CYS H 331 -23.65 -16.32 -31.80
CA CYS H 331 -23.75 -14.99 -32.41
C CYS H 331 -23.27 -14.99 -33.86
N HIS H 332 -22.17 -15.67 -34.16
CA HIS H 332 -21.71 -15.77 -35.55
C HIS H 332 -22.13 -17.19 -35.96
N GLU H 333 -23.23 -17.25 -36.73
CA GLU H 333 -23.90 -18.51 -37.02
C GLU H 333 -22.98 -19.48 -37.74
N LEU H 334 -22.91 -20.70 -37.20
CA LEU H 334 -22.16 -21.77 -37.86
C LEU H 334 -22.78 -22.06 -39.21
N TRP H 335 -22.03 -21.82 -40.27
CA TRP H 335 -22.57 -21.89 -41.61
C TRP H 335 -22.93 -23.32 -41.99
N THR I 24 -37.72 -6.55 9.33
CA THR I 24 -38.59 -7.03 8.26
C THR I 24 -39.84 -6.16 8.13
N LYS I 25 -40.83 -6.38 9.02
CA LYS I 25 -42.08 -5.61 9.06
C LYS I 25 -42.15 -4.80 10.36
N PRO I 26 -42.81 -3.65 10.33
CA PRO I 26 -42.74 -2.70 11.46
C PRO I 26 -43.60 -3.06 12.66
N CYS I 27 -43.24 -2.44 13.78
CA CYS I 27 -43.95 -2.58 15.05
C CYS I 27 -45.00 -1.48 15.17
N TRP I 28 -46.26 -1.88 15.33
CA TRP I 28 -47.38 -0.95 15.37
C TRP I 28 -48.02 -0.83 16.76
N TYR I 29 -47.28 -1.11 17.83
CA TYR I 29 -47.85 -1.11 19.17
C TYR I 29 -47.00 -0.30 20.14
N TRP I 30 -47.68 0.55 20.91
CA TRP I 30 -47.08 1.40 21.92
C TRP I 30 -47.64 1.06 23.30
N ASP I 31 -47.00 1.59 24.35
CA ASP I 31 -47.52 1.48 25.70
C ASP I 31 -48.38 2.70 26.02
N LYS I 32 -49.40 2.49 26.87
CA LYS I 32 -50.29 3.57 27.26
C LYS I 32 -49.53 4.84 27.62
N LYS I 33 -48.43 4.70 28.35
CA LYS I 33 -47.66 5.86 28.77
C LYS I 33 -47.18 6.68 27.58
N ASP I 34 -46.99 6.05 26.42
CA ASP I 34 -46.43 6.74 25.27
C ASP I 34 -47.40 7.70 24.62
N LEU I 35 -48.71 7.56 24.86
CA LEU I 35 -49.69 8.45 24.26
C LEU I 35 -49.60 9.87 24.79
N ALA I 36 -48.90 10.08 25.91
CA ALA I 36 -48.67 11.43 26.39
C ALA I 36 -47.66 12.19 25.56
N HIS I 37 -47.13 11.56 24.51
CA HIS I 37 -46.09 12.16 23.67
C HIS I 37 -46.40 12.00 22.19
N THR I 38 -47.68 11.96 21.85
CA THR I 38 -48.03 12.03 20.44
C THR I 38 -47.72 13.44 19.94
N PRO I 39 -47.48 13.59 18.64
CA PRO I 39 -47.34 14.95 18.08
C PRO I 39 -48.44 15.89 18.55
N SER I 40 -49.68 15.41 18.63
CA SER I 40 -50.78 16.25 19.06
C SER I 40 -50.57 16.80 20.48
N GLN I 41 -50.18 15.93 21.41
CA GLN I 41 -49.93 16.38 22.77
C GLN I 41 -48.84 17.44 22.82
N LEU I 42 -47.76 17.23 22.07
CA LEU I 42 -46.59 18.10 22.15
C LEU I 42 -46.82 19.43 21.43
N GLU I 43 -47.87 19.55 20.65
CA GLU I 43 -48.27 20.83 20.08
C GLU I 43 -49.32 21.55 20.92
N GLY I 44 -49.53 21.12 22.17
CA GLY I 44 -50.39 21.84 23.09
C GLY I 44 -51.80 21.32 23.19
N LEU I 45 -52.12 20.24 22.47
CA LEU I 45 -53.42 19.59 22.60
C LEU I 45 -53.43 18.79 23.90
N ASP I 46 -54.51 18.90 24.65
CA ASP I 46 -54.58 18.18 25.92
C ASP I 46 -55.12 16.78 25.73
N PRO I 47 -54.92 15.90 26.72
CA PRO I 47 -55.31 14.49 26.52
C PRO I 47 -56.79 14.30 26.27
N ALA I 48 -57.66 15.02 26.98
CA ALA I 48 -59.08 14.87 26.73
C ALA I 48 -59.40 15.18 25.27
N THR I 49 -58.77 16.23 24.73
CA THR I 49 -59.10 16.67 23.37
C THR I 49 -58.65 15.65 22.33
N GLU I 50 -57.43 15.13 22.44
CA GLU I 50 -56.98 14.15 21.44
C GLU I 50 -57.87 12.92 21.47
N ALA I 51 -58.26 12.47 22.67
CA ALA I 51 -59.18 11.34 22.77
C ALA I 51 -60.49 11.65 22.06
N ARG I 52 -61.02 12.87 22.25
CA ARG I 52 -62.26 13.25 21.57
C ARG I 52 -62.09 13.20 20.06
N TYR I 53 -61.01 13.79 19.54
CA TYR I 53 -60.77 13.79 18.11
C TYR I 53 -60.68 12.37 17.56
N ARG I 54 -60.06 11.46 18.32
CA ARG I 54 -59.97 10.07 17.89
C ARG I 54 -61.33 9.42 17.83
N ARG I 55 -62.17 9.64 18.86
CA ARG I 55 -63.53 9.10 18.78
C ARG I 55 -64.27 9.69 17.58
N GLU I 56 -64.16 11.01 17.40
CA GLU I 56 -64.92 11.67 16.34
C GLU I 56 -64.45 11.20 14.97
N GLY I 57 -63.14 11.12 14.76
CA GLY I 57 -62.64 10.59 13.50
C GLY I 57 -63.02 9.14 13.30
N ALA I 58 -62.90 8.34 14.36
CA ALA I 58 -63.28 6.93 14.26
C ALA I 58 -64.75 6.78 13.91
N ARG I 59 -65.63 7.42 14.70
CA ARG I 59 -67.05 7.30 14.42
C ARG I 59 -67.43 7.90 13.07
N PHE I 60 -66.73 8.94 12.63
CA PHE I 60 -66.94 9.46 11.27
C PHE I 60 -66.65 8.38 10.24
N ILE I 61 -65.49 7.74 10.31
CA ILE I 61 -65.17 6.65 9.38
C ILE I 61 -66.23 5.57 9.45
N PHE I 62 -66.61 5.17 10.68
CA PHE I 62 -67.60 4.12 10.84
C PHE I 62 -68.92 4.50 10.16
N ASP I 63 -69.40 5.72 10.42
CA ASP I 63 -70.71 6.11 9.90
C ASP I 63 -70.69 6.28 8.39
N VAL I 64 -69.66 6.96 7.86
CA VAL I 64 -69.57 7.17 6.42
C VAL I 64 -69.58 5.82 5.70
N GLY I 65 -68.71 4.91 6.12
CA GLY I 65 -68.62 3.62 5.46
C GLY I 65 -69.87 2.77 5.62
N THR I 66 -70.57 2.90 6.74
CA THR I 66 -71.81 2.16 6.93
C THR I 66 -72.86 2.60 5.91
N ARG I 67 -72.97 3.91 5.67
CA ARG I 67 -73.92 4.37 4.64
C ARG I 67 -73.58 3.81 3.27
N LEU I 68 -72.29 3.61 3.00
CA LEU I 68 -71.87 3.09 1.70
C LEU I 68 -72.03 1.58 1.60
N GLY I 69 -72.44 0.92 2.67
CA GLY I 69 -72.69 -0.51 2.62
C GLY I 69 -71.42 -1.33 2.74
N LEU I 70 -70.42 -0.81 3.46
CA LEU I 70 -69.12 -1.42 3.44
C LEU I 70 -69.01 -2.56 4.45
N HIS I 71 -68.24 -3.58 4.07
CA HIS I 71 -67.92 -4.67 4.97
C HIS I 71 -67.30 -4.11 6.25
N TYR I 72 -67.47 -4.85 7.35
CA TYR I 72 -67.01 -4.34 8.63
C TYR I 72 -65.48 -4.25 8.68
N ASP I 73 -64.79 -5.18 8.03
CA ASP I 73 -63.33 -5.13 8.00
C ASP I 73 -62.83 -3.85 7.35
N THR I 74 -63.51 -3.40 6.29
CA THR I 74 -63.08 -2.19 5.61
C THR I 74 -63.15 -0.98 6.52
N LEU I 75 -64.20 -0.88 7.35
CA LEU I 75 -64.29 0.21 8.30
C LEU I 75 -63.12 0.19 9.28
N ALA I 76 -62.89 -0.96 9.91
CA ALA I 76 -61.83 -1.06 10.91
C ALA I 76 -60.47 -0.75 10.32
N THR I 77 -60.19 -1.32 9.14
CA THR I 77 -58.91 -1.03 8.49
C THR I 77 -58.72 0.47 8.32
N GLY I 78 -59.75 1.15 7.83
CA GLY I 78 -59.68 2.60 7.74
C GLY I 78 -59.44 3.25 9.09
N ILE I 79 -60.13 2.76 10.12
CA ILE I 79 -59.98 3.36 11.45
C ILE I 79 -58.57 3.16 11.99
N ILE I 80 -57.99 1.96 11.80
CA ILE I 80 -56.65 1.72 12.30
C ILE I 80 -55.63 2.54 11.52
N TYR I 81 -55.82 2.68 10.20
CA TYR I 81 -54.98 3.62 9.47
C TYR I 81 -55.06 4.99 10.14
N PHE I 82 -56.27 5.41 10.49
CA PHE I 82 -56.50 6.71 11.11
C PHE I 82 -55.77 6.82 12.44
N HIS I 83 -55.99 5.85 13.33
CA HIS I 83 -55.35 5.92 14.64
C HIS I 83 -53.83 5.96 14.52
N ARG I 84 -53.27 5.15 13.63
CA ARG I 84 -51.82 5.12 13.46
C ARG I 84 -51.32 6.44 12.91
N PHE I 85 -52.07 7.03 11.99
CA PHE I 85 -51.67 8.29 11.38
C PHE I 85 -51.33 9.33 12.45
N TYR I 86 -52.19 9.48 13.45
CA TYR I 86 -52.00 10.52 14.46
C TYR I 86 -51.09 10.09 15.59
N MET I 87 -50.37 8.98 15.40
CA MET I 87 -49.17 8.70 16.15
C MET I 87 -47.95 9.34 15.48
N PHE I 88 -48.09 9.74 14.22
CA PHE I 88 -47.01 10.37 13.44
C PHE I 88 -47.29 11.80 13.05
N HIS I 89 -48.50 12.31 13.28
CA HIS I 89 -48.85 13.66 12.89
C HIS I 89 -49.73 14.26 13.96
N SER I 90 -49.86 15.59 13.91
CA SER I 90 -50.67 16.31 14.88
C SER I 90 -52.05 16.58 14.30
N PHE I 91 -53.06 16.48 15.16
CA PHE I 91 -54.40 16.85 14.73
C PHE I 91 -54.47 18.30 14.31
N LYS I 92 -53.57 19.14 14.79
CA LYS I 92 -53.59 20.56 14.45
C LYS I 92 -53.13 20.83 13.03
N GLN I 93 -52.37 19.91 12.43
CA GLN I 93 -51.85 20.09 11.08
C GLN I 93 -52.64 19.32 10.03
N PHE I 94 -53.42 18.32 10.44
CA PHE I 94 -54.22 17.51 9.53
C PHE I 94 -55.65 17.45 10.04
N PRO I 95 -56.56 18.24 9.48
CA PRO I 95 -57.96 18.17 9.93
C PRO I 95 -58.46 16.74 9.88
N ARG I 96 -59.11 16.30 10.96
CA ARG I 96 -59.30 14.89 11.20
C ARG I 96 -60.24 14.23 10.18
N TYR I 97 -61.29 14.93 9.77
CA TYR I 97 -62.27 14.30 8.90
C TYR I 97 -61.73 14.13 7.48
N VAL I 98 -60.82 14.99 7.03
CA VAL I 98 -60.16 14.75 5.75
C VAL I 98 -59.29 13.50 5.85
N THR I 99 -58.48 13.41 6.91
CA THR I 99 -57.70 12.21 7.16
C THR I 99 -58.60 10.98 7.18
N GLY I 100 -59.68 11.03 7.94
CA GLY I 100 -60.61 9.90 7.98
C GLY I 100 -61.07 9.49 6.61
N ALA I 101 -61.54 10.45 5.81
CA ALA I 101 -62.02 10.16 4.47
C ALA I 101 -60.94 9.47 3.63
N CYS I 102 -59.71 10.00 3.69
CA CYS I 102 -58.62 9.40 2.95
C CYS I 102 -58.36 7.98 3.42
N CYS I 103 -58.34 7.75 4.74
CA CYS I 103 -58.14 6.41 5.26
C CYS I 103 -59.17 5.44 4.69
N LEU I 104 -60.45 5.80 4.75
CA LEU I 104 -61.49 4.91 4.25
C LEU I 104 -61.33 4.66 2.76
N PHE I 105 -61.02 5.72 2.01
CA PHE I 105 -60.77 5.57 0.58
C PHE I 105 -59.71 4.50 0.33
N LEU I 106 -58.54 4.68 0.94
CA LEU I 106 -57.47 3.71 0.78
C LEU I 106 -57.89 2.35 1.31
N ALA I 107 -58.54 2.32 2.48
CA ALA I 107 -58.97 1.07 3.07
C ALA I 107 -59.82 0.25 2.10
N GLY I 108 -60.68 0.92 1.34
CA GLY I 108 -61.50 0.22 0.38
C GLY I 108 -60.70 -0.50 -0.69
N LYS I 109 -59.69 0.16 -1.23
CA LYS I 109 -58.85 -0.46 -2.24
C LYS I 109 -58.04 -1.59 -1.63
N VAL I 110 -57.62 -1.44 -0.39
CA VAL I 110 -56.85 -2.48 0.27
C VAL I 110 -57.71 -3.72 0.49
N GLU I 111 -58.90 -3.54 1.06
CA GLU I 111 -59.77 -4.66 1.41
C GLU I 111 -60.65 -5.12 0.25
N GLU I 112 -60.40 -4.67 -0.97
CA GLU I 112 -61.15 -5.10 -2.14
C GLU I 112 -62.64 -4.80 -1.98
N THR I 113 -62.96 -3.66 -1.39
CA THR I 113 -64.33 -3.13 -1.35
C THR I 113 -64.31 -1.67 -1.79
N PRO I 114 -63.77 -1.39 -2.98
CA PRO I 114 -63.44 0.01 -3.32
C PRO I 114 -64.66 0.88 -3.58
N LYS I 115 -64.47 2.17 -3.33
CA LYS I 115 -65.46 3.21 -3.61
C LYS I 115 -64.76 4.40 -4.23
N LYS I 116 -65.50 5.17 -5.01
CA LYS I 116 -64.95 6.35 -5.66
C LYS I 116 -64.75 7.46 -4.63
N CYS I 117 -63.65 8.19 -4.77
CA CYS I 117 -63.43 9.31 -3.86
C CYS I 117 -64.61 10.27 -3.92
N LYS I 118 -65.20 10.40 -5.11
CA LYS I 118 -66.37 11.26 -5.30
C LYS I 118 -67.52 10.83 -4.41
N ASP I 119 -67.69 9.52 -4.21
CA ASP I 119 -68.79 9.02 -3.41
C ASP I 119 -68.56 9.26 -1.93
N ILE I 120 -67.32 9.11 -1.47
CA ILE I 120 -67.03 9.32 -0.06
C ILE I 120 -67.26 10.78 0.33
N ILE I 121 -66.86 11.70 -0.53
CA ILE I 121 -67.08 13.12 -0.24
C ILE I 121 -68.57 13.41 -0.09
N LYS I 122 -69.37 12.93 -1.06
CA LYS I 122 -70.81 13.16 -1.00
C LYS I 122 -71.39 12.68 0.33
N THR I 123 -71.02 11.47 0.75
CA THR I 123 -71.54 10.95 2.02
C THR I 123 -71.05 11.76 3.21
N ALA I 124 -69.77 12.18 3.17
CA ALA I 124 -69.24 12.99 4.25
C ALA I 124 -70.03 14.29 4.38
N ARG I 125 -70.48 14.84 3.26
CA ARG I 125 -71.27 16.06 3.30
C ARG I 125 -72.63 15.80 3.96
N SER I 126 -73.22 14.63 3.73
CA SER I 126 -74.49 14.29 4.37
C SER I 126 -74.34 14.28 5.89
N LEU I 127 -73.22 13.79 6.40
CA LEU I 127 -73.06 13.55 7.83
C LEU I 127 -72.42 14.71 8.56
N LEU I 128 -71.65 15.54 7.88
CA LEU I 128 -70.99 16.68 8.51
C LEU I 128 -71.84 17.93 8.31
N ASN I 129 -71.86 18.80 9.32
CA ASN I 129 -72.52 20.08 9.20
C ASN I 129 -71.63 21.02 8.39
N ASP I 130 -72.03 22.30 8.32
CA ASP I 130 -71.27 23.23 7.48
C ASP I 130 -69.92 23.55 8.09
N VAL I 131 -69.86 23.70 9.42
CA VAL I 131 -68.59 23.99 10.07
C VAL I 131 -67.60 22.86 9.86
N GLN I 132 -68.04 21.63 10.14
CA GLN I 132 -67.15 20.48 10.04
C GLN I 132 -66.64 20.28 8.62
N PHE I 133 -67.54 20.37 7.65
CA PHE I 133 -67.15 20.18 6.26
C PHE I 133 -66.21 21.27 5.77
N GLY I 134 -66.08 22.38 6.51
CA GLY I 134 -65.11 23.38 6.12
C GLY I 134 -63.70 22.83 6.03
N GLN I 135 -63.41 21.78 6.81
CA GLN I 135 -62.08 21.18 6.76
C GLN I 135 -61.71 20.74 5.35
N PHE I 136 -62.70 20.35 4.55
CA PHE I 136 -62.42 19.93 3.19
C PHE I 136 -62.14 21.09 2.26
N GLY I 137 -62.28 22.32 2.75
CA GLY I 137 -61.81 23.43 1.96
C GLY I 137 -62.56 23.56 0.65
N ASP I 138 -61.87 24.13 -0.34
CA ASP I 138 -62.50 24.46 -1.60
C ASP I 138 -62.69 23.26 -2.51
N ASP I 139 -61.80 22.28 -2.43
CA ASP I 139 -61.84 21.08 -3.28
C ASP I 139 -61.76 19.86 -2.39
N PRO I 140 -62.90 19.33 -1.95
CA PRO I 140 -62.84 18.16 -1.05
C PRO I 140 -62.11 16.97 -1.64
N LYS I 141 -62.42 16.58 -2.88
CA LYS I 141 -61.78 15.40 -3.46
C LYS I 141 -60.26 15.54 -3.47
N GLU I 142 -59.75 16.70 -3.87
CA GLU I 142 -58.30 16.87 -3.97
C GLU I 142 -57.65 16.80 -2.59
N GLU I 143 -58.24 17.49 -1.61
CA GLU I 143 -57.69 17.46 -0.25
C GLU I 143 -57.50 16.03 0.22
N VAL I 144 -58.36 15.11 -0.22
CA VAL I 144 -58.23 13.71 0.17
C VAL I 144 -57.22 13.01 -0.72
N MET I 145 -57.35 13.13 -2.05
CA MET I 145 -56.43 12.44 -2.95
C MET I 145 -54.99 12.84 -2.66
N VAL I 146 -54.76 14.12 -2.35
CA VAL I 146 -53.42 14.59 -2.07
C VAL I 146 -52.87 13.94 -0.80
N LEU I 147 -53.74 13.66 0.16
CA LEU I 147 -53.29 13.09 1.43
C LEU I 147 -52.90 11.62 1.29
N GLU I 148 -53.44 10.93 0.29
CA GLU I 148 -53.15 9.51 0.13
C GLU I 148 -51.66 9.23 0.08
N ARG I 149 -50.89 10.08 -0.61
CA ARG I 149 -49.45 9.90 -0.66
C ARG I 149 -48.85 9.82 0.74
N ILE I 150 -49.22 10.78 1.59
CA ILE I 150 -48.69 10.83 2.95
C ILE I 150 -49.19 9.63 3.75
N LEU I 151 -50.48 9.31 3.63
CA LEU I 151 -51.01 8.17 4.36
C LEU I 151 -50.20 6.91 4.06
N LEU I 152 -49.93 6.66 2.77
CA LEU I 152 -49.17 5.49 2.38
C LEU I 152 -47.76 5.52 2.95
N GLN I 153 -47.10 6.68 2.89
CA GLN I 153 -45.79 6.82 3.51
C GLN I 153 -45.86 6.70 5.03
N THR I 154 -46.90 7.27 5.64
CA THR I 154 -46.99 7.26 7.09
C THR I 154 -47.14 5.84 7.63
N ILE I 155 -48.04 5.07 7.03
CA ILE I 155 -48.27 3.69 7.48
C ILE I 155 -47.19 2.78 6.90
N LYS I 156 -46.17 3.36 6.29
CA LYS I 156 -45.00 2.62 5.84
C LYS I 156 -45.35 1.53 4.84
N PHE I 157 -46.44 1.71 4.12
CA PHE I 157 -46.88 0.77 3.10
C PHE I 157 -47.11 -0.64 3.68
N ASP I 158 -47.30 -0.73 5.00
CA ASP I 158 -47.68 -1.98 5.65
C ASP I 158 -49.21 -2.04 5.65
N LEU I 159 -49.77 -2.39 4.49
CA LEU I 159 -51.20 -2.28 4.28
C LEU I 159 -52.00 -3.37 4.98
N GLN I 160 -51.45 -4.57 5.11
CA GLN I 160 -52.22 -5.69 5.65
C GLN I 160 -52.50 -5.48 7.14
N VAL I 161 -53.77 -5.61 7.53
CA VAL I 161 -54.18 -5.43 8.92
C VAL I 161 -55.18 -6.52 9.30
N GLU I 162 -55.02 -7.06 10.51
CA GLU I 162 -55.93 -8.02 11.11
C GLU I 162 -56.78 -7.33 12.16
N HIS I 163 -58.01 -7.82 12.37
CA HIS I 163 -58.93 -7.17 13.29
C HIS I 163 -59.48 -8.15 14.29
N PRO I 164 -59.88 -7.67 15.47
CA PRO I 164 -60.40 -8.59 16.50
C PRO I 164 -61.58 -9.45 16.06
N TYR I 165 -62.37 -8.99 15.08
CA TYR I 165 -63.58 -9.73 14.72
C TYR I 165 -63.26 -11.17 14.35
N GLN I 166 -62.30 -11.37 13.44
CA GLN I 166 -62.03 -12.71 12.93
C GLN I 166 -61.62 -13.66 14.05
N PHE I 167 -60.89 -13.16 15.04
CA PHE I 167 -60.48 -14.00 16.16
C PHE I 167 -61.63 -14.23 17.13
N LEU I 168 -62.50 -13.22 17.28
CA LEU I 168 -63.73 -13.43 18.01
C LEU I 168 -64.50 -14.61 17.46
N LEU I 169 -64.55 -14.73 16.13
CA LEU I 169 -65.26 -15.83 15.49
C LEU I 169 -64.48 -17.13 15.59
N LYS I 170 -63.17 -17.07 15.28
CA LYS I 170 -62.35 -18.27 15.34
C LYS I 170 -62.38 -18.92 16.71
N TYR I 171 -62.33 -18.11 17.78
CA TYR I 171 -62.27 -18.67 19.13
C TYR I 171 -63.63 -19.16 19.60
N ALA I 172 -64.70 -18.42 19.31
CA ALA I 172 -66.03 -18.87 19.68
C ALA I 172 -66.39 -20.17 19.00
N LYS I 173 -65.93 -20.35 17.75
CA LYS I 173 -66.25 -21.56 17.00
C LYS I 173 -65.79 -22.81 17.72
N GLN I 174 -64.75 -22.69 18.54
CA GLN I 174 -64.25 -23.81 19.34
C GLN I 174 -64.97 -23.95 20.66
N LEU I 175 -66.00 -23.14 20.91
CA LEU I 175 -66.84 -23.26 22.08
C LEU I 175 -68.04 -24.14 21.75
N LYS I 176 -68.36 -25.05 22.66
CA LYS I 176 -69.48 -25.97 22.50
C LYS I 176 -70.32 -25.93 23.76
N GLY I 177 -71.64 -25.79 23.60
CA GLY I 177 -72.54 -25.70 24.74
C GLY I 177 -73.88 -25.16 24.30
N ASP I 178 -74.59 -24.55 25.26
CA ASP I 178 -75.86 -23.88 24.97
C ASP I 178 -75.63 -22.90 23.84
N LYS I 179 -76.19 -23.17 22.66
CA LYS I 179 -75.90 -22.31 21.51
C LYS I 179 -76.34 -20.87 21.78
N ASN I 180 -77.47 -20.68 22.46
CA ASN I 180 -77.98 -19.32 22.61
C ASN I 180 -77.12 -18.49 23.56
N LYS I 181 -76.55 -19.11 24.60
CA LYS I 181 -75.65 -18.38 25.47
C LYS I 181 -74.37 -17.98 24.73
N ILE I 182 -73.87 -18.85 23.86
CA ILE I 182 -72.64 -18.54 23.13
C ILE I 182 -72.87 -17.39 22.15
N GLN I 183 -74.05 -17.34 21.52
CA GLN I 183 -74.34 -16.27 20.56
C GLN I 183 -74.50 -14.92 21.26
N LYS I 184 -75.08 -14.91 22.46
CA LYS I 184 -75.17 -13.65 23.21
C LYS I 184 -73.79 -13.13 23.54
N LEU I 185 -72.87 -14.04 23.87
CA LEU I 185 -71.48 -13.65 24.13
C LEU I 185 -70.86 -13.02 22.89
N VAL I 186 -71.07 -13.63 21.72
CA VAL I 186 -70.46 -13.14 20.49
C VAL I 186 -71.02 -11.77 20.14
N GLN I 187 -72.34 -11.61 20.25
CA GLN I 187 -72.98 -10.35 19.88
C GLN I 187 -72.54 -9.22 20.81
N MET I 188 -72.49 -9.49 22.11
CA MET I 188 -72.05 -8.47 23.05
C MET I 188 -70.58 -8.13 22.83
N ALA I 189 -69.76 -9.14 22.57
CA ALA I 189 -68.36 -8.90 22.27
C ALA I 189 -68.21 -8.13 20.96
N TRP I 190 -68.97 -8.53 19.94
CA TRP I 190 -68.93 -7.82 18.68
C TRP I 190 -69.23 -6.34 18.90
N THR I 191 -70.24 -6.05 19.72
CA THR I 191 -70.55 -4.68 20.06
C THR I 191 -69.38 -4.00 20.76
N PHE I 192 -68.72 -4.71 21.68
CA PHE I 192 -67.57 -4.15 22.38
C PHE I 192 -66.43 -3.86 21.41
N VAL I 193 -66.23 -4.71 20.41
CA VAL I 193 -65.21 -4.47 19.40
C VAL I 193 -65.51 -3.18 18.64
N ASN I 194 -66.75 -3.03 18.19
CA ASN I 194 -67.13 -1.83 17.46
C ASN I 194 -66.86 -0.58 18.30
N ASP I 195 -67.01 -0.67 19.62
CA ASP I 195 -66.78 0.46 20.50
C ASP I 195 -65.30 0.69 20.78
N SER I 196 -64.50 -0.38 20.79
CA SER I 196 -63.07 -0.22 21.05
C SER I 196 -62.35 0.47 19.90
N LEU I 197 -62.95 0.50 18.71
CA LEU I 197 -62.36 1.22 17.60
C LEU I 197 -62.29 2.72 17.86
N CYS I 198 -63.19 3.25 18.69
CA CYS I 198 -63.12 4.66 19.04
C CYS I 198 -61.92 4.97 19.92
N THR I 199 -61.28 3.93 20.48
CA THR I 199 -60.16 4.08 21.40
C THR I 199 -58.83 3.73 20.73
N THR I 200 -57.76 3.95 21.49
CA THR I 200 -56.40 3.62 21.09
C THR I 200 -56.00 2.17 21.40
N LEU I 201 -56.95 1.34 21.85
CA LEU I 201 -56.63 -0.05 22.08
C LEU I 201 -56.12 -0.70 20.80
N SER I 202 -56.63 -0.23 19.65
CA SER I 202 -56.12 -0.69 18.36
C SER I 202 -54.60 -0.51 18.28
N LEU I 203 -54.06 0.44 19.05
CA LEU I 203 -52.63 0.72 19.05
C LEU I 203 -51.87 0.10 20.21
N GLN I 204 -52.54 -0.48 21.20
CA GLN I 204 -51.84 -0.99 22.36
C GLN I 204 -51.65 -2.51 22.37
N TRP I 205 -52.57 -3.27 21.79
CA TRP I 205 -52.59 -4.72 21.95
C TRP I 205 -52.93 -5.37 20.62
N GLU I 206 -52.32 -6.53 20.37
CA GLU I 206 -52.62 -7.29 19.16
C GLU I 206 -54.11 -7.59 19.08
N PRO I 207 -54.67 -7.76 17.88
CA PRO I 207 -56.12 -8.02 17.79
C PRO I 207 -56.55 -9.30 18.48
N GLU I 208 -55.71 -10.34 18.41
CA GLU I 208 -56.04 -11.58 19.11
C GLU I 208 -56.33 -11.29 20.58
N ILE I 209 -55.52 -10.43 21.21
CA ILE I 209 -55.72 -10.11 22.62
C ILE I 209 -57.04 -9.36 22.81
N ILE I 210 -57.35 -8.40 21.94
CA ILE I 210 -58.61 -7.68 22.03
C ILE I 210 -59.78 -8.66 21.97
N ALA I 211 -59.73 -9.59 21.01
CA ALA I 211 -60.81 -10.56 20.87
C ALA I 211 -61.06 -11.32 22.18
N VAL I 212 -59.99 -11.76 22.84
CA VAL I 212 -60.15 -12.47 24.11
C VAL I 212 -60.75 -11.55 25.16
N ALA I 213 -60.25 -10.31 25.25
CA ALA I 213 -60.73 -9.39 26.28
C ALA I 213 -62.23 -9.18 26.17
N VAL I 214 -62.74 -8.97 24.96
CA VAL I 214 -64.18 -8.71 24.83
C VAL I 214 -64.98 -9.97 25.16
N MET I 215 -64.46 -11.15 24.80
CA MET I 215 -65.10 -12.37 25.27
C MET I 215 -65.05 -12.43 26.79
N TYR I 216 -63.93 -12.03 27.38
CA TYR I 216 -63.77 -12.00 28.82
C TYR I 216 -64.76 -11.05 29.46
N LEU I 217 -65.01 -9.90 28.82
CA LEU I 217 -65.95 -8.94 29.38
C LEU I 217 -67.40 -9.40 29.21
N ALA I 218 -67.77 -9.83 28.01
CA ALA I 218 -69.12 -10.33 27.80
C ALA I 218 -69.42 -11.45 28.77
N GLY I 219 -68.43 -12.31 29.03
CA GLY I 219 -68.63 -13.37 29.99
C GLY I 219 -68.93 -12.84 31.38
N ARG I 220 -68.21 -11.82 31.83
CA ARG I 220 -68.44 -11.30 33.17
C ARG I 220 -69.81 -10.65 33.28
N LEU I 221 -70.26 -10.00 32.20
CA LEU I 221 -71.55 -9.32 32.24
C LEU I 221 -72.71 -10.29 32.12
N CYS I 222 -72.52 -11.38 31.37
CA CYS I 222 -73.54 -12.42 31.22
C CYS I 222 -73.42 -13.54 32.24
N LYS I 223 -72.45 -13.46 33.16
CA LYS I 223 -72.29 -14.46 34.23
C LYS I 223 -72.10 -15.87 33.67
N PHE I 224 -71.39 -15.96 32.54
CA PHE I 224 -71.01 -17.24 31.95
C PHE I 224 -69.67 -17.73 32.47
N GLU I 225 -69.51 -19.05 32.51
CA GLU I 225 -68.24 -19.69 32.87
C GLU I 225 -67.70 -20.24 31.55
N ILE I 226 -66.89 -19.43 30.87
CA ILE I 226 -66.52 -19.78 29.50
C ILE I 226 -65.68 -21.04 29.44
N GLN I 227 -64.87 -21.31 30.47
CA GLN I 227 -64.02 -22.49 30.40
C GLN I 227 -64.85 -23.73 30.10
N GLU I 228 -66.08 -23.78 30.62
CA GLU I 228 -66.90 -24.97 30.50
C GLU I 228 -67.17 -25.35 29.05
N TRP I 229 -67.24 -24.36 28.17
CA TRP I 229 -67.56 -24.64 26.77
C TRP I 229 -66.33 -25.02 25.94
N THR I 230 -65.13 -24.97 26.53
CA THR I 230 -63.90 -25.27 25.81
C THR I 230 -63.63 -26.77 25.80
N SER I 231 -62.61 -27.16 25.04
CA SER I 231 -62.12 -28.53 25.08
C SER I 231 -61.46 -28.87 26.41
N LYS I 232 -61.14 -27.86 27.23
CA LYS I 232 -60.52 -28.03 28.53
C LYS I 232 -61.41 -27.40 29.61
N PRO I 233 -62.44 -28.12 30.06
CA PRO I 233 -63.43 -27.48 30.93
C PRO I 233 -62.95 -27.16 32.35
N MET I 234 -61.85 -27.72 32.83
CA MET I 234 -61.38 -27.46 34.18
C MET I 234 -60.14 -26.56 34.22
N TYR I 235 -59.80 -25.95 33.08
CA TYR I 235 -58.73 -24.97 32.94
C TYR I 235 -59.34 -23.58 33.05
N ARG I 236 -59.30 -22.99 34.25
CA ARG I 236 -60.08 -21.78 34.50
C ARG I 236 -59.57 -20.58 33.71
N ARG I 237 -58.28 -20.53 33.37
CA ARG I 237 -57.77 -19.52 32.44
C ARG I 237 -57.93 -20.05 31.02
N TRP I 238 -59.19 -20.04 30.58
CA TRP I 238 -59.57 -20.71 29.33
C TRP I 238 -58.85 -20.15 28.12
N TRP I 239 -58.58 -18.84 28.10
CA TRP I 239 -58.09 -18.20 26.89
C TRP I 239 -56.69 -18.66 26.50
N GLU I 240 -55.89 -19.13 27.44
CA GLU I 240 -54.49 -19.42 27.13
C GLU I 240 -54.36 -20.47 26.02
N GLN I 241 -55.38 -21.30 25.81
CA GLN I 241 -55.35 -22.19 24.66
C GLN I 241 -55.60 -21.46 23.34
N PHE I 242 -56.08 -20.22 23.38
CA PHE I 242 -56.27 -19.41 22.19
C PHE I 242 -55.13 -18.42 22.00
N VAL I 243 -54.81 -17.69 23.06
CA VAL I 243 -53.76 -16.68 23.03
C VAL I 243 -52.80 -17.02 24.16
N GLN I 244 -51.57 -17.37 23.80
CA GLN I 244 -50.59 -17.77 24.79
C GLN I 244 -50.01 -16.54 25.47
N ASP I 245 -49.67 -16.68 26.74
CA ASP I 245 -48.90 -15.67 27.45
C ASP I 245 -49.67 -14.37 27.65
N VAL I 246 -50.96 -14.45 27.99
CA VAL I 246 -51.71 -13.23 28.26
C VAL I 246 -52.07 -13.22 29.74
N PRO I 247 -51.54 -12.30 30.53
CA PRO I 247 -51.94 -12.19 31.94
C PRO I 247 -53.28 -11.48 32.10
N VAL I 248 -53.94 -11.79 33.21
CA VAL I 248 -55.26 -11.24 33.48
C VAL I 248 -55.24 -9.72 33.59
N ASP I 249 -54.13 -9.15 34.10
CA ASP I 249 -54.05 -7.69 34.20
C ASP I 249 -54.43 -7.04 32.88
N VAL I 250 -53.87 -7.56 31.78
CA VAL I 250 -54.11 -6.97 30.47
C VAL I 250 -55.60 -7.00 30.13
N LEU I 251 -56.22 -8.17 30.29
CA LEU I 251 -57.64 -8.30 30.01
C LEU I 251 -58.44 -7.31 30.85
N GLU I 252 -58.02 -7.08 32.10
CA GLU I 252 -58.71 -6.10 32.93
C GLU I 252 -58.44 -4.68 32.45
N ASP I 253 -57.20 -4.37 32.09
CA ASP I 253 -56.90 -3.04 31.57
C ASP I 253 -57.75 -2.74 30.34
N ILE I 254 -57.88 -3.72 29.45
CA ILE I 254 -58.69 -3.53 28.24
C ILE I 254 -60.16 -3.36 28.59
N CYS I 255 -60.69 -4.27 29.40
CA CYS I 255 -62.09 -4.18 29.79
C CYS I 255 -62.37 -2.82 30.42
N HIS I 256 -61.46 -2.37 31.27
CA HIS I 256 -61.63 -1.10 31.96
C HIS I 256 -61.83 0.04 30.97
N GLN I 257 -61.05 0.06 29.89
CA GLN I 257 -61.15 1.16 28.94
C GLN I 257 -62.49 1.12 28.20
N ILE I 258 -63.00 -0.06 27.88
CA ILE I 258 -64.31 -0.14 27.23
C ILE I 258 -65.39 0.32 28.21
N LEU I 259 -65.32 -0.17 29.44
CA LEU I 259 -66.32 0.19 30.44
C LEU I 259 -66.26 1.68 30.76
N ASP I 260 -65.09 2.30 30.62
CA ASP I 260 -64.99 3.74 30.86
C ASP I 260 -65.79 4.53 29.84
N LEU I 261 -65.76 4.11 28.58
CA LEU I 261 -66.47 4.85 27.53
C LEU I 261 -67.97 4.83 27.78
N TYR I 262 -68.50 3.70 28.26
CA TYR I 262 -69.94 3.59 28.48
C TYR I 262 -70.38 4.47 29.64
N SER I 263 -69.65 4.43 30.76
CA SER I 263 -70.04 5.20 31.94
C SER I 263 -69.86 6.69 31.70
N GLN I 264 -68.80 7.08 31.00
CA GLN I 264 -68.53 8.49 30.72
C GLN I 264 -69.66 9.11 29.90
N GLY I 265 -70.06 8.45 28.82
CA GLY I 265 -71.14 8.90 27.99
C GLY I 265 -72.48 8.68 28.65
N LYS I 266 -73.54 8.86 27.85
CA LYS I 266 -74.88 8.50 28.30
C LYS I 266 -75.23 7.05 28.01
N GLN I 267 -74.68 6.46 26.94
CA GLN I 267 -74.98 5.08 26.56
C GLN I 267 -74.58 4.09 27.67
N GLN I 268 -75.26 2.94 27.69
CA GLN I 268 -75.11 1.96 28.75
C GLN I 268 -74.66 0.60 28.21
N MET I 269 -74.27 -0.30 29.13
CA MET I 269 -73.76 -1.61 28.74
C MET I 269 -74.83 -2.38 27.96
N PRO I 270 -74.45 -3.13 26.91
CA PRO I 270 -75.49 -3.79 26.10
C PRO I 270 -76.29 -4.81 26.90
N HIS I 271 -75.61 -5.63 27.70
CA HIS I 271 -76.22 -6.70 28.48
C HIS I 271 -77.51 -7.24 27.86
#